data_3PXG
#
_entry.id   3PXG
#
_cell.length_a   137.56
_cell.length_b   137.56
_cell.length_c   445.65
_cell.angle_alpha   90.00
_cell.angle_beta   90.00
_cell.angle_gamma   120.00
#
_symmetry.space_group_name_H-M   'P 31 2 1'
#
loop_
_entity.id
_entity.type
_entity.pdbx_description
1 polymer 'Adapter protein mecA 1'
2 polymer 'Negative regulator of genetic competence ClpC/MecB'
#
loop_
_entity_poly.entity_id
_entity_poly.type
_entity_poly.pdbx_seq_one_letter_code
_entity_poly.pdbx_strand_id
1 'polypeptide(L)'
;EEKEQKLQFVLRFGDFEDVISLSKLNVNGSKTTLYSFENRYYLYVDFCNMTDEEVENQLSILLEYATESSISIHRLEEYG
KLIISEHALETIKKHFAS
;
a,b,c,d,e,f
2 'polypeptide(L)'
;MMFGRFTERAQKVLALAQEEALRLGHNNIGTEHILLGLVREGEGIAAKALQALGLGSEKIQKEVESLIGRGQEMSQTIHY
TPRAKKVIELSMDEARKLGHSYVGTEHILLGLIREGEGVAARVLNNLGVSLNKARQQVLQLLGSNETGSSAAGTNSNANT
PTLDSLARDLTAIAKEDSLDPVIGRSKEIQRVIEVLSRRTKNNPVLIGEPGVGKTAIAEGLAQQIINNEVPEILRDKRVM
TLDMGTKYRGEFEDRLKKVMDEIRQAGNIILFIDAAIDASNILKPSLARGELQCIGATTLDEYRKYIEKDAALERRFQPI
QVDQPSVDESIQILQGLRDRYEAHHRVSITDDAIEAAVKLSDRYISDRFLPDKAIDLIDEAGSKVRLRSFTTPPNLKELE
QKLDEVRKEKDAAVQSQEFEKAASLRDTEQRLREQVEDTKKSWKEKQGQENSEVTVDDIAMVVSSWTG
;
A,B,C,D,E,F
#
# COMPACT_ATOMS: atom_id res chain seq x y z
N GLN A 5 -20.01 -41.41 -36.98
CA GLN A 5 -20.42 -40.02 -37.16
C GLN A 5 -21.93 -39.89 -37.12
N LYS A 6 -22.42 -38.82 -36.50
CA LYS A 6 -23.86 -38.65 -36.29
C LYS A 6 -24.60 -38.32 -37.58
N LEU A 7 -25.85 -38.78 -37.64
CA LEU A 7 -26.64 -38.68 -38.86
C LEU A 7 -28.03 -38.08 -38.59
N GLN A 8 -28.14 -37.23 -37.57
CA GLN A 8 -29.38 -36.51 -37.28
C GLN A 8 -29.10 -35.14 -36.63
N PHE A 9 -29.70 -34.08 -37.18
CA PHE A 9 -29.40 -32.70 -36.73
C PHE A 9 -30.62 -31.78 -36.51
N VAL A 10 -30.44 -30.75 -35.70
CA VAL A 10 -31.51 -29.84 -35.35
C VAL A 10 -31.10 -28.44 -35.68
N LEU A 11 -31.81 -27.78 -36.58
CA LEU A 11 -31.39 -26.46 -37.04
C LEU A 11 -32.42 -25.38 -36.74
N ARG A 12 -31.96 -24.16 -36.45
CA ARG A 12 -32.87 -23.06 -36.15
C ARG A 12 -32.84 -21.99 -37.25
N PHE A 13 -34.02 -21.54 -37.66
CA PHE A 13 -34.14 -20.52 -38.70
C PHE A 13 -34.56 -19.25 -38.01
N GLY A 14 -34.05 -18.13 -38.49
CA GLY A 14 -34.32 -16.86 -37.84
C GLY A 14 -35.74 -16.42 -38.10
N ASP A 15 -36.12 -16.47 -39.37
CA ASP A 15 -37.50 -16.18 -39.75
C ASP A 15 -38.03 -17.34 -40.55
N PHE A 16 -39.35 -17.55 -40.47
CA PHE A 16 -39.98 -18.69 -41.13
C PHE A 16 -39.69 -18.72 -42.63
N GLU A 17 -39.73 -17.58 -43.28
CA GLU A 17 -39.55 -17.58 -44.72
C GLU A 17 -38.24 -18.30 -45.08
N ASP A 18 -37.29 -18.32 -44.15
CA ASP A 18 -36.02 -19.01 -44.40
C ASP A 18 -36.32 -20.47 -44.66
N VAL A 19 -37.34 -20.98 -44.02
CA VAL A 19 -37.68 -22.39 -44.17
C VAL A 19 -38.33 -22.64 -45.51
N ILE A 20 -39.26 -21.78 -45.92
CA ILE A 20 -39.90 -21.89 -47.22
C ILE A 20 -38.81 -22.06 -48.26
N SER A 21 -37.84 -21.14 -48.22
CA SER A 21 -36.72 -21.11 -49.17
C SER A 21 -35.97 -22.42 -49.25
N LEU A 22 -35.56 -22.94 -48.11
CA LEU A 22 -34.98 -24.29 -48.06
C LEU A 22 -35.88 -25.35 -48.78
N SER A 23 -37.21 -25.23 -48.64
CA SER A 23 -38.15 -26.22 -49.15
C SER A 23 -38.03 -26.32 -50.66
N LYS A 24 -37.82 -25.19 -51.29
CA LYS A 24 -37.84 -25.10 -52.73
C LYS A 24 -36.72 -25.89 -53.42
N LEU A 25 -36.16 -26.87 -52.72
CA LEU A 25 -35.04 -27.65 -53.26
C LEU A 25 -35.30 -29.16 -53.32
N ASN A 26 -34.28 -29.95 -53.04
CA ASN A 26 -34.43 -31.40 -52.96
C ASN A 26 -34.05 -31.94 -51.58
N VAL A 27 -35.02 -32.48 -50.86
CA VAL A 27 -34.77 -33.06 -49.55
C VAL A 27 -33.87 -34.29 -49.67
N ASN A 28 -34.36 -35.28 -50.40
CA ASN A 28 -33.57 -36.42 -50.85
C ASN A 28 -33.12 -37.40 -49.77
N GLY A 29 -33.83 -38.54 -49.70
CA GLY A 29 -33.50 -39.60 -48.77
C GLY A 29 -33.44 -39.04 -47.37
N SER A 30 -34.15 -37.94 -47.17
CA SER A 30 -34.04 -37.22 -45.92
C SER A 30 -35.39 -37.08 -45.27
N LYS A 31 -35.60 -37.84 -44.20
CA LYS A 31 -36.74 -37.63 -43.34
C LYS A 31 -36.48 -36.32 -42.61
N THR A 32 -37.53 -35.56 -42.33
CA THR A 32 -37.39 -34.24 -41.72
C THR A 32 -38.67 -33.78 -40.96
N THR A 33 -38.50 -33.11 -39.83
CA THR A 33 -39.63 -32.72 -38.98
C THR A 33 -39.45 -31.32 -38.40
N LEU A 34 -40.52 -30.54 -38.34
CA LEU A 34 -40.39 -29.11 -38.05
C LEU A 34 -41.16 -28.59 -36.82
N TYR A 35 -40.41 -28.01 -35.87
CA TYR A 35 -40.97 -27.51 -34.63
C TYR A 35 -41.00 -25.99 -34.56
N SER A 36 -41.84 -25.47 -33.66
CA SER A 36 -41.88 -24.04 -33.36
C SER A 36 -41.61 -23.86 -31.87
N PHE A 37 -40.68 -22.96 -31.55
CA PHE A 37 -40.13 -22.85 -30.20
C PHE A 37 -39.37 -21.53 -29.96
N GLU A 38 -39.72 -20.83 -28.88
CA GLU A 38 -39.14 -19.53 -28.62
C GLU A 38 -39.36 -18.62 -29.82
N ASN A 39 -40.53 -18.73 -30.44
CA ASN A 39 -40.88 -17.92 -31.60
C ASN A 39 -40.06 -18.21 -32.86
N ARG A 40 -38.84 -18.74 -32.68
CA ARG A 40 -38.02 -19.17 -33.80
C ARG A 40 -38.39 -20.63 -34.20
N TYR A 41 -38.22 -20.97 -35.48
CA TYR A 41 -38.55 -22.35 -35.93
C TYR A 41 -37.32 -23.22 -36.04
N TYR A 42 -37.35 -24.36 -35.33
CA TYR A 42 -36.30 -25.37 -35.39
C TYR A 42 -36.73 -26.42 -36.43
N LEU A 43 -35.77 -27.02 -37.14
CA LEU A 43 -36.07 -28.08 -38.10
C LEU A 43 -35.15 -29.28 -37.89
N TYR A 44 -35.75 -30.47 -37.76
CA TYR A 44 -35.01 -31.69 -37.37
C TYR A 44 -34.85 -32.73 -38.50
N VAL A 45 -33.60 -32.86 -38.98
CA VAL A 45 -33.23 -33.64 -40.16
C VAL A 45 -32.67 -35.01 -39.79
N ASP A 46 -33.03 -36.02 -40.56
CA ASP A 46 -32.62 -37.38 -40.23
C ASP A 46 -32.23 -38.13 -41.50
N PHE A 47 -30.93 -38.28 -41.72
CA PHE A 47 -30.44 -39.04 -42.86
C PHE A 47 -30.37 -40.52 -42.52
N CYS A 48 -31.08 -41.33 -43.29
CA CYS A 48 -30.93 -42.77 -43.20
C CYS A 48 -29.78 -43.14 -44.12
N ASN A 49 -28.82 -43.88 -43.59
CA ASN A 49 -27.74 -44.41 -44.39
C ASN A 49 -27.22 -43.48 -45.48
N MET A 50 -26.12 -42.81 -45.17
CA MET A 50 -25.40 -42.07 -46.18
C MET A 50 -23.97 -42.09 -45.74
N THR A 51 -23.06 -42.00 -46.71
CA THR A 51 -21.64 -41.93 -46.38
C THR A 51 -21.37 -40.64 -45.61
N ASP A 52 -20.39 -40.67 -44.71
CA ASP A 52 -20.06 -39.48 -43.95
C ASP A 52 -19.78 -38.34 -44.92
N GLU A 53 -18.98 -38.61 -45.96
CA GLU A 53 -18.71 -37.59 -46.97
C GLU A 53 -20.01 -37.07 -47.56
N GLU A 54 -20.96 -37.96 -47.75
CA GLU A 54 -22.24 -37.60 -48.35
C GLU A 54 -23.07 -36.73 -47.43
N VAL A 55 -22.94 -36.91 -46.12
CA VAL A 55 -23.72 -36.12 -45.19
C VAL A 55 -23.07 -34.77 -44.85
N GLU A 56 -21.78 -34.77 -44.49
CA GLU A 56 -21.09 -33.50 -44.28
C GLU A 56 -21.37 -32.62 -45.49
N ASN A 57 -21.35 -33.24 -46.67
CA ASN A 57 -21.79 -32.57 -47.87
C ASN A 57 -23.16 -31.95 -47.69
N GLN A 58 -24.19 -32.77 -47.83
CA GLN A 58 -25.57 -32.28 -47.76
C GLN A 58 -25.78 -31.20 -46.68
N LEU A 59 -25.35 -31.47 -45.45
CA LEU A 59 -25.60 -30.55 -44.35
C LEU A 59 -25.07 -29.16 -44.65
N SER A 60 -24.01 -29.09 -45.47
CA SER A 60 -23.48 -27.80 -45.93
C SER A 60 -24.64 -26.94 -46.42
N ILE A 61 -25.34 -27.43 -47.46
CA ILE A 61 -26.48 -26.70 -48.04
C ILE A 61 -27.42 -26.18 -46.98
N LEU A 62 -27.92 -27.07 -46.14
CA LEU A 62 -28.87 -26.67 -45.12
C LEU A 62 -28.42 -25.37 -44.42
N LEU A 63 -27.16 -25.30 -44.04
CA LEU A 63 -26.70 -24.17 -43.25
C LEU A 63 -26.42 -22.91 -44.07
N GLU A 64 -26.74 -22.93 -45.36
CA GLU A 64 -26.88 -21.69 -46.11
C GLU A 64 -28.17 -21.02 -45.67
N TYR A 65 -29.14 -21.85 -45.25
CA TYR A 65 -30.50 -21.42 -44.86
C TYR A 65 -30.81 -21.42 -43.35
N ALA A 66 -29.99 -22.15 -42.58
CA ALA A 66 -30.07 -22.12 -41.12
C ALA A 66 -28.71 -21.98 -40.41
N THR A 67 -28.77 -22.21 -39.10
CA THR A 67 -27.59 -22.44 -38.29
C THR A 67 -27.92 -23.73 -37.48
N GLU A 68 -26.93 -24.33 -36.85
CA GLU A 68 -27.11 -25.60 -36.15
C GLU A 68 -27.27 -25.40 -34.63
N SER A 69 -28.46 -25.65 -34.08
CA SER A 69 -28.68 -25.34 -32.64
C SER A 69 -28.25 -26.41 -31.66
N SER A 70 -27.60 -25.92 -30.62
CA SER A 70 -27.05 -26.74 -29.56
C SER A 70 -28.18 -27.47 -28.85
N ILE A 71 -29.41 -27.22 -29.32
CA ILE A 71 -30.62 -27.66 -28.61
C ILE A 71 -30.82 -29.16 -28.49
N SER A 72 -30.90 -29.65 -27.26
CA SER A 72 -31.20 -31.04 -27.05
C SER A 72 -32.48 -31.38 -27.83
N ILE A 73 -32.39 -32.33 -28.76
CA ILE A 73 -33.56 -32.64 -29.58
C ILE A 73 -34.79 -33.11 -28.79
N HIS A 74 -34.59 -33.73 -27.62
CA HIS A 74 -35.72 -34.23 -26.82
C HIS A 74 -36.46 -33.14 -26.07
N ARG A 75 -35.79 -31.99 -25.90
CA ARG A 75 -36.43 -30.81 -25.37
C ARG A 75 -37.59 -30.43 -26.29
N LEU A 76 -37.32 -30.39 -27.60
CA LEU A 76 -38.39 -30.23 -28.59
C LEU A 76 -39.47 -31.34 -28.50
N GLU A 77 -39.07 -32.60 -28.68
CA GLU A 77 -40.04 -33.69 -28.68
C GLU A 77 -41.01 -33.56 -27.49
N GLU A 78 -40.50 -33.10 -26.36
CA GLU A 78 -41.38 -32.81 -25.23
C GLU A 78 -41.95 -31.40 -25.34
N TYR A 79 -41.20 -30.42 -24.88
CA TYR A 79 -41.69 -29.05 -24.70
C TYR A 79 -41.75 -28.13 -25.98
N GLY A 80 -41.71 -28.68 -27.18
CA GLY A 80 -41.78 -27.85 -28.36
C GLY A 80 -43.20 -27.56 -28.85
N LYS A 81 -43.34 -27.34 -30.16
CA LYS A 81 -44.63 -27.27 -30.84
C LYS A 81 -44.48 -27.87 -32.21
N LEU A 82 -45.02 -29.08 -32.39
CA LEU A 82 -44.95 -29.77 -33.67
C LEU A 82 -45.71 -28.98 -34.74
N ILE A 83 -45.18 -28.97 -35.96
CA ILE A 83 -45.88 -28.34 -37.07
C ILE A 83 -46.01 -29.29 -38.29
N ILE A 84 -44.93 -29.97 -38.66
CA ILE A 84 -44.98 -30.98 -39.72
C ILE A 84 -44.04 -32.16 -39.45
N SER A 85 -44.55 -33.37 -39.55
CA SER A 85 -43.77 -34.56 -39.23
C SER A 85 -43.07 -35.17 -40.44
N GLU A 86 -41.91 -35.78 -40.22
CA GLU A 86 -41.28 -36.69 -41.18
C GLU A 86 -40.99 -36.08 -42.57
N HIS A 87 -42.00 -35.48 -43.19
CA HIS A 87 -41.89 -34.87 -44.52
C HIS A 87 -42.10 -33.37 -44.40
N ALA A 88 -41.38 -32.76 -43.44
CA ALA A 88 -41.52 -31.35 -43.10
C ALA A 88 -41.16 -30.41 -44.25
N LEU A 89 -40.06 -30.68 -44.93
CA LEU A 89 -39.70 -29.84 -46.05
C LEU A 89 -40.77 -29.96 -47.12
N GLU A 90 -40.98 -31.20 -47.55
CA GLU A 90 -41.91 -31.55 -48.62
C GLU A 90 -43.24 -30.78 -48.55
N THR A 91 -43.82 -30.70 -47.35
CA THR A 91 -45.10 -30.05 -47.18
C THR A 91 -45.11 -28.53 -47.42
N ILE A 92 -44.05 -27.84 -47.00
CA ILE A 92 -43.99 -26.39 -47.19
C ILE A 92 -43.88 -26.05 -48.65
N LYS A 93 -43.17 -26.90 -49.39
CA LYS A 93 -43.04 -26.70 -50.82
C LYS A 93 -44.41 -26.74 -51.52
N LYS A 94 -45.27 -27.64 -51.07
CA LYS A 94 -46.64 -27.71 -51.57
C LYS A 94 -47.35 -26.37 -51.44
N HIS A 95 -47.58 -25.93 -50.20
CA HIS A 95 -48.40 -24.74 -49.95
C HIS A 95 -47.74 -23.37 -50.15
N PHE A 96 -46.53 -23.33 -50.70
CA PHE A 96 -45.78 -22.05 -50.70
C PHE A 96 -44.94 -21.67 -51.95
N ALA A 97 -44.31 -22.65 -52.59
CA ALA A 97 -43.63 -22.38 -53.86
C ALA A 97 -44.66 -22.18 -54.98
N SER A 98 -44.99 -20.93 -55.25
CA SER A 98 -46.02 -20.60 -56.25
C SER A 98 -47.38 -21.21 -55.88
N PHE B 3 -24.88 -4.46 -50.33
CA PHE B 3 -25.32 -3.97 -49.03
C PHE B 3 -24.58 -2.70 -48.65
N GLY B 4 -23.94 -2.08 -49.64
CA GLY B 4 -23.17 -0.86 -49.42
C GLY B 4 -22.38 -0.47 -50.67
N ARG B 5 -21.09 -0.23 -50.48
CA ARG B 5 -20.19 0.06 -51.60
C ARG B 5 -18.79 -0.55 -51.43
N PHE B 6 -18.36 -1.24 -52.48
CA PHE B 6 -17.08 -1.91 -52.47
C PHE B 6 -16.30 -1.45 -53.70
N THR B 7 -15.20 -2.14 -54.01
CA THR B 7 -14.47 -1.81 -55.24
C THR B 7 -15.32 -2.19 -56.43
N GLU B 8 -14.90 -1.78 -57.60
CA GLU B 8 -15.45 -2.40 -58.80
C GLU B 8 -15.29 -3.89 -58.51
N ARG B 9 -14.04 -4.31 -58.37
CA ARG B 9 -13.67 -5.71 -58.22
C ARG B 9 -14.59 -6.41 -57.28
N ALA B 10 -14.86 -5.78 -56.15
CA ALA B 10 -15.89 -6.32 -55.28
C ALA B 10 -17.20 -6.37 -56.05
N GLN B 11 -17.84 -5.23 -56.28
CA GLN B 11 -19.15 -5.19 -56.95
C GLN B 11 -19.27 -6.13 -58.15
N LYS B 12 -18.22 -6.19 -58.99
CA LYS B 12 -18.21 -7.09 -60.16
C LYS B 12 -18.22 -8.54 -59.72
N VAL B 13 -17.35 -8.88 -58.79
CA VAL B 13 -17.32 -10.24 -58.29
C VAL B 13 -18.68 -10.63 -57.73
N LEU B 14 -19.38 -9.68 -57.10
CA LEU B 14 -20.68 -9.96 -56.47
C LEU B 14 -21.77 -10.24 -57.50
N ALA B 15 -21.92 -9.31 -58.44
CA ALA B 15 -22.89 -9.50 -59.49
C ALA B 15 -22.50 -10.77 -60.24
N LEU B 16 -21.19 -11.04 -60.25
CA LEU B 16 -20.63 -12.20 -60.94
C LEU B 16 -21.09 -13.51 -60.29
N ALA B 17 -21.33 -13.46 -58.97
CA ALA B 17 -21.97 -14.58 -58.32
C ALA B 17 -23.29 -14.87 -59.04
N GLN B 18 -24.10 -13.84 -59.23
CA GLN B 18 -25.38 -13.99 -59.93
C GLN B 18 -25.22 -14.54 -61.33
N GLU B 19 -24.23 -14.04 -62.06
CA GLU B 19 -23.96 -14.54 -63.41
C GLU B 19 -23.91 -16.06 -63.26
N GLU B 20 -23.22 -16.50 -62.22
CA GLU B 20 -23.12 -17.93 -61.92
C GLU B 20 -24.43 -18.50 -61.33
N ALA B 21 -25.17 -17.66 -60.61
CA ALA B 21 -26.45 -18.07 -60.05
C ALA B 21 -27.18 -18.84 -61.11
N LEU B 22 -27.34 -18.18 -62.23
CA LEU B 22 -28.16 -18.68 -63.31
C LEU B 22 -27.45 -19.67 -64.25
N ARG B 23 -26.17 -19.44 -64.52
CA ARG B 23 -25.41 -20.32 -65.43
C ARG B 23 -25.59 -21.79 -65.09
N LEU B 24 -26.09 -22.04 -63.88
CA LEU B 24 -26.37 -23.39 -63.42
C LEU B 24 -27.86 -23.58 -63.14
N GLY B 25 -28.60 -22.49 -63.14
CA GLY B 25 -30.05 -22.53 -63.05
C GLY B 25 -30.62 -22.48 -61.64
N HIS B 26 -29.74 -22.48 -60.63
CA HIS B 26 -30.19 -22.43 -59.25
C HIS B 26 -30.96 -21.14 -59.00
N ASN B 27 -31.55 -21.02 -57.81
CA ASN B 27 -32.54 -19.98 -57.55
C ASN B 27 -32.13 -19.06 -56.43
N ASN B 28 -31.26 -19.55 -55.56
CA ASN B 28 -30.67 -18.70 -54.54
C ASN B 28 -29.15 -18.73 -54.66
N ILE B 29 -28.52 -17.57 -54.65
CA ILE B 29 -27.07 -17.52 -54.69
C ILE B 29 -26.50 -17.65 -53.29
N GLY B 30 -25.88 -18.79 -53.03
CA GLY B 30 -25.35 -19.08 -51.71
C GLY B 30 -23.90 -18.70 -51.62
N THR B 31 -23.24 -19.13 -50.56
CA THR B 31 -21.82 -18.86 -50.45
C THR B 31 -21.04 -19.56 -51.61
N GLU B 32 -21.58 -20.65 -52.15
CA GLU B 32 -20.88 -21.34 -53.24
C GLU B 32 -20.73 -20.47 -54.53
N HIS B 33 -21.64 -19.53 -54.73
CA HIS B 33 -21.64 -18.70 -55.93
C HIS B 33 -20.77 -17.49 -55.74
N ILE B 34 -20.75 -17.00 -54.50
CA ILE B 34 -19.83 -15.92 -54.20
C ILE B 34 -18.41 -16.42 -54.45
N LEU B 35 -18.17 -17.68 -54.09
CA LEU B 35 -16.86 -18.28 -54.31
C LEU B 35 -16.49 -18.34 -55.81
N LEU B 36 -17.42 -18.85 -56.62
CA LEU B 36 -17.26 -18.85 -58.07
C LEU B 36 -17.03 -17.42 -58.58
N GLY B 37 -17.74 -16.46 -57.99
CA GLY B 37 -17.61 -15.06 -58.36
C GLY B 37 -16.18 -14.57 -58.22
N LEU B 38 -15.53 -14.99 -57.15
CA LEU B 38 -14.18 -14.54 -56.86
C LEU B 38 -13.15 -15.08 -57.86
N VAL B 39 -13.15 -16.40 -58.07
CA VAL B 39 -12.17 -17.06 -58.96
C VAL B 39 -12.43 -16.80 -60.45
N ARG B 40 -13.59 -16.26 -60.75
CA ARG B 40 -13.99 -16.06 -62.12
C ARG B 40 -13.81 -14.63 -62.59
N GLU B 41 -13.54 -13.72 -61.66
CA GLU B 41 -13.10 -12.39 -62.04
C GLU B 41 -11.58 -12.40 -62.05
N GLY B 42 -11.02 -13.58 -61.75
CA GLY B 42 -9.63 -13.93 -61.98
C GLY B 42 -8.52 -12.90 -61.79
N GLU B 43 -8.87 -11.69 -61.33
CA GLU B 43 -7.89 -10.63 -61.21
C GLU B 43 -7.86 -9.96 -59.83
N GLY B 44 -8.92 -10.17 -59.04
CA GLY B 44 -8.97 -9.63 -57.68
C GLY B 44 -7.94 -10.28 -56.78
N ILE B 45 -7.61 -9.63 -55.64
CA ILE B 45 -6.61 -10.19 -54.74
C ILE B 45 -7.13 -11.53 -54.30
N ALA B 46 -8.46 -11.56 -54.17
CA ALA B 46 -9.22 -12.75 -53.84
C ALA B 46 -8.98 -13.73 -54.95
N ALA B 47 -9.22 -13.28 -56.17
CA ALA B 47 -9.03 -14.13 -57.31
C ALA B 47 -7.62 -14.68 -57.31
N LYS B 48 -6.65 -13.79 -57.06
CA LYS B 48 -5.23 -14.16 -57.09
C LYS B 48 -4.89 -15.25 -56.08
N ALA B 49 -5.35 -15.07 -54.85
CA ALA B 49 -5.14 -16.05 -53.80
C ALA B 49 -5.54 -17.48 -54.22
N LEU B 50 -6.78 -17.62 -54.66
CA LEU B 50 -7.29 -18.93 -55.03
C LEU B 50 -6.36 -19.60 -56.03
N GLN B 51 -5.79 -18.79 -56.92
CA GLN B 51 -4.88 -19.31 -57.91
C GLN B 51 -3.67 -19.93 -57.21
N ALA B 52 -3.50 -19.56 -55.94
CA ALA B 52 -2.36 -20.04 -55.17
C ALA B 52 -2.62 -21.41 -54.61
N LEU B 53 -3.73 -21.54 -53.89
CA LEU B 53 -4.04 -22.81 -53.24
C LEU B 53 -4.16 -23.97 -54.22
N GLY B 54 -4.27 -23.66 -55.52
CA GLY B 54 -4.40 -24.68 -56.53
C GLY B 54 -5.85 -24.83 -56.90
N LEU B 55 -6.53 -23.69 -56.90
CA LEU B 55 -7.97 -23.66 -57.11
C LEU B 55 -8.43 -22.79 -58.25
N GLY B 56 -8.22 -23.24 -59.48
CA GLY B 56 -8.75 -22.54 -60.65
C GLY B 56 -10.24 -22.76 -60.73
N SER B 57 -10.91 -21.97 -61.57
CA SER B 57 -12.34 -22.15 -61.80
C SER B 57 -12.68 -23.61 -62.18
N GLU B 58 -11.78 -24.23 -62.93
CA GLU B 58 -11.95 -25.61 -63.39
C GLU B 58 -12.22 -26.56 -62.22
N LYS B 59 -11.29 -26.60 -61.27
CA LYS B 59 -11.36 -27.51 -60.13
C LYS B 59 -12.60 -27.29 -59.29
N ILE B 60 -12.95 -26.02 -59.11
CA ILE B 60 -14.04 -25.63 -58.22
C ILE B 60 -15.39 -26.01 -58.75
N GLN B 61 -15.72 -25.44 -59.89
CA GLN B 61 -17.05 -25.61 -60.42
C GLN B 61 -17.39 -27.10 -60.56
N LYS B 62 -16.36 -27.95 -60.73
CA LYS B 62 -16.59 -29.40 -60.80
C LYS B 62 -17.08 -29.97 -59.47
N GLU B 63 -16.47 -29.55 -58.37
CA GLU B 63 -16.97 -29.95 -57.06
C GLU B 63 -18.40 -29.42 -56.89
N VAL B 64 -18.60 -28.13 -57.16
CA VAL B 64 -19.92 -27.52 -56.99
C VAL B 64 -21.03 -28.23 -57.82
N GLU B 65 -20.87 -28.34 -59.13
CA GLU B 65 -21.85 -29.10 -59.90
C GLU B 65 -22.00 -30.55 -59.40
N SER B 66 -20.96 -31.07 -58.76
CA SER B 66 -20.99 -32.42 -58.21
C SER B 66 -21.76 -32.46 -56.89
N LEU B 67 -22.34 -31.31 -56.53
CA LEU B 67 -23.13 -31.21 -55.31
C LEU B 67 -24.45 -30.42 -55.47
N ILE B 68 -24.81 -30.02 -56.68
CA ILE B 68 -26.06 -29.29 -56.89
C ILE B 68 -26.67 -29.48 -58.26
N GLY B 69 -25.91 -29.14 -59.30
CA GLY B 69 -26.35 -29.33 -60.67
C GLY B 69 -27.62 -28.58 -61.03
N ARG B 70 -28.09 -28.79 -62.25
CA ARG B 70 -29.28 -28.12 -62.75
C ARG B 70 -30.44 -28.23 -61.77
N GLY B 71 -31.37 -27.28 -61.85
CA GLY B 71 -31.26 -26.19 -62.81
C GLY B 71 -32.61 -25.64 -63.19
N GLN B 72 -33.51 -25.54 -62.22
CA GLN B 72 -34.82 -24.94 -62.46
C GLN B 72 -34.60 -23.52 -62.94
N GLU B 73 -34.71 -23.33 -64.26
CA GLU B 73 -34.46 -22.03 -64.88
C GLU B 73 -35.32 -20.94 -64.26
N MET B 74 -36.14 -21.34 -63.28
CA MET B 74 -36.99 -20.43 -62.53
C MET B 74 -36.50 -19.00 -62.61
N SER B 75 -35.32 -18.75 -62.06
CA SER B 75 -34.70 -17.43 -62.09
C SER B 75 -35.74 -16.35 -61.81
N GLN B 76 -36.73 -16.70 -61.00
CA GLN B 76 -37.81 -15.78 -60.65
C GLN B 76 -37.30 -14.62 -59.82
N THR B 77 -36.46 -13.77 -60.42
CA THR B 77 -35.84 -12.67 -59.71
C THR B 77 -35.34 -13.16 -58.36
N ILE B 78 -34.12 -13.68 -58.36
CA ILE B 78 -33.58 -14.38 -57.20
C ILE B 78 -33.03 -13.46 -56.11
N HIS B 79 -32.81 -14.04 -54.93
CA HIS B 79 -32.13 -13.33 -53.86
C HIS B 79 -31.07 -14.23 -53.21
N TYR B 80 -30.45 -13.74 -52.14
CA TYR B 80 -29.35 -14.45 -51.53
C TYR B 80 -29.73 -15.64 -50.70
N THR B 81 -28.73 -16.38 -50.25
CA THR B 81 -28.90 -17.25 -49.11
C THR B 81 -28.77 -16.43 -47.81
N PRO B 82 -29.45 -16.84 -46.75
CA PRO B 82 -29.24 -16.05 -45.53
C PRO B 82 -27.77 -16.19 -45.12
N ARG B 83 -27.16 -17.34 -45.41
CA ARG B 83 -25.75 -17.55 -45.06
C ARG B 83 -24.91 -16.51 -45.76
N ALA B 84 -24.96 -16.54 -47.08
CA ALA B 84 -24.22 -15.60 -47.88
C ALA B 84 -24.49 -14.13 -47.46
N LYS B 85 -25.74 -13.82 -47.05
CA LYS B 85 -26.03 -12.44 -46.60
C LYS B 85 -25.23 -12.16 -45.34
N LYS B 86 -25.04 -13.19 -44.53
CA LYS B 86 -24.13 -13.12 -43.41
C LYS B 86 -22.72 -12.91 -43.93
N VAL B 87 -22.31 -13.70 -44.91
CA VAL B 87 -20.96 -13.63 -45.47
C VAL B 87 -20.61 -12.23 -45.97
N ILE B 88 -21.60 -11.53 -46.50
CA ILE B 88 -21.41 -10.14 -46.93
C ILE B 88 -21.28 -9.18 -45.73
N GLU B 89 -22.20 -9.31 -44.79
CA GLU B 89 -22.14 -8.50 -43.59
C GLU B 89 -20.73 -8.62 -43.00
N LEU B 90 -20.10 -9.77 -43.22
CA LEU B 90 -18.81 -10.12 -42.61
C LEU B 90 -17.62 -9.47 -43.26
N SER B 91 -17.53 -9.60 -44.57
CA SER B 91 -16.47 -8.92 -45.29
C SER B 91 -16.40 -7.41 -44.88
N MET B 92 -17.55 -6.77 -44.68
CA MET B 92 -17.55 -5.39 -44.16
C MET B 92 -16.74 -5.27 -42.86
N ASP B 93 -16.81 -6.28 -42.00
CA ASP B 93 -16.11 -6.30 -40.72
C ASP B 93 -14.65 -6.78 -40.90
N GLU B 94 -14.44 -7.71 -41.83
CA GLU B 94 -13.09 -8.20 -42.12
C GLU B 94 -12.27 -7.09 -42.77
N ALA B 95 -12.85 -5.90 -42.87
CA ALA B 95 -12.18 -4.70 -43.42
C ALA B 95 -12.13 -3.54 -42.41
N ARG B 96 -13.17 -3.40 -41.59
CA ARG B 96 -13.01 -2.55 -40.43
C ARG B 96 -11.69 -3.02 -39.86
N LYS B 97 -11.54 -4.34 -39.81
CA LYS B 97 -10.37 -4.99 -39.24
C LYS B 97 -9.16 -4.95 -40.16
N LEU B 98 -8.83 -3.76 -40.68
CA LEU B 98 -7.71 -3.62 -41.61
C LEU B 98 -7.55 -2.17 -42.06
N GLY B 99 -8.35 -1.29 -41.50
CA GLY B 99 -8.29 0.12 -41.84
C GLY B 99 -8.68 0.39 -43.29
N HIS B 100 -8.95 -0.68 -44.03
CA HIS B 100 -9.40 -0.57 -45.42
C HIS B 100 -10.73 0.18 -45.45
N SER B 101 -10.70 1.44 -45.85
CA SER B 101 -11.90 2.27 -45.84
C SER B 101 -13.01 1.72 -46.72
N TYR B 102 -12.69 0.77 -47.60
CA TYR B 102 -13.69 0.21 -48.51
C TYR B 102 -13.46 -1.26 -48.83
N VAL B 103 -14.55 -2.02 -48.89
CA VAL B 103 -14.49 -3.48 -49.12
C VAL B 103 -14.15 -3.81 -50.55
N GLY B 104 -13.62 -5.01 -50.75
CA GLY B 104 -13.08 -5.41 -52.05
C GLY B 104 -12.88 -6.91 -52.09
N THR B 105 -12.30 -7.37 -53.20
CA THR B 105 -12.27 -8.81 -53.51
C THR B 105 -11.76 -9.64 -52.36
N GLU B 106 -10.70 -9.14 -51.73
CA GLU B 106 -10.08 -9.89 -50.63
C GLU B 106 -11.06 -10.10 -49.47
N HIS B 107 -11.57 -8.99 -48.95
CA HIS B 107 -12.42 -9.00 -47.76
C HIS B 107 -13.60 -9.99 -47.82
N ILE B 108 -14.14 -10.13 -49.03
CA ILE B 108 -15.22 -11.05 -49.28
C ILE B 108 -14.73 -12.50 -49.15
N LEU B 109 -13.55 -12.78 -49.71
CA LEU B 109 -12.88 -14.05 -49.45
C LEU B 109 -12.55 -14.21 -47.96
N LEU B 110 -12.15 -13.12 -47.30
CA LEU B 110 -11.89 -13.18 -45.87
C LEU B 110 -13.16 -13.52 -45.13
N GLY B 111 -14.23 -12.77 -45.49
CA GLY B 111 -15.57 -12.90 -44.93
C GLY B 111 -16.20 -14.28 -45.07
N LEU B 112 -15.92 -14.97 -46.17
CA LEU B 112 -16.32 -16.39 -46.31
C LEU B 112 -15.73 -17.39 -45.28
N ILE B 113 -14.40 -17.41 -45.14
CA ILE B 113 -13.73 -18.24 -44.15
C ILE B 113 -14.31 -18.07 -42.75
N ARG B 114 -14.45 -16.80 -42.37
CA ARG B 114 -14.96 -16.46 -41.05
C ARG B 114 -16.28 -17.20 -40.73
N GLU B 115 -17.26 -17.14 -41.65
CA GLU B 115 -18.53 -17.85 -41.45
C GLU B 115 -18.53 -19.23 -42.11
N GLY B 116 -17.47 -20.00 -41.85
CA GLY B 116 -17.23 -21.29 -42.52
C GLY B 116 -18.36 -22.28 -42.70
N GLU B 117 -19.47 -22.11 -41.97
CA GLU B 117 -20.57 -23.05 -42.11
C GLU B 117 -21.30 -22.76 -43.42
N GLY B 118 -21.20 -23.66 -44.40
CA GLY B 118 -21.80 -23.40 -45.69
C GLY B 118 -21.11 -24.09 -46.85
N VAL B 119 -21.62 -23.84 -48.06
CA VAL B 119 -21.21 -24.62 -49.23
C VAL B 119 -19.80 -24.35 -49.73
N ALA B 120 -19.42 -23.09 -49.81
CA ALA B 120 -18.04 -22.78 -50.18
C ALA B 120 -17.11 -23.63 -49.31
N ALA B 121 -17.13 -23.36 -48.00
CA ALA B 121 -16.28 -24.05 -47.04
C ALA B 121 -16.11 -25.53 -47.33
N ARG B 122 -17.19 -26.22 -47.69
CA ARG B 122 -17.11 -27.65 -47.95
C ARG B 122 -16.41 -27.93 -49.29
N VAL B 123 -16.61 -27.07 -50.28
CA VAL B 123 -15.92 -27.27 -51.56
C VAL B 123 -14.44 -27.50 -51.24
N LEU B 124 -13.93 -26.75 -50.29
CA LEU B 124 -12.50 -26.74 -50.02
C LEU B 124 -12.05 -27.79 -49.03
N ASN B 125 -12.82 -27.98 -47.97
CA ASN B 125 -12.53 -29.04 -47.03
C ASN B 125 -12.70 -30.34 -47.77
N ASN B 126 -13.20 -30.21 -49.00
CA ASN B 126 -13.34 -31.33 -49.94
C ASN B 126 -12.20 -31.33 -50.94
N LEU B 127 -11.79 -30.12 -51.34
CA LEU B 127 -10.59 -29.96 -52.15
C LEU B 127 -9.34 -29.89 -51.29
N GLY B 128 -9.35 -30.64 -50.19
CA GLY B 128 -8.16 -30.78 -49.36
C GLY B 128 -7.44 -29.47 -49.15
N VAL B 129 -8.18 -28.50 -48.62
CA VAL B 129 -7.65 -27.17 -48.40
C VAL B 129 -8.26 -26.61 -47.13
N SER B 130 -7.75 -27.07 -45.99
CA SER B 130 -8.28 -26.66 -44.69
C SER B 130 -8.54 -25.16 -44.72
N LEU B 131 -9.38 -24.69 -43.81
CA LEU B 131 -9.81 -23.28 -43.79
C LEU B 131 -8.72 -22.25 -43.49
N ASN B 132 -7.73 -22.60 -42.69
CA ASN B 132 -6.72 -21.62 -42.30
C ASN B 132 -5.57 -21.44 -43.29
N LYS B 133 -5.23 -22.51 -44.00
CA LYS B 133 -4.23 -22.45 -45.06
C LYS B 133 -4.71 -21.41 -46.06
N ALA B 134 -6.03 -21.25 -46.12
CA ALA B 134 -6.65 -20.30 -47.03
C ALA B 134 -6.65 -18.86 -46.53
N ARG B 135 -7.00 -18.58 -45.27
CA ARG B 135 -7.00 -17.19 -44.83
C ARG B 135 -5.58 -16.69 -44.87
N GLN B 136 -4.64 -17.62 -44.72
CA GLN B 136 -3.24 -17.28 -44.85
C GLN B 136 -2.94 -16.67 -46.23
N GLN B 137 -3.10 -17.46 -47.29
CA GLN B 137 -2.81 -17.01 -48.64
C GLN B 137 -3.27 -15.58 -48.94
N VAL B 138 -4.48 -15.22 -48.53
CA VAL B 138 -4.93 -13.85 -48.72
C VAL B 138 -4.06 -12.87 -47.93
N LEU B 139 -3.82 -13.17 -46.67
CA LEU B 139 -2.98 -12.30 -45.85
C LEU B 139 -1.62 -11.98 -46.48
N GLN B 140 -0.90 -13.02 -46.89
CA GLN B 140 0.45 -12.85 -47.40
C GLN B 140 0.45 -12.06 -48.71
N LEU B 141 -0.68 -11.43 -49.00
CA LEU B 141 -0.78 -10.50 -50.10
C LEU B 141 -1.38 -9.13 -49.70
N LEU B 142 -1.07 -8.66 -48.50
CA LEU B 142 -1.43 -7.33 -48.01
C LEU B 142 -0.46 -6.99 -46.86
N GLY B 143 -0.18 -5.72 -46.58
CA GLY B 143 0.68 -5.42 -45.42
C GLY B 143 0.97 -3.96 -45.07
N SER B 144 1.26 -3.75 -43.79
CA SER B 144 1.56 -2.46 -43.15
C SER B 144 1.25 -1.18 -43.92
N ASN B 145 2.18 -0.22 -43.80
CA ASN B 145 2.11 1.05 -44.51
C ASN B 145 3.45 1.79 -44.42
N GLU B 146 3.89 2.06 -43.19
CA GLU B 146 5.11 2.84 -42.96
C GLU B 146 4.93 4.32 -43.32
N THR B 147 3.68 4.77 -43.31
CA THR B 147 3.37 6.16 -43.63
C THR B 147 3.84 7.12 -42.53
N GLY B 148 5.05 7.64 -42.71
CA GLY B 148 5.65 8.58 -41.77
C GLY B 148 7.08 8.94 -42.17
N SER B 149 7.56 8.29 -43.24
CA SER B 149 8.93 8.45 -43.73
C SER B 149 9.97 7.68 -42.92
N ASN B 155 10.12 8.73 -39.66
CA ASN B 155 11.55 8.64 -39.91
C ASN B 155 12.32 9.09 -38.67
N SER B 156 13.64 9.05 -38.76
CA SER B 156 14.53 9.45 -37.66
C SER B 156 14.35 8.60 -36.39
N ASN B 157 15.47 8.21 -35.79
CA ASN B 157 15.48 7.20 -34.72
C ASN B 157 14.65 7.53 -33.46
N ALA B 158 15.09 8.53 -32.70
CA ALA B 158 14.48 8.81 -31.40
C ALA B 158 12.94 8.88 -31.45
N ASN B 159 12.42 9.29 -32.60
CA ASN B 159 10.98 9.45 -32.77
C ASN B 159 10.23 8.20 -32.32
N THR B 160 10.93 7.08 -32.28
CA THR B 160 10.35 5.78 -31.94
C THR B 160 9.58 5.80 -30.61
N PRO B 161 10.31 5.79 -29.50
CA PRO B 161 9.67 5.76 -28.18
C PRO B 161 8.57 6.81 -28.13
N THR B 162 8.94 8.00 -28.60
CA THR B 162 8.08 9.19 -28.62
C THR B 162 6.83 9.02 -29.50
N LEU B 163 7.01 9.25 -30.81
CA LEU B 163 5.92 9.21 -31.79
C LEU B 163 5.04 8.01 -31.52
N ASP B 164 5.56 7.10 -30.70
CA ASP B 164 4.85 5.90 -30.32
C ASP B 164 3.60 6.19 -29.48
N SER B 165 3.82 6.70 -28.28
CA SER B 165 2.81 6.64 -27.22
C SER B 165 1.33 6.47 -27.64
N LEU B 166 0.58 7.50 -28.04
CA LEU B 166 0.90 8.92 -28.05
C LEU B 166 2.14 9.31 -28.87
N ALA B 167 2.13 10.52 -29.43
CA ALA B 167 1.03 11.50 -29.27
C ALA B 167 0.86 12.53 -30.40
N ARG B 168 0.39 12.08 -31.56
CA ARG B 168 -0.04 13.01 -32.61
C ARG B 168 1.04 14.03 -32.93
N ASP B 169 1.86 13.71 -33.92
CA ASP B 169 3.02 14.49 -34.32
C ASP B 169 2.59 15.66 -35.21
N LEU B 170 2.27 16.80 -34.61
CA LEU B 170 1.81 17.98 -35.36
C LEU B 170 2.71 18.40 -36.53
N THR B 171 4.02 18.33 -36.36
CA THR B 171 4.94 18.57 -37.48
C THR B 171 4.55 17.64 -38.63
N ALA B 172 4.20 16.41 -38.28
CA ALA B 172 3.80 15.41 -39.25
C ALA B 172 2.57 15.85 -40.03
N ILE B 173 1.48 16.09 -39.30
CA ILE B 173 0.24 16.50 -39.92
C ILE B 173 0.43 17.78 -40.73
N ALA B 174 1.56 18.45 -40.51
CA ALA B 174 1.86 19.69 -41.23
C ALA B 174 2.88 19.47 -42.33
N LYS B 175 3.37 18.24 -42.43
CA LYS B 175 4.33 17.88 -43.47
C LYS B 175 3.62 17.58 -44.80
N GLU B 176 2.76 16.57 -44.81
CA GLU B 176 2.01 16.25 -46.02
C GLU B 176 0.99 17.33 -46.34
N ASP B 177 1.08 18.44 -45.62
CA ASP B 177 0.19 19.57 -45.81
C ASP B 177 -1.26 19.15 -45.60
N SER B 178 -1.45 17.97 -45.04
CA SER B 178 -2.77 17.48 -44.70
C SER B 178 -3.30 18.23 -43.49
N LEU B 179 -3.05 19.54 -43.45
CA LEU B 179 -3.42 20.36 -42.30
C LEU B 179 -4.26 21.59 -42.65
N ASP B 180 -5.31 21.82 -41.86
CA ASP B 180 -6.20 22.97 -42.03
C ASP B 180 -5.38 24.26 -42.05
N PRO B 181 -6.03 25.40 -42.35
CA PRO B 181 -5.26 26.66 -42.42
C PRO B 181 -4.24 26.84 -41.27
N VAL B 182 -4.60 27.29 -40.06
CA VAL B 182 -5.89 27.88 -39.69
C VAL B 182 -5.64 29.38 -39.51
N ILE B 183 -6.70 30.18 -39.48
CA ILE B 183 -6.62 31.64 -39.48
C ILE B 183 -5.68 32.32 -38.48
N GLY B 184 -6.26 32.94 -37.46
CA GLY B 184 -5.48 33.64 -36.45
C GLY B 184 -6.11 34.95 -36.03
N ARG B 185 -5.59 35.55 -34.96
CA ARG B 185 -4.48 34.97 -34.20
C ARG B 185 -3.26 34.59 -35.06
N SER B 186 -2.92 35.47 -36.00
CA SER B 186 -1.72 35.35 -36.80
C SER B 186 -0.59 36.06 -36.08
N LYS B 187 -0.87 37.26 -35.58
CA LYS B 187 0.07 37.94 -34.70
C LYS B 187 0.17 37.20 -33.37
N GLU B 188 -0.83 36.38 -33.07
CA GLU B 188 -0.73 35.51 -31.89
C GLU B 188 0.32 34.38 -32.05
N ILE B 189 0.41 33.77 -33.23
CA ILE B 189 1.37 32.69 -33.47
C ILE B 189 2.80 33.19 -33.31
N GLN B 190 3.06 34.42 -33.77
CA GLN B 190 4.37 35.03 -33.66
C GLN B 190 4.84 35.19 -32.20
N ARG B 191 3.99 35.73 -31.33
CA ARG B 191 4.35 36.00 -29.94
C ARG B 191 4.82 34.75 -29.27
N VAL B 192 4.53 33.60 -29.90
CA VAL B 192 4.94 32.32 -29.33
C VAL B 192 6.42 32.07 -29.59
N ILE B 193 6.87 32.52 -30.76
CA ILE B 193 8.23 32.23 -31.17
C ILE B 193 9.30 33.08 -30.48
N GLU B 194 8.91 34.25 -30.01
CA GLU B 194 9.79 35.02 -29.15
C GLU B 194 10.00 34.20 -27.89
N VAL B 195 8.88 33.91 -27.22
CA VAL B 195 8.84 33.17 -25.96
C VAL B 195 9.46 31.80 -26.15
N LEU B 196 9.88 31.51 -27.38
CA LEU B 196 10.38 30.19 -27.67
C LEU B 196 11.77 30.24 -28.26
N SER B 197 12.19 31.42 -28.67
CA SER B 197 13.50 31.58 -29.21
C SER B 197 14.48 32.06 -28.14
N ARG B 198 13.99 32.14 -26.90
CA ARG B 198 14.76 32.73 -25.80
C ARG B 198 15.79 31.81 -25.17
N ARG B 199 16.14 32.18 -23.95
CA ARG B 199 16.90 31.38 -23.02
C ARG B 199 16.31 31.60 -21.61
N THR B 200 15.72 32.78 -21.37
CA THR B 200 15.10 33.08 -20.09
C THR B 200 13.77 32.35 -19.92
N LYS B 201 12.70 32.98 -20.35
CA LYS B 201 11.41 32.34 -20.32
C LYS B 201 11.35 31.40 -21.51
N ASN B 202 12.04 30.27 -21.42
CA ASN B 202 12.13 29.33 -22.53
C ASN B 202 10.79 28.91 -23.14
N ASN B 203 9.81 28.59 -22.29
CA ASN B 203 8.57 27.88 -22.66
C ASN B 203 7.28 28.69 -22.47
N PRO B 204 6.45 28.85 -23.53
CA PRO B 204 5.19 29.60 -23.60
C PRO B 204 3.93 28.94 -23.06
N VAL B 205 2.93 29.73 -22.67
CA VAL B 205 1.71 29.24 -22.03
C VAL B 205 0.52 30.17 -22.34
N LEU B 206 -0.47 29.65 -23.06
CA LEU B 206 -1.59 30.46 -23.54
C LEU B 206 -2.81 30.42 -22.62
N ILE B 207 -3.27 31.60 -22.21
CA ILE B 207 -4.39 31.68 -21.32
C ILE B 207 -5.51 32.52 -21.93
N GLY B 208 -6.70 31.94 -21.92
CA GLY B 208 -7.89 32.61 -22.42
C GLY B 208 -9.01 31.60 -22.24
N GLU B 209 -10.24 32.01 -22.52
CA GLU B 209 -11.31 31.02 -22.50
C GLU B 209 -10.91 29.91 -23.49
N PRO B 210 -11.16 28.65 -23.11
CA PRO B 210 -10.39 27.48 -23.56
C PRO B 210 -10.59 26.81 -24.95
N GLY B 211 -11.70 26.94 -25.66
CA GLY B 211 -12.60 28.07 -25.69
C GLY B 211 -12.39 28.63 -27.09
N VAL B 212 -11.35 29.45 -27.19
CA VAL B 212 -10.86 29.93 -28.47
C VAL B 212 -10.06 28.82 -29.14
N GLY B 213 -10.46 27.57 -28.90
CA GLY B 213 -9.72 26.44 -29.39
C GLY B 213 -8.26 26.83 -29.41
N LYS B 214 -7.73 27.13 -28.22
CA LYS B 214 -6.34 27.58 -28.11
C LYS B 214 -5.54 26.66 -28.96
N THR B 215 -5.84 25.37 -28.81
CA THR B 215 -5.10 24.32 -29.46
C THR B 215 -4.86 24.63 -30.95
N ALA B 216 -5.61 25.59 -31.48
CA ALA B 216 -5.52 25.95 -32.90
C ALA B 216 -4.22 26.66 -33.25
N ILE B 217 -3.79 27.53 -32.34
CA ILE B 217 -2.58 28.32 -32.53
C ILE B 217 -1.37 27.44 -32.69
N ALA B 218 -1.34 26.34 -31.95
CA ALA B 218 -0.23 25.35 -32.01
C ALA B 218 0.04 24.72 -33.38
N GLU B 219 -1.02 24.35 -34.09
CA GLU B 219 -0.82 23.84 -35.42
C GLU B 219 -0.10 24.91 -36.23
N GLY B 220 -0.24 26.16 -35.79
CA GLY B 220 0.44 27.30 -36.39
C GLY B 220 1.94 27.10 -36.58
N LEU B 221 2.64 26.74 -35.51
CA LEU B 221 4.07 26.44 -35.62
C LEU B 221 4.38 25.36 -36.69
N ALA B 222 3.78 24.20 -36.52
CA ALA B 222 4.03 23.13 -37.45
C ALA B 222 4.27 23.72 -38.83
N GLN B 223 3.29 24.47 -39.31
CA GLN B 223 3.34 25.02 -40.64
C GLN B 223 4.51 26.00 -40.90
N GLN B 224 4.76 26.92 -39.96
CA GLN B 224 5.80 27.94 -40.17
C GLN B 224 7.23 27.47 -39.89
N ILE B 225 7.39 26.51 -38.98
CA ILE B 225 8.71 25.98 -38.70
C ILE B 225 9.17 25.20 -39.91
N ILE B 226 8.21 24.57 -40.58
CA ILE B 226 8.50 23.88 -41.82
C ILE B 226 8.92 24.86 -42.93
N ASN B 227 7.94 25.52 -43.54
CA ASN B 227 8.23 26.39 -44.68
C ASN B 227 7.80 27.83 -44.46
N ASN B 228 8.64 28.64 -43.82
CA ASN B 228 9.88 28.22 -43.16
C ASN B 228 10.32 29.38 -42.30
N GLU B 229 9.53 30.45 -42.35
CA GLU B 229 9.83 31.68 -41.64
C GLU B 229 9.93 31.39 -40.15
N VAL B 230 11.16 31.08 -39.70
CA VAL B 230 11.49 30.96 -38.29
C VAL B 230 13.01 30.85 -38.10
N PRO B 231 13.53 31.39 -36.97
CA PRO B 231 14.98 31.45 -36.77
C PRO B 231 15.68 30.13 -37.07
N GLU B 232 16.90 30.20 -37.60
CA GLU B 232 17.71 29.02 -37.79
C GLU B 232 17.99 28.46 -36.40
N ILE B 233 17.45 29.16 -35.41
CA ILE B 233 17.53 28.78 -34.00
C ILE B 233 16.49 27.70 -33.63
N LEU B 234 15.62 27.34 -34.60
CA LEU B 234 14.48 26.45 -34.34
C LEU B 234 14.14 25.53 -35.49
N ARG B 235 14.71 25.78 -36.66
CA ARG B 235 14.51 24.87 -37.77
C ARG B 235 14.83 23.46 -37.26
N ASP B 236 14.27 22.45 -37.92
CA ASP B 236 14.55 21.07 -37.52
C ASP B 236 14.09 20.80 -36.08
N LYS B 237 12.79 20.90 -35.85
CA LYS B 237 12.17 20.52 -34.56
C LYS B 237 10.76 19.98 -34.80
N ARG B 238 10.03 19.65 -33.72
CA ARG B 238 8.76 18.93 -33.85
C ARG B 238 7.70 19.26 -32.79
N VAL B 239 6.45 19.49 -33.20
CA VAL B 239 5.35 19.80 -32.27
C VAL B 239 4.56 18.57 -31.96
N MET B 240 4.18 18.38 -30.71
CA MET B 240 3.42 17.19 -30.34
C MET B 240 2.49 17.46 -29.16
N THR B 241 1.61 16.53 -28.83
CA THR B 241 0.52 16.81 -27.90
C THR B 241 0.16 15.73 -26.84
N LEU B 242 -0.88 16.00 -26.05
CA LEU B 242 -1.52 15.00 -25.20
C LEU B 242 -2.62 15.61 -24.34
N GLU B 253 -0.43 4.85 -17.42
CA GLU B 253 0.46 5.63 -16.58
C GLU B 253 1.79 4.93 -16.36
N ASP B 254 1.77 3.60 -16.42
CA ASP B 254 2.94 2.78 -16.17
C ASP B 254 4.08 3.07 -17.16
N ARG B 255 3.74 3.73 -18.26
CA ARG B 255 4.70 4.07 -19.31
C ARG B 255 5.61 5.23 -18.87
N LEU B 256 5.82 5.34 -17.56
CA LEU B 256 6.48 6.45 -16.88
C LEU B 256 7.66 7.17 -17.56
N LYS B 257 8.73 7.34 -16.78
CA LYS B 257 9.93 8.04 -17.23
C LYS B 257 10.52 7.37 -18.46
N LYS B 258 9.95 6.22 -18.82
CA LYS B 258 10.44 5.42 -19.93
C LYS B 258 10.64 6.22 -21.21
N VAL B 259 9.54 6.65 -21.84
CA VAL B 259 9.64 7.36 -23.11
C VAL B 259 10.19 8.77 -22.92
N MET B 260 9.95 9.38 -21.75
CA MET B 260 10.54 10.69 -21.48
C MET B 260 12.06 10.62 -21.42
N ASP B 261 12.61 9.49 -20.99
CA ASP B 261 14.05 9.33 -21.06
C ASP B 261 14.41 9.24 -22.55
N GLU B 262 13.56 8.55 -23.30
CA GLU B 262 13.73 8.41 -24.73
C GLU B 262 13.37 9.68 -25.50
N ILE B 263 13.58 10.83 -24.86
CA ILE B 263 13.38 12.12 -25.51
C ILE B 263 14.40 13.17 -25.09
N ARG B 264 14.62 13.35 -23.79
CA ARG B 264 15.68 14.23 -23.34
C ARG B 264 16.88 13.86 -24.20
N GLN B 265 16.95 12.58 -24.51
CA GLN B 265 17.95 12.05 -25.42
C GLN B 265 17.55 12.29 -26.87
N ALA B 266 17.20 13.53 -27.16
CA ALA B 266 16.79 13.96 -28.50
C ALA B 266 16.21 15.36 -28.38
N GLY B 267 17.04 16.38 -28.59
CA GLY B 267 16.69 17.75 -28.25
C GLY B 267 15.62 18.38 -29.11
N ASN B 268 15.40 17.83 -30.29
CA ASN B 268 14.53 18.45 -31.27
C ASN B 268 13.05 18.33 -30.95
N ILE B 269 12.66 18.68 -29.73
CA ILE B 269 11.26 18.51 -29.34
C ILE B 269 10.60 19.61 -28.50
N ILE B 270 9.37 19.93 -28.90
CA ILE B 270 8.54 20.98 -28.29
C ILE B 270 7.22 20.30 -28.03
N LEU B 271 6.51 20.69 -26.98
CA LEU B 271 5.40 19.90 -26.46
C LEU B 271 4.19 20.73 -26.09
N PHE B 272 3.03 20.08 -26.05
CA PHE B 272 1.75 20.74 -25.82
C PHE B 272 0.92 20.11 -24.69
N ILE B 273 0.35 20.94 -23.83
CA ILE B 273 -0.34 20.46 -22.66
C ILE B 273 -1.62 21.23 -22.38
N ASP B 274 -2.46 20.64 -21.54
CA ASP B 274 -3.71 21.27 -21.13
C ASP B 274 -4.19 20.52 -19.91
N ALA B 275 -3.46 20.68 -18.82
CA ALA B 275 -3.72 19.91 -17.61
C ALA B 275 -2.74 20.28 -16.50
N LYS B 284 3.23 16.61 -12.67
CA LYS B 284 3.77 16.60 -14.02
C LYS B 284 5.23 17.10 -14.14
N PRO B 285 5.52 18.27 -13.56
CA PRO B 285 6.68 19.09 -13.98
C PRO B 285 8.09 18.59 -13.61
N SER B 286 8.79 18.02 -14.58
CA SER B 286 10.23 17.79 -14.47
C SER B 286 10.94 18.98 -15.13
N LEU B 287 10.28 20.12 -15.02
CA LEU B 287 10.58 21.32 -15.80
C LEU B 287 12.04 21.69 -15.98
N ALA B 288 12.32 22.37 -17.09
CA ALA B 288 13.63 22.94 -17.39
C ALA B 288 14.75 21.90 -17.41
N ARG B 289 14.55 20.79 -16.71
CA ARG B 289 15.57 19.77 -16.57
C ARG B 289 16.24 19.51 -17.91
N GLY B 290 15.65 18.61 -18.70
CA GLY B 290 16.14 18.36 -20.05
C GLY B 290 15.76 19.49 -20.98
N GLU B 291 15.88 19.25 -22.29
CA GLU B 291 15.41 20.18 -23.30
C GLU B 291 13.89 20.13 -23.34
N LEU B 292 13.32 19.43 -22.37
CA LEU B 292 11.88 19.26 -22.22
C LEU B 292 11.10 20.57 -22.36
N GLN B 293 10.82 20.98 -23.60
CA GLN B 293 10.26 22.33 -23.86
C GLN B 293 8.77 22.36 -24.19
N CYS B 294 7.96 23.09 -23.42
CA CYS B 294 6.50 23.00 -23.54
C CYS B 294 5.81 24.17 -24.24
N ILE B 295 4.54 23.95 -24.59
CA ILE B 295 3.58 25.03 -24.84
C ILE B 295 2.29 24.72 -24.10
N GLY B 296 1.83 25.63 -23.23
CA GLY B 296 0.76 25.33 -22.32
C GLY B 296 -0.54 26.03 -22.63
N ALA B 297 -1.64 25.29 -22.54
CA ALA B 297 -2.97 25.86 -22.71
C ALA B 297 -3.73 25.60 -21.43
N THR B 298 -3.96 26.66 -20.65
CA THR B 298 -4.70 26.49 -19.41
C THR B 298 -5.43 27.76 -18.98
N THR B 299 -6.58 27.56 -18.33
CA THR B 299 -7.58 28.60 -18.13
C THR B 299 -7.06 29.96 -17.66
N LEU B 300 -7.88 30.99 -17.83
CA LEU B 300 -7.61 32.32 -17.31
C LEU B 300 -6.94 32.24 -15.92
N ASP B 301 -7.51 31.39 -15.08
CA ASP B 301 -7.14 31.31 -13.67
C ASP B 301 -6.20 30.14 -13.36
N GLU B 302 -6.52 28.96 -13.89
CA GLU B 302 -5.75 27.75 -13.57
C GLU B 302 -4.26 28.08 -13.51
N TYR B 303 -3.81 28.96 -14.39
CA TYR B 303 -2.42 29.37 -14.38
C TYR B 303 -2.11 30.12 -13.10
N ARG B 304 -3.02 31.01 -12.71
CA ARG B 304 -2.90 31.65 -11.40
C ARG B 304 -2.50 30.55 -10.44
N LYS B 305 -3.09 29.37 -10.62
CA LYS B 305 -2.82 28.20 -9.79
C LYS B 305 -1.68 27.33 -10.31
N TYR B 306 -0.56 27.95 -10.68
CA TYR B 306 0.63 27.21 -11.09
C TYR B 306 1.88 28.06 -10.94
N ILE B 307 1.81 29.31 -11.34
CA ILE B 307 2.88 30.23 -10.96
C ILE B 307 2.70 30.49 -9.49
N GLU B 308 1.49 30.21 -9.01
CA GLU B 308 1.21 30.26 -7.59
C GLU B 308 2.03 29.16 -6.96
N LYS B 309 2.20 28.06 -7.69
CA LYS B 309 3.17 27.04 -7.30
C LYS B 309 4.52 27.73 -7.18
N ASP B 310 5.01 28.24 -8.30
CA ASP B 310 6.25 29.00 -8.34
C ASP B 310 7.45 28.19 -7.85
N ALA B 311 8.66 28.67 -8.14
CA ALA B 311 8.89 29.81 -9.01
C ALA B 311 9.68 29.34 -10.22
N ALA B 312 9.75 28.03 -10.40
CA ALA B 312 10.22 27.45 -11.64
C ALA B 312 9.16 27.75 -12.67
N LEU B 313 7.95 27.94 -12.18
CA LEU B 313 6.87 28.44 -13.02
C LEU B 313 7.21 29.82 -13.61
N GLU B 314 7.01 30.89 -12.82
CA GLU B 314 7.26 32.25 -13.30
C GLU B 314 8.54 32.30 -14.11
N ARG B 315 9.39 31.30 -13.90
CA ARG B 315 10.66 31.19 -14.61
C ARG B 315 10.52 30.52 -15.98
N ARG B 316 10.73 29.21 -16.02
CA ARG B 316 10.74 28.48 -17.27
C ARG B 316 9.57 28.89 -18.16
N PHE B 317 8.41 28.26 -17.97
CA PHE B 317 7.18 28.52 -18.71
C PHE B 317 6.83 30.05 -18.67
N GLN B 318 6.03 30.59 -19.61
CA GLN B 318 5.70 32.03 -19.66
C GLN B 318 4.62 32.40 -20.73
N PRO B 319 3.67 33.30 -20.38
CA PRO B 319 2.33 33.35 -20.99
C PRO B 319 2.08 34.39 -22.06
N ILE B 320 0.97 34.20 -22.78
CA ILE B 320 0.46 35.18 -23.75
C ILE B 320 -1.07 35.14 -23.85
N GLN B 321 -1.70 36.28 -24.10
CA GLN B 321 -3.16 36.35 -24.04
C GLN B 321 -3.83 35.93 -25.33
N VAL B 322 -4.59 34.85 -25.26
CA VAL B 322 -5.36 34.37 -26.40
C VAL B 322 -6.68 35.12 -26.57
N ASP B 323 -6.89 35.71 -27.74
CA ASP B 323 -8.07 36.53 -28.00
C ASP B 323 -9.29 35.74 -28.52
N GLN B 324 -10.48 36.12 -28.04
CA GLN B 324 -11.71 35.66 -28.65
C GLN B 324 -11.78 36.31 -30.03
N PRO B 325 -11.56 35.52 -31.09
CA PRO B 325 -11.29 36.01 -32.45
C PRO B 325 -12.16 37.20 -32.87
N SER B 326 -11.63 38.03 -33.76
CA SER B 326 -12.43 39.10 -34.31
C SER B 326 -13.62 38.44 -34.95
N VAL B 327 -14.82 38.92 -34.66
CA VAL B 327 -16.06 38.29 -35.15
C VAL B 327 -16.06 37.81 -36.61
N ASP B 328 -15.52 38.62 -37.52
CA ASP B 328 -15.40 38.24 -38.93
C ASP B 328 -14.47 37.07 -39.10
N GLU B 329 -13.37 37.09 -38.34
CA GLU B 329 -12.36 36.04 -38.37
C GLU B 329 -13.05 34.73 -38.11
N SER B 330 -13.96 34.77 -37.16
CA SER B 330 -14.77 33.62 -36.84
C SER B 330 -15.34 33.03 -38.12
N ILE B 331 -16.18 33.81 -38.82
CA ILE B 331 -16.77 33.35 -40.08
C ILE B 331 -15.81 32.57 -40.99
N GLN B 332 -14.59 33.09 -41.17
CA GLN B 332 -13.65 32.47 -42.10
C GLN B 332 -13.19 31.10 -41.62
N ILE B 333 -13.09 30.94 -40.30
CA ILE B 333 -12.66 29.66 -39.72
C ILE B 333 -13.68 28.60 -40.07
N LEU B 334 -14.95 28.94 -39.85
CA LEU B 334 -16.09 28.09 -40.23
C LEU B 334 -16.02 27.54 -41.67
N GLN B 335 -16.00 28.44 -42.65
CA GLN B 335 -15.88 28.03 -44.03
C GLN B 335 -14.69 27.06 -44.32
N GLY B 336 -13.50 27.36 -43.78
CA GLY B 336 -12.31 26.56 -44.03
C GLY B 336 -12.54 25.10 -43.66
N LEU B 337 -13.35 24.91 -42.62
CA LEU B 337 -13.77 23.59 -42.20
C LEU B 337 -15.23 23.39 -42.53
N ARG B 338 -15.81 24.30 -43.31
CA ARG B 338 -17.13 24.08 -43.87
C ARG B 338 -17.09 22.83 -44.73
N ASP B 339 -16.24 22.87 -45.77
CA ASP B 339 -16.10 21.77 -46.73
C ASP B 339 -15.89 20.44 -46.00
N ARG B 340 -15.53 20.53 -44.72
CA ARG B 340 -15.22 19.35 -43.92
C ARG B 340 -16.35 18.93 -42.97
N TYR B 341 -17.34 19.80 -42.77
CA TYR B 341 -18.58 19.41 -42.12
C TYR B 341 -19.62 19.04 -43.14
N GLU B 342 -19.22 18.83 -44.39
CA GLU B 342 -20.13 18.26 -45.37
C GLU B 342 -20.36 16.79 -45.01
N ALA B 343 -19.60 16.32 -44.03
CA ALA B 343 -19.68 14.95 -43.51
C ALA B 343 -21.08 14.58 -43.04
N HIS B 344 -21.78 15.54 -42.44
CA HIS B 344 -23.09 15.27 -41.87
C HIS B 344 -24.24 15.67 -42.79
N HIS B 345 -23.89 15.92 -44.06
CA HIS B 345 -24.82 15.93 -45.20
C HIS B 345 -25.77 17.15 -45.31
N ARG B 346 -25.24 18.32 -45.73
CA ARG B 346 -26.03 19.56 -45.93
C ARG B 346 -25.17 20.82 -46.31
N VAL B 347 -23.92 20.78 -45.87
CA VAL B 347 -22.96 21.81 -46.22
C VAL B 347 -22.15 21.24 -47.40
N SER B 348 -21.37 22.05 -48.13
CA SER B 348 -21.07 23.45 -47.84
C SER B 348 -22.27 24.38 -47.75
N ILE B 349 -22.00 25.62 -47.35
CA ILE B 349 -23.03 26.68 -47.31
C ILE B 349 -24.18 26.42 -46.24
N THR B 350 -25.09 27.41 -46.06
CA THR B 350 -25.03 28.72 -46.73
C THR B 350 -24.27 29.77 -45.93
N ASP B 351 -23.47 30.57 -46.62
CA ASP B 351 -22.76 31.67 -46.00
C ASP B 351 -23.75 32.45 -45.14
N ASP B 352 -24.80 32.95 -45.76
CA ASP B 352 -25.76 33.78 -45.05
C ASP B 352 -26.12 33.17 -43.70
N ALA B 353 -26.07 31.84 -43.64
CA ALA B 353 -26.39 31.10 -42.42
C ALA B 353 -25.26 31.13 -41.40
N ILE B 354 -24.04 30.87 -41.86
CA ILE B 354 -22.86 30.95 -40.99
C ILE B 354 -22.86 32.26 -40.20
N GLU B 355 -22.86 33.39 -40.93
CA GLU B 355 -22.83 34.73 -40.34
C GLU B 355 -23.72 34.81 -39.11
N ALA B 356 -24.88 34.18 -39.20
CA ALA B 356 -25.75 34.06 -38.02
C ALA B 356 -25.17 33.19 -36.89
N ALA B 357 -24.79 31.96 -37.21
CA ALA B 357 -24.16 31.11 -36.23
C ALA B 357 -23.25 31.99 -35.39
N VAL B 358 -22.26 32.57 -36.05
CA VAL B 358 -21.34 33.51 -35.42
C VAL B 358 -22.06 34.67 -34.74
N LYS B 359 -22.51 35.62 -35.54
CA LYS B 359 -22.98 36.92 -35.05
C LYS B 359 -23.88 36.90 -33.82
N LEU B 360 -24.83 35.97 -33.79
CA LEU B 360 -25.79 35.95 -32.70
C LEU B 360 -25.09 35.66 -31.39
N SER B 361 -24.03 34.87 -31.48
CA SER B 361 -23.30 34.41 -30.31
C SER B 361 -22.51 35.51 -29.61
N ASP B 362 -21.88 36.39 -30.37
CA ASP B 362 -21.08 37.44 -29.77
C ASP B 362 -21.93 38.33 -28.89
N ARG B 363 -23.12 38.67 -29.36
CA ARG B 363 -24.01 39.54 -28.61
C ARG B 363 -25.08 38.77 -27.84
N TYR B 364 -25.68 37.77 -28.48
CA TYR B 364 -26.72 36.99 -27.82
C TYR B 364 -26.14 35.71 -27.23
N ILE B 365 -26.23 35.59 -25.90
CA ILE B 365 -25.75 34.41 -25.18
C ILE B 365 -24.56 33.69 -25.89
N SER B 366 -23.32 34.12 -25.68
CA SER B 366 -22.84 35.04 -24.63
C SER B 366 -22.41 34.29 -23.37
N ASP B 367 -21.66 33.21 -23.57
CA ASP B 367 -21.19 32.34 -22.48
C ASP B 367 -20.05 31.45 -22.93
N ARG B 368 -19.33 31.85 -23.98
CA ARG B 368 -18.17 31.10 -24.45
C ARG B 368 -17.07 31.96 -25.14
N PHE B 369 -16.42 31.35 -26.12
CA PHE B 369 -15.48 32.07 -26.97
C PHE B 369 -16.17 32.25 -28.31
N LEU B 370 -15.83 33.29 -29.06
CA LEU B 370 -16.58 33.54 -30.28
C LEU B 370 -16.39 32.57 -31.46
N PRO B 371 -15.46 31.61 -31.35
CA PRO B 371 -15.38 30.55 -32.38
C PRO B 371 -15.96 29.16 -31.95
N ASP B 372 -15.88 28.78 -30.68
CA ASP B 372 -16.57 27.55 -30.26
C ASP B 372 -18.10 27.71 -30.43
N LYS B 373 -18.66 28.82 -29.92
CA LYS B 373 -20.11 29.08 -29.94
C LYS B 373 -20.71 28.73 -31.29
N ALA B 374 -20.23 29.47 -32.29
CA ALA B 374 -20.59 29.30 -33.68
C ALA B 374 -20.73 27.81 -34.07
N ILE B 375 -19.61 27.15 -34.32
CA ILE B 375 -19.60 25.72 -34.64
C ILE B 375 -20.59 24.89 -33.85
N ASP B 376 -20.91 25.30 -32.63
CA ASP B 376 -21.87 24.52 -31.85
C ASP B 376 -23.28 24.69 -32.40
N LEU B 377 -23.60 25.92 -32.81
CA LEU B 377 -24.89 26.22 -33.46
C LEU B 377 -25.03 25.44 -34.75
N ILE B 378 -23.98 25.55 -35.54
CA ILE B 378 -23.83 24.78 -36.76
C ILE B 378 -24.08 23.29 -36.49
N ASP B 379 -23.37 22.69 -35.53
CA ASP B 379 -23.59 21.27 -35.28
C ASP B 379 -24.97 20.97 -34.70
N GLU B 380 -25.47 21.78 -33.76
CA GLU B 380 -26.84 21.57 -33.32
C GLU B 380 -27.67 21.31 -34.56
N ALA B 381 -27.55 22.21 -35.52
CA ALA B 381 -28.20 22.07 -36.82
C ALA B 381 -27.57 21.01 -37.81
N GLY B 382 -26.29 20.73 -37.59
CA GLY B 382 -25.47 19.87 -38.45
C GLY B 382 -25.68 18.37 -38.34
N SER B 383 -26.92 18.04 -37.99
CA SER B 383 -27.47 16.69 -37.93
C SER B 383 -28.97 16.91 -37.89
N LYS B 384 -29.40 17.82 -37.02
CA LYS B 384 -30.81 18.20 -36.86
C LYS B 384 -31.64 18.18 -38.13
N VAL B 385 -31.13 18.78 -39.20
CA VAL B 385 -31.89 18.80 -40.43
C VAL B 385 -31.79 17.48 -41.22
N ARG B 386 -30.59 16.89 -41.22
CA ARG B 386 -30.39 15.57 -41.81
C ARG B 386 -31.38 14.66 -41.12
N LEU B 387 -31.95 15.15 -40.03
CA LEU B 387 -32.85 14.35 -39.20
C LEU B 387 -34.30 14.55 -39.60
N ARG B 388 -34.72 15.81 -39.70
CA ARG B 388 -36.07 16.13 -40.13
C ARG B 388 -36.37 15.39 -41.42
N SER B 389 -35.28 14.96 -42.06
CA SER B 389 -35.30 14.04 -43.20
C SER B 389 -35.87 12.66 -42.80
N PHE B 390 -35.36 12.13 -41.68
CA PHE B 390 -35.57 10.75 -41.29
C PHE B 390 -36.88 10.45 -40.51
N THR B 391 -37.59 11.51 -40.14
CA THR B 391 -38.80 11.36 -39.36
C THR B 391 -39.77 10.36 -39.99
N THR B 392 -40.63 9.80 -39.15
CA THR B 392 -41.67 8.89 -39.61
C THR B 392 -42.65 9.65 -40.51
N PRO B 393 -42.90 9.10 -41.72
CA PRO B 393 -43.88 9.52 -42.72
C PRO B 393 -45.21 10.02 -42.13
N PRO B 394 -46.24 10.23 -42.96
CA PRO B 394 -47.52 10.73 -42.44
C PRO B 394 -48.01 9.90 -41.28
N ASN B 395 -49.25 10.09 -40.83
CA ASN B 395 -49.77 9.27 -39.75
C ASN B 395 -49.76 7.81 -40.15
N LEU B 396 -49.11 7.54 -41.27
CA LEU B 396 -48.85 6.18 -41.70
C LEU B 396 -47.94 5.46 -40.71
N LYS B 397 -47.82 6.00 -39.50
CA LYS B 397 -47.32 5.23 -38.37
C LYS B 397 -48.32 4.10 -38.16
N GLU B 398 -49.55 4.33 -38.61
CA GLU B 398 -50.65 3.37 -38.44
C GLU B 398 -50.56 2.11 -39.30
N LEU B 399 -50.12 2.26 -40.54
CA LEU B 399 -49.98 1.10 -41.43
C LEU B 399 -49.18 -0.01 -40.75
N GLU B 400 -47.91 0.25 -40.49
CA GLU B 400 -47.06 -0.72 -39.82
C GLU B 400 -47.83 -1.34 -38.64
N GLN B 401 -48.51 -0.51 -37.86
CA GLN B 401 -49.33 -0.99 -36.75
C GLN B 401 -50.26 -2.09 -37.25
N LYS B 402 -50.91 -1.82 -38.37
CA LYS B 402 -51.79 -2.80 -39.00
C LYS B 402 -51.02 -4.05 -39.41
N LEU B 403 -50.05 -3.88 -40.30
CA LEU B 403 -49.34 -5.00 -40.87
C LEU B 403 -48.99 -6.01 -39.81
N ASP B 404 -48.77 -5.55 -38.58
CA ASP B 404 -48.41 -6.44 -37.49
C ASP B 404 -49.49 -7.47 -37.28
N GLU B 405 -50.65 -7.03 -36.81
CA GLU B 405 -51.78 -7.92 -36.54
C GLU B 405 -51.78 -9.03 -37.57
N VAL B 406 -51.37 -8.69 -38.79
CA VAL B 406 -51.34 -9.65 -39.88
C VAL B 406 -50.35 -10.77 -39.63
N ARG B 407 -49.05 -10.47 -39.74
CA ARG B 407 -48.09 -11.53 -39.59
C ARG B 407 -48.69 -12.56 -38.63
N LYS B 408 -49.03 -12.13 -37.42
CA LYS B 408 -49.62 -13.01 -36.41
C LYS B 408 -50.63 -13.96 -37.04
N GLU B 409 -51.78 -13.42 -37.44
CA GLU B 409 -52.78 -14.24 -38.10
C GLU B 409 -52.07 -15.18 -39.06
N LYS B 410 -51.35 -14.62 -40.04
CA LYS B 410 -50.53 -15.43 -40.94
C LYS B 410 -49.74 -16.44 -40.15
N ASP B 411 -48.81 -15.94 -39.33
CA ASP B 411 -47.90 -16.78 -38.56
C ASP B 411 -48.66 -17.80 -37.70
N ALA B 412 -49.29 -17.31 -36.64
CA ALA B 412 -50.00 -18.18 -35.69
C ALA B 412 -50.89 -19.14 -36.45
N ALA B 413 -51.53 -18.64 -37.49
CA ALA B 413 -52.32 -19.50 -38.35
C ALA B 413 -51.43 -20.58 -38.93
N VAL B 414 -50.23 -20.20 -39.39
CA VAL B 414 -49.35 -21.17 -40.05
C VAL B 414 -48.96 -22.29 -39.09
N GLN B 415 -49.00 -21.99 -37.80
CA GLN B 415 -48.70 -22.98 -36.77
C GLN B 415 -49.88 -23.91 -36.60
N SER B 416 -51.06 -23.43 -37.00
CA SER B 416 -52.28 -24.22 -36.93
C SER B 416 -52.61 -24.84 -38.30
N GLN B 417 -52.46 -24.06 -39.37
CA GLN B 417 -52.60 -24.50 -40.76
C GLN B 417 -53.97 -25.11 -41.11
N GLU B 418 -54.91 -24.33 -41.66
CA GLU B 418 -54.79 -22.88 -41.92
C GLU B 418 -53.74 -22.50 -42.96
N PHE B 419 -53.33 -23.46 -43.77
CA PHE B 419 -52.35 -23.20 -44.85
C PHE B 419 -52.80 -22.19 -45.91
N GLU B 420 -53.72 -22.59 -46.78
CA GLU B 420 -54.25 -21.65 -47.78
C GLU B 420 -54.92 -20.49 -47.06
N LYS B 421 -55.23 -20.68 -45.79
CA LYS B 421 -55.71 -19.61 -44.93
C LYS B 421 -54.57 -18.65 -44.59
N ALA B 422 -53.37 -18.98 -45.07
CA ALA B 422 -52.19 -18.11 -44.99
C ALA B 422 -51.76 -17.62 -46.38
N ALA B 423 -51.52 -18.55 -47.30
CA ALA B 423 -51.26 -18.20 -48.68
C ALA B 423 -51.84 -16.83 -49.00
N SER B 424 -53.17 -16.71 -48.90
CA SER B 424 -53.84 -15.42 -49.11
C SER B 424 -53.50 -14.46 -47.98
N LEU B 425 -53.22 -14.99 -46.78
CA LEU B 425 -52.81 -14.19 -45.63
C LEU B 425 -51.43 -13.54 -45.79
N ARG B 426 -50.46 -14.33 -46.26
CA ARG B 426 -49.15 -13.79 -46.61
C ARG B 426 -49.36 -12.74 -47.68
N ASP B 427 -49.95 -13.16 -48.79
CA ASP B 427 -50.28 -12.25 -49.87
C ASP B 427 -50.98 -10.99 -49.35
N THR B 428 -51.97 -11.13 -48.45
CA THR B 428 -52.58 -9.95 -47.84
C THR B 428 -51.51 -9.10 -47.15
N GLU B 429 -50.53 -9.77 -46.55
CA GLU B 429 -49.37 -9.10 -45.94
C GLU B 429 -48.52 -8.22 -46.88
N GLN B 430 -47.77 -8.83 -47.80
CA GLN B 430 -46.97 -8.03 -48.71
C GLN B 430 -47.79 -7.01 -49.51
N ARG B 431 -49.09 -7.27 -49.72
CA ARG B 431 -49.95 -6.22 -50.28
C ARG B 431 -49.61 -4.99 -49.46
N LEU B 432 -49.80 -5.13 -48.15
CA LEU B 432 -49.49 -4.07 -47.20
C LEU B 432 -48.07 -3.57 -47.35
N ARG B 433 -47.11 -4.49 -47.17
CA ARG B 433 -45.71 -4.08 -47.06
C ARG B 433 -45.26 -3.10 -48.15
N GLU B 434 -45.34 -3.53 -49.40
CA GLU B 434 -44.95 -2.68 -50.51
C GLU B 434 -45.65 -1.32 -50.42
N GLN B 435 -46.91 -1.32 -49.97
CA GLN B 435 -47.62 -0.07 -49.74
C GLN B 435 -46.88 0.77 -48.72
N VAL B 436 -46.49 0.11 -47.62
CA VAL B 436 -45.70 0.77 -46.58
C VAL B 436 -44.41 1.33 -47.17
N GLU B 437 -43.50 0.45 -47.57
CA GLU B 437 -42.21 0.87 -48.09
C GLU B 437 -42.35 1.93 -49.20
N ASP B 438 -43.42 1.86 -49.97
CA ASP B 438 -43.63 2.86 -51.02
C ASP B 438 -43.88 4.26 -50.43
N THR B 439 -44.56 4.33 -49.29
CA THR B 439 -44.80 5.62 -48.62
C THR B 439 -43.75 5.89 -47.55
N LYS B 440 -42.90 4.91 -47.29
CA LYS B 440 -41.81 5.06 -46.34
C LYS B 440 -40.62 5.65 -47.08
N LYS B 441 -40.61 5.43 -48.39
CA LYS B 441 -39.62 6.01 -49.30
C LYS B 441 -40.25 7.16 -50.09
N SER B 442 -41.51 7.45 -49.79
CA SER B 442 -42.14 8.68 -50.26
C SER B 442 -41.53 9.82 -49.47
N TRP B 443 -40.92 9.48 -48.33
CA TRP B 443 -40.19 10.45 -47.52
C TRP B 443 -38.71 10.52 -47.88
N LYS B 444 -38.46 10.45 -49.18
CA LYS B 444 -37.26 10.99 -49.78
C LYS B 444 -37.61 12.40 -50.19
N GLU B 445 -38.92 12.69 -50.15
CA GLU B 445 -39.43 14.02 -50.47
C GLU B 445 -39.24 14.94 -49.28
N LYS B 446 -39.37 14.38 -48.08
CA LYS B 446 -39.07 15.13 -46.87
C LYS B 446 -37.58 15.38 -46.87
N GLN B 447 -36.89 14.77 -47.82
CA GLN B 447 -35.46 14.97 -47.99
C GLN B 447 -35.15 16.11 -48.96
N GLY B 448 -35.73 16.04 -50.16
CA GLY B 448 -35.57 17.09 -51.16
C GLY B 448 -36.12 18.42 -50.68
N GLN B 449 -36.97 18.38 -49.66
CA GLN B 449 -37.49 19.58 -49.02
C GLN B 449 -36.46 20.15 -48.05
N GLU B 450 -35.96 19.30 -47.16
CA GLU B 450 -35.05 19.74 -46.11
C GLU B 450 -33.60 19.36 -46.35
N ASN B 451 -33.33 18.10 -46.66
CA ASN B 451 -31.96 17.65 -46.78
C ASN B 451 -31.18 18.67 -47.58
N SER B 452 -29.94 18.92 -47.17
CA SER B 452 -29.07 19.92 -47.79
C SER B 452 -29.59 21.35 -47.70
N GLU B 453 -30.64 21.58 -46.90
CA GLU B 453 -31.09 22.95 -46.60
C GLU B 453 -30.01 23.62 -45.73
N VAL B 454 -30.36 24.69 -45.00
CA VAL B 454 -29.41 25.38 -44.11
C VAL B 454 -29.88 26.74 -43.60
N THR B 455 -30.56 27.51 -44.44
CA THR B 455 -30.68 28.94 -44.19
C THR B 455 -31.13 29.32 -42.78
N VAL B 456 -30.32 30.17 -42.18
CA VAL B 456 -30.68 30.99 -41.03
C VAL B 456 -31.84 30.46 -40.17
N ASP B 457 -33.04 30.44 -40.73
CA ASP B 457 -34.20 30.05 -39.94
C ASP B 457 -33.92 28.80 -39.12
N ASP B 458 -33.18 27.86 -39.68
CA ASP B 458 -32.74 26.67 -38.95
C ASP B 458 -32.01 27.09 -37.69
N ILE B 459 -31.03 27.96 -37.87
CA ILE B 459 -30.25 28.48 -36.75
C ILE B 459 -31.11 29.22 -35.73
N ALA B 460 -31.70 30.35 -36.11
CA ALA B 460 -32.47 31.14 -35.16
C ALA B 460 -33.37 30.27 -34.28
N MET B 461 -33.85 29.16 -34.84
CA MET B 461 -34.52 28.14 -34.04
C MET B 461 -33.57 27.75 -32.94
N VAL B 462 -32.54 27.00 -33.31
CA VAL B 462 -31.47 26.59 -32.39
C VAL B 462 -31.25 27.66 -31.31
N VAL B 463 -31.20 28.94 -31.71
CA VAL B 463 -30.96 30.02 -30.75
C VAL B 463 -32.07 30.21 -29.73
N SER B 464 -33.30 30.33 -30.21
CA SER B 464 -34.44 30.54 -29.32
C SER B 464 -34.64 29.34 -28.41
N SER B 465 -34.19 28.18 -28.89
CA SER B 465 -34.20 26.97 -28.09
C SER B 465 -32.95 26.86 -27.21
N TRP B 466 -32.39 28.02 -26.88
CA TRP B 466 -31.24 28.09 -25.98
C TRP B 466 -31.53 29.17 -24.93
N THR B 467 -32.69 29.80 -25.04
CA THR B 467 -33.13 30.82 -24.10
C THR B 467 -34.65 30.85 -23.98
N GLN C 5 17.55 -15.51 -51.80
CA GLN C 5 17.39 -14.08 -51.56
C GLN C 5 16.47 -13.48 -52.60
N LYS C 6 15.63 -12.55 -52.17
CA LYS C 6 14.61 -11.97 -53.03
C LYS C 6 15.19 -11.05 -54.06
N LEU C 7 14.55 -10.99 -55.21
CA LEU C 7 15.06 -10.27 -56.35
C LEU C 7 13.99 -9.37 -56.97
N GLN C 8 13.07 -8.89 -56.16
CA GLN C 8 12.07 -7.92 -56.61
C GLN C 8 11.64 -6.98 -55.48
N PHE C 9 11.69 -5.67 -55.72
CA PHE C 9 11.41 -4.65 -54.67
C PHE C 9 10.48 -3.47 -55.06
N VAL C 10 9.89 -2.84 -54.06
CA VAL C 10 8.90 -1.79 -54.26
C VAL C 10 9.33 -0.60 -53.46
N LEU C 11 9.60 0.52 -54.13
CA LEU C 11 10.13 1.68 -53.45
C LEU C 11 9.22 2.89 -53.58
N ARG C 12 9.19 3.75 -52.56
CA ARG C 12 8.35 4.94 -52.56
C ARG C 12 9.20 6.21 -52.61
N PHE C 13 8.84 7.12 -53.51
CA PHE C 13 9.52 8.39 -53.64
C PHE C 13 8.63 9.44 -53.03
N GLY C 14 9.23 10.41 -52.38
CA GLY C 14 8.46 11.45 -51.73
C GLY C 14 7.82 12.38 -52.73
N ASP C 15 8.62 12.85 -53.67
CA ASP C 15 8.10 13.69 -54.73
C ASP C 15 8.52 13.08 -56.02
N PHE C 16 7.75 13.35 -57.08
CA PHE C 16 8.00 12.73 -58.36
C PHE C 16 9.36 13.04 -58.94
N GLU C 17 9.81 14.27 -58.78
CA GLU C 17 11.08 14.62 -59.39
C GLU C 17 12.17 13.68 -58.93
N ASP C 18 12.01 13.11 -57.73
CA ASP C 18 12.97 12.16 -57.23
C ASP C 18 13.09 11.04 -58.25
N VAL C 19 11.99 10.72 -58.92
CA VAL C 19 12.00 9.61 -59.87
C VAL C 19 12.73 9.99 -61.15
N ILE C 20 12.44 11.18 -61.69
CA ILE C 20 13.15 11.66 -62.87
C ILE C 20 14.64 11.48 -62.64
N SER C 21 15.12 11.97 -61.50
CA SER C 21 16.53 11.91 -61.12
C SER C 21 17.08 10.49 -61.26
N LEU C 22 16.42 9.56 -60.61
CA LEU C 22 16.81 8.16 -60.71
C LEU C 22 16.94 7.75 -62.14
N SER C 23 16.07 8.29 -63.00
CA SER C 23 15.97 7.86 -64.39
C SER C 23 17.26 8.19 -65.10
N LYS C 24 17.85 9.33 -64.72
CA LYS C 24 19.00 9.85 -65.42
C LYS C 24 20.27 9.00 -65.28
N LEU C 25 20.12 7.71 -65.04
CA LEU C 25 21.28 6.83 -64.90
C LEU C 25 21.21 5.57 -65.78
N ASN C 26 21.59 4.43 -65.21
CA ASN C 26 21.51 3.15 -65.91
C ASN C 26 20.65 2.11 -65.18
N VAL C 27 19.52 1.74 -65.77
CA VAL C 27 18.62 0.73 -65.19
C VAL C 27 19.30 -0.64 -65.14
N ASN C 28 19.67 -1.13 -66.33
CA ASN C 28 20.57 -2.27 -66.46
C ASN C 28 20.02 -3.63 -66.04
N GLY C 29 19.63 -4.43 -67.03
CA GLY C 29 19.12 -5.76 -66.79
C GLY C 29 17.99 -5.70 -65.80
N SER C 30 17.35 -4.54 -65.73
CA SER C 30 16.35 -4.28 -64.72
C SER C 30 15.00 -3.91 -65.31
N LYS C 31 14.08 -4.87 -65.29
CA LYS C 31 12.70 -4.58 -65.62
C LYS C 31 12.19 -3.73 -64.47
N THR C 32 11.32 -2.77 -64.75
CA THR C 32 10.82 -1.87 -63.71
C THR C 32 9.46 -1.23 -64.08
N THR C 33 8.59 -1.06 -63.09
CA THR C 33 7.23 -0.55 -63.34
C THR C 33 6.78 0.45 -62.28
N LEU C 34 6.06 1.49 -62.68
CA LEU C 34 5.79 2.64 -61.79
C LEU C 34 4.33 3.00 -61.53
N TYR C 35 3.95 2.97 -60.25
CA TYR C 35 2.58 3.23 -59.80
C TYR C 35 2.43 4.58 -59.09
N SER C 36 1.20 5.07 -58.98
CA SER C 36 0.87 6.27 -58.24
C SER C 36 -0.18 5.89 -57.21
N PHE C 37 0.06 6.25 -55.96
CA PHE C 37 -0.74 5.74 -54.84
C PHE C 37 -0.54 6.58 -53.56
N GLU C 38 -1.64 7.01 -52.96
CA GLU C 38 -1.56 7.92 -51.79
C GLU C 38 -0.78 9.16 -52.13
N ASN C 39 -0.96 9.64 -53.36
CA ASN C 39 -0.28 10.83 -53.85
C ASN C 39 1.22 10.66 -54.03
N ARG C 40 1.82 9.74 -53.28
CA ARG C 40 3.24 9.44 -53.43
C ARG C 40 3.43 8.39 -54.54
N TYR C 41 4.56 8.43 -55.26
CA TYR C 41 4.81 7.46 -56.34
C TYR C 41 5.68 6.29 -55.92
N TYR C 42 5.16 5.07 -56.08
CA TYR C 42 5.90 3.85 -55.74
C TYR C 42 6.53 3.35 -57.05
N LEU C 43 7.66 2.66 -56.99
CA LEU C 43 8.31 2.10 -58.19
C LEU C 43 8.73 0.65 -57.94
N TYR C 44 8.37 -0.24 -58.85
CA TYR C 44 8.57 -1.69 -58.67
C TYR C 44 9.62 -2.35 -59.58
N VAL C 45 10.72 -2.74 -58.95
CA VAL C 45 11.95 -3.21 -59.61
C VAL C 45 12.04 -4.73 -59.62
N ASP C 46 12.51 -5.31 -60.71
CA ASP C 46 12.58 -6.76 -60.86
C ASP C 46 13.86 -7.17 -61.55
N PHE C 47 14.82 -7.64 -60.78
CA PHE C 47 16.06 -8.11 -61.34
C PHE C 47 15.88 -9.56 -61.77
N CYS C 48 16.16 -9.80 -63.02
CA CYS C 48 16.23 -11.16 -63.47
C CYS C 48 17.67 -11.62 -63.21
N ASN C 49 17.84 -12.76 -62.55
CA ASN C 49 19.18 -13.35 -62.43
C ASN C 49 20.29 -12.34 -62.20
N MET C 50 20.65 -12.18 -60.94
CA MET C 50 21.85 -11.44 -60.58
C MET C 50 22.37 -12.07 -59.32
N THR C 51 23.68 -12.02 -59.11
CA THR C 51 24.25 -12.56 -57.90
C THR C 51 23.69 -11.74 -56.75
N ASP C 52 23.55 -12.36 -55.59
CA ASP C 52 23.06 -11.63 -54.43
C ASP C 52 23.96 -10.42 -54.20
N GLU C 53 25.27 -10.63 -54.28
CA GLU C 53 26.20 -9.52 -54.12
C GLU C 53 25.85 -8.43 -55.11
N GLU C 54 25.55 -8.83 -56.34
CA GLU C 54 25.27 -7.87 -57.40
C GLU C 54 23.98 -7.10 -57.16
N VAL C 55 23.04 -7.68 -56.44
CA VAL C 55 21.78 -7.00 -56.23
C VAL C 55 21.84 -6.15 -54.99
N GLU C 56 22.31 -6.70 -53.87
CA GLU C 56 22.42 -5.88 -52.68
C GLU C 56 23.18 -4.63 -53.10
N ASN C 57 24.15 -4.82 -53.99
CA ASN C 57 24.84 -3.68 -54.60
C ASN C 57 23.86 -2.73 -55.24
N GLN C 58 23.36 -3.09 -56.41
CA GLN C 58 22.51 -2.21 -57.18
C GLN C 58 21.50 -1.50 -56.29
N LEU C 59 20.77 -2.26 -55.48
CA LEU C 59 19.69 -1.69 -54.68
C LEU C 59 20.17 -0.53 -53.84
N SER C 60 21.44 -0.55 -53.49
CA SER C 60 22.02 0.54 -52.73
C SER C 60 21.66 1.82 -53.46
N ILE C 61 22.11 1.93 -54.72
CA ILE C 61 21.90 3.12 -55.50
C ILE C 61 20.47 3.61 -55.37
N LEU C 62 19.53 2.72 -55.67
CA LEU C 62 18.13 3.09 -55.71
C LEU C 62 17.73 3.88 -54.50
N LEU C 63 18.17 3.43 -53.34
CA LEU C 63 17.67 4.08 -52.15
C LEU C 63 18.44 5.34 -51.80
N GLU C 64 19.31 5.81 -52.70
CA GLU C 64 19.84 7.19 -52.60
C GLU C 64 18.69 8.10 -53.02
N TYR C 65 17.81 7.55 -53.86
CA TYR C 65 16.71 8.32 -54.45
C TYR C 65 15.33 7.92 -53.91
N ALA C 66 15.24 6.75 -53.26
CA ALA C 66 14.01 6.34 -52.57
C ALA C 66 14.22 5.75 -51.16
N THR C 67 13.13 5.21 -50.63
CA THR C 67 13.15 4.32 -49.47
C THR C 67 12.40 3.04 -49.92
N GLU C 68 12.48 1.96 -49.14
CA GLU C 68 11.84 0.68 -49.50
C GLU C 68 10.51 0.46 -48.76
N SER C 69 9.38 0.45 -49.47
CA SER C 69 8.08 0.40 -48.76
C SER C 69 7.61 -0.99 -48.39
N SER C 70 7.09 -1.08 -47.17
CA SER C 70 6.63 -2.32 -46.61
C SER C 70 5.42 -2.78 -47.39
N ILE C 71 5.06 -2.02 -48.41
CA ILE C 71 3.79 -2.25 -49.12
C ILE C 71 3.68 -3.55 -49.91
N SER C 72 2.65 -4.32 -49.60
CA SER C 72 2.39 -5.54 -50.34
C SER C 72 2.30 -5.21 -51.81
N ILE C 73 3.16 -5.79 -52.62
CA ILE C 73 3.16 -5.43 -54.03
C ILE C 73 1.85 -5.67 -54.75
N HIS C 74 1.02 -6.62 -54.31
CA HIS C 74 -0.26 -6.93 -54.98
C HIS C 74 -1.35 -5.94 -54.65
N ARG C 75 -1.11 -5.13 -53.61
CA ARG C 75 -2.03 -4.03 -53.27
C ARG C 75 -2.01 -3.05 -54.42
N LEU C 76 -0.81 -2.72 -54.88
CA LEU C 76 -0.65 -1.90 -56.08
C LEU C 76 -1.27 -2.57 -57.31
N GLU C 77 -0.83 -3.78 -57.68
CA GLU C 77 -1.34 -4.43 -58.88
C GLU C 77 -2.85 -4.35 -58.96
N GLU C 78 -3.50 -4.46 -57.81
CA GLU C 78 -4.94 -4.26 -57.76
C GLU C 78 -5.28 -2.78 -57.60
N TYR C 79 -5.21 -2.28 -56.37
CA TYR C 79 -5.70 -0.93 -56.01
C TYR C 79 -4.75 0.30 -56.26
N GLY C 80 -3.71 0.15 -57.09
CA GLY C 80 -2.88 1.31 -57.39
C GLY C 80 -3.36 2.18 -58.55
N LYS C 81 -2.41 2.79 -59.26
CA LYS C 81 -2.64 3.49 -60.53
C LYS C 81 -1.41 3.34 -61.40
N LEU C 82 -1.50 2.51 -62.43
CA LEU C 82 -0.36 2.25 -63.29
C LEU C 82 0.00 3.51 -64.02
N ILE C 83 1.29 3.70 -64.27
CA ILE C 83 1.75 4.85 -65.05
C ILE C 83 2.71 4.44 -66.19
N ILE C 84 3.66 3.57 -65.89
CA ILE C 84 4.55 3.02 -66.92
C ILE C 84 4.93 1.55 -66.61
N SER C 85 4.87 0.66 -67.61
CA SER C 85 5.11 -0.76 -67.39
C SER C 85 6.49 -1.19 -67.80
N GLU C 86 7.01 -2.21 -67.13
CA GLU C 86 8.24 -2.89 -67.53
C GLU C 86 9.48 -2.01 -67.71
N HIS C 87 9.36 -0.95 -68.51
CA HIS C 87 10.47 -0.04 -68.75
C HIS C 87 10.17 1.32 -68.16
N ALA C 88 9.88 1.34 -66.85
CA ALA C 88 9.40 2.55 -66.17
C ALA C 88 10.47 3.62 -66.06
N LEU C 89 11.69 3.21 -65.77
CA LEU C 89 12.72 4.21 -65.67
C LEU C 89 12.93 4.77 -67.03
N GLU C 90 13.32 3.89 -67.94
CA GLU C 90 13.66 4.25 -69.27
C GLU C 90 12.76 5.34 -69.88
N THR C 91 11.45 5.24 -69.67
CA THR C 91 10.50 6.16 -70.27
C THR C 91 10.62 7.58 -69.70
N ILE C 92 10.87 7.69 -68.41
CA ILE C 92 10.97 9.01 -67.81
C ILE C 92 12.19 9.74 -68.33
N LYS C 93 13.26 9.00 -68.57
CA LYS C 93 14.48 9.58 -69.08
C LYS C 93 14.21 10.20 -70.45
N LYS C 94 13.39 9.55 -71.25
CA LYS C 94 13.02 10.09 -72.54
C LYS C 94 12.41 11.47 -72.38
N HIS C 95 11.26 11.57 -71.73
CA HIS C 95 10.50 12.82 -71.71
C HIS C 95 10.98 13.87 -70.72
N PHE C 96 12.11 13.67 -70.08
CA PHE C 96 12.48 14.58 -68.99
C PHE C 96 13.96 15.03 -68.85
N ALA C 97 14.92 14.14 -69.10
CA ALA C 97 16.33 14.55 -69.10
C ALA C 97 16.62 15.42 -70.33
N SER C 98 16.54 16.73 -70.16
CA SER C 98 16.74 17.65 -71.27
C SER C 98 15.70 17.46 -72.35
N PHE D 3 22.49 23.66 -45.38
CA PHE D 3 21.21 23.72 -44.66
C PHE D 3 21.37 24.45 -43.32
N GLY D 4 22.46 25.19 -43.19
CA GLY D 4 22.76 25.93 -41.97
C GLY D 4 24.16 26.51 -41.99
N ARG D 5 24.91 26.28 -40.91
CA ARG D 5 26.32 26.68 -40.83
C ARG D 5 27.21 25.64 -40.13
N PHE D 6 28.31 25.31 -40.79
CA PHE D 6 29.24 24.32 -40.30
C PHE D 6 30.63 24.96 -40.29
N THR D 7 31.67 24.16 -40.08
CA THR D 7 33.04 24.70 -40.17
C THR D 7 33.31 25.12 -41.60
N GLU D 8 34.43 25.79 -41.83
CA GLU D 8 34.95 25.89 -43.17
C GLU D 8 34.98 24.45 -43.62
N ARG D 9 35.79 23.65 -42.93
CA ARG D 9 35.99 22.23 -43.25
C ARG D 9 34.73 21.50 -43.67
N ALA D 10 33.66 21.66 -42.91
CA ALA D 10 32.37 21.17 -43.36
C ALA D 10 32.05 21.87 -44.67
N GLN D 11 31.65 23.14 -44.63
CA GLN D 11 31.29 23.87 -45.85
C GLN D 11 32.17 23.57 -47.07
N LYS D 12 33.48 23.49 -46.89
CA LYS D 12 34.36 23.16 -48.00
C LYS D 12 34.11 21.74 -48.47
N VAL D 13 34.05 20.82 -47.53
CA VAL D 13 33.83 19.42 -47.91
C VAL D 13 32.51 19.27 -48.66
N LEU D 14 31.51 20.08 -48.32
CA LEU D 14 30.19 19.96 -48.94
C LEU D 14 30.21 20.47 -50.37
N ALA D 15 30.71 21.68 -50.54
CA ALA D 15 30.80 22.23 -51.86
C ALA D 15 31.70 21.29 -52.64
N LEU D 16 32.63 20.66 -51.93
CA LEU D 16 33.59 19.76 -52.55
C LEU D 16 32.91 18.51 -53.11
N ALA D 17 31.77 18.17 -52.54
CA ALA D 17 30.99 17.09 -53.12
C ALA D 17 30.62 17.53 -54.53
N GLN D 18 30.11 18.76 -54.66
CA GLN D 18 29.73 19.28 -55.97
C GLN D 18 30.89 19.27 -56.95
N GLU D 19 32.05 19.72 -56.50
CA GLU D 19 33.23 19.69 -57.34
C GLU D 19 33.27 18.31 -57.95
N GLU D 20 33.05 17.31 -57.10
CA GLU D 20 32.98 15.94 -57.57
C GLU D 20 31.65 15.63 -58.27
N ALA D 21 30.58 16.33 -57.96
CA ALA D 21 29.34 16.11 -58.68
C ALA D 21 29.68 16.08 -60.14
N LEU D 22 30.33 17.14 -60.57
CA LEU D 22 30.56 17.36 -61.98
C LEU D 22 31.77 16.60 -62.52
N ARG D 23 32.85 16.55 -61.77
CA ARG D 23 34.07 15.91 -62.26
C ARG D 23 33.80 14.55 -62.88
N LEU D 24 32.60 14.02 -62.65
CA LEU D 24 32.21 12.75 -63.23
C LEU D 24 30.97 12.92 -64.10
N GLY D 25 30.34 14.09 -64.00
CA GLY D 25 29.30 14.47 -64.94
C GLY D 25 27.90 14.15 -64.50
N HIS D 26 27.78 13.47 -63.36
CA HIS D 26 26.48 13.11 -62.86
C HIS D 26 25.68 14.37 -62.60
N ASN D 27 24.43 14.21 -62.21
CA ASN D 27 23.49 15.32 -62.16
C ASN D 27 22.88 15.56 -60.79
N ASN D 28 22.88 14.53 -59.96
CA ASN D 28 22.50 14.73 -58.58
C ASN D 28 23.66 14.32 -57.71
N ILE D 29 24.01 15.11 -56.68
CA ILE D 29 25.05 14.69 -55.72
C ILE D 29 24.49 13.88 -54.57
N GLY D 30 24.81 12.60 -54.56
CA GLY D 30 24.23 11.68 -53.62
C GLY D 30 25.14 11.52 -52.45
N THR D 31 24.87 10.53 -51.62
CA THR D 31 25.78 10.29 -50.52
C THR D 31 27.19 9.90 -51.03
N GLU D 32 27.29 9.35 -52.24
CA GLU D 32 28.62 8.94 -52.75
C GLU D 32 29.54 10.09 -52.97
N HIS D 33 29.00 11.28 -53.21
CA HIS D 33 29.80 12.47 -53.49
C HIS D 33 30.18 13.17 -52.22
N ILE D 34 29.28 13.17 -51.27
CA ILE D 34 29.60 13.69 -49.96
C ILE D 34 30.80 12.91 -49.46
N LEU D 35 30.81 11.60 -49.67
CA LEU D 35 31.94 10.80 -49.24
C LEU D 35 33.24 11.20 -49.95
N LEU D 36 33.20 11.35 -51.26
CA LEU D 36 34.38 11.82 -51.99
C LEU D 36 34.79 13.16 -51.43
N GLY D 37 33.80 13.96 -51.07
CA GLY D 37 34.06 15.29 -50.52
C GLY D 37 34.93 15.24 -49.29
N LEU D 38 34.65 14.29 -48.42
CA LEU D 38 35.37 14.19 -47.17
C LEU D 38 36.81 13.75 -47.36
N VAL D 39 37.06 12.68 -48.13
CA VAL D 39 38.41 12.14 -48.27
C VAL D 39 39.24 13.00 -49.16
N ARG D 40 38.60 13.97 -49.80
CA ARG D 40 39.28 14.82 -50.78
C ARG D 40 39.65 16.20 -50.26
N GLU D 41 39.11 16.56 -49.10
CA GLU D 41 39.61 17.73 -48.40
C GLU D 41 40.69 17.26 -47.44
N GLY D 42 40.94 15.96 -47.47
CA GLY D 42 42.11 15.32 -46.87
C GLY D 42 42.67 15.79 -45.55
N GLU D 43 42.04 16.78 -44.91
CA GLU D 43 42.54 17.36 -43.66
C GLU D 43 41.50 17.40 -42.50
N GLY D 44 40.23 17.23 -42.81
CA GLY D 44 39.21 17.19 -41.76
C GLY D 44 39.34 15.95 -40.90
N ILE D 45 38.77 15.96 -39.70
CA ILE D 45 38.81 14.78 -38.86
C ILE D 45 38.17 13.63 -39.61
N ALA D 46 37.16 13.99 -40.39
CA ALA D 46 36.48 13.06 -41.28
C ALA D 46 37.51 12.56 -42.27
N ALA D 47 38.20 13.48 -42.91
CA ALA D 47 39.22 13.11 -43.87
C ALA D 47 40.24 12.20 -43.21
N LYS D 48 40.66 12.58 -42.02
CA LYS D 48 41.71 11.83 -41.31
C LYS D 48 41.30 10.40 -41.04
N ALA D 49 40.10 10.23 -40.52
CA ALA D 49 39.61 8.91 -40.25
C ALA D 49 39.73 7.98 -41.47
N LEU D 50 39.16 8.39 -42.60
CA LEU D 50 39.15 7.54 -43.76
C LEU D 50 40.56 7.05 -44.07
N GLN D 51 41.55 7.92 -43.83
CA GLN D 51 42.93 7.57 -44.08
C GLN D 51 43.29 6.38 -43.21
N ALA D 52 42.49 6.16 -42.18
CA ALA D 52 42.77 5.08 -41.24
C ALA D 52 42.28 3.75 -41.74
N LEU D 53 41.00 3.70 -42.11
CA LEU D 53 40.41 2.44 -42.53
C LEU D 53 41.12 1.83 -43.74
N GLY D 54 41.94 2.63 -44.39
CA GLY D 54 42.63 2.20 -45.60
C GLY D 54 41.90 2.67 -46.84
N LEU D 55 41.35 3.89 -46.76
CA LEU D 55 40.49 4.39 -47.81
C LEU D 55 40.88 5.73 -48.37
N GLY D 56 41.97 5.75 -49.11
CA GLY D 56 42.36 6.98 -49.77
C GLY D 56 41.37 7.32 -50.86
N SER D 57 41.50 8.51 -51.44
CA SER D 57 40.69 8.89 -52.60
C SER D 57 40.87 7.87 -53.74
N GLU D 58 42.08 7.34 -53.87
CA GLU D 58 42.37 6.37 -54.92
C GLU D 58 41.39 5.20 -54.87
N LYS D 59 41.36 4.48 -53.75
CA LYS D 59 40.58 3.26 -53.60
C LYS D 59 39.09 3.50 -53.81
N ILE D 60 38.61 4.63 -53.31
CA ILE D 60 37.19 4.96 -53.31
C ILE D 60 36.68 5.27 -54.69
N GLN D 61 37.22 6.32 -55.28
CA GLN D 61 36.68 6.79 -56.52
C GLN D 61 36.67 5.65 -57.54
N LYS D 62 37.56 4.68 -57.39
CA LYS D 62 37.56 3.53 -58.29
C LYS D 62 36.32 2.69 -58.12
N GLU D 63 35.92 2.42 -56.88
CA GLU D 63 34.65 1.72 -56.66
C GLU D 63 33.50 2.54 -57.22
N VAL D 64 33.43 3.81 -56.84
CA VAL D 64 32.34 4.66 -57.32
C VAL D 64 32.23 4.70 -58.88
N GLU D 65 33.29 5.07 -59.60
CA GLU D 65 33.21 5.04 -61.07
C GLU D 65 32.86 3.65 -61.57
N SER D 66 33.16 2.64 -60.77
CA SER D 66 32.86 1.25 -61.13
C SER D 66 31.40 0.96 -60.87
N LEU D 67 30.65 1.98 -60.48
CA LEU D 67 29.22 1.83 -60.26
C LEU D 67 28.37 2.99 -60.79
N ILE D 68 28.96 3.90 -61.56
CA ILE D 68 28.18 5.00 -62.13
C ILE D 68 28.76 5.57 -63.41
N GLY D 69 30.01 6.01 -63.35
CA GLY D 69 30.69 6.53 -64.52
C GLY D 69 29.98 7.69 -65.19
N ARG D 70 30.57 8.16 -66.29
CA ARG D 70 30.04 9.30 -67.01
C ARG D 70 28.54 9.18 -67.24
N GLY D 71 27.88 10.31 -67.42
CA GLY D 71 28.57 11.59 -67.41
C GLY D 71 27.88 12.64 -68.23
N GLN D 72 26.55 12.61 -68.22
CA GLN D 72 25.77 13.63 -68.91
C GLN D 72 26.15 14.99 -68.35
N GLU D 73 27.01 15.71 -69.08
CA GLU D 73 27.53 16.99 -68.63
C GLU D 73 26.40 17.96 -68.29
N MET D 74 25.17 17.49 -68.47
CA MET D 74 23.97 18.24 -68.16
C MET D 74 24.27 19.37 -67.18
N SER D 75 24.69 19.01 -65.98
CA SER D 75 25.04 20.00 -64.96
C SER D 75 24.03 21.14 -64.93
N GLN D 76 22.78 20.84 -65.29
CA GLN D 76 21.72 21.83 -65.34
C GLN D 76 21.39 22.36 -63.96
N THR D 77 22.35 23.06 -63.36
CA THR D 77 22.20 23.55 -61.99
C THR D 77 21.62 22.45 -61.12
N ILE D 78 22.49 21.62 -60.56
CA ILE D 78 22.08 20.40 -59.88
C ILE D 78 21.61 20.61 -58.45
N HIS D 79 21.00 19.56 -57.90
CA HIS D 79 20.63 19.56 -56.49
C HIS D 79 20.97 18.20 -55.87
N TYR D 80 20.59 18.01 -54.61
CA TYR D 80 20.99 16.83 -53.87
C TYR D 80 20.21 15.59 -54.21
N THR D 81 20.66 14.47 -53.64
CA THR D 81 19.80 13.29 -53.53
C THR D 81 18.90 13.47 -52.33
N PRO D 82 17.71 12.87 -52.38
CA PRO D 82 16.95 13.06 -51.15
C PRO D 82 17.66 12.35 -50.00
N ARG D 83 18.41 11.29 -50.33
CA ARG D 83 19.13 10.52 -49.32
C ARG D 83 20.12 11.45 -48.69
N ALA D 84 21.03 11.93 -49.49
CA ALA D 84 22.03 12.84 -48.95
C ALA D 84 21.42 14.05 -48.20
N LYS D 85 20.23 14.52 -48.59
CA LYS D 85 19.62 15.63 -47.85
C LYS D 85 19.26 15.14 -46.46
N LYS D 86 18.89 13.87 -46.38
CA LYS D 86 18.69 13.27 -45.09
C LYS D 86 20.05 13.24 -44.39
N VAL D 87 21.09 12.83 -45.09
CA VAL D 87 22.42 12.67 -44.49
C VAL D 87 22.92 13.97 -43.86
N ILE D 88 22.53 15.06 -44.47
CA ILE D 88 22.89 16.35 -43.92
C ILE D 88 22.01 16.65 -42.71
N GLU D 89 20.71 16.43 -42.82
CA GLU D 89 19.82 16.65 -41.69
C GLU D 89 20.38 15.90 -40.49
N LEU D 90 21.04 14.76 -40.75
CA LEU D 90 21.59 13.86 -39.71
C LEU D 90 22.85 14.34 -38.99
N SER D 91 23.87 14.72 -39.75
CA SER D 91 25.07 15.27 -39.13
C SER D 91 24.70 16.40 -38.14
N MET D 92 23.73 17.24 -38.45
CA MET D 92 23.24 18.23 -37.50
C MET D 92 22.89 17.56 -36.15
N ASP D 93 22.31 16.37 -36.19
CA ASP D 93 21.88 15.63 -34.99
C ASP D 93 23.04 14.85 -34.39
N GLU D 94 23.91 14.30 -35.24
CA GLU D 94 25.10 13.59 -34.76
C GLU D 94 26.06 14.57 -34.08
N ALA D 95 25.61 15.82 -33.93
CA ALA D 95 26.39 16.85 -33.22
C ALA D 95 25.63 17.48 -32.05
N ARG D 96 24.31 17.61 -32.16
CA ARG D 96 23.53 17.86 -30.97
C ARG D 96 24.06 16.83 -30.02
N LYS D 97 24.22 15.61 -30.55
CA LYS D 97 24.68 14.46 -29.77
C LYS D 97 26.19 14.48 -29.51
N LEU D 98 26.70 15.61 -29.03
CA LEU D 98 28.12 15.76 -28.80
C LEU D 98 28.45 17.14 -28.27
N GLY D 99 27.41 17.94 -28.03
CA GLY D 99 27.60 19.27 -27.47
C GLY D 99 28.34 20.17 -28.43
N HIS D 100 28.72 19.61 -29.58
CA HIS D 100 29.44 20.39 -30.57
C HIS D 100 28.49 21.45 -31.10
N SER D 101 28.71 22.68 -30.70
CA SER D 101 27.80 23.77 -31.05
C SER D 101 27.68 23.98 -32.56
N TYR D 102 28.61 23.41 -33.33
CA TYR D 102 28.63 23.60 -34.77
C TYR D 102 29.13 22.36 -35.52
N VAL D 103 28.47 22.03 -36.63
CA VAL D 103 28.78 20.84 -37.40
C VAL D 103 30.07 21.02 -38.16
N GLY D 104 30.68 19.90 -38.51
CA GLY D 104 31.98 19.91 -39.16
C GLY D 104 32.28 18.57 -39.79
N THR D 105 33.51 18.39 -40.28
CA THR D 105 33.85 17.26 -41.13
C THR D 105 33.49 15.93 -40.55
N GLU D 106 33.72 15.77 -39.25
CA GLU D 106 33.39 14.51 -38.60
C GLU D 106 31.89 14.21 -38.70
N HIS D 107 31.07 15.14 -38.23
CA HIS D 107 29.64 14.92 -38.03
C HIS D 107 28.94 14.44 -39.29
N ILE D 108 29.44 14.90 -40.42
CA ILE D 108 28.91 14.56 -41.72
C ILE D 108 29.26 13.09 -42.00
N LEU D 109 30.48 12.69 -41.68
CA LEU D 109 30.88 11.30 -41.74
C LEU D 109 30.05 10.50 -40.71
N LEU D 110 29.77 11.10 -39.58
CA LEU D 110 28.97 10.40 -38.61
C LEU D 110 27.62 10.19 -39.21
N GLY D 111 27.04 11.28 -39.74
CA GLY D 111 25.70 11.32 -40.33
C GLY D 111 25.44 10.39 -41.51
N LEU D 112 26.47 10.11 -42.29
CA LEU D 112 26.41 9.09 -43.33
C LEU D 112 26.18 7.67 -42.82
N ILE D 113 27.00 7.20 -41.88
CA ILE D 113 26.81 5.87 -41.30
C ILE D 113 25.42 5.65 -40.78
N ARG D 114 24.91 6.67 -40.11
CA ARG D 114 23.62 6.58 -39.44
C ARG D 114 22.55 6.23 -40.48
N GLU D 115 22.51 6.97 -41.59
CA GLU D 115 21.55 6.69 -42.70
C GLU D 115 22.16 5.74 -43.77
N GLY D 116 22.67 4.61 -43.30
CA GLY D 116 23.43 3.69 -44.14
C GLY D 116 22.86 3.24 -45.47
N GLU D 117 21.57 3.44 -45.68
CA GLU D 117 20.99 3.01 -46.93
C GLU D 117 21.41 4.01 -48.00
N GLY D 118 22.21 3.56 -48.98
CA GLY D 118 22.75 4.49 -49.95
C GLY D 118 24.08 4.11 -50.53
N VAL D 119 24.57 4.92 -51.44
CA VAL D 119 25.72 4.55 -52.22
C VAL D 119 27.04 4.58 -51.45
N ALA D 120 27.22 5.59 -50.62
CA ALA D 120 28.45 5.59 -49.84
C ALA D 120 28.54 4.25 -49.15
N ALA D 121 27.61 3.99 -48.25
CA ALA D 121 27.58 2.78 -47.47
C ALA D 121 28.02 1.55 -48.25
N ARG D 122 27.59 1.43 -49.50
CA ARG D 122 27.93 0.25 -50.30
C ARG D 122 29.36 0.31 -50.80
N VAL D 123 29.88 1.50 -51.06
CA VAL D 123 31.27 1.60 -51.44
C VAL D 123 32.10 0.81 -50.41
N LEU D 124 31.72 0.93 -49.15
CA LEU D 124 32.52 0.40 -48.07
C LEU D 124 32.20 -1.05 -47.72
N ASN D 125 30.92 -1.39 -47.64
CA ASN D 125 30.55 -2.78 -47.44
C ASN D 125 31.06 -3.57 -48.64
N ASN D 126 31.61 -2.84 -49.61
CA ASN D 126 32.22 -3.42 -50.80
C ASN D 126 33.73 -3.38 -50.62
N LEU D 127 34.20 -2.29 -50.04
CA LEU D 127 35.59 -2.20 -49.69
C LEU D 127 35.84 -2.85 -48.34
N GLY D 128 35.12 -3.93 -48.06
CA GLY D 128 35.35 -4.72 -46.86
C GLY D 128 35.59 -3.89 -45.60
N VAL D 129 34.63 -3.05 -45.27
CA VAL D 129 34.75 -2.13 -44.16
C VAL D 129 33.38 -1.96 -43.54
N SER D 130 32.94 -2.98 -42.80
CA SER D 130 31.61 -2.95 -42.22
C SER D 130 31.32 -1.54 -41.73
N LEU D 131 30.06 -1.24 -41.46
CA LEU D 131 29.67 0.11 -41.02
C LEU D 131 30.13 0.55 -39.60
N ASN D 132 30.26 -0.39 -38.68
CA ASN D 132 30.60 0.02 -37.32
C ASN D 132 32.09 0.22 -37.11
N LYS D 133 32.91 -0.52 -37.83
CA LYS D 133 34.36 -0.35 -37.74
C LYS D 133 34.66 1.08 -38.11
N ALA D 134 33.77 1.65 -38.89
CA ALA D 134 33.93 3.02 -39.34
C ALA D 134 33.49 4.08 -38.34
N ARG D 135 32.32 3.95 -37.74
CA ARG D 135 31.90 5.00 -36.81
C ARG D 135 32.92 5.01 -35.68
N GLN D 136 33.53 3.87 -35.45
CA GLN D 136 34.56 3.76 -34.42
C GLN D 136 35.68 4.73 -34.73
N GLN D 137 36.40 4.50 -35.83
CA GLN D 137 37.54 5.33 -36.19
C GLN D 137 37.33 6.84 -35.99
N VAL D 138 36.16 7.37 -36.33
CA VAL D 138 35.89 8.77 -36.08
C VAL D 138 35.87 9.06 -34.59
N LEU D 139 35.17 8.22 -33.83
CA LEU D 139 35.10 8.38 -32.38
C LEU D 139 36.46 8.47 -31.67
N GLN D 140 37.33 7.51 -31.95
CA GLN D 140 38.62 7.45 -31.29
C GLN D 140 39.49 8.65 -31.67
N LEU D 141 38.86 9.66 -32.26
CA LEU D 141 39.51 10.94 -32.54
C LEU D 141 38.74 12.17 -32.01
N LEU D 142 38.12 12.04 -30.84
CA LEU D 142 37.35 13.10 -30.16
C LEU D 142 37.18 12.62 -28.70
N GLY D 143 37.11 13.52 -27.72
CA GLY D 143 36.82 13.05 -26.34
C GLY D 143 36.65 14.11 -25.26
N SER D 144 35.93 13.70 -24.21
CA SER D 144 35.58 14.49 -23.02
C SER D 144 35.81 16.00 -23.03
N ASN D 145 36.30 16.49 -21.89
CA ASN D 145 36.69 17.88 -21.70
C ASN D 145 37.48 18.04 -20.38
N SER D 156 37.55 11.22 -3.79
CA SER D 156 36.86 12.36 -3.19
C SER D 156 35.85 11.83 -2.20
N ASN D 157 36.15 11.99 -0.92
CA ASN D 157 35.47 11.27 0.15
C ASN D 157 33.94 11.23 0.05
N ALA D 158 33.28 11.74 1.08
CA ALA D 158 31.82 11.67 1.13
C ALA D 158 31.13 12.25 -0.11
N ASN D 159 31.87 13.08 -0.86
CA ASN D 159 31.36 13.71 -2.09
C ASN D 159 30.73 12.64 -2.97
N THR D 160 31.25 11.43 -2.82
CA THR D 160 30.65 10.25 -3.38
C THR D 160 29.13 10.39 -3.41
N PRO D 161 28.50 10.25 -2.24
CA PRO D 161 27.05 10.33 -2.15
C PRO D 161 26.51 11.67 -2.65
N THR D 162 26.86 12.77 -1.96
CA THR D 162 26.37 14.11 -2.30
C THR D 162 26.37 14.24 -3.79
N LEU D 163 27.56 13.95 -4.31
CA LEU D 163 28.01 14.39 -5.60
C LEU D 163 27.28 13.76 -6.82
N ASP D 164 25.99 13.48 -6.59
CA ASP D 164 25.02 13.29 -7.65
C ASP D 164 24.99 14.56 -8.49
N SER D 165 23.78 14.97 -8.83
CA SER D 165 23.56 16.24 -9.53
C SER D 165 22.06 16.55 -9.68
N LEU D 166 21.40 16.88 -8.57
CA LEU D 166 22.01 16.97 -7.24
C LEU D 166 23.49 16.59 -7.15
N ALA D 167 24.34 17.58 -6.88
CA ALA D 167 23.89 18.94 -6.75
C ALA D 167 25.09 19.85 -6.91
N ARG D 168 26.04 19.39 -7.72
CA ARG D 168 27.10 20.21 -8.25
C ARG D 168 27.74 21.12 -7.20
N ASP D 169 29.05 21.12 -7.21
CA ASP D 169 29.85 21.66 -6.13
C ASP D 169 30.36 23.10 -6.36
N LEU D 170 29.64 24.11 -5.89
CA LEU D 170 30.00 25.52 -6.16
C LEU D 170 31.49 25.72 -5.96
N THR D 171 32.00 25.16 -4.88
CA THR D 171 33.37 25.36 -4.43
C THR D 171 34.48 24.81 -5.34
N ALA D 172 34.86 23.55 -5.17
CA ALA D 172 35.88 23.00 -6.04
C ALA D 172 35.52 23.34 -7.47
N ILE D 173 34.22 23.43 -7.75
CA ILE D 173 33.71 23.72 -9.08
C ILE D 173 34.21 25.08 -9.58
N ALA D 174 34.34 26.04 -8.66
CA ALA D 174 34.89 27.35 -8.96
C ALA D 174 36.32 27.51 -8.41
N LYS D 175 36.92 26.38 -8.02
CA LYS D 175 38.32 26.33 -7.61
C LYS D 175 39.16 26.13 -8.86
N GLU D 176 38.58 25.43 -9.83
CA GLU D 176 39.25 25.08 -11.07
C GLU D 176 39.47 26.31 -11.95
N ASP D 177 39.66 27.48 -11.35
CA ASP D 177 39.97 28.68 -12.13
C ASP D 177 38.73 29.02 -12.94
N SER D 178 37.83 28.04 -13.02
CA SER D 178 36.72 28.03 -13.96
C SER D 178 35.68 29.13 -13.71
N LEU D 179 35.89 29.94 -12.68
CA LEU D 179 34.90 30.95 -12.41
C LEU D 179 35.16 32.34 -12.97
N ASP D 180 34.04 33.01 -13.22
CA ASP D 180 33.97 34.29 -13.89
C ASP D 180 34.24 35.43 -12.91
N PRO D 181 33.73 36.64 -13.22
CA PRO D 181 33.68 37.80 -12.34
C PRO D 181 33.79 37.58 -10.80
N VAL D 182 32.75 37.58 -9.95
CA VAL D 182 31.33 37.81 -10.24
C VAL D 182 30.84 39.09 -9.54
N ILE D 183 30.00 39.89 -10.21
CA ILE D 183 29.55 41.18 -9.66
C ILE D 183 28.36 41.07 -8.71
N GLY D 184 28.48 41.78 -7.58
CA GLY D 184 27.47 41.75 -6.55
C GLY D 184 26.78 43.09 -6.45
N ARG D 185 26.03 43.32 -5.37
CA ARG D 185 25.92 42.42 -4.20
C ARG D 185 27.27 41.89 -3.75
N SER D 186 28.12 42.83 -3.31
CA SER D 186 29.43 42.58 -2.69
C SER D 186 29.29 42.64 -1.18
N LYS D 187 28.47 43.56 -0.71
CA LYS D 187 28.06 43.53 0.70
C LYS D 187 26.82 42.64 0.91
N GLU D 188 26.17 42.21 -0.16
CA GLU D 188 25.16 41.15 0.03
C GLU D 188 25.87 39.87 0.45
N ILE D 189 27.03 39.62 -0.14
CA ILE D 189 27.81 38.41 0.14
C ILE D 189 28.24 38.35 1.59
N GLN D 190 28.95 39.38 2.03
CA GLN D 190 29.52 39.34 3.36
C GLN D 190 28.47 39.15 4.48
N ARG D 191 27.20 39.51 4.24
CA ARG D 191 26.20 39.29 5.31
C ARG D 191 25.78 37.86 5.36
N VAL D 192 26.03 37.12 4.29
CA VAL D 192 25.89 35.67 4.30
C VAL D 192 26.90 35.02 5.20
N ILE D 193 27.89 35.78 5.62
CA ILE D 193 28.99 35.24 6.42
C ILE D 193 29.00 35.59 7.94
N GLU D 194 28.51 36.76 8.31
CA GLU D 194 28.27 37.07 9.72
C GLU D 194 27.39 35.97 10.28
N VAL D 195 26.43 35.53 9.46
CA VAL D 195 25.45 34.53 9.86
C VAL D 195 26.06 33.15 9.77
N LEU D 196 26.86 32.93 8.76
CA LEU D 196 27.38 31.60 8.55
C LEU D 196 28.67 31.42 9.36
N SER D 197 28.57 31.72 10.65
CA SER D 197 29.69 31.62 11.58
C SER D 197 29.10 31.45 12.97
N ARG D 198 28.04 32.22 13.22
CA ARG D 198 27.44 32.44 14.55
C ARG D 198 27.52 31.34 15.66
N ARG D 199 26.54 30.43 15.69
CA ARG D 199 26.23 29.61 16.86
C ARG D 199 24.87 30.09 17.41
N THR D 200 24.47 31.30 17.03
CA THR D 200 23.09 31.73 17.26
C THR D 200 22.20 31.45 16.03
N LYS D 201 21.44 32.46 15.60
CA LYS D 201 20.73 32.36 14.36
C LYS D 201 21.81 32.01 13.34
N ASN D 202 22.22 30.74 13.31
CA ASN D 202 23.30 30.24 12.43
C ASN D 202 23.08 30.22 10.92
N ASN D 203 22.16 29.39 10.43
CA ASN D 203 22.01 29.19 8.99
C ASN D 203 21.26 30.32 8.29
N PRO D 204 21.92 31.02 7.34
CA PRO D 204 21.35 32.21 6.67
C PRO D 204 20.28 31.89 5.62
N VAL D 205 19.18 32.63 5.66
CA VAL D 205 18.09 32.48 4.69
C VAL D 205 18.07 33.69 3.78
N LEU D 206 18.21 33.43 2.48
CA LEU D 206 18.37 34.48 1.47
C LEU D 206 17.03 34.99 0.92
N ILE D 207 16.49 36.02 1.55
CA ILE D 207 15.22 36.56 1.09
C ILE D 207 15.45 37.76 0.23
N GLY D 208 14.81 37.75 -0.93
CA GLY D 208 14.73 38.91 -1.80
C GLY D 208 13.85 38.58 -2.98
N GLU D 209 13.27 39.58 -3.60
CA GLU D 209 12.49 39.29 -4.79
C GLU D 209 13.35 38.43 -5.73
N PRO D 210 12.78 37.30 -6.20
CA PRO D 210 13.39 36.14 -6.89
C PRO D 210 14.44 36.47 -7.93
N GLY D 211 15.10 35.45 -8.46
CA GLY D 211 16.25 35.63 -9.34
C GLY D 211 17.44 34.77 -8.95
N VAL D 212 18.68 35.17 -9.29
CA VAL D 212 19.05 36.40 -10.01
C VAL D 212 18.52 37.79 -9.49
N GLY D 213 19.28 38.43 -8.59
CA GLY D 213 20.60 37.97 -8.23
C GLY D 213 20.70 36.62 -7.52
N LYS D 214 20.03 36.52 -6.37
CA LYS D 214 20.10 35.41 -5.39
C LYS D 214 21.03 34.21 -5.60
N THR D 215 20.88 33.46 -6.69
CA THR D 215 21.81 32.36 -6.88
C THR D 215 23.27 32.89 -6.91
N ALA D 216 23.45 34.16 -7.27
CA ALA D 216 24.80 34.70 -7.39
C ALA D 216 25.54 34.99 -6.06
N ILE D 217 24.77 35.17 -4.99
CA ILE D 217 25.33 35.36 -3.64
C ILE D 217 26.11 34.12 -3.15
N ALA D 218 25.57 32.92 -3.37
CA ALA D 218 26.23 31.68 -2.93
C ALA D 218 27.42 31.31 -3.80
N GLU D 219 27.36 31.80 -5.04
CA GLU D 219 28.45 31.62 -6.01
C GLU D 219 29.53 32.55 -5.59
N GLY D 220 29.13 33.52 -4.77
CA GLY D 220 30.00 34.33 -3.94
C GLY D 220 30.81 33.59 -2.88
N LEU D 221 30.18 33.05 -1.81
CA LEU D 221 30.94 32.35 -0.75
C LEU D 221 31.95 31.46 -1.43
N ALA D 222 31.41 30.55 -2.25
CA ALA D 222 32.22 29.77 -3.15
C ALA D 222 33.48 30.59 -3.54
N GLN D 223 33.32 31.66 -4.33
CA GLN D 223 34.44 32.49 -4.75
C GLN D 223 35.28 32.99 -3.58
N GLN D 224 34.62 33.33 -2.47
CA GLN D 224 35.36 33.91 -1.34
C GLN D 224 36.19 32.90 -0.57
N ILE D 225 35.58 31.83 -0.04
CA ILE D 225 36.41 30.86 0.70
C ILE D 225 37.64 30.46 -0.16
N ILE D 226 37.41 30.18 -1.42
CA ILE D 226 38.50 29.65 -2.22
C ILE D 226 39.67 30.65 -2.44
N ASN D 227 39.40 31.86 -2.90
CA ASN D 227 40.51 32.76 -3.22
C ASN D 227 40.52 34.14 -2.56
N ASN D 228 40.86 34.20 -1.25
CA ASN D 228 40.79 33.10 -0.27
C ASN D 228 40.42 33.70 1.08
N GLU D 229 40.57 35.02 1.20
CA GLU D 229 40.29 35.77 2.43
C GLU D 229 38.93 35.38 3.05
N VAL D 230 38.93 34.65 4.18
CA VAL D 230 37.71 34.32 5.01
C VAL D 230 38.06 33.85 6.46
N PRO D 231 37.06 33.50 7.34
CA PRO D 231 37.63 33.61 8.68
C PRO D 231 37.36 32.46 9.68
N GLU D 232 36.51 32.86 10.64
CA GLU D 232 36.00 32.01 11.70
C GLU D 232 35.81 30.61 11.15
N ILE D 233 36.91 29.85 11.13
CA ILE D 233 36.96 28.52 10.55
C ILE D 233 35.99 28.36 9.37
N LEU D 234 36.48 28.35 8.13
CA LEU D 234 35.61 28.11 6.97
C LEU D 234 36.31 27.49 5.76
N ARG D 235 37.62 27.24 5.86
CA ARG D 235 38.34 26.64 4.74
C ARG D 235 38.01 25.17 4.45
N ASP D 236 38.55 24.70 3.31
CA ASP D 236 38.13 23.49 2.59
C ASP D 236 36.64 23.20 2.85
N LYS D 237 35.79 24.14 2.45
CA LYS D 237 34.33 23.98 2.54
C LYS D 237 33.63 24.16 1.19
N ARG D 238 32.90 23.13 0.77
CA ARG D 238 32.15 23.15 -0.47
C ARG D 238 30.82 23.88 -0.23
N VAL D 239 30.33 24.57 -1.28
CA VAL D 239 28.92 24.93 -1.38
C VAL D 239 28.23 24.05 -2.45
N MET D 240 27.22 23.28 -2.04
CA MET D 240 26.57 22.39 -2.99
C MET D 240 25.12 22.84 -3.16
N THR D 241 24.51 22.38 -4.27
CA THR D 241 23.25 22.95 -4.82
C THR D 241 21.99 22.07 -5.21
N LEU D 242 21.33 22.51 -6.29
CA LEU D 242 19.93 22.20 -6.65
C LEU D 242 19.01 21.98 -5.45
N GLU D 253 12.59 11.32 -4.51
CA GLU D 253 12.40 10.95 -3.11
C GLU D 253 13.02 9.59 -2.78
N ASP D 254 13.11 8.71 -3.79
CA ASP D 254 13.68 7.38 -3.61
C ASP D 254 15.21 7.38 -3.54
N ARG D 255 15.77 8.49 -3.09
CA ARG D 255 17.21 8.66 -2.93
C ARG D 255 17.43 9.69 -1.82
N LEU D 256 16.34 10.00 -1.11
CA LEU D 256 16.22 11.09 -0.11
C LEU D 256 17.40 11.37 0.85
N LYS D 257 17.12 11.09 2.11
CA LYS D 257 18.10 11.26 3.19
C LYS D 257 19.27 10.32 2.96
N LYS D 258 19.20 9.51 1.89
CA LYS D 258 20.27 8.62 1.47
C LYS D 258 21.62 9.33 1.47
N VAL D 259 21.83 10.16 0.45
CA VAL D 259 23.08 10.90 0.33
C VAL D 259 23.37 11.74 1.58
N MET D 260 22.33 12.25 2.23
CA MET D 260 22.49 13.12 3.41
C MET D 260 23.28 12.51 4.58
N ASP D 261 23.49 11.21 4.58
CA ASP D 261 24.32 10.62 5.62
C ASP D 261 25.81 10.67 5.35
N GLU D 262 26.20 10.82 4.09
CA GLU D 262 27.61 11.07 3.76
C GLU D 262 28.11 12.39 4.40
N ILE D 263 27.25 13.03 5.19
CA ILE D 263 27.52 14.36 5.79
C ILE D 263 27.58 14.35 7.33
N ARG D 264 26.66 13.64 7.93
CA ARG D 264 26.76 13.40 9.35
C ARG D 264 28.08 12.62 9.64
N GLN D 265 28.86 12.39 8.58
CA GLN D 265 30.17 11.71 8.64
C GLN D 265 31.26 12.43 7.84
N ALA D 266 31.45 13.72 8.13
CA ALA D 266 32.37 14.62 7.43
C ALA D 266 31.59 15.90 7.09
N GLY D 267 32.09 17.07 7.50
CA GLY D 267 31.28 18.29 7.46
C GLY D 267 31.89 19.57 6.88
N ASN D 268 32.48 19.45 5.69
CA ASN D 268 33.04 20.60 4.99
C ASN D 268 32.06 21.25 4.02
N ILE D 269 30.80 21.44 4.43
CA ILE D 269 29.76 21.65 3.43
C ILE D 269 28.50 22.47 3.80
N ILE D 270 28.36 23.53 3.02
CA ILE D 270 27.19 24.37 3.03
C ILE D 270 26.26 23.86 1.95
N LEU D 271 24.96 23.75 2.26
CA LEU D 271 23.96 23.43 1.24
C LEU D 271 23.15 24.62 0.69
N PHE D 272 23.10 24.68 -0.63
CA PHE D 272 22.42 25.77 -1.30
C PHE D 272 20.99 25.34 -1.81
N ILE D 273 19.95 25.95 -1.25
CA ILE D 273 18.61 25.43 -1.49
C ILE D 273 17.73 26.22 -2.47
N ASP D 274 16.88 25.49 -3.17
CA ASP D 274 15.98 26.10 -4.14
C ASP D 274 14.61 25.44 -4.12
N ALA D 275 13.72 26.11 -3.40
CA ALA D 275 12.32 25.73 -3.18
C ALA D 275 11.93 26.09 -1.75
N LYS D 284 9.99 21.88 3.87
CA LYS D 284 11.03 21.03 3.27
C LYS D 284 12.07 20.43 4.26
N PRO D 285 12.20 20.99 5.49
CA PRO D 285 13.35 20.72 6.37
C PRO D 285 13.52 19.30 6.93
N SER D 286 14.46 18.53 6.39
CA SER D 286 14.80 17.24 6.98
C SER D 286 15.63 17.51 8.22
N LEU D 287 15.83 18.80 8.48
CA LEU D 287 16.10 19.28 9.82
C LEU D 287 17.57 19.24 10.31
N ALA D 288 17.93 20.27 11.09
CA ALA D 288 19.18 20.36 11.85
C ALA D 288 19.39 19.22 12.86
N ARG D 289 19.15 17.99 12.41
CA ARG D 289 19.45 16.79 13.19
C ARG D 289 20.92 16.82 13.59
N GLY D 290 21.61 17.86 13.14
CA GLY D 290 23.00 18.10 13.45
C GLY D 290 23.64 19.18 12.60
N GLU D 291 24.50 18.76 11.67
CA GLU D 291 25.31 19.63 10.82
C GLU D 291 24.44 20.53 9.93
N LEU D 292 24.39 20.20 8.65
CA LEU D 292 23.50 20.86 7.67
C LEU D 292 23.63 22.37 7.53
N GLN D 293 24.66 22.83 6.82
CA GLN D 293 24.74 24.26 6.59
C GLN D 293 24.15 24.64 5.22
N CYS D 294 23.10 25.46 5.25
CA CYS D 294 22.31 25.76 4.05
C CYS D 294 21.95 27.22 3.88
N ILE D 295 21.92 27.68 2.62
CA ILE D 295 21.56 29.06 2.30
C ILE D 295 20.21 29.13 1.61
N GLY D 296 19.32 29.95 2.22
CA GLY D 296 17.90 29.96 1.90
C GLY D 296 17.39 30.64 0.65
N ALA D 297 16.71 29.86 -0.21
CA ALA D 297 16.01 30.40 -1.39
C ALA D 297 14.53 30.63 -1.11
N THR D 298 14.16 31.88 -0.79
CA THR D 298 12.78 32.21 -0.43
C THR D 298 12.38 33.69 -0.50
N THR D 299 11.06 33.91 -0.59
CA THR D 299 10.44 35.22 -0.89
C THR D 299 10.00 36.06 0.30
N LEU D 300 9.81 37.34 0.04
CA LEU D 300 9.52 38.30 1.09
C LEU D 300 8.67 37.61 2.12
N ASP D 301 7.62 36.95 1.64
CA ASP D 301 6.60 36.28 2.46
C ASP D 301 6.90 34.81 2.66
N GLU D 302 7.43 34.14 1.63
CA GLU D 302 7.64 32.70 1.72
C GLU D 302 8.37 32.30 3.01
N TYR D 303 9.26 33.16 3.50
CA TYR D 303 9.96 32.86 4.76
C TYR D 303 9.01 32.87 5.95
N ARG D 304 8.01 33.74 5.91
CA ARG D 304 7.00 33.73 6.95
C ARG D 304 6.19 32.41 6.91
N LYS D 305 6.33 31.67 5.81
CA LYS D 305 5.97 30.24 5.78
C LYS D 305 7.09 29.30 6.30
N TYR D 306 7.70 29.66 7.42
CA TYR D 306 8.58 28.78 8.19
C TYR D 306 8.51 29.23 9.66
N ILE D 307 8.92 30.47 9.95
CA ILE D 307 8.98 30.98 11.33
C ILE D 307 7.63 31.09 12.06
N GLU D 308 6.51 31.07 11.32
CA GLU D 308 5.23 31.14 12.02
C GLU D 308 4.96 29.85 12.78
N LYS D 309 4.93 28.74 12.05
CA LYS D 309 4.82 27.46 12.71
C LYS D 309 6.01 27.37 13.65
N ASP D 310 7.05 28.14 13.34
CA ASP D 310 8.18 28.35 14.24
C ASP D 310 8.82 27.02 14.61
N ALA D 311 9.89 27.04 15.42
CA ALA D 311 10.70 28.23 15.69
C ALA D 311 12.11 27.73 15.50
N ALA D 312 12.28 26.94 14.44
CA ALA D 312 13.58 26.58 13.94
C ALA D 312 14.12 27.84 13.30
N LEU D 313 13.19 28.68 12.88
CA LEU D 313 13.54 29.93 12.24
C LEU D 313 14.32 30.83 13.19
N GLU D 314 13.60 31.54 14.07
CA GLU D 314 14.25 32.46 14.99
C GLU D 314 15.47 31.79 15.62
N ARG D 315 15.58 30.49 15.36
CA ARG D 315 16.72 29.71 15.83
C ARG D 315 17.74 29.52 14.73
N ARG D 316 17.78 28.31 14.18
CA ARG D 316 18.74 27.95 13.13
C ARG D 316 18.72 28.96 12.00
N PHE D 317 17.99 28.65 10.93
CA PHE D 317 17.75 29.55 9.80
C PHE D 317 17.71 31.07 10.26
N GLN D 318 18.24 31.99 9.44
CA GLN D 318 18.16 33.44 9.73
C GLN D 318 18.47 34.31 8.50
N PRO D 319 17.69 35.39 8.32
CA PRO D 319 17.44 36.07 7.05
C PRO D 319 18.41 37.18 6.70
N ILE D 320 18.27 37.63 5.45
CA ILE D 320 19.02 38.75 4.91
C ILE D 320 18.46 39.02 3.52
N GLN D 321 18.48 40.29 3.10
CA GLN D 321 17.78 40.69 1.89
C GLN D 321 18.69 41.01 0.72
N VAL D 322 18.15 40.84 -0.49
CA VAL D 322 18.87 41.14 -1.72
C VAL D 322 18.36 42.48 -2.20
N ASP D 323 19.10 43.54 -1.93
CA ASP D 323 18.80 44.79 -2.57
C ASP D 323 19.02 44.54 -4.06
N GLN D 324 18.31 45.29 -4.89
CA GLN D 324 18.47 45.17 -6.33
C GLN D 324 19.82 45.78 -6.68
N PRO D 325 20.71 44.96 -7.29
CA PRO D 325 22.09 45.30 -7.69
C PRO D 325 22.28 46.71 -8.26
N SER D 326 23.48 47.27 -8.15
CA SER D 326 23.64 48.67 -8.54
C SER D 326 23.39 48.87 -10.03
N VAL D 327 22.48 49.78 -10.36
CA VAL D 327 22.28 50.20 -11.74
C VAL D 327 23.53 50.09 -12.66
N ASP D 328 24.65 50.72 -12.30
CA ASP D 328 25.90 50.61 -13.06
C ASP D 328 26.49 49.19 -13.02
N GLU D 329 26.34 48.55 -11.86
CA GLU D 329 26.78 47.17 -11.68
C GLU D 329 25.92 46.30 -12.55
N SER D 330 24.64 46.68 -12.64
CA SER D 330 23.62 46.05 -13.48
C SER D 330 24.10 45.92 -14.92
N ILE D 331 24.55 47.04 -15.47
CA ILE D 331 25.14 47.09 -16.80
C ILE D 331 26.28 46.09 -17.05
N GLN D 332 27.35 46.20 -16.24
CA GLN D 332 28.53 45.36 -16.45
C GLN D 332 28.29 43.91 -16.01
N ILE D 333 27.04 43.58 -15.69
CA ILE D 333 26.58 42.20 -15.45
C ILE D 333 26.20 41.46 -16.76
N LEU D 334 25.39 42.11 -17.56
CA LEU D 334 25.14 41.62 -18.92
C LEU D 334 26.43 41.39 -19.75
N GLN D 335 27.28 42.40 -19.86
CA GLN D 335 28.43 42.26 -20.75
C GLN D 335 29.14 40.92 -20.53
N GLY D 336 29.07 40.42 -19.30
CA GLY D 336 29.64 39.13 -18.94
C GLY D 336 28.92 37.98 -19.64
N LEU D 337 27.60 38.05 -19.65
CA LEU D 337 26.76 37.08 -20.40
C LEU D 337 26.31 37.52 -21.82
N ARG D 338 26.76 38.73 -22.20
CA ARG D 338 26.75 39.25 -23.59
C ARG D 338 27.38 38.21 -24.53
N ASP D 339 28.66 37.90 -24.29
CA ASP D 339 29.39 36.86 -25.00
C ASP D 339 28.53 35.61 -25.20
N ARG D 340 27.85 35.18 -24.14
CA ARG D 340 27.18 33.89 -24.08
C ARG D 340 25.80 33.85 -24.71
N TYR D 341 25.13 34.99 -24.79
CA TYR D 341 23.96 35.10 -25.64
C TYR D 341 24.34 35.42 -27.05
N GLU D 342 25.59 35.77 -27.31
CA GLU D 342 26.01 35.99 -28.68
C GLU D 342 25.51 34.81 -29.47
N ALA D 343 25.07 33.81 -28.70
CA ALA D 343 24.45 32.57 -29.13
C ALA D 343 23.24 32.70 -30.04
N HIS D 344 22.62 33.87 -30.10
CA HIS D 344 21.48 34.00 -30.99
C HIS D 344 21.71 34.98 -32.16
N HIS D 345 22.81 35.71 -32.14
CA HIS D 345 23.22 36.46 -33.32
C HIS D 345 22.76 37.92 -33.27
N ARG D 346 23.65 38.73 -32.72
CA ARG D 346 23.60 40.19 -32.64
C ARG D 346 24.48 40.77 -31.54
N VAL D 347 24.24 40.31 -30.32
CA VAL D 347 25.11 40.57 -29.20
C VAL D 347 26.12 39.43 -29.33
N SER D 348 27.40 39.64 -29.00
CA SER D 348 27.95 40.83 -28.36
C SER D 348 27.57 42.15 -29.01
N ILE D 349 27.63 43.21 -28.19
CA ILE D 349 27.17 44.55 -28.56
C ILE D 349 25.64 44.63 -28.74
N THR D 350 25.12 45.85 -28.70
CA THR D 350 25.96 46.99 -28.39
C THR D 350 25.89 47.32 -26.91
N ASP D 351 26.99 47.86 -26.40
CA ASP D 351 26.96 48.47 -25.10
C ASP D 351 25.78 49.45 -25.09
N ASP D 352 25.74 50.37 -26.05
CA ASP D 352 24.66 51.34 -26.14
C ASP D 352 23.31 50.63 -26.13
N ALA D 353 23.35 49.32 -26.38
CA ALA D 353 22.14 48.49 -26.39
C ALA D 353 21.73 48.09 -24.99
N ILE D 354 22.69 47.74 -24.15
CA ILE D 354 22.37 47.40 -22.77
C ILE D 354 21.95 48.61 -21.93
N GLU D 355 22.74 49.69 -21.99
CA GLU D 355 22.41 50.92 -21.29
C GLU D 355 20.90 51.04 -21.23
N ALA D 356 20.26 50.81 -22.36
CA ALA D 356 18.82 50.75 -22.43
C ALA D 356 18.32 49.81 -21.37
N ALA D 357 18.26 48.54 -21.72
CA ALA D 357 17.65 47.51 -20.88
C ALA D 357 17.61 47.85 -19.40
N VAL D 358 18.76 48.23 -18.88
CA VAL D 358 18.87 48.41 -17.45
C VAL D 358 18.15 49.65 -16.92
N LYS D 359 18.38 50.79 -17.56
CA LYS D 359 17.82 52.04 -17.07
C LYS D 359 16.31 52.08 -17.24
N LEU D 360 15.83 51.50 -18.33
CA LEU D 360 14.42 51.50 -18.62
C LEU D 360 13.69 50.92 -17.42
N SER D 361 14.23 49.83 -16.92
CA SER D 361 13.57 49.05 -15.90
C SER D 361 13.51 49.73 -14.53
N ASP D 362 14.65 50.23 -14.04
CA ASP D 362 14.70 50.82 -12.71
C ASP D 362 13.57 51.81 -12.35
N ARG D 363 13.13 52.64 -13.30
CA ARG D 363 12.04 53.58 -13.01
C ARG D 363 10.81 53.37 -13.89
N TYR D 364 11.03 53.03 -15.16
CA TYR D 364 9.94 52.73 -16.08
C TYR D 364 9.51 51.28 -15.90
N ILE D 365 8.45 51.06 -15.14
CA ILE D 365 7.98 49.71 -14.77
C ILE D 365 9.07 48.60 -14.83
N SER D 366 9.80 48.42 -13.71
CA SER D 366 9.55 49.00 -12.36
C SER D 366 8.55 48.23 -11.46
N ASP D 367 8.50 46.92 -11.68
CA ASP D 367 7.78 45.98 -10.82
C ASP D 367 8.47 44.62 -10.98
N ARG D 368 9.77 44.60 -10.65
CA ARG D 368 10.60 43.39 -10.55
C ARG D 368 11.82 43.56 -9.58
N PHE D 369 13.02 43.40 -10.11
CA PHE D 369 14.24 43.62 -9.35
C PHE D 369 15.27 44.10 -10.34
N LEU D 370 16.06 45.10 -9.95
CA LEU D 370 16.87 45.83 -10.93
C LEU D 370 17.95 45.10 -11.75
N PRO D 371 18.30 43.82 -11.40
CA PRO D 371 19.18 43.04 -12.28
C PRO D 371 18.42 42.04 -13.14
N ASP D 372 17.33 41.44 -12.64
CA ASP D 372 16.58 40.43 -13.39
C ASP D 372 15.92 41.01 -14.67
N LYS D 373 15.08 42.03 -14.49
CA LYS D 373 14.36 42.70 -15.59
C LYS D 373 15.18 42.85 -16.87
N ALA D 374 16.17 43.75 -16.85
CA ALA D 374 17.02 44.06 -18.01
C ALA D 374 17.25 42.82 -18.91
N ILE D 375 18.02 41.84 -18.42
CA ILE D 375 18.19 40.55 -19.11
C ILE D 375 17.00 40.05 -19.92
N ASP D 376 15.80 40.09 -19.33
CA ASP D 376 14.61 39.54 -19.99
C ASP D 376 14.41 40.29 -21.29
N LEU D 377 14.64 41.60 -21.24
CA LEU D 377 14.37 42.51 -22.35
C LEU D 377 15.18 42.21 -23.59
N ILE D 378 16.47 42.10 -23.37
CA ILE D 378 17.37 41.60 -24.35
C ILE D 378 16.74 40.43 -25.07
N ASP D 379 16.36 39.41 -24.32
CA ASP D 379 15.85 38.19 -24.93
C ASP D 379 14.68 38.46 -25.91
N GLU D 380 13.65 39.18 -25.46
CA GLU D 380 12.58 39.57 -26.38
C GLU D 380 13.29 39.85 -27.67
N ALA D 381 14.17 40.85 -27.63
CA ALA D 381 14.99 41.14 -28.78
C ALA D 381 16.07 40.08 -29.10
N GLY D 382 16.47 39.24 -28.11
CA GLY D 382 17.48 38.15 -28.20
C GLY D 382 17.12 36.94 -29.04
N SER D 383 16.11 37.27 -29.84
CA SER D 383 15.40 36.45 -30.79
C SER D 383 14.74 37.41 -31.77
N LYS D 384 14.00 38.40 -31.23
CA LYS D 384 13.02 39.20 -31.99
C LYS D 384 13.67 39.77 -33.23
N VAL D 385 15.00 39.79 -33.21
CA VAL D 385 15.81 40.19 -34.36
C VAL D 385 16.15 39.01 -35.34
N ARG D 386 16.59 37.84 -34.86
CA ARG D 386 16.74 36.69 -35.76
C ARG D 386 15.35 36.26 -36.28
N LEU D 387 14.32 36.57 -35.48
CA LEU D 387 12.91 36.43 -35.86
C LEU D 387 12.60 37.33 -37.06
N ARG D 388 12.56 38.66 -36.86
CA ARG D 388 12.33 39.63 -37.94
C ARG D 388 13.27 39.42 -39.13
N SER D 389 14.31 38.61 -38.88
CA SER D 389 15.36 38.38 -39.86
C SER D 389 14.93 37.40 -40.91
N PHE D 390 14.14 36.41 -40.49
CA PHE D 390 13.75 35.29 -41.34
C PHE D 390 12.26 35.36 -41.80
N THR D 391 11.74 36.58 -41.87
CA THR D 391 10.37 36.86 -42.32
C THR D 391 10.16 36.68 -43.84
N THR D 392 9.02 37.15 -44.33
CA THR D 392 8.60 36.91 -45.71
C THR D 392 8.56 38.10 -46.66
N PRO D 393 9.25 37.94 -47.80
CA PRO D 393 9.28 38.79 -49.00
C PRO D 393 7.97 39.48 -49.41
N PRO D 394 8.06 40.43 -50.36
CA PRO D 394 7.04 41.43 -50.70
C PRO D 394 5.69 40.87 -51.08
N ASN D 395 5.01 41.59 -51.98
CA ASN D 395 3.78 41.12 -52.58
C ASN D 395 4.02 39.79 -53.31
N LEU D 396 5.16 39.15 -53.00
CA LEU D 396 5.56 37.90 -53.62
C LEU D 396 4.84 36.68 -53.05
N LYS D 397 3.63 36.87 -52.56
CA LYS D 397 2.80 35.76 -52.10
C LYS D 397 2.13 35.01 -53.27
N GLU D 398 1.50 35.76 -54.17
CA GLU D 398 0.66 35.18 -55.23
C GLU D 398 1.38 34.27 -56.22
N LEU D 399 2.68 34.41 -56.39
CA LEU D 399 3.44 33.46 -57.21
C LEU D 399 3.40 32.08 -56.57
N GLU D 400 3.46 32.05 -55.25
CA GLU D 400 3.38 30.78 -54.55
C GLU D 400 2.09 30.10 -54.97
N GLN D 401 0.99 30.87 -54.95
CA GLN D 401 -0.32 30.35 -55.32
C GLN D 401 -0.33 29.85 -56.76
N LYS D 402 0.21 30.66 -57.68
CA LYS D 402 0.33 30.25 -59.07
C LYS D 402 1.10 28.94 -59.11
N LEU D 403 2.36 29.05 -58.72
CA LEU D 403 3.26 27.92 -58.64
C LEU D 403 2.56 26.63 -58.21
N ASP D 404 1.70 26.77 -57.20
CA ASP D 404 1.07 25.61 -56.58
C ASP D 404 0.36 24.78 -57.64
N GLU D 405 -0.63 25.39 -58.31
CA GLU D 405 -1.49 24.67 -59.25
C GLU D 405 -0.76 24.06 -60.45
N VAL D 406 0.36 24.68 -60.83
CA VAL D 406 1.19 24.22 -61.94
C VAL D 406 1.74 22.82 -61.64
N ARG D 407 2.40 22.70 -60.50
CA ARG D 407 2.86 21.43 -59.99
C ARG D 407 1.66 20.50 -60.05
N LYS D 408 0.59 20.89 -59.35
CA LYS D 408 -0.67 20.16 -59.40
C LYS D 408 -1.05 19.79 -60.82
N GLU D 409 -1.10 20.79 -61.70
CA GLU D 409 -1.50 20.57 -63.08
C GLU D 409 -0.56 19.56 -63.69
N LYS D 410 0.71 19.66 -63.29
CA LYS D 410 1.73 18.72 -63.73
C LYS D 410 1.43 17.30 -63.28
N ASP D 411 1.07 17.15 -62.02
CA ASP D 411 0.88 15.81 -61.50
C ASP D 411 -0.21 15.13 -62.32
N ALA D 412 -1.39 15.71 -62.29
CA ALA D 412 -2.57 15.13 -62.93
C ALA D 412 -2.29 14.55 -64.33
N ALA D 413 -1.54 15.30 -65.13
CA ALA D 413 -1.23 14.88 -66.48
C ALA D 413 -0.23 13.71 -66.57
N VAL D 414 0.74 13.67 -65.66
CA VAL D 414 1.75 12.59 -65.68
C VAL D 414 1.16 11.18 -65.43
N GLN D 415 0.11 11.17 -64.61
CA GLN D 415 -0.78 10.03 -64.40
C GLN D 415 -1.92 10.11 -65.43
N SER D 416 -1.54 10.15 -66.70
CA SER D 416 -2.47 10.39 -67.78
C SER D 416 -1.57 10.38 -69.01
N GLN D 417 -0.40 11.01 -68.86
CA GLN D 417 0.81 10.67 -69.60
C GLN D 417 0.76 10.53 -71.15
N GLU D 418 0.65 11.62 -71.91
CA GLU D 418 0.60 13.03 -71.47
C GLU D 418 1.91 13.58 -70.88
N PHE D 419 3.02 12.89 -71.12
CA PHE D 419 4.33 13.33 -70.63
C PHE D 419 4.67 14.71 -71.14
N GLU D 420 4.99 14.76 -72.42
CA GLU D 420 5.30 16.01 -73.06
C GLU D 420 4.31 17.02 -72.52
N LYS D 421 3.01 16.70 -72.63
CA LYS D 421 1.94 17.63 -72.27
C LYS D 421 2.03 18.08 -70.82
N ALA D 422 3.22 17.88 -70.24
CA ALA D 422 3.51 18.01 -68.81
C ALA D 422 4.95 18.41 -68.58
N ALA D 423 5.90 17.51 -68.86
CA ALA D 423 7.27 17.94 -69.06
C ALA D 423 7.31 19.40 -69.53
N SER D 424 6.38 19.76 -70.42
CA SER D 424 6.09 21.18 -70.68
C SER D 424 5.97 21.74 -69.30
N LEU D 425 5.00 21.20 -68.59
CA LEU D 425 4.60 21.69 -67.29
C LEU D 425 5.66 21.60 -66.20
N ARG D 426 6.65 20.71 -66.34
CA ARG D 426 7.78 20.70 -65.41
C ARG D 426 8.77 21.77 -65.78
N ASP D 427 9.17 21.79 -67.06
CA ASP D 427 10.08 22.82 -67.48
C ASP D 427 9.44 24.12 -67.00
N THR D 428 8.10 24.16 -66.98
CA THR D 428 7.34 25.33 -66.54
C THR D 428 7.23 25.54 -65.02
N GLU D 429 7.02 24.49 -64.23
CA GLU D 429 7.02 24.75 -62.81
C GLU D 429 8.39 25.32 -62.43
N GLN D 430 9.45 24.65 -62.89
CA GLN D 430 10.81 25.02 -62.54
C GLN D 430 11.24 26.45 -62.93
N ARG D 431 10.69 27.03 -63.98
CA ARG D 431 11.02 28.41 -64.30
C ARG D 431 10.60 29.24 -63.10
N LEU D 432 9.41 28.96 -62.57
CA LEU D 432 8.92 29.71 -61.39
C LEU D 432 9.69 29.42 -60.10
N ARG D 433 10.20 28.20 -59.94
CA ARG D 433 11.06 27.87 -58.78
C ARG D 433 12.23 28.83 -58.63
N GLU D 434 13.26 28.67 -59.47
CA GLU D 434 14.46 29.49 -59.33
C GLU D 434 14.07 30.96 -59.34
N GLN D 435 12.85 31.23 -59.81
CA GLN D 435 12.27 32.56 -59.81
C GLN D 435 12.11 33.10 -58.39
N VAL D 436 11.24 32.48 -57.61
CA VAL D 436 11.00 32.94 -56.24
C VAL D 436 12.27 32.95 -55.37
N GLU D 437 13.13 31.94 -55.53
CA GLU D 437 14.34 31.84 -54.74
C GLU D 437 15.10 33.15 -54.74
N ASP D 438 15.47 33.61 -55.93
CA ASP D 438 16.22 34.86 -56.05
C ASP D 438 15.51 36.08 -55.45
N THR D 439 14.38 35.87 -54.77
CA THR D 439 13.86 36.89 -53.84
C THR D 439 13.69 36.37 -52.44
N LYS D 440 14.04 35.11 -52.21
CA LYS D 440 14.14 34.57 -50.84
C LYS D 440 15.61 34.44 -50.38
N LYS D 441 16.50 34.06 -51.30
CA LYS D 441 17.95 34.18 -51.12
C LYS D 441 18.32 35.65 -51.25
N SER D 442 17.50 36.41 -51.98
CA SER D 442 17.54 37.88 -51.95
C SER D 442 17.00 38.39 -50.62
N TRP D 443 16.85 37.50 -49.62
CA TRP D 443 16.41 37.96 -48.30
C TRP D 443 17.46 37.84 -47.22
N LYS D 444 18.61 37.29 -47.59
CA LYS D 444 19.80 37.60 -46.85
C LYS D 444 20.12 39.07 -47.13
N GLU D 445 19.41 39.68 -48.08
CA GLU D 445 19.37 41.15 -48.19
C GLU D 445 18.65 41.69 -46.95
N LYS D 446 17.87 40.82 -46.29
CA LYS D 446 17.18 41.24 -45.06
C LYS D 446 17.91 40.89 -43.75
N GLN D 447 18.83 39.93 -43.79
CA GLN D 447 19.65 39.70 -42.61
C GLN D 447 20.41 41.00 -42.31
N GLY D 448 21.14 41.51 -43.31
CA GLY D 448 21.94 42.72 -43.16
C GLY D 448 21.24 43.84 -42.42
N GLN D 449 20.02 44.20 -42.82
CA GLN D 449 19.27 45.29 -42.18
C GLN D 449 18.82 45.05 -40.75
N GLU D 450 19.37 44.02 -40.12
CA GLU D 450 19.12 43.76 -38.70
C GLU D 450 20.10 42.73 -38.05
N ASN D 451 20.66 41.82 -38.84
CA ASN D 451 21.67 40.93 -38.30
C ASN D 451 22.64 41.75 -37.46
N SER D 452 22.78 41.38 -36.19
CA SER D 452 23.71 41.99 -35.24
C SER D 452 23.54 43.49 -35.05
N GLU D 453 22.53 44.06 -35.70
CA GLU D 453 22.08 45.40 -35.36
C GLU D 453 21.42 45.24 -34.00
N VAL D 454 21.49 46.27 -33.16
CA VAL D 454 21.23 46.01 -31.75
C VAL D 454 20.67 47.18 -30.92
N THR D 455 21.17 48.40 -31.18
CA THR D 455 20.95 49.60 -30.34
C THR D 455 19.52 49.75 -29.77
N VAL D 456 19.36 50.66 -28.82
CA VAL D 456 18.08 50.89 -28.20
C VAL D 456 16.92 50.74 -29.18
N ASP D 457 17.14 51.10 -30.45
CA ASP D 457 16.13 50.98 -31.51
C ASP D 457 15.23 49.79 -31.23
N ASP D 458 15.86 48.62 -31.16
CA ASP D 458 15.15 47.36 -30.91
C ASP D 458 14.65 47.24 -29.47
N ILE D 459 15.51 47.51 -28.51
CA ILE D 459 15.13 47.43 -27.10
C ILE D 459 13.80 48.15 -26.81
N ALA D 460 13.76 49.47 -26.83
CA ALA D 460 12.59 50.13 -26.23
C ALA D 460 11.21 49.90 -26.89
N MET D 461 11.16 49.76 -28.21
CA MET D 461 9.89 49.48 -28.88
C MET D 461 9.24 48.28 -28.21
N VAL D 462 10.09 47.34 -27.77
CA VAL D 462 9.69 46.28 -26.86
C VAL D 462 8.68 46.80 -25.84
N VAL D 463 9.06 47.89 -25.18
CA VAL D 463 8.28 48.46 -24.07
C VAL D 463 6.91 49.10 -24.41
N SER D 464 6.78 49.76 -25.57
CA SER D 464 5.51 50.40 -25.95
C SER D 464 4.32 49.56 -25.48
N SER D 465 4.54 48.25 -25.43
CA SER D 465 3.59 47.33 -24.80
C SER D 465 3.59 47.43 -23.27
N TRP D 466 4.67 46.96 -22.63
CA TRP D 466 4.74 46.87 -21.15
C TRP D 466 4.37 48.17 -20.41
N THR D 467 4.31 49.28 -21.15
CA THR D 467 3.71 50.52 -20.67
C THR D 467 2.86 51.14 -21.77
N GLN E 5 53.73 0.93 -26.68
CA GLN E 5 53.38 2.03 -25.79
C GLN E 5 53.39 3.36 -26.54
N LYS E 6 52.43 4.22 -26.22
CA LYS E 6 52.26 5.48 -26.96
C LYS E 6 53.33 6.48 -26.61
N LEU E 7 53.67 7.32 -27.58
CA LEU E 7 54.78 8.24 -27.44
C LEU E 7 54.41 9.66 -27.85
N GLN E 8 53.15 10.04 -27.62
CA GLN E 8 52.71 11.41 -27.87
C GLN E 8 51.56 11.79 -26.92
N PHE E 9 51.70 12.90 -26.18
CA PHE E 9 50.71 13.30 -25.16
C PHE E 9 50.21 14.74 -25.16
N VAL E 10 49.04 14.99 -24.58
CA VAL E 10 48.38 16.28 -24.66
C VAL E 10 48.03 16.69 -23.25
N LEU E 11 48.62 17.78 -22.79
CA LEU E 11 48.44 18.20 -21.41
C LEU E 11 47.80 19.56 -21.29
N ARG E 12 47.03 19.77 -20.22
CA ARG E 12 46.33 21.03 -19.99
C ARG E 12 46.88 21.74 -18.77
N PHE E 13 47.15 23.03 -18.89
CA PHE E 13 47.68 23.82 -17.79
C PHE E 13 46.53 24.69 -17.30
N GLY E 14 46.46 24.92 -16.01
CA GLY E 14 45.36 25.71 -15.47
C GLY E 14 45.51 27.17 -15.79
N ASP E 15 46.70 27.70 -15.55
CA ASP E 15 47.03 29.07 -15.91
C ASP E 15 48.28 29.07 -16.76
N PHE E 16 48.44 30.09 -17.60
CA PHE E 16 49.55 30.10 -18.52
C PHE E 16 50.90 30.05 -17.84
N GLU E 17 51.02 30.76 -16.74
CA GLU E 17 52.33 30.84 -16.11
C GLU E 17 52.87 29.44 -15.82
N ASP E 18 51.97 28.49 -15.64
CA ASP E 18 52.41 27.12 -15.39
C ASP E 18 53.28 26.70 -16.57
N VAL E 19 52.98 27.23 -17.76
CA VAL E 19 53.70 26.79 -18.95
C VAL E 19 55.08 27.39 -18.98
N ILE E 20 55.19 28.68 -18.68
CA ILE E 20 56.48 29.37 -18.65
C ILE E 20 57.36 28.52 -17.78
N SER E 21 56.84 28.17 -16.60
CA SER E 21 57.59 27.42 -15.60
C SER E 21 58.17 26.17 -16.20
N LEU E 22 57.34 25.39 -16.86
CA LEU E 22 57.79 24.18 -17.52
C LEU E 22 58.92 24.49 -18.51
N SER E 23 58.85 25.66 -19.13
CA SER E 23 59.79 25.97 -20.18
C SER E 23 61.17 26.05 -19.61
N LYS E 24 61.28 26.60 -18.41
CA LYS E 24 62.56 26.87 -17.78
C LYS E 24 63.42 25.65 -17.50
N LEU E 25 63.16 24.54 -18.21
CA LEU E 25 63.93 23.30 -18.02
C LEU E 25 64.58 22.77 -19.30
N ASN E 26 64.55 21.46 -19.45
CA ASN E 26 65.10 20.84 -20.65
C ASN E 26 64.05 20.02 -21.37
N VAL E 27 63.69 20.44 -22.56
CA VAL E 27 62.72 19.72 -23.39
C VAL E 27 63.28 18.37 -23.81
N ASN E 28 64.37 18.40 -24.54
CA ASN E 28 65.18 17.22 -24.78
C ASN E 28 64.57 16.18 -25.70
N GLY E 29 65.02 16.19 -26.95
CA GLY E 29 64.59 15.23 -27.94
C GLY E 29 63.09 15.24 -28.04
N SER E 30 62.52 16.36 -27.65
CA SER E 30 61.09 16.43 -27.52
C SER E 30 60.54 17.50 -28.40
N LYS E 31 59.89 17.10 -29.49
CA LYS E 31 59.13 18.03 -30.29
C LYS E 31 57.90 18.35 -29.48
N THR E 32 57.42 19.59 -29.55
CA THR E 32 56.29 20.03 -28.75
C THR E 32 55.53 21.24 -29.31
N THR E 33 54.21 21.24 -29.16
CA THR E 33 53.34 22.24 -29.79
C THR E 33 52.23 22.71 -28.88
N LEU E 34 51.88 23.98 -28.91
CA LEU E 34 51.03 24.57 -27.86
C LEU E 34 49.79 25.30 -28.32
N TYR E 35 48.65 24.83 -27.87
CA TYR E 35 47.35 25.36 -28.27
C TYR E 35 46.66 26.14 -27.14
N SER E 36 45.67 26.94 -27.51
CA SER E 36 44.82 27.67 -26.59
C SER E 36 43.38 27.27 -26.88
N PHE E 37 42.64 26.87 -25.85
CA PHE E 37 41.33 26.26 -26.01
C PHE E 37 40.51 26.23 -24.70
N GLU E 38 39.24 26.66 -24.75
CA GLU E 38 38.46 26.85 -23.54
C GLU E 38 39.19 27.72 -22.52
N ASN E 39 39.87 28.75 -23.00
CA ASN E 39 40.63 29.64 -22.13
C ASN E 39 41.84 29.01 -21.44
N ARG E 40 41.81 27.68 -21.27
CA ARG E 40 42.94 26.94 -20.71
C ARG E 40 43.91 26.55 -21.82
N TYR E 41 45.21 26.48 -21.54
CA TYR E 41 46.20 26.15 -22.57
C TYR E 41 46.59 24.67 -22.54
N TYR E 42 46.43 24.01 -23.66
CA TYR E 42 46.81 22.62 -23.81
C TYR E 42 48.22 22.63 -24.45
N LEU E 43 49.04 21.61 -24.18
CA LEU E 43 50.39 21.50 -24.78
C LEU E 43 50.64 20.07 -25.27
N TYR E 44 51.14 19.92 -26.49
CA TYR E 44 51.18 18.61 -27.15
C TYR E 44 52.61 18.16 -27.39
N VAL E 45 53.02 17.15 -26.62
CA VAL E 45 54.36 16.58 -26.59
C VAL E 45 54.55 15.32 -27.46
N ASP E 46 55.68 15.24 -28.18
CA ASP E 46 55.93 14.17 -29.13
C ASP E 46 57.36 13.65 -29.01
N PHE E 47 57.51 12.50 -28.37
CA PHE E 47 58.82 11.91 -28.22
C PHE E 47 59.12 11.05 -29.40
N CYS E 48 60.24 11.33 -30.04
CA CYS E 48 60.73 10.47 -31.09
C CYS E 48 61.63 9.45 -30.45
N ASN E 49 61.38 8.18 -30.70
CA ASN E 49 62.24 7.12 -30.21
C ASN E 49 62.80 7.33 -28.83
N MET E 50 62.18 6.70 -27.85
CA MET E 50 62.71 6.63 -26.50
C MET E 50 62.24 5.35 -25.93
N THR E 51 63.00 4.79 -25.01
CA THR E 51 62.58 3.57 -24.36
C THR E 51 61.34 3.87 -23.56
N ASP E 52 60.46 2.89 -23.40
CA ASP E 52 59.26 3.11 -22.60
C ASP E 52 59.66 3.60 -21.23
N GLU E 53 60.64 2.94 -20.61
CA GLU E 53 61.10 3.38 -19.31
C GLU E 53 61.49 4.85 -19.40
N GLU E 54 62.13 5.22 -20.51
CA GLU E 54 62.62 6.59 -20.68
C GLU E 54 61.48 7.58 -20.81
N VAL E 55 60.33 7.14 -21.29
CA VAL E 55 59.23 8.08 -21.49
C VAL E 55 58.32 8.16 -20.29
N GLU E 56 57.96 7.02 -19.71
CA GLU E 56 57.18 7.06 -18.49
C GLU E 56 57.92 7.95 -17.51
N ASN E 57 59.23 7.82 -17.49
CA ASN E 57 60.07 8.75 -16.73
C ASN E 57 59.74 10.20 -17.07
N GLN E 58 60.26 10.69 -18.20
CA GLN E 58 60.13 12.10 -18.59
C GLN E 58 58.73 12.64 -18.34
N LEU E 59 57.70 11.93 -18.78
CA LEU E 59 56.33 12.40 -18.59
C LEU E 59 56.03 12.73 -17.13
N SER E 60 56.68 12.01 -16.23
CA SER E 60 56.49 12.30 -14.83
C SER E 60 56.64 13.78 -14.65
N ILE E 61 57.83 14.29 -14.95
CA ILE E 61 58.14 15.70 -14.72
C ILE E 61 57.01 16.57 -15.22
N LEU E 62 56.62 16.35 -16.47
CA LEU E 62 55.69 17.25 -17.09
C LEU E 62 54.50 17.42 -16.20
N LEU E 63 54.04 16.33 -15.61
CA LEU E 63 52.81 16.45 -14.85
C LEU E 63 52.99 16.97 -13.42
N GLU E 64 54.17 17.49 -13.10
CA GLU E 64 54.33 18.32 -11.92
C GLU E 64 53.77 19.68 -12.27
N TYR E 65 53.80 19.98 -13.57
CA TYR E 65 53.37 21.28 -14.07
C TYR E 65 52.01 21.26 -14.85
N ALA E 66 51.59 20.09 -15.32
CA ALA E 66 50.25 19.94 -15.90
C ALA E 66 49.46 18.73 -15.37
N THR E 67 48.36 18.45 -16.06
CA THR E 67 47.64 17.21 -15.92
C THR E 67 47.45 16.74 -17.36
N GLU E 68 47.00 15.50 -17.57
CA GLU E 68 46.93 14.87 -18.90
C GLU E 68 45.49 14.87 -19.42
N SER E 69 45.19 15.61 -20.49
CA SER E 69 43.77 15.76 -20.83
C SER E 69 43.33 14.70 -21.75
N SER E 70 42.11 14.21 -21.46
CA SER E 70 41.46 13.16 -22.19
C SER E 70 41.17 13.61 -23.63
N ILE E 71 41.54 14.85 -23.92
CA ILE E 71 41.13 15.50 -25.17
C ILE E 71 41.71 14.89 -26.43
N SER E 72 40.81 14.54 -27.34
CA SER E 72 41.24 14.04 -28.63
C SER E 72 42.16 15.05 -29.28
N ILE E 73 43.37 14.64 -29.60
CA ILE E 73 44.33 15.60 -30.09
C ILE E 73 43.88 16.28 -31.36
N HIS E 74 43.08 15.60 -32.18
CA HIS E 74 42.67 16.15 -33.49
C HIS E 74 41.61 17.22 -33.33
N ARG E 75 40.98 17.25 -32.14
CA ARG E 75 40.00 18.27 -31.84
C ARG E 75 40.77 19.55 -31.86
N LEU E 76 41.93 19.55 -31.21
CA LEU E 76 42.80 20.72 -31.26
C LEU E 76 43.27 21.09 -32.70
N GLU E 77 43.90 20.15 -33.40
CA GLU E 77 44.43 20.44 -34.71
C GLU E 77 43.38 21.11 -35.58
N GLU E 78 42.12 20.72 -35.41
CA GLU E 78 41.02 21.41 -36.09
C GLU E 78 40.57 22.61 -35.29
N TYR E 79 39.72 22.39 -34.30
CA TYR E 79 39.03 23.47 -33.58
C TYR E 79 39.83 24.26 -32.47
N GLY E 80 41.15 24.14 -32.44
CA GLY E 80 41.90 24.81 -31.40
C GLY E 80 42.27 26.24 -31.73
N LYS E 81 43.39 26.69 -31.16
CA LYS E 81 44.05 27.95 -31.51
C LYS E 81 45.54 27.76 -31.34
N LEU E 82 46.25 27.62 -32.46
CA LEU E 82 47.68 27.36 -32.42
C LEU E 82 48.37 28.58 -31.83
N ILE E 83 49.44 28.34 -31.08
CA ILE E 83 50.24 29.42 -30.56
C ILE E 83 51.74 29.24 -30.87
N ILE E 84 52.27 28.03 -30.72
CA ILE E 84 53.65 27.77 -31.10
C ILE E 84 53.77 26.34 -31.60
N SER E 85 54.42 26.15 -32.75
CA SER E 85 54.65 24.82 -33.33
C SER E 85 55.97 24.13 -32.97
N GLU E 86 55.94 22.82 -32.95
CA GLU E 86 57.13 21.99 -32.87
C GLU E 86 58.09 22.30 -31.73
N HIS E 87 58.46 23.56 -31.59
CA HIS E 87 59.37 23.96 -30.54
C HIS E 87 58.69 24.86 -29.53
N ALA E 88 57.55 24.40 -29.04
CA ALA E 88 56.66 25.20 -28.19
C ALA E 88 57.30 25.60 -26.88
N LEU E 89 57.95 24.66 -26.24
CA LEU E 89 58.58 24.99 -24.98
C LEU E 89 59.65 26.01 -25.29
N GLU E 90 60.58 25.58 -26.11
CA GLU E 90 61.77 26.34 -26.43
C GLU E 90 61.48 27.85 -26.53
N THR E 91 60.37 28.19 -27.16
CA THR E 91 60.02 29.59 -27.48
C THR E 91 59.66 30.37 -26.24
N ILE E 92 58.93 29.76 -25.32
CA ILE E 92 58.51 30.52 -24.18
C ILE E 92 59.69 30.82 -23.32
N LYS E 93 60.69 29.95 -23.35
CA LYS E 93 61.88 30.15 -22.55
C LYS E 93 62.60 31.40 -23.00
N LYS E 94 62.66 31.61 -24.31
CA LYS E 94 63.25 32.80 -24.90
C LYS E 94 62.64 34.08 -24.34
N HIS E 95 61.37 34.31 -24.63
CA HIS E 95 60.70 35.55 -24.25
C HIS E 95 60.25 35.68 -22.79
N PHE E 96 60.62 34.74 -21.90
CA PHE E 96 60.07 34.79 -20.54
C PHE E 96 61.02 34.51 -19.36
N ALA E 97 61.95 33.58 -19.49
CA ALA E 97 62.90 33.36 -18.42
C ALA E 97 63.88 34.51 -18.37
N SER E 98 63.63 35.49 -17.51
CA SER E 98 64.47 36.67 -17.42
C SER E 98 64.49 37.46 -18.72
N MET F 2 53.64 25.42 3.02
CA MET F 2 52.42 25.45 3.81
C MET F 2 51.27 26.23 3.15
N PHE F 3 50.15 26.28 3.86
CA PHE F 3 48.88 26.77 3.37
C PHE F 3 47.92 26.72 4.56
N GLY F 4 48.49 26.65 5.75
CA GLY F 4 47.71 26.61 6.97
C GLY F 4 48.59 26.34 8.18
N ARG F 5 48.19 25.37 9.00
CA ARG F 5 49.00 24.95 10.15
C ARG F 5 48.97 23.44 10.36
N PHE F 6 50.15 22.87 10.52
CA PHE F 6 50.33 21.43 10.67
C PHE F 6 51.17 21.21 11.92
N THR F 7 51.65 19.98 12.13
CA THR F 7 52.52 19.71 13.27
C THR F 7 53.82 20.40 13.02
N GLU F 8 54.68 20.46 14.03
CA GLU F 8 56.06 20.77 13.77
C GLU F 8 56.44 19.84 12.63
N ARG F 9 56.41 18.55 12.94
CA ARG F 9 56.79 17.50 12.02
C ARG F 9 56.32 17.78 10.62
N ALA F 10 55.08 18.15 10.47
CA ALA F 10 54.63 18.57 9.17
C ALA F 10 55.50 19.75 8.79
N GLN F 11 55.24 20.92 9.40
CA GLN F 11 55.96 22.16 9.01
C GLN F 11 57.46 21.95 8.77
N LYS F 12 58.09 21.12 9.58
CA LYS F 12 59.52 20.85 9.40
C LYS F 12 59.73 20.06 8.13
N VAL F 13 58.93 19.03 7.93
CA VAL F 13 59.09 18.23 6.73
C VAL F 13 58.87 19.08 5.49
N LEU F 14 57.99 20.07 5.55
CA LEU F 14 57.69 20.89 4.37
C LEU F 14 58.84 21.83 4.03
N ALA F 15 59.28 22.60 5.00
CA ALA F 15 60.42 23.48 4.78
C ALA F 15 61.59 22.63 4.35
N LEU F 16 61.60 21.40 4.86
CA LEU F 16 62.65 20.43 4.58
C LEU F 16 62.65 20.04 3.09
N ALA F 17 61.50 20.09 2.44
CA ALA F 17 61.49 19.89 1.02
C ALA F 17 62.38 20.98 0.44
N GLN F 18 62.18 22.21 0.85
CA GLN F 18 62.97 23.31 0.30
C GLN F 18 64.44 23.07 0.54
N GLU F 19 64.78 22.65 1.76
CA GLU F 19 66.18 22.38 2.06
C GLU F 19 66.69 21.54 0.91
N GLU F 20 65.89 20.55 0.53
CA GLU F 20 66.24 19.72 -0.59
C GLU F 20 65.98 20.42 -1.92
N ALA F 21 65.11 21.42 -1.96
CA ALA F 21 64.91 22.13 -3.20
C ALA F 21 66.26 22.52 -3.74
N LEU F 22 67.02 23.17 -2.88
CA LEU F 22 68.27 23.78 -3.28
C LEU F 22 69.45 22.80 -3.28
N ARG F 23 69.53 21.94 -2.28
CA ARG F 23 70.65 20.98 -2.17
C ARG F 23 70.95 20.31 -3.50
N LEU F 24 70.02 20.43 -4.45
CA LEU F 24 70.20 19.86 -5.77
C LEU F 24 70.14 20.97 -6.81
N GLY F 25 69.70 22.15 -6.38
CA GLY F 25 69.79 23.33 -7.21
C GLY F 25 68.58 23.62 -8.06
N HIS F 26 67.61 22.72 -8.02
CA HIS F 26 66.39 22.90 -8.82
C HIS F 26 65.69 24.17 -8.41
N ASN F 27 64.62 24.52 -9.11
CA ASN F 27 64.04 25.83 -8.94
C ASN F 27 62.61 25.80 -8.47
N ASN F 28 61.92 24.71 -8.73
CA ASN F 28 60.58 24.53 -8.17
C ASN F 28 60.56 23.27 -7.34
N ILE F 29 59.97 23.32 -6.15
CA ILE F 29 59.88 22.10 -5.33
C ILE F 29 58.63 21.32 -5.64
N GLY F 30 58.80 20.18 -6.29
CA GLY F 30 57.66 19.42 -6.77
C GLY F 30 57.29 18.35 -5.79
N THR F 31 56.44 17.43 -6.20
CA THR F 31 56.13 16.34 -5.30
C THR F 31 57.38 15.56 -4.91
N GLU F 32 58.42 15.56 -5.75
CA GLU F 32 59.63 14.77 -5.45
C GLU F 32 60.40 15.27 -4.26
N HIS F 33 60.23 16.53 -3.92
CA HIS F 33 60.96 17.13 -2.81
C HIS F 33 60.19 16.98 -1.54
N ILE F 34 58.88 17.02 -1.65
CA ILE F 34 58.07 16.77 -0.50
C ILE F 34 58.40 15.37 -0.02
N LEU F 35 58.56 14.44 -0.94
CA LEU F 35 58.90 13.09 -0.54
C LEU F 35 60.24 13.00 0.16
N LEU F 36 61.28 13.64 -0.38
CA LEU F 36 62.59 13.69 0.28
C LEU F 36 62.41 14.31 1.64
N GLY F 37 61.50 15.27 1.73
CA GLY F 37 61.23 15.97 2.98
C GLY F 37 60.75 15.03 4.05
N LEU F 38 59.89 14.09 3.68
CA LEU F 38 59.33 13.16 4.64
C LEU F 38 60.37 12.14 5.13
N VAL F 39 61.15 11.51 4.23
CA VAL F 39 62.12 10.46 4.64
C VAL F 39 63.36 11.04 5.31
N ARG F 40 63.50 12.35 5.23
CA ARG F 40 64.68 13.03 5.73
C ARG F 40 64.48 13.68 7.09
N GLU F 41 63.24 13.76 7.55
CA GLU F 41 62.98 14.12 8.93
C GLU F 41 62.85 12.85 9.72
N GLY F 42 63.02 11.74 9.00
CA GLY F 42 63.25 10.41 9.58
C GLY F 42 62.51 9.96 10.83
N GLU F 43 61.64 10.81 11.37
CA GLU F 43 60.98 10.53 12.63
C GLU F 43 59.45 10.68 12.59
N GLY F 44 58.92 11.35 11.57
CA GLY F 44 57.47 11.43 11.41
C GLY F 44 56.84 10.07 11.12
N ILE F 45 55.53 9.95 11.29
CA ILE F 45 54.87 8.68 11.00
C ILE F 45 55.10 8.35 9.55
N ALA F 46 55.07 9.42 8.77
CA ALA F 46 55.35 9.36 7.36
C ALA F 46 56.78 8.86 7.19
N ALA F 47 57.70 9.48 7.89
CA ALA F 47 59.07 9.05 7.81
C ALA F 47 59.15 7.58 8.16
N LYS F 48 58.44 7.18 9.23
CA LYS F 48 58.53 5.83 9.74
C LYS F 48 58.05 4.84 8.70
N ALA F 49 56.95 5.16 8.04
CA ALA F 49 56.42 4.25 7.05
C ALA F 49 57.41 3.93 5.96
N LEU F 50 58.00 4.95 5.37
CA LEU F 50 58.93 4.76 4.27
C LEU F 50 60.02 3.80 4.67
N GLN F 51 60.44 3.87 5.93
CA GLN F 51 61.47 2.97 6.44
C GLN F 51 60.98 1.54 6.33
N ALA F 52 59.67 1.37 6.18
CA ALA F 52 59.08 0.05 6.09
C ALA F 52 59.18 -0.52 4.71
N LEU F 53 58.68 0.22 3.73
CA LEU F 53 58.66 -0.29 2.36
C LEU F 53 60.05 -0.64 1.84
N GLY F 54 61.08 -0.19 2.53
CA GLY F 54 62.44 -0.41 2.09
C GLY F 54 62.96 0.80 1.36
N LEU F 55 62.60 1.97 1.84
CA LEU F 55 62.92 3.21 1.17
C LEU F 55 63.60 4.22 2.05
N GLY F 56 64.87 4.01 2.35
CA GLY F 56 65.65 5.00 3.07
C GLY F 56 65.94 6.19 2.17
N SER F 57 66.46 7.27 2.75
CA SER F 57 66.87 8.41 1.95
C SER F 57 67.87 7.98 0.86
N GLU F 58 68.72 7.02 1.18
CA GLU F 58 69.71 6.53 0.25
C GLU F 58 69.08 6.09 -1.07
N LYS F 59 68.16 5.13 -1.01
CA LYS F 59 67.55 4.54 -2.20
C LYS F 59 66.78 5.54 -3.02
N ILE F 60 66.11 6.46 -2.34
CA ILE F 60 65.26 7.44 -3.02
C ILE F 60 66.05 8.50 -3.79
N GLN F 61 66.85 9.27 -3.07
CA GLN F 61 67.56 10.35 -3.69
C GLN F 61 68.33 9.88 -4.93
N LYS F 62 68.77 8.62 -4.95
CA LYS F 62 69.47 8.10 -6.11
C LYS F 62 68.55 8.02 -7.31
N GLU F 63 67.33 7.54 -7.11
CA GLU F 63 66.38 7.55 -8.21
C GLU F 63 66.15 8.99 -8.63
N VAL F 64 65.84 9.86 -7.66
CA VAL F 64 65.57 11.26 -8.00
C VAL F 64 66.73 11.94 -8.80
N GLU F 65 67.94 11.96 -8.28
CA GLU F 65 69.03 12.53 -9.05
C GLU F 65 69.19 11.83 -10.39
N SER F 66 68.73 10.58 -10.47
CA SER F 66 68.81 9.84 -11.72
C SER F 66 67.71 10.24 -12.66
N LEU F 67 66.94 11.26 -12.27
CA LEU F 67 65.90 11.81 -13.14
C LEU F 67 65.81 13.34 -13.15
N ILE F 68 66.80 14.04 -12.60
CA ILE F 68 66.79 15.50 -12.65
C ILE F 68 68.17 16.13 -12.55
N GLY F 69 68.89 15.83 -11.48
CA GLY F 69 70.25 16.31 -11.31
C GLY F 69 70.36 17.82 -11.29
N ARG F 70 71.59 18.31 -11.16
CA ARG F 70 71.85 19.74 -11.10
C ARG F 70 71.14 20.51 -12.20
N GLY F 71 70.89 21.79 -11.96
CA GLY F 71 71.29 22.41 -10.70
C GLY F 71 71.54 23.90 -10.85
N GLN F 72 70.71 24.55 -11.65
CA GLN F 72 70.79 26.00 -11.81
C GLN F 72 70.59 26.62 -10.43
N GLU F 73 71.70 27.00 -9.81
CA GLU F 73 71.68 27.56 -8.46
C GLU F 73 70.73 28.75 -8.36
N MET F 74 70.11 29.07 -9.49
CA MET F 74 69.14 30.15 -9.58
C MET F 74 68.56 30.48 -8.22
N SER F 75 67.85 29.54 -7.62
CA SER F 75 67.27 29.73 -6.30
C SER F 75 66.65 31.11 -6.16
N GLN F 76 66.16 31.65 -7.28
CA GLN F 76 65.56 32.96 -7.31
C GLN F 76 64.26 33.00 -6.51
N THR F 77 64.37 32.83 -5.19
CA THR F 77 63.20 32.77 -4.33
C THR F 77 62.16 31.89 -4.99
N ILE F 78 62.23 30.60 -4.72
CA ILE F 78 61.43 29.59 -5.44
C ILE F 78 60.02 29.42 -4.91
N HIS F 79 59.19 28.78 -5.71
CA HIS F 79 57.84 28.40 -5.28
C HIS F 79 57.54 26.94 -5.67
N TYR F 80 56.31 26.52 -5.42
CA TYR F 80 55.94 25.12 -5.56
C TYR F 80 55.72 24.69 -6.97
N THR F 81 55.47 23.40 -7.12
CA THR F 81 54.91 22.87 -8.36
C THR F 81 53.41 23.03 -8.24
N PRO F 82 52.72 23.19 -9.37
CA PRO F 82 51.28 23.24 -9.15
C PRO F 82 50.83 21.90 -8.65
N ARG F 83 51.53 20.83 -9.04
CA ARG F 83 51.16 19.48 -8.58
C ARG F 83 51.25 19.42 -7.09
N ALA F 84 52.45 19.68 -6.59
CA ALA F 84 52.67 19.69 -5.17
C ALA F 84 51.71 20.60 -4.37
N LYS F 85 51.24 21.68 -4.96
CA LYS F 85 50.31 22.57 -4.25
C LYS F 85 48.99 21.84 -4.17
N LYS F 86 48.70 21.03 -5.17
CA LYS F 86 47.56 20.18 -5.09
C LYS F 86 47.81 19.20 -3.98
N VAL F 87 48.99 18.55 -3.98
CA VAL F 87 49.39 17.52 -2.96
C VAL F 87 49.19 18.01 -1.49
N ILE F 88 49.41 19.30 -1.25
CA ILE F 88 49.23 19.91 0.06
C ILE F 88 47.75 20.12 0.30
N GLU F 89 47.05 20.65 -0.69
CA GLU F 89 45.62 20.88 -0.56
C GLU F 89 45.00 19.56 -0.14
N LEU F 90 45.60 18.47 -0.60
CA LEU F 90 45.05 17.13 -0.39
C LEU F 90 45.25 16.59 1.04
N SER F 91 46.48 16.65 1.55
CA SER F 91 46.73 16.17 2.89
C SER F 91 45.73 16.82 3.83
N MET F 92 45.40 18.07 3.59
CA MET F 92 44.41 18.69 4.42
C MET F 92 43.13 17.84 4.42
N ASP F 93 42.82 17.20 3.29
CA ASP F 93 41.56 16.47 3.13
C ASP F 93 41.77 15.05 3.61
N GLU F 94 42.97 14.53 3.40
CA GLU F 94 43.32 13.17 3.90
C GLU F 94 43.37 13.17 5.43
N ALA F 95 42.95 14.28 6.03
CA ALA F 95 42.87 14.40 7.49
C ALA F 95 41.48 14.86 7.98
N ARG F 96 40.78 15.68 7.22
CA ARG F 96 39.36 15.79 7.46
C ARG F 96 38.91 14.33 7.57
N LYS F 97 39.38 13.53 6.63
CA LYS F 97 39.03 12.12 6.55
C LYS F 97 39.76 11.27 7.61
N LEU F 98 39.69 11.69 8.86
CA LEU F 98 40.38 10.97 9.94
C LEU F 98 40.18 11.67 11.27
N GLY F 99 39.34 12.70 11.29
CA GLY F 99 39.05 13.43 12.52
C GLY F 99 40.27 14.10 13.12
N HIS F 100 41.43 13.89 12.49
CA HIS F 100 42.65 14.54 12.91
C HIS F 100 42.51 16.05 12.75
N SER F 101 42.36 16.75 13.87
CA SER F 101 42.09 18.17 13.84
C SER F 101 43.23 18.96 13.18
N TYR F 102 44.38 18.34 13.00
CA TYR F 102 45.52 19.05 12.43
C TYR F 102 46.42 18.16 11.59
N VAL F 103 46.89 18.67 10.46
CA VAL F 103 47.69 17.87 9.52
C VAL F 103 49.09 17.62 10.02
N GLY F 104 49.77 16.64 9.45
CA GLY F 104 51.03 16.21 10.00
C GLY F 104 51.69 15.29 9.04
N THR F 105 52.82 14.72 9.45
CA THR F 105 53.68 13.98 8.54
C THR F 105 52.98 12.90 7.75
N GLU F 106 52.07 12.17 8.39
CA GLU F 106 51.37 11.11 7.70
C GLU F 106 50.53 11.68 6.56
N HIS F 107 49.70 12.66 6.86
CA HIS F 107 48.68 13.13 5.93
C HIS F 107 49.23 13.64 4.61
N ILE F 108 50.41 14.19 4.71
CA ILE F 108 51.10 14.65 3.55
C ILE F 108 51.58 13.48 2.70
N LEU F 109 52.16 12.42 3.29
CA LEU F 109 52.37 11.15 2.58
C LEU F 109 51.04 10.54 2.08
N LEU F 110 49.97 10.72 2.83
CA LEU F 110 48.68 10.23 2.36
C LEU F 110 48.32 11.02 1.14
N GLY F 111 48.32 12.35 1.28
CA GLY F 111 48.03 13.32 0.23
C GLY F 111 48.77 13.13 -1.10
N LEU F 112 50.03 12.65 -1.06
CA LEU F 112 50.85 12.28 -2.25
C LEU F 112 50.29 11.12 -3.05
N ILE F 113 50.03 9.99 -2.41
CA ILE F 113 49.45 8.87 -3.09
C ILE F 113 48.21 9.25 -3.81
N ARG F 114 47.34 10.00 -3.13
CA ARG F 114 46.03 10.33 -3.67
C ARG F 114 46.18 11.01 -5.02
N GLU F 115 47.06 12.02 -5.12
CA GLU F 115 47.32 12.68 -6.41
C GLU F 115 48.57 12.07 -7.14
N GLY F 116 48.51 10.78 -7.36
CA GLY F 116 49.65 10.05 -7.85
C GLY F 116 50.32 10.49 -9.13
N GLU F 117 49.70 11.38 -9.88
CA GLU F 117 50.33 11.82 -11.11
C GLU F 117 51.45 12.77 -10.76
N GLY F 118 52.70 12.38 -11.01
CA GLY F 118 53.80 13.20 -10.54
C GLY F 118 55.08 12.46 -10.24
N VAL F 119 56.11 13.21 -9.84
CA VAL F 119 57.43 12.63 -9.74
C VAL F 119 57.63 11.68 -8.58
N ALA F 120 57.09 12.01 -7.42
CA ALA F 120 57.21 11.07 -6.32
C ALA F 120 56.71 9.73 -6.80
N ALA F 121 55.42 9.69 -7.15
CA ALA F 121 54.77 8.49 -7.59
C ALA F 121 55.63 7.62 -8.47
N ARG F 122 56.33 8.21 -9.42
CA ARG F 122 57.22 7.44 -10.28
C ARG F 122 58.47 6.91 -9.57
N VAL F 123 59.00 7.66 -8.61
CA VAL F 123 60.17 7.18 -7.88
C VAL F 123 59.86 5.78 -7.42
N LEU F 124 58.63 5.61 -6.98
CA LEU F 124 58.27 4.37 -6.35
C LEU F 124 57.78 3.30 -7.32
N ASN F 125 56.94 3.67 -8.29
CA ASN F 125 56.53 2.71 -9.31
C ASN F 125 57.76 2.31 -10.08
N ASN F 126 58.88 2.95 -9.71
CA ASN F 126 60.19 2.64 -10.25
C ASN F 126 60.95 1.84 -9.23
N LEU F 127 60.77 2.19 -7.95
CA LEU F 127 61.34 1.40 -6.89
C LEU F 127 60.43 0.25 -6.51
N GLY F 128 59.77 -0.32 -7.51
CA GLY F 128 58.96 -1.51 -7.30
C GLY F 128 58.13 -1.47 -6.03
N VAL F 129 57.30 -0.44 -5.92
CA VAL F 129 56.50 -0.23 -4.74
C VAL F 129 55.17 0.37 -5.17
N SER F 130 54.30 -0.46 -5.74
CA SER F 130 53.00 0.01 -6.21
C SER F 130 52.42 1.06 -5.27
N LEU F 131 51.44 1.82 -5.72
CA LEU F 131 50.90 2.90 -4.90
C LEU F 131 50.08 2.48 -3.68
N ASN F 132 49.43 1.33 -3.75
CA ASN F 132 48.56 0.94 -2.64
C ASN F 132 49.30 0.25 -1.51
N LYS F 133 50.35 -0.48 -1.85
CA LYS F 133 51.16 -1.13 -0.82
C LYS F 133 51.65 -0.03 0.09
N ALA F 134 51.72 1.17 -0.46
CA ALA F 134 52.19 2.31 0.28
C ALA F 134 51.15 2.98 1.16
N ARG F 135 49.96 3.24 0.65
CA ARG F 135 48.97 3.85 1.53
C ARG F 135 48.67 2.89 2.69
N GLN F 136 48.87 1.62 2.45
CA GLN F 136 48.66 0.64 3.50
C GLN F 136 49.59 0.92 4.67
N GLN F 137 50.89 0.82 4.43
CA GLN F 137 51.89 0.99 5.48
C GLN F 137 51.63 2.17 6.39
N VAL F 138 51.23 3.31 5.86
CA VAL F 138 50.85 4.44 6.71
C VAL F 138 49.62 4.11 7.58
N LEU F 139 48.58 3.54 6.99
CA LEU F 139 47.42 3.14 7.75
C LEU F 139 47.70 2.23 8.95
N GLN F 140 48.43 1.15 8.72
CA GLN F 140 48.67 0.18 9.79
C GLN F 140 49.49 0.78 10.91
N LEU F 141 49.57 2.11 10.94
CA LEU F 141 50.22 2.86 12.04
C LEU F 141 49.35 4.02 12.57
N LEU F 142 48.03 3.82 12.56
CA LEU F 142 47.07 4.75 13.15
C LEU F 142 45.81 3.90 13.44
N GLY F 143 44.99 4.26 14.43
CA GLY F 143 43.74 3.52 14.61
C GLY F 143 42.78 4.00 15.70
N SER F 144 41.51 3.68 15.48
CA SER F 144 40.37 4.00 16.35
C SER F 144 40.55 5.03 17.45
N ASN F 145 39.96 4.73 18.60
CA ASN F 145 40.08 5.54 19.81
C ASN F 145 39.55 4.74 21.01
N GLU F 146 38.35 4.19 20.86
CA GLU F 146 37.75 3.36 21.90
C GLU F 146 37.74 1.90 21.51
N SER F 156 27.07 -1.33 29.26
CA SER F 156 25.76 -1.89 29.61
C SER F 156 24.91 -2.24 28.39
N ASN F 157 24.27 -3.40 28.42
CA ASN F 157 23.62 -3.97 27.24
C ASN F 157 22.50 -3.15 26.59
N ALA F 158 21.41 -2.98 27.31
CA ALA F 158 20.22 -2.35 26.73
C ALA F 158 20.52 -1.02 26.03
N ASN F 159 21.54 -0.31 26.50
CA ASN F 159 21.91 0.99 25.96
C ASN F 159 22.05 0.94 24.45
N THR F 160 22.27 -0.27 23.92
CA THR F 160 22.49 -0.47 22.49
C THR F 160 21.40 0.15 21.61
N PRO F 161 20.23 -0.48 21.58
CA PRO F 161 19.12 0.01 20.74
C PRO F 161 18.93 1.50 20.97
N THR F 162 18.91 1.85 22.26
CA THR F 162 18.69 3.22 22.73
C THR F 162 19.78 4.17 22.30
N LEU F 163 20.89 4.17 23.05
CA LEU F 163 22.01 5.08 22.83
C LEU F 163 22.33 5.16 21.35
N ASP F 164 21.79 4.21 20.60
CA ASP F 164 21.96 4.16 19.16
C ASP F 164 21.32 5.34 18.45
N SER F 165 19.99 5.41 18.50
CA SER F 165 19.22 6.20 17.54
C SER F 165 19.92 7.37 16.80
N LEU F 166 20.11 8.57 17.36
CA LEU F 166 19.60 9.08 18.63
C LEU F 166 20.01 8.26 19.88
N ALA F 167 20.11 8.92 21.03
CA ALA F 167 19.82 10.37 21.18
C ALA F 167 20.56 11.09 22.31
N ARG F 168 21.86 11.28 22.15
CA ARG F 168 22.61 12.16 23.04
C ARG F 168 22.37 11.81 24.51
N ASP F 169 23.24 10.96 25.05
CA ASP F 169 23.12 10.43 26.41
C ASP F 169 23.64 11.43 27.46
N LEU F 170 22.77 12.28 27.98
CA LEU F 170 23.18 13.34 28.92
C LEU F 170 23.97 12.86 30.14
N THR F 171 23.59 11.72 30.68
CA THR F 171 24.37 11.13 31.77
C THR F 171 25.81 10.99 31.27
N ALA F 172 25.95 10.58 30.01
CA ALA F 172 27.26 10.40 29.39
C ALA F 172 28.05 11.70 29.39
N ILE F 173 27.50 12.72 28.75
CA ILE F 173 28.18 14.01 28.66
C ILE F 173 28.46 14.56 30.06
N ALA F 174 27.82 13.96 31.05
CA ALA F 174 28.02 14.37 32.44
C ALA F 174 28.94 13.42 33.21
N LYS F 175 29.34 12.34 32.55
CA LYS F 175 30.26 11.38 33.16
C LYS F 175 31.72 11.85 33.07
N GLU F 176 32.23 12.04 31.86
CA GLU F 176 33.60 12.51 31.67
C GLU F 176 33.72 13.96 32.11
N ASP F 177 32.66 14.47 32.74
CA ASP F 177 32.64 15.84 33.23
C ASP F 177 32.85 16.83 32.09
N SER F 178 32.75 16.33 30.86
CA SER F 178 32.84 17.17 29.67
C SER F 178 31.56 18.00 29.53
N LEU F 179 31.05 18.50 30.65
CA LEU F 179 29.78 19.21 30.66
C LEU F 179 29.86 20.58 31.32
N ASP F 180 29.24 21.57 30.68
CA ASP F 180 29.19 22.94 31.18
C ASP F 180 28.61 22.96 32.60
N PRO F 181 28.63 24.12 33.27
CA PRO F 181 28.16 24.15 34.67
C PRO F 181 26.85 23.38 34.89
N VAL F 182 25.64 23.89 34.60
CA VAL F 182 25.34 25.28 34.28
C VAL F 182 24.58 25.87 35.48
N ILE F 183 24.49 27.19 35.54
CA ILE F 183 24.02 27.92 36.73
C ILE F 183 22.74 27.46 37.39
N GLY F 184 21.70 28.28 37.23
CA GLY F 184 20.40 27.99 37.78
C GLY F 184 19.68 29.22 38.26
N ARG F 185 18.39 29.09 38.59
CA ARG F 185 17.65 27.84 38.43
C ARG F 185 18.32 26.61 39.07
N SER F 186 18.88 26.82 40.27
CA SER F 186 19.43 25.76 41.11
C SER F 186 18.32 25.17 41.99
N LYS F 187 17.50 26.03 42.57
CA LYS F 187 16.28 25.59 43.22
C LYS F 187 15.26 25.10 42.18
N GLU F 188 15.44 25.48 40.93
CA GLU F 188 14.61 24.89 39.90
C GLU F 188 14.97 23.39 39.69
N ILE F 189 16.25 23.05 39.63
CA ILE F 189 16.65 21.66 39.37
C ILE F 189 16.03 20.73 40.42
N GLN F 190 16.00 21.19 41.66
CA GLN F 190 15.50 20.38 42.76
C GLN F 190 14.02 20.04 42.59
N ARG F 191 13.21 21.03 42.23
CA ARG F 191 11.77 20.83 42.11
C ARG F 191 11.44 19.75 41.09
N VAL F 192 12.43 19.42 40.27
CA VAL F 192 12.26 18.36 39.29
C VAL F 192 12.31 16.98 39.96
N ILE F 193 13.15 16.87 40.99
CA ILE F 193 13.41 15.57 41.60
C ILE F 193 12.33 15.12 42.57
N GLU F 194 11.55 16.07 43.09
CA GLU F 194 10.32 15.72 43.78
C GLU F 194 9.34 15.07 42.80
N VAL F 195 9.00 15.83 41.76
CA VAL F 195 8.11 15.41 40.70
C VAL F 195 8.60 14.14 40.02
N LEU F 196 9.76 13.67 40.44
CA LEU F 196 10.40 12.55 39.75
C LEU F 196 10.66 11.40 40.71
N SER F 197 10.61 11.70 42.00
CA SER F 197 10.84 10.71 43.03
C SER F 197 9.50 10.13 43.47
N ARG F 198 8.42 10.56 42.82
CA ARG F 198 7.05 10.21 43.22
C ARG F 198 6.58 8.82 42.80
N ARG F 199 5.25 8.70 42.82
CA ARG F 199 4.54 7.59 42.25
C ARG F 199 3.26 8.17 41.65
N THR F 200 2.78 9.30 42.16
CA THR F 200 1.59 9.97 41.59
C THR F 200 1.92 10.68 40.28
N LYS F 201 2.31 11.95 40.37
CA LYS F 201 2.74 12.68 39.19
C LYS F 201 4.18 12.25 38.86
N ASN F 202 4.34 11.06 38.29
CA ASN F 202 5.67 10.49 38.05
C ASN F 202 6.62 11.40 37.29
N ASN F 203 6.10 12.06 36.23
CA ASN F 203 6.90 12.72 35.20
C ASN F 203 6.70 14.25 35.08
N PRO F 204 7.78 15.06 35.22
CA PRO F 204 7.84 16.54 35.21
C PRO F 204 7.85 17.24 33.84
N VAL F 205 7.41 18.50 33.82
CA VAL F 205 7.19 19.23 32.56
C VAL F 205 7.39 20.72 32.79
N LEU F 206 8.43 21.27 32.17
CA LEU F 206 8.80 22.67 32.39
C LEU F 206 8.19 23.64 31.38
N ILE F 207 7.51 24.66 31.91
CA ILE F 207 6.85 25.63 31.06
C ILE F 207 7.35 27.04 31.37
N GLY F 208 7.79 27.72 30.32
CA GLY F 208 8.24 29.10 30.40
C GLY F 208 8.63 29.52 29.00
N GLU F 209 8.94 30.79 28.78
CA GLU F 209 9.43 31.15 27.46
C GLU F 209 10.62 30.23 27.19
N PRO F 210 10.76 29.78 25.93
CA PRO F 210 11.40 28.51 25.58
C PRO F 210 12.94 28.35 25.49
N GLY F 211 13.76 29.38 25.27
CA GLY F 211 13.58 30.75 25.70
C GLY F 211 14.63 30.88 26.80
N VAL F 212 14.28 30.43 27.99
CA VAL F 212 15.21 30.31 29.08
C VAL F 212 16.03 29.05 28.90
N GLY F 213 16.30 28.71 27.64
CA GLY F 213 17.00 27.48 27.31
C GLY F 213 16.61 26.45 28.36
N LYS F 214 15.32 26.14 28.42
CA LYS F 214 14.83 25.24 29.45
C LYS F 214 15.75 24.05 29.46
N THR F 215 16.12 23.64 28.25
CA THR F 215 16.90 22.44 28.05
C THR F 215 18.10 22.43 28.99
N ALA F 216 18.45 23.60 29.52
CA ALA F 216 19.63 23.75 30.40
C ALA F 216 19.46 23.00 31.73
N ILE F 217 18.28 23.16 32.32
CA ILE F 217 17.97 22.56 33.61
C ILE F 217 18.16 21.05 33.62
N ALA F 218 17.77 20.41 32.52
CA ALA F 218 17.94 18.96 32.36
C ALA F 218 19.37 18.43 32.53
N GLU F 219 20.34 19.13 31.95
CA GLU F 219 21.73 18.73 32.12
C GLU F 219 22.03 18.73 33.62
N GLY F 220 21.22 19.49 34.35
CA GLY F 220 21.30 19.56 35.81
C GLY F 220 21.25 18.21 36.52
N LEU F 221 20.23 17.41 36.22
CA LEU F 221 20.19 16.05 36.77
C LEU F 221 21.46 15.23 36.47
N ALA F 222 21.81 15.10 35.19
CA ALA F 222 23.00 14.33 34.81
C ALA F 222 24.05 14.49 35.90
N GLN F 223 24.45 15.73 36.18
CA GLN F 223 25.50 16.01 37.14
C GLN F 223 25.20 15.56 38.59
N GLN F 224 23.98 15.81 39.05
CA GLN F 224 23.62 15.49 40.44
C GLN F 224 23.25 14.02 40.69
N ILE F 225 22.67 13.36 39.70
CA ILE F 225 22.34 11.95 39.86
C ILE F 225 23.64 11.18 39.95
N ILE F 226 24.65 11.67 39.25
CA ILE F 226 25.96 11.07 39.31
C ILE F 226 26.59 11.29 40.69
N ASN F 227 27.12 12.48 40.94
CA ASN F 227 27.84 12.73 42.18
C ASN F 227 27.24 13.87 43.00
N ASN F 228 26.22 13.57 43.80
CA ASN F 228 25.53 12.28 43.85
C ASN F 228 24.28 12.51 44.67
N GLU F 229 24.12 13.76 45.10
CA GLU F 229 23.02 14.17 45.94
C GLU F 229 21.69 13.90 45.26
N VAL F 230 21.15 12.70 45.46
CA VAL F 230 19.79 12.33 45.02
C VAL F 230 19.40 11.01 45.65
N PRO F 231 18.09 10.80 45.88
CA PRO F 231 17.62 9.60 46.58
C PRO F 231 18.20 8.32 46.01
N GLU F 232 18.44 7.34 46.87
CA GLU F 232 18.86 6.02 46.43
C GLU F 232 17.70 5.45 45.61
N ILE F 233 16.65 6.26 45.52
CA ILE F 233 15.46 5.94 44.73
C ILE F 233 15.68 6.25 43.24
N LEU F 234 16.86 6.79 42.89
CA LEU F 234 17.11 7.27 41.53
C LEU F 234 18.53 7.05 41.05
N ARG F 235 19.42 6.74 41.98
CA ARG F 235 20.79 6.45 41.57
C ARG F 235 20.73 5.42 40.47
N ASP F 236 21.77 5.34 39.65
CA ASP F 236 21.79 4.36 38.57
C ASP F 236 20.63 4.58 37.59
N LYS F 237 20.65 5.72 36.90
CA LYS F 237 19.69 6.03 35.83
C LYS F 237 20.34 6.94 34.78
N ARG F 238 19.59 7.35 33.77
CA ARG F 238 20.18 8.04 32.61
C ARG F 238 19.26 9.08 31.97
N VAL F 239 19.82 10.24 31.64
CA VAL F 239 19.07 11.28 30.96
C VAL F 239 19.34 11.25 29.48
N MET F 240 18.30 11.44 28.67
CA MET F 240 18.46 11.43 27.22
C MET F 240 17.45 12.35 26.48
N THR F 241 17.64 12.57 25.18
CA THR F 241 16.90 13.66 24.50
C THR F 241 16.37 13.34 23.08
N LEU F 242 15.72 14.35 22.47
CA LEU F 242 15.33 14.34 21.05
C LEU F 242 14.59 15.64 20.57
N ASP F 243 13.26 15.73 20.39
CA ASP F 243 12.24 14.68 20.50
C ASP F 243 11.24 14.83 19.36
N MET F 244 9.96 14.59 19.67
CA MET F 244 8.84 14.77 18.74
C MET F 244 8.29 13.48 18.11
N GLY F 245 8.44 13.37 16.79
CA GLY F 245 7.97 12.21 16.05
C GLY F 245 8.46 12.27 14.60
N GLU F 253 11.31 7.73 10.80
CA GLU F 253 10.10 7.38 11.55
C GLU F 253 9.89 5.87 11.60
N ASP F 254 10.40 5.18 10.58
CA ASP F 254 10.21 3.73 10.46
C ASP F 254 10.83 2.95 11.62
N ARG F 255 11.70 3.61 12.38
CA ARG F 255 12.38 3.01 13.53
C ARG F 255 11.43 2.88 14.72
N LEU F 256 10.15 2.73 14.41
CA LEU F 256 9.01 2.77 15.34
C LEU F 256 9.18 2.18 16.77
N LYS F 257 8.20 1.35 17.16
CA LYS F 257 8.15 0.71 18.48
C LYS F 257 9.40 -0.13 18.72
N LYS F 258 10.22 -0.26 17.69
CA LYS F 258 11.43 -1.07 17.71
C LYS F 258 12.33 -0.77 18.91
N VAL F 259 12.96 0.39 18.92
CA VAL F 259 13.87 0.74 20.00
C VAL F 259 13.14 1.03 21.32
N MET F 260 11.91 1.53 21.22
CA MET F 260 11.10 1.75 22.43
C MET F 260 10.76 0.43 23.13
N ASP F 261 10.65 -0.66 22.36
CA ASP F 261 10.52 -1.97 23.00
C ASP F 261 11.86 -2.28 23.66
N GLU F 262 12.95 -1.92 22.98
CA GLU F 262 14.29 -2.10 23.51
C GLU F 262 14.65 -1.08 24.59
N ILE F 263 13.66 -0.66 25.36
CA ILE F 263 13.87 0.22 26.52
C ILE F 263 12.93 -0.06 27.70
N ARG F 264 11.63 -0.20 27.44
CA ARG F 264 10.73 -0.61 28.50
C ARG F 264 11.41 -1.80 29.15
N GLN F 265 12.11 -2.55 28.31
CA GLN F 265 12.94 -3.67 28.74
C GLN F 265 14.29 -3.16 29.27
N ALA F 266 14.20 -2.19 30.19
CA ALA F 266 15.38 -1.59 30.83
C ALA F 266 14.89 -0.35 31.57
N GLY F 267 14.61 -0.51 32.85
CA GLY F 267 13.92 0.53 33.61
C GLY F 267 14.69 1.80 33.90
N ASN F 268 16.02 1.72 33.81
CA ASN F 268 16.89 2.82 34.21
C ASN F 268 16.89 4.01 33.27
N ILE F 269 15.73 4.51 32.90
CA ILE F 269 15.67 5.56 31.88
C ILE F 269 14.66 6.70 32.10
N ILE F 270 15.16 7.90 31.89
CA ILE F 270 14.37 9.13 31.99
C ILE F 270 14.58 9.86 30.65
N LEU F 271 13.58 10.63 30.22
CA LEU F 271 13.59 11.15 28.86
C LEU F 271 13.23 12.62 28.72
N PHE F 272 13.64 13.23 27.63
CA PHE F 272 13.45 14.66 27.40
C PHE F 272 12.75 14.98 26.08
N ILE F 273 11.78 15.90 26.15
CA ILE F 273 10.99 16.21 24.97
C ILE F 273 10.74 17.71 24.79
N ASP F 274 10.30 18.07 23.60
CA ASP F 274 9.95 19.44 23.28
C ASP F 274 9.16 19.41 21.99
N ALA F 275 7.96 18.85 22.07
CA ALA F 275 7.15 18.67 20.89
C ALA F 275 5.86 17.96 21.22
N ILE F 282 5.53 17.10 20.25
CA ILE F 282 4.27 16.39 20.13
C ILE F 282 3.93 15.60 21.38
N LEU F 283 3.17 14.53 21.16
CA LEU F 283 2.69 13.72 22.26
C LEU F 283 3.26 12.34 22.10
N LYS F 284 3.01 11.74 20.94
CA LYS F 284 3.37 10.35 20.69
C LYS F 284 3.22 9.53 21.99
N PRO F 285 2.22 9.87 22.81
CA PRO F 285 2.14 9.38 24.19
C PRO F 285 1.69 7.91 24.38
N SER F 286 2.65 7.02 24.63
CA SER F 286 2.34 5.69 25.14
C SER F 286 2.43 5.75 26.66
N LEU F 287 2.07 6.90 27.17
CA LEU F 287 2.34 7.34 28.54
C LEU F 287 2.12 6.32 29.64
N ALA F 288 2.88 6.47 30.73
CA ALA F 288 2.72 5.67 31.95
C ALA F 288 2.87 4.18 31.72
N ARG F 289 2.62 3.73 30.49
CA ARG F 289 2.65 2.30 30.17
C ARG F 289 3.86 1.64 30.81
N GLY F 290 4.99 1.68 30.13
CA GLY F 290 6.23 1.17 30.70
C GLY F 290 6.80 2.13 31.73
N GLU F 291 8.04 1.90 32.10
CA GLU F 291 8.77 2.83 32.97
C GLU F 291 9.11 4.08 32.17
N LEU F 292 8.52 4.17 30.98
CA LEU F 292 8.70 5.27 30.06
C LEU F 292 8.54 6.62 30.75
N GLN F 293 9.61 7.12 31.39
CA GLN F 293 9.53 8.32 32.22
C GLN F 293 10.13 9.60 31.62
N CYS F 294 9.31 10.66 31.49
CA CYS F 294 9.69 11.87 30.72
C CYS F 294 10.06 13.11 31.53
N ILE F 295 10.69 14.08 30.85
CA ILE F 295 10.75 15.47 31.31
C ILE F 295 10.44 16.34 30.10
N GLY F 296 9.43 17.21 30.26
CA GLY F 296 8.85 17.94 29.14
C GLY F 296 9.18 19.43 29.14
N ALA F 297 9.51 19.93 27.97
CA ALA F 297 9.75 21.34 27.79
C ALA F 297 8.81 21.81 26.72
N THR F 298 7.79 22.55 27.12
CA THR F 298 6.83 23.07 26.15
C THR F 298 6.15 24.37 26.59
N THR F 299 5.82 25.21 25.61
CA THR F 299 5.51 26.62 25.82
C THR F 299 4.55 26.88 26.96
N LEU F 300 4.49 28.14 27.37
CA LEU F 300 3.51 28.62 28.35
C LEU F 300 2.13 28.01 28.10
N ASP F 301 1.75 27.99 26.84
CA ASP F 301 0.40 27.60 26.45
C ASP F 301 0.34 26.18 25.92
N GLU F 302 1.27 25.80 25.05
CA GLU F 302 1.22 24.50 24.38
C GLU F 302 0.78 23.42 25.37
N TYR F 303 1.22 23.55 26.62
CA TYR F 303 0.81 22.60 27.65
C TYR F 303 -0.68 22.72 27.91
N ARG F 304 -1.18 23.94 27.99
CA ARG F 304 -2.62 24.15 28.04
C ARG F 304 -3.24 23.19 27.02
N LYS F 305 -2.58 23.08 25.86
CA LYS F 305 -3.00 22.17 24.78
C LYS F 305 -2.41 20.75 24.87
N TYR F 306 -2.50 20.15 26.07
CA TYR F 306 -2.08 18.76 26.29
C TYR F 306 -2.72 18.15 27.54
N ILE F 307 -2.75 18.91 28.65
CA ILE F 307 -3.62 18.50 29.75
C ILE F 307 -5.05 18.77 29.31
N GLU F 308 -5.19 19.61 28.29
CA GLU F 308 -6.47 19.83 27.62
C GLU F 308 -6.85 18.53 26.92
N LYS F 309 -5.84 17.80 26.43
CA LYS F 309 -6.03 16.43 25.99
C LYS F 309 -6.61 15.67 27.18
N ASP F 310 -5.81 15.55 28.25
CA ASP F 310 -6.24 14.94 29.51
C ASP F 310 -6.64 13.49 29.30
N ALA F 311 -6.77 12.72 30.39
CA ALA F 311 -6.40 13.17 31.72
C ALA F 311 -5.30 12.26 32.20
N ALA F 312 -4.71 11.53 31.27
CA ALA F 312 -3.44 10.84 31.52
C ALA F 312 -2.38 11.93 31.61
N LEU F 313 -2.67 13.07 30.97
CA LEU F 313 -1.85 14.25 31.10
C LEU F 313 -1.79 14.72 32.56
N GLU F 314 -2.83 15.45 32.99
CA GLU F 314 -2.90 15.98 34.36
C GLU F 314 -2.41 14.96 35.38
N ARG F 315 -2.45 13.70 34.97
CA ARG F 315 -1.99 12.58 35.79
C ARG F 315 -0.48 12.37 35.69
N ARG F 316 -0.05 11.50 34.77
CA ARG F 316 1.35 11.12 34.67
C ARG F 316 2.26 12.34 34.75
N PHE F 317 2.49 12.99 33.62
CA PHE F 317 3.32 14.19 33.52
C PHE F 317 2.84 15.29 34.50
N GLN F 318 3.68 16.28 34.81
CA GLN F 318 3.33 17.33 35.80
C GLN F 318 4.41 18.45 35.92
N PRO F 319 3.94 19.72 36.02
CA PRO F 319 4.71 20.91 35.63
C PRO F 319 5.39 21.74 36.74
N ILE F 320 6.35 22.57 36.32
CA ILE F 320 7.04 23.53 37.19
C ILE F 320 7.44 24.77 36.39
N GLN F 321 7.42 25.92 37.05
CA GLN F 321 7.60 27.20 36.36
C GLN F 321 9.07 27.57 36.18
N VAL F 322 9.51 27.65 34.92
CA VAL F 322 10.88 28.05 34.61
C VAL F 322 11.03 29.57 34.56
N ASP F 323 11.96 30.07 35.34
CA ASP F 323 12.12 31.52 35.47
C ASP F 323 13.08 32.12 34.43
N GLN F 324 12.73 33.30 33.92
CA GLN F 324 13.66 34.12 33.16
C GLN F 324 14.73 34.57 34.13
N PRO F 325 15.93 33.99 34.03
CA PRO F 325 16.99 34.07 35.06
C PRO F 325 17.16 35.45 35.69
N SER F 326 17.60 35.48 36.95
CA SER F 326 17.93 36.75 37.60
C SER F 326 18.97 37.41 36.71
N VAL F 327 18.75 38.67 36.35
CA VAL F 327 19.63 39.36 35.42
C VAL F 327 21.15 39.12 35.62
N ASP F 328 21.61 39.14 36.87
CA ASP F 328 23.03 38.89 37.16
C ASP F 328 23.41 37.47 36.80
N GLU F 329 22.50 36.54 37.10
CA GLU F 329 22.69 35.11 36.80
C GLU F 329 23.02 35.01 35.33
N SER F 330 22.29 35.78 34.52
CA SER F 330 22.51 35.81 33.09
C SER F 330 23.98 35.99 32.82
N ILE F 331 24.53 37.10 33.30
CA ILE F 331 25.94 37.38 33.13
C ILE F 331 26.85 36.17 33.36
N GLN F 332 26.62 35.45 34.44
CA GLN F 332 27.51 34.36 34.79
C GLN F 332 27.46 33.26 33.75
N ILE F 333 26.26 33.05 33.18
CA ILE F 333 26.06 31.98 32.22
C ILE F 333 26.92 32.27 31.03
N LEU F 334 26.81 33.50 30.56
CA LEU F 334 27.66 33.97 29.49
C LEU F 334 29.15 33.60 29.71
N GLN F 335 29.72 34.00 30.84
CA GLN F 335 31.15 33.81 31.04
C GLN F 335 31.52 32.34 30.98
N GLY F 336 30.69 31.49 31.56
CA GLY F 336 30.99 30.08 31.64
C GLY F 336 31.18 29.50 30.26
N LEU F 337 30.47 30.08 29.32
CA LEU F 337 30.59 29.69 27.94
C LEU F 337 31.29 30.78 27.15
N ARG F 338 31.81 31.78 27.84
CA ARG F 338 32.63 32.78 27.19
C ARG F 338 33.84 32.10 26.58
N ASP F 339 34.60 31.43 27.42
CA ASP F 339 35.81 30.76 26.97
C ASP F 339 35.53 29.86 25.77
N ARG F 340 34.25 29.57 25.55
CA ARG F 340 33.86 28.63 24.50
C ARG F 340 33.38 29.31 23.23
N TYR F 341 33.04 30.59 23.34
CA TYR F 341 32.77 31.43 22.17
C TYR F 341 34.06 32.14 21.76
N GLU F 342 35.21 31.68 22.24
CA GLU F 342 36.46 32.19 21.71
C GLU F 342 36.64 31.60 20.32
N ALA F 343 35.78 30.64 19.99
CA ALA F 343 35.75 29.98 18.68
C ALA F 343 35.71 30.95 17.51
N HIS F 344 34.97 32.05 17.69
CA HIS F 344 34.75 33.03 16.62
C HIS F 344 35.71 34.19 16.69
N HIS F 345 36.72 34.04 17.55
CA HIS F 345 37.97 34.85 17.54
C HIS F 345 37.91 36.30 18.06
N ARG F 346 37.75 36.49 19.37
CA ARG F 346 37.64 37.86 19.95
C ARG F 346 37.42 37.82 21.49
N VAL F 347 36.78 36.75 21.94
CA VAL F 347 36.58 36.51 23.36
C VAL F 347 37.69 35.55 23.77
N SER F 348 37.96 35.37 25.06
CA SER F 348 37.18 35.86 26.19
C SER F 348 37.02 37.38 26.28
N ILE F 349 36.21 37.81 27.26
CA ILE F 349 36.02 39.22 27.60
C ILE F 349 35.39 39.97 26.42
N THR F 350 35.00 41.25 26.59
CA THR F 350 35.14 41.98 27.84
C THR F 350 33.91 41.88 28.72
N ASP F 351 34.14 41.64 30.01
CA ASP F 351 33.08 41.64 30.99
C ASP F 351 32.21 42.87 30.76
N ASP F 352 32.82 44.05 30.83
CA ASP F 352 32.08 45.32 30.72
C ASP F 352 31.14 45.28 29.52
N ALA F 353 31.47 44.47 28.52
CA ALA F 353 30.65 44.30 27.33
C ALA F 353 29.49 43.34 27.57
N ILE F 354 29.79 42.19 28.14
CA ILE F 354 28.75 41.23 28.51
C ILE F 354 27.58 41.92 29.21
N GLU F 355 27.86 42.54 30.37
CA GLU F 355 26.86 43.21 31.19
C GLU F 355 25.87 43.97 30.32
N ALA F 356 26.36 44.59 29.25
CA ALA F 356 25.48 45.29 28.32
C ALA F 356 24.60 44.32 27.50
N ALA F 357 25.23 43.33 26.89
CA ALA F 357 24.50 42.30 26.18
C ALA F 357 23.27 41.98 26.98
N VAL F 358 23.49 41.44 28.16
CA VAL F 358 22.43 41.18 29.12
C VAL F 358 21.58 42.42 29.41
N LYS F 359 22.09 43.36 30.21
CA LYS F 359 21.29 44.45 30.82
C LYS F 359 20.31 45.18 29.89
N LEU F 360 20.75 45.47 28.67
CA LEU F 360 19.92 46.20 27.72
C LEU F 360 18.65 45.44 27.34
N SER F 361 18.79 44.14 27.28
CA SER F 361 17.72 43.28 26.86
C SER F 361 16.59 43.18 27.89
N ASP F 362 16.90 43.14 29.18
CA ASP F 362 15.85 43.00 30.19
C ASP F 362 14.89 44.16 30.12
N ARG F 363 15.45 45.35 29.96
CA ARG F 363 14.64 46.56 29.89
C ARG F 363 14.38 47.01 28.46
N TYR F 364 15.41 46.98 27.62
CA TYR F 364 15.29 47.41 26.22
C TYR F 364 15.07 46.25 25.29
N ILE F 365 13.90 46.23 24.65
CA ILE F 365 13.52 45.15 23.71
C ILE F 365 14.19 43.78 23.97
N SER F 366 13.62 42.97 24.86
CA SER F 366 12.26 43.05 25.46
C SER F 366 11.24 42.25 24.65
N ASP F 367 11.66 41.04 24.28
CA ASP F 367 10.85 40.17 23.44
C ASP F 367 11.34 38.73 23.50
N ARG F 368 12.06 38.37 24.56
CA ARG F 368 12.52 36.98 24.74
C ARG F 368 12.64 36.50 26.19
N PHE F 369 13.66 35.70 26.43
CA PHE F 369 14.00 35.30 27.78
C PHE F 369 15.30 35.99 28.06
N LEU F 370 15.59 36.28 29.31
CA LEU F 370 16.76 37.08 29.61
C LEU F 370 18.14 36.44 29.40
N PRO F 371 18.19 35.12 29.05
CA PRO F 371 19.47 34.47 28.67
C PRO F 371 19.66 34.19 27.17
N ASP F 372 18.59 33.95 26.43
CA ASP F 372 18.73 33.84 25.00
C ASP F 372 19.10 35.21 24.40
N LYS F 373 18.36 36.26 24.77
CA LYS F 373 18.57 37.63 24.25
C LYS F 373 20.04 37.97 24.20
N ALA F 374 20.64 37.99 25.38
CA ALA F 374 22.07 38.19 25.61
C ALA F 374 22.97 37.56 24.56
N ILE F 375 23.38 36.33 24.81
CA ILE F 375 24.01 35.54 23.74
C ILE F 375 23.67 35.91 22.27
N ASP F 376 22.44 36.32 21.97
CA ASP F 376 22.15 36.71 20.58
C ASP F 376 22.87 38.01 20.21
N LEU F 377 22.89 38.97 21.14
CA LEU F 377 23.67 40.20 20.97
C LEU F 377 25.14 39.92 20.79
N ILE F 378 25.64 39.07 21.67
CA ILE F 378 27.01 38.59 21.61
C ILE F 378 27.33 37.98 20.26
N ASP F 379 26.54 37.03 19.80
CA ASP F 379 26.82 36.48 18.47
C ASP F 379 26.62 37.45 17.29
N GLU F 380 25.52 38.22 17.27
CA GLU F 380 25.43 39.26 16.27
C GLU F 380 26.83 39.86 16.14
N ALA F 381 27.41 40.25 17.28
CA ALA F 381 28.79 40.74 17.34
C ALA F 381 29.89 39.62 17.32
N GLY F 382 29.49 38.39 17.58
CA GLY F 382 30.43 37.28 17.64
C GLY F 382 30.92 36.73 16.32
N SER F 383 30.95 37.60 15.31
CA SER F 383 31.46 37.35 13.98
C SER F 383 31.67 38.70 13.35
N LYS F 384 30.64 39.54 13.47
CA LYS F 384 30.59 40.91 12.93
C LYS F 384 31.91 41.63 13.05
N VAL F 385 32.62 41.46 14.17
CA VAL F 385 33.87 42.19 14.31
C VAL F 385 35.01 41.42 13.69
N ARG F 386 34.98 40.11 13.87
CA ARG F 386 35.89 39.28 13.13
C ARG F 386 35.75 39.60 11.64
N LEU F 387 34.68 40.30 11.30
CA LEU F 387 34.38 40.60 9.90
C LEU F 387 34.93 41.94 9.47
N ARG F 388 34.68 42.99 10.25
CA ARG F 388 35.21 44.32 9.99
C ARG F 388 36.71 44.18 9.77
N SER F 389 37.22 43.02 10.18
CA SER F 389 38.58 42.60 9.90
C SER F 389 38.76 42.32 8.42
N PHE F 390 37.84 41.54 7.85
CA PHE F 390 37.99 41.03 6.49
C PHE F 390 37.56 41.94 5.33
N THR F 391 37.00 43.10 5.63
CA THR F 391 36.54 44.02 4.61
C THR F 391 37.63 44.30 3.57
N THR F 392 37.20 44.71 2.37
CA THR F 392 38.13 45.11 1.33
C THR F 392 38.90 46.37 1.75
N PRO F 393 40.23 46.33 1.66
CA PRO F 393 41.21 47.40 1.88
C PRO F 393 40.74 48.77 1.37
N PRO F 394 41.63 49.78 1.33
CA PRO F 394 41.22 51.11 0.86
C PRO F 394 40.49 51.03 -0.48
N ASN F 395 40.26 52.16 -1.12
CA ASN F 395 39.62 52.12 -2.43
C ASN F 395 40.47 51.34 -3.41
N LEU F 396 41.48 50.66 -2.87
CA LEU F 396 42.29 49.73 -3.63
C LEU F 396 41.43 48.55 -4.12
N LYS F 397 40.11 48.71 -4.05
CA LYS F 397 39.24 47.86 -4.83
C LYS F 397 39.62 48.08 -6.29
N GLU F 398 40.17 49.26 -6.57
CA GLU F 398 40.50 49.66 -7.94
C GLU F 398 41.70 48.92 -8.53
N LEU F 399 42.71 48.65 -7.71
CA LEU F 399 43.90 47.94 -8.19
C LEU F 399 43.50 46.66 -8.92
N GLU F 400 42.93 45.72 -8.18
CA GLU F 400 42.47 44.48 -8.77
C GLU F 400 41.74 44.74 -10.08
N GLN F 401 40.87 45.76 -10.07
CA GLN F 401 40.15 46.15 -11.27
C GLN F 401 41.15 46.34 -12.41
N LYS F 402 42.23 47.06 -12.10
CA LYS F 402 43.29 47.29 -13.07
C LYS F 402 43.91 45.96 -13.49
N LEU F 403 44.48 45.26 -12.53
CA LEU F 403 45.25 44.07 -12.82
C LEU F 403 44.55 43.20 -13.85
N ASP F 404 43.24 43.26 -13.84
CA ASP F 404 42.47 42.44 -14.75
C ASP F 404 42.82 42.78 -16.19
N GLU F 405 42.44 43.99 -16.61
CA GLU F 405 42.69 44.43 -17.96
C GLU F 405 44.01 43.87 -18.44
N VAL F 406 44.94 43.74 -17.50
CA VAL F 406 46.26 43.25 -17.84
C VAL F 406 46.19 41.80 -18.30
N ARG F 407 45.92 40.90 -17.36
CA ARG F 407 45.98 39.52 -17.75
C ARG F 407 45.56 39.47 -19.21
N LYS F 408 44.35 39.94 -19.50
CA LYS F 408 43.85 39.91 -20.86
C LYS F 408 44.94 40.25 -21.86
N GLU F 409 45.35 41.51 -21.88
CA GLU F 409 46.39 41.92 -22.80
C GLU F 409 47.47 40.83 -22.81
N LYS F 410 48.04 40.56 -21.64
CA LYS F 410 49.00 39.48 -21.52
C LYS F 410 48.45 38.26 -22.21
N ASP F 411 47.37 37.74 -21.66
CA ASP F 411 46.77 36.49 -22.12
C ASP F 411 46.45 36.57 -23.60
N ALA F 412 45.43 37.34 -23.94
CA ALA F 412 45.00 37.44 -25.33
C ALA F 412 46.19 37.69 -26.24
N ALA F 413 47.11 38.53 -25.77
CA ALA F 413 48.31 38.75 -26.51
C ALA F 413 49.01 37.44 -26.71
N VAL F 414 49.11 36.68 -25.64
CA VAL F 414 49.84 35.40 -25.69
C VAL F 414 49.25 34.47 -26.72
N GLN F 415 47.96 34.67 -27.02
CA GLN F 415 47.28 33.84 -27.99
C GLN F 415 47.64 34.32 -29.38
N SER F 416 48.12 35.56 -29.44
CA SER F 416 48.55 36.14 -30.70
C SER F 416 50.05 36.17 -30.85
N GLN F 417 50.74 36.49 -29.76
CA GLN F 417 52.20 36.39 -29.66
C GLN F 417 52.97 37.22 -30.70
N GLU F 418 53.41 38.43 -30.35
CA GLU F 418 53.16 39.12 -29.08
C GLU F 418 53.82 38.49 -27.87
N PHE F 419 54.83 37.65 -28.12
CA PHE F 419 55.54 36.97 -27.04
C PHE F 419 56.25 37.92 -26.08
N GLU F 420 57.36 38.51 -26.54
CA GLU F 420 58.08 39.45 -25.70
C GLU F 420 57.15 40.62 -25.38
N LYS F 421 56.09 40.73 -26.18
CA LYS F 421 55.06 41.70 -25.90
C LYS F 421 54.26 41.28 -24.68
N ALA F 422 54.59 40.12 -24.16
CA ALA F 422 53.99 39.62 -22.94
C ALA F 422 55.03 39.59 -21.84
N ALA F 423 56.16 38.94 -22.10
CA ALA F 423 57.25 38.88 -21.14
C ALA F 423 57.21 40.09 -20.24
N SER F 424 57.30 41.27 -20.85
CA SER F 424 57.20 42.49 -20.10
C SER F 424 55.77 42.68 -19.61
N LEU F 425 54.81 42.15 -20.36
CA LEU F 425 53.41 42.24 -19.97
C LEU F 425 53.13 41.46 -18.69
N ARG F 426 53.63 40.23 -18.64
CA ARG F 426 53.58 39.40 -17.43
C ARG F 426 54.22 40.22 -16.33
N ASP F 427 55.49 40.53 -16.54
CA ASP F 427 56.25 41.27 -15.56
C ASP F 427 55.43 42.50 -15.13
N THR F 428 54.83 43.21 -16.08
CA THR F 428 53.99 44.35 -15.70
C THR F 428 52.91 43.88 -14.75
N GLU F 429 52.38 42.69 -15.01
CA GLU F 429 51.38 42.08 -14.14
C GLU F 429 51.85 41.92 -12.70
N GLN F 430 52.83 41.05 -12.47
CA GLN F 430 53.27 40.75 -11.12
C GLN F 430 53.77 41.99 -10.40
N ARG F 431 54.26 42.95 -11.15
CA ARG F 431 54.56 44.23 -10.54
C ARG F 431 53.33 44.56 -9.72
N LEU F 432 52.19 44.60 -10.40
CA LEU F 432 50.92 44.91 -9.78
C LEU F 432 50.62 43.99 -8.62
N ARG F 433 50.55 42.70 -8.91
CA ARG F 433 50.06 41.72 -7.95
C ARG F 433 50.68 41.92 -6.57
N GLU F 434 51.99 41.77 -6.47
CA GLU F 434 52.68 41.92 -5.19
C GLU F 434 52.27 43.22 -4.51
N GLN F 435 52.09 44.26 -5.32
CA GLN F 435 51.59 45.53 -4.81
C GLN F 435 50.22 45.33 -4.17
N VAL F 436 49.33 44.66 -4.89
CA VAL F 436 48.02 44.34 -4.37
C VAL F 436 48.15 43.59 -3.06
N GLU F 437 48.68 42.36 -3.13
CA GLU F 437 48.80 41.49 -1.97
C GLU F 437 49.49 42.18 -0.79
N ASP F 438 50.41 43.07 -1.10
CA ASP F 438 51.09 43.82 -0.05
C ASP F 438 50.14 44.77 0.68
N THR F 439 49.18 45.37 -0.03
CA THR F 439 48.18 46.22 0.61
C THR F 439 46.88 45.46 0.94
N LYS F 440 46.80 44.21 0.48
CA LYS F 440 45.69 43.34 0.82
C LYS F 440 45.98 42.68 2.16
N LYS F 441 47.27 42.59 2.49
CA LYS F 441 47.74 42.09 3.78
C LYS F 441 48.20 43.25 4.65
N SER F 442 48.05 44.45 4.13
CA SER F 442 48.19 45.66 4.93
C SER F 442 46.98 45.75 5.84
N TRP F 443 45.92 45.04 5.46
CA TRP F 443 44.72 44.94 6.31
C TRP F 443 44.76 43.75 7.26
N LYS F 444 45.94 43.52 7.81
CA LYS F 444 46.09 42.81 9.05
C LYS F 444 46.06 43.88 10.12
N GLU F 445 46.17 45.13 9.67
CA GLU F 445 46.12 46.28 10.56
C GLU F 445 44.68 46.58 10.92
N LYS F 446 43.78 46.37 9.97
CA LYS F 446 42.36 46.49 10.24
C LYS F 446 41.99 45.37 11.18
N GLN F 447 42.95 44.49 11.42
CA GLN F 447 42.76 43.40 12.37
C GLN F 447 43.24 43.78 13.77
N GLY F 448 44.48 44.28 13.86
CA GLY F 448 45.05 44.74 15.13
C GLY F 448 44.28 45.91 15.72
N GLN F 449 43.52 46.60 14.87
CA GLN F 449 42.59 47.64 15.31
C GLN F 449 41.31 47.04 15.91
N GLU F 450 40.66 46.15 15.16
CA GLU F 450 39.37 45.56 15.55
C GLU F 450 39.45 44.16 16.08
N ASN F 451 40.10 43.26 15.35
CA ASN F 451 40.13 41.87 15.76
C ASN F 451 40.40 41.79 17.26
N SER F 452 39.71 40.87 17.92
CA SER F 452 39.80 40.69 19.37
C SER F 452 39.33 41.91 20.18
N GLU F 453 38.71 42.89 19.51
CA GLU F 453 38.03 43.98 20.24
C GLU F 453 36.80 43.42 20.96
N VAL F 454 35.82 44.26 21.29
CA VAL F 454 34.60 43.83 21.99
C VAL F 454 33.76 44.97 22.59
N THR F 455 34.43 45.91 23.23
CA THR F 455 33.76 46.81 24.17
C THR F 455 32.40 47.33 23.69
N VAL F 456 31.39 47.06 24.50
CA VAL F 456 30.14 47.80 24.53
C VAL F 456 29.76 48.48 23.22
N ASP F 457 30.49 49.53 22.82
CA ASP F 457 30.13 50.28 21.62
C ASP F 457 29.72 49.35 20.48
N ASP F 458 30.42 48.21 20.36
CA ASP F 458 30.05 47.18 19.40
C ASP F 458 28.60 46.75 19.60
N ILE F 459 28.30 46.40 20.83
CA ILE F 459 26.96 45.99 21.18
C ILE F 459 25.93 47.10 20.94
N ALA F 460 26.05 48.22 21.66
CA ALA F 460 25.05 49.30 21.57
C ALA F 460 24.69 49.59 20.12
N MET F 461 25.66 49.37 19.21
CA MET F 461 25.36 49.35 17.79
C MET F 461 24.29 48.30 17.54
N VAL F 462 24.68 47.04 17.63
CA VAL F 462 23.77 45.93 17.50
C VAL F 462 22.36 46.25 18.03
N VAL F 463 22.30 46.85 19.21
CA VAL F 463 21.02 47.25 19.80
C VAL F 463 20.23 48.26 18.98
N SER F 464 20.85 49.40 18.67
CA SER F 464 20.19 50.46 17.91
C SER F 464 19.77 49.96 16.53
N SER F 465 20.51 48.97 16.04
CA SER F 465 20.18 48.30 14.80
C SER F 465 19.20 47.17 15.06
N TRP F 466 18.38 47.33 16.09
CA TRP F 466 17.29 46.39 16.38
C TRP F 466 16.02 47.18 16.66
N THR F 467 16.14 48.51 16.59
CA THR F 467 15.00 49.39 16.80
C THR F 467 15.18 50.68 16.03
N GLU G 4 53.83 -14.66 15.56
CA GLU G 4 53.06 -15.82 16.02
C GLU G 4 52.20 -15.54 17.26
N GLN G 5 52.71 -14.75 18.21
CA GLN G 5 51.85 -14.01 19.15
C GLN G 5 52.56 -12.75 19.59
N LYS G 6 51.80 -11.66 19.68
CA LYS G 6 52.39 -10.35 19.92
C LYS G 6 52.82 -10.20 21.36
N LEU G 7 53.87 -9.42 21.55
CA LEU G 7 54.52 -9.28 22.85
C LEU G 7 54.74 -7.80 23.23
N GLN G 8 53.86 -6.93 22.76
CA GLN G 8 53.92 -5.51 23.15
C GLN G 8 52.53 -4.89 23.13
N PHE G 9 52.14 -4.22 24.23
CA PHE G 9 50.76 -3.72 24.38
C PHE G 9 50.63 -2.27 24.90
N VAL G 10 49.51 -1.64 24.59
CA VAL G 10 49.26 -0.27 24.99
C VAL G 10 47.98 -0.21 25.79
N LEU G 11 48.07 0.20 27.06
CA LEU G 11 46.88 0.24 27.90
C LEU G 11 46.52 1.63 28.42
N ARG G 12 45.24 1.88 28.62
CA ARG G 12 44.72 3.17 29.04
C ARG G 12 44.10 3.10 30.43
N PHE G 13 44.52 3.99 31.29
CA PHE G 13 44.01 4.09 32.64
C PHE G 13 43.04 5.24 32.70
N GLY G 14 42.02 5.13 33.50
CA GLY G 14 41.00 6.14 33.53
C GLY G 14 41.48 7.33 34.32
N ASP G 15 42.07 7.06 35.48
CA ASP G 15 42.66 8.09 36.31
C ASP G 15 44.06 7.68 36.63
N PHE G 16 44.92 8.66 36.87
CA PHE G 16 46.32 8.37 37.06
C PHE G 16 46.57 7.45 38.24
N GLU G 17 45.81 7.63 39.31
CA GLU G 17 46.09 6.86 40.51
C GLU G 17 46.05 5.38 40.17
N ASP G 18 45.27 5.01 39.16
CA ASP G 18 45.21 3.62 38.77
C ASP G 18 46.63 3.19 38.43
N VAL G 19 47.44 4.09 37.93
CA VAL G 19 48.78 3.70 37.49
C VAL G 19 49.69 3.50 38.68
N ILE G 20 49.65 4.43 39.64
CA ILE G 20 50.44 4.31 40.87
C ILE G 20 50.21 2.89 41.36
N SER G 21 48.93 2.54 41.51
CA SER G 21 48.52 1.23 42.03
C SER G 21 49.24 0.10 41.33
N LEU G 22 49.16 0.06 40.02
CA LEU G 22 49.84 -0.95 39.25
C LEU G 22 51.32 -0.96 39.60
N SER G 23 51.87 0.20 39.94
CA SER G 23 53.32 0.30 40.14
C SER G 23 53.71 -0.50 41.35
N LYS G 24 52.84 -0.50 42.34
CA LYS G 24 53.11 -1.10 43.63
C LYS G 24 53.31 -2.62 43.61
N LEU G 25 53.62 -3.18 42.43
CA LEU G 25 53.83 -4.62 42.28
C LEU G 25 55.19 -5.02 41.70
N ASN G 26 55.20 -6.02 40.84
CA ASN G 26 56.42 -6.44 40.17
C ASN G 26 56.30 -6.34 38.65
N VAL G 27 57.09 -5.46 38.04
CA VAL G 27 57.09 -5.29 36.59
C VAL G 27 57.62 -6.56 35.92
N ASN G 28 58.86 -6.91 36.25
CA ASN G 28 59.46 -8.19 35.93
C ASN G 28 59.73 -8.46 34.44
N GLY G 29 61.00 -8.33 34.06
CA GLY G 29 61.44 -8.60 32.70
C GLY G 29 60.63 -7.80 31.73
N SER G 30 60.09 -6.69 32.22
CA SER G 30 59.14 -5.94 31.44
C SER G 30 59.61 -4.50 31.28
N LYS G 31 60.03 -4.18 30.07
CA LYS G 31 60.30 -2.79 29.74
C LYS G 31 58.94 -2.14 29.63
N THR G 32 58.83 -0.88 30.01
CA THR G 32 57.54 -0.19 29.99
C THR G 32 57.68 1.34 29.90
N THR G 33 56.76 1.99 29.17
CA THR G 33 56.85 3.43 28.92
C THR G 33 55.50 4.11 29.00
N LEU G 34 55.46 5.32 29.56
CA LEU G 34 54.17 5.94 29.90
C LEU G 34 53.86 7.31 29.29
N TYR G 35 52.78 7.38 28.52
CA TYR G 35 52.40 8.60 27.84
C TYR G 35 51.17 9.25 28.48
N SER G 36 50.94 10.51 28.14
CA SER G 36 49.76 11.26 28.53
C SER G 36 49.07 11.81 27.26
N PHE G 37 47.78 11.57 27.09
CA PHE G 37 47.06 11.80 25.82
C PHE G 37 45.52 11.83 26.00
N GLU G 38 44.87 12.84 25.45
CA GLU G 38 43.44 13.03 25.71
C GLU G 38 43.13 13.03 27.21
N ASN G 39 44.01 13.63 28.00
CA ASN G 39 43.83 13.70 29.45
C ASN G 39 43.95 12.36 30.16
N ARG G 40 43.67 11.27 29.46
CA ARG G 40 43.84 9.94 30.02
C ARG G 40 45.27 9.41 29.83
N TYR G 41 45.79 8.60 30.76
CA TYR G 41 47.16 8.11 30.65
C TYR G 41 47.28 6.75 30.03
N TYR G 42 48.03 6.63 28.95
CA TYR G 42 48.23 5.35 28.27
C TYR G 42 49.56 4.80 28.79
N LEU G 43 49.72 3.49 28.84
CA LEU G 43 50.98 2.87 29.25
C LEU G 43 51.40 1.74 28.30
N TYR G 44 52.66 1.75 27.88
CA TYR G 44 53.14 0.85 26.82
C TYR G 44 54.17 -0.17 27.30
N VAL G 45 53.73 -1.43 27.31
CA VAL G 45 54.45 -2.57 27.88
C VAL G 45 55.12 -3.42 26.81
N ASP G 46 56.34 -3.87 27.09
CA ASP G 46 57.12 -4.61 26.11
C ASP G 46 57.82 -5.77 26.75
N PHE G 47 57.28 -6.96 26.53
CA PHE G 47 57.89 -8.15 27.07
C PHE G 47 58.95 -8.65 26.11
N CYS G 48 60.16 -8.80 26.63
CA CYS G 48 61.21 -9.44 25.89
C CYS G 48 61.11 -10.93 26.21
N ASN G 49 61.06 -11.76 25.16
CA ASN G 49 61.11 -13.19 25.34
C ASN G 49 60.34 -13.70 26.54
N MET G 50 59.15 -14.19 26.29
CA MET G 50 58.41 -14.92 27.29
C MET G 50 57.55 -15.89 26.54
N THR G 51 57.22 -17.00 27.17
CA THR G 51 56.32 -17.95 26.53
C THR G 51 54.97 -17.30 26.37
N ASP G 52 54.24 -17.67 25.32
CA ASP G 52 52.91 -17.11 25.12
C ASP G 52 52.08 -17.33 26.39
N GLU G 53 52.13 -18.54 26.95
CA GLU G 53 51.39 -18.81 28.18
C GLU G 53 51.82 -17.80 29.23
N GLU G 54 53.11 -17.49 29.25
CA GLU G 54 53.66 -16.60 30.27
C GLU G 54 53.18 -15.18 30.09
N VAL G 55 52.91 -14.78 28.85
CA VAL G 55 52.48 -13.42 28.63
C VAL G 55 50.98 -13.24 28.78
N GLU G 56 50.19 -14.12 28.15
CA GLU G 56 48.74 -14.06 28.32
C GLU G 56 48.48 -14.03 29.82
N ASN G 57 49.25 -14.81 30.56
CA ASN G 57 49.23 -14.73 32.02
C ASN G 57 49.42 -13.29 32.49
N GLN G 58 50.66 -12.82 32.43
CA GLN G 58 51.00 -11.52 33.00
C GLN G 58 50.00 -10.46 32.62
N LEU G 59 49.71 -10.34 31.33
CA LEU G 59 48.81 -9.29 30.87
C LEU G 59 47.49 -9.31 31.63
N SER G 60 47.10 -10.47 32.11
CA SER G 60 45.90 -10.56 32.90
C SER G 60 45.99 -9.51 33.97
N ILE G 61 47.01 -9.61 34.81
CA ILE G 61 47.16 -8.70 35.94
C ILE G 61 46.94 -7.28 35.50
N LEU G 62 47.69 -6.86 34.50
CA LEU G 62 47.67 -5.47 34.09
C LEU G 62 46.25 -5.00 33.94
N LEU G 63 45.41 -5.81 33.32
CA LEU G 63 44.09 -5.32 33.02
C LEU G 63 43.14 -5.38 34.19
N GLU G 64 43.67 -5.66 35.38
CA GLU G 64 42.90 -5.49 36.60
C GLU G 64 42.94 -4.00 36.86
N TYR G 65 44.02 -3.38 36.35
CA TYR G 65 44.29 -1.97 36.59
C TYR G 65 44.06 -1.06 35.34
N ALA G 66 44.04 -1.66 34.17
CA ALA G 66 43.70 -0.92 32.95
C ALA G 66 42.68 -1.62 32.04
N THR G 67 42.58 -1.09 30.82
CA THR G 67 41.93 -1.78 29.72
C THR G 67 42.92 -1.67 28.58
N GLU G 68 42.68 -2.36 27.47
CA GLU G 68 43.64 -2.42 26.37
C GLU G 68 43.20 -1.51 25.20
N SER G 69 43.94 -0.43 24.90
CA SER G 69 43.41 0.52 23.91
C SER G 69 43.76 0.17 22.49
N SER G 70 42.78 0.37 21.62
CA SER G 70 42.89 0.05 20.22
C SER G 70 43.92 0.96 19.59
N ILE G 71 44.47 1.87 20.37
CA ILE G 71 45.31 2.94 19.85
C ILE G 71 46.60 2.53 19.19
N SER G 72 46.77 2.98 17.96
CA SER G 72 48.00 2.73 17.25
C SER G 72 49.16 3.26 18.09
N ILE G 73 50.10 2.39 18.42
CA ILE G 73 51.18 2.83 19.29
C ILE G 73 52.01 3.98 18.72
N HIS G 74 52.09 4.10 17.40
CA HIS G 74 52.94 5.15 16.79
C HIS G 74 52.27 6.50 16.88
N ARG G 75 50.96 6.50 17.11
CA ARG G 75 50.23 7.74 17.28
C ARG G 75 50.83 8.39 18.52
N LEU G 76 51.00 7.59 19.57
CA LEU G 76 51.64 8.11 20.78
C LEU G 76 53.08 8.57 20.51
N GLU G 77 53.93 7.68 19.99
CA GLU G 77 55.33 8.02 19.77
C GLU G 77 55.47 9.36 19.06
N GLU G 78 54.56 9.66 18.14
CA GLU G 78 54.52 10.97 17.53
C GLU G 78 53.73 11.95 18.40
N TYR G 79 52.40 11.92 18.25
CA TYR G 79 51.54 12.95 18.84
C TYR G 79 51.18 12.82 20.34
N GLY G 80 51.91 12.03 21.11
CA GLY G 80 51.57 11.90 22.52
C GLY G 80 52.20 12.95 23.44
N LYS G 81 52.41 12.58 24.69
CA LYS G 81 53.22 13.34 25.64
C LYS G 81 53.96 12.34 26.52
N LEU G 82 55.25 12.18 26.29
CA LEU G 82 56.05 11.23 27.06
C LEU G 82 56.12 11.69 28.51
N ILE G 83 56.16 10.72 29.43
CA ILE G 83 56.31 11.06 30.83
C ILE G 83 57.44 10.26 31.48
N ILE G 84 57.50 8.97 31.19
CA ILE G 84 58.59 8.13 31.70
C ILE G 84 58.95 7.04 30.68
N SER G 85 60.24 6.88 30.39
CA SER G 85 60.70 5.90 29.41
C SER G 85 61.13 4.56 30.00
N GLU G 86 60.93 3.50 29.23
CA GLU G 86 61.53 2.18 29.50
C GLU G 86 61.21 1.59 30.87
N HIS G 87 61.44 2.37 31.93
CA HIS G 87 61.20 1.92 33.29
C HIS G 87 60.06 2.74 33.89
N ALA G 88 58.94 2.79 33.18
CA ALA G 88 57.81 3.64 33.55
C ALA G 88 57.17 3.25 34.87
N LEU G 89 56.95 1.96 35.06
CA LEU G 89 56.36 1.51 36.31
C LEU G 89 57.29 1.84 37.44
N GLU G 90 58.48 1.27 37.34
CA GLU G 90 59.52 1.40 38.34
C GLU G 90 59.58 2.81 38.97
N THR G 91 59.50 3.84 38.14
CA THR G 91 59.67 5.22 38.59
C THR G 91 58.53 5.71 39.46
N ILE G 92 57.31 5.32 39.14
CA ILE G 92 56.19 5.80 39.90
C ILE G 92 56.23 5.19 41.27
N LYS G 93 56.73 3.96 41.35
CA LYS G 93 56.82 3.27 42.63
C LYS G 93 57.75 4.03 43.55
N LYS G 94 58.85 4.55 43.01
CA LYS G 94 59.77 5.39 43.77
C LYS G 94 59.07 6.58 44.44
N HIS G 95 58.53 7.51 43.65
CA HIS G 95 57.96 8.76 44.16
C HIS G 95 56.55 8.68 44.77
N PHE G 96 55.98 7.49 44.93
CA PHE G 96 54.57 7.39 45.30
C PHE G 96 54.14 6.31 46.35
N ALA G 97 54.69 5.11 46.28
CA ALA G 97 54.42 4.11 47.32
C ALA G 97 55.08 4.52 48.62
N SER G 98 54.33 5.20 49.49
CA SER G 98 54.87 5.69 50.75
C SER G 98 56.01 6.69 50.52
N PHE H 3 29.04 -1.64 47.38
CA PHE H 3 28.53 -0.54 46.57
C PHE H 3 27.00 -0.48 46.63
N GLY H 4 26.43 -1.16 47.62
CA GLY H 4 25.00 -1.20 47.82
C GLY H 4 24.60 -2.20 48.91
N ARG H 5 23.66 -3.07 48.58
CA ARG H 5 23.27 -4.15 49.49
C ARG H 5 22.98 -5.46 48.75
N PHE H 6 23.57 -6.53 49.28
CA PHE H 6 23.41 -7.84 48.69
C PHE H 6 22.96 -8.79 49.80
N THR H 7 22.98 -10.10 49.53
CA THR H 7 22.70 -11.07 50.58
C THR H 7 23.76 -11.01 51.64
N GLU H 8 23.53 -11.68 52.76
CA GLU H 8 24.66 -11.96 53.62
C GLU H 8 25.67 -12.57 52.67
N ARG H 9 25.28 -13.68 52.07
CA ARG H 9 26.16 -14.51 51.25
C ARG H 9 26.99 -13.65 50.32
N ALA H 10 26.35 -12.70 49.66
CA ALA H 10 27.12 -11.76 48.89
C ALA H 10 28.04 -11.04 49.85
N GLN H 11 27.52 -10.13 50.67
CA GLN H 11 28.37 -9.33 51.56
C GLN H 11 29.49 -10.13 52.25
N LYS H 12 29.19 -11.36 52.69
CA LYS H 12 30.23 -12.20 53.30
C LYS H 12 31.28 -12.57 52.26
N VAL H 13 30.83 -13.01 51.08
CA VAL H 13 31.79 -13.38 50.04
C VAL H 13 32.64 -12.21 49.62
N LEU H 14 32.10 -10.99 49.66
CA LEU H 14 32.87 -9.79 49.33
C LEU H 14 33.94 -9.47 50.37
N ALA H 15 33.53 -9.34 51.62
CA ALA H 15 34.50 -9.08 52.67
C ALA H 15 35.52 -10.21 52.68
N LEU H 16 35.07 -11.40 52.33
CA LEU H 16 35.91 -12.60 52.23
C LEU H 16 36.98 -12.48 51.16
N ALA H 17 36.72 -11.70 50.13
CA ALA H 17 37.78 -11.40 49.19
C ALA H 17 38.88 -10.75 49.99
N GLN H 18 38.56 -9.72 50.76
CA GLN H 18 39.55 -9.06 51.57
C GLN H 18 40.29 -10.02 52.48
N GLU H 19 39.55 -10.90 53.15
CA GLU H 19 40.18 -11.87 54.03
C GLU H 19 41.31 -12.46 53.21
N GLU H 20 41.01 -12.76 51.96
CA GLU H 20 42.03 -13.29 51.07
C GLU H 20 42.99 -12.19 50.57
N ALA H 21 42.51 -10.95 50.51
CA ALA H 21 43.40 -9.88 50.10
C ALA H 21 44.71 -10.04 50.84
N LEU H 22 44.56 -10.11 52.15
CA LEU H 22 45.70 -10.08 53.03
C LEU H 22 46.37 -11.44 53.21
N ARG H 23 45.59 -12.51 53.31
CA ARG H 23 46.15 -13.84 53.55
C ARG H 23 47.32 -14.14 52.61
N LEU H 24 47.45 -13.33 51.56
CA LEU H 24 48.54 -13.47 50.63
C LEU H 24 49.41 -12.21 50.61
N GLY H 25 48.91 -11.16 51.25
CA GLY H 25 49.70 -9.95 51.48
C GLY H 25 49.60 -8.88 50.40
N HIS H 26 48.88 -9.18 49.32
CA HIS H 26 48.73 -8.22 48.24
C HIS H 26 48.05 -6.96 48.75
N ASN H 27 47.93 -5.97 47.89
CA ASN H 27 47.55 -4.66 48.37
C ASN H 27 46.28 -4.16 47.74
N ASN H 28 45.97 -4.71 46.58
CA ASN H 28 44.67 -4.40 45.99
C ASN H 28 43.95 -5.71 45.79
N ILE H 29 42.65 -5.77 46.14
CA ILE H 29 41.83 -6.95 45.82
C ILE H 29 41.20 -6.90 44.45
N GLY H 30 41.69 -7.75 43.56
CA GLY H 30 41.33 -7.70 42.17
C GLY H 30 40.25 -8.69 41.92
N THR H 31 39.96 -8.96 40.66
CA THR H 31 38.97 -9.98 40.37
C THR H 31 39.41 -11.35 40.93
N GLU H 32 40.71 -11.59 41.08
CA GLU H 32 41.19 -12.91 41.55
C GLU H 32 40.77 -13.23 42.98
N HIS H 33 40.56 -12.22 43.80
CA HIS H 33 40.20 -12.41 45.21
C HIS H 33 38.72 -12.54 45.38
N ILE H 34 37.97 -11.83 44.57
CA ILE H 34 36.55 -11.98 44.55
C ILE H 34 36.28 -13.45 44.23
N LEU H 35 37.04 -14.03 43.33
CA LEU H 35 36.83 -15.44 43.01
C LEU H 35 37.15 -16.35 44.17
N LEU H 36 38.27 -16.12 44.84
CA LEU H 36 38.60 -16.90 46.01
C LEU H 36 37.45 -16.72 46.99
N GLY H 37 36.91 -15.50 47.03
CA GLY H 37 35.84 -15.17 47.94
C GLY H 37 34.64 -16.07 47.77
N LEU H 38 34.29 -16.34 46.52
CA LEU H 38 33.12 -17.16 46.23
C LEU H 38 33.33 -18.64 46.59
N VAL H 39 34.44 -19.26 46.18
CA VAL H 39 34.66 -20.70 46.44
C VAL H 39 35.00 -20.97 47.91
N ARG H 40 35.29 -19.91 48.66
CA ARG H 40 35.71 -20.07 50.06
C ARG H 40 34.60 -19.82 51.07
N GLU H 41 33.47 -19.30 50.63
CA GLU H 41 32.28 -19.29 51.45
C GLU H 41 31.48 -20.52 51.11
N GLY H 42 32.05 -21.33 50.21
CA GLY H 42 31.63 -22.69 49.96
C GLY H 42 30.17 -23.10 50.00
N GLU H 43 29.26 -22.15 50.24
CA GLU H 43 27.85 -22.46 50.39
C GLU H 43 26.91 -21.62 49.50
N GLY H 44 27.42 -20.54 48.93
CA GLY H 44 26.63 -19.73 48.02
C GLY H 44 26.36 -20.45 46.71
N ILE H 45 25.38 -19.99 45.94
CA ILE H 45 25.07 -20.70 44.71
C ILE H 45 26.30 -20.60 43.85
N ALA H 46 26.96 -19.46 44.01
CA ALA H 46 28.19 -19.21 43.32
C ALA H 46 29.15 -20.28 43.77
N ALA H 47 29.29 -20.41 45.09
CA ALA H 47 30.19 -21.38 45.64
C ALA H 47 29.86 -22.74 45.06
N LYS H 48 28.57 -23.05 45.04
CA LYS H 48 28.12 -24.37 44.64
C LYS H 48 28.58 -24.66 43.23
N ALA H 49 28.38 -23.69 42.36
CA ALA H 49 28.71 -23.90 40.96
C ALA H 49 30.16 -24.29 40.79
N LEU H 50 31.06 -23.51 41.36
CA LEU H 50 32.46 -23.77 41.18
C LEU H 50 32.78 -25.22 41.55
N GLN H 51 32.09 -25.73 42.56
CA GLN H 51 32.27 -27.12 42.99
C GLN H 51 31.94 -28.06 41.83
N ALA H 52 31.23 -27.55 40.84
CA ALA H 52 30.80 -28.37 39.71
C ALA H 52 31.86 -28.46 38.66
N LEU H 53 32.39 -27.33 38.24
CA LEU H 53 33.34 -27.32 37.15
C LEU H 53 34.60 -28.09 37.51
N GLY H 54 34.77 -28.37 38.80
CA GLY H 54 35.95 -29.08 39.28
C GLY H 54 36.95 -28.10 39.86
N LEU H 55 36.43 -27.10 40.56
CA LEU H 55 37.27 -26.01 41.03
C LEU H 55 37.14 -25.74 42.50
N GLY H 56 37.71 -26.60 43.31
CA GLY H 56 37.75 -26.33 44.73
C GLY H 56 38.71 -25.19 45.04
N SER H 57 38.70 -24.72 46.27
CA SER H 57 39.68 -23.74 46.72
C SER H 57 41.09 -24.24 46.50
N GLU H 58 41.29 -25.54 46.66
CA GLU H 58 42.60 -26.14 46.47
C GLU H 58 43.18 -25.80 45.09
N LYS H 59 42.45 -26.17 44.03
CA LYS H 59 42.95 -26.03 42.65
C LYS H 59 43.19 -24.60 42.29
N ILE H 60 42.31 -23.72 42.74
CA ILE H 60 42.37 -22.32 42.37
C ILE H 60 43.54 -21.59 42.99
N GLN H 61 43.57 -21.53 44.31
CA GLN H 61 44.56 -20.74 44.98
C GLN H 61 45.96 -21.14 44.51
N LYS H 62 46.12 -22.37 44.04
CA LYS H 62 47.42 -22.79 43.55
C LYS H 62 47.77 -22.08 42.26
N GLU H 63 46.81 -21.96 41.36
CA GLU H 63 47.06 -21.17 40.16
C GLU H 63 47.35 -19.75 40.55
N VAL H 64 46.50 -19.17 41.39
CA VAL H 64 46.66 -17.77 41.80
C VAL H 64 48.04 -17.54 42.44
N GLU H 65 48.40 -18.26 43.49
CA GLU H 65 49.74 -18.05 44.04
C GLU H 65 50.82 -18.29 42.98
N SER H 66 50.50 -19.08 41.96
CA SER H 66 51.45 -19.38 40.92
C SER H 66 51.54 -18.22 39.95
N LEU H 67 50.85 -17.13 40.27
CA LEU H 67 50.89 -15.94 39.42
C LEU H 67 50.98 -14.63 40.20
N ILE H 68 51.21 -14.67 41.50
CA ILE H 68 51.34 -13.42 42.24
C ILE H 68 52.19 -13.55 43.48
N GLY H 69 51.81 -14.47 44.35
CA GLY H 69 52.59 -14.75 45.55
C GLY H 69 52.76 -13.56 46.47
N ARG H 70 53.50 -13.76 47.56
CA ARG H 70 53.72 -12.72 48.57
C ARG H 70 54.17 -11.41 47.93
N GLY H 71 53.92 -10.30 48.62
CA GLY H 71 53.26 -10.35 49.91
C GLY H 71 53.64 -9.17 50.79
N GLN H 72 53.77 -8.00 50.18
CA GLN H 72 54.05 -6.80 50.94
C GLN H 72 52.94 -6.60 51.95
N GLU H 73 53.20 -6.98 53.19
CA GLU H 73 52.19 -6.92 54.25
C GLU H 73 51.61 -5.51 54.37
N MET H 74 52.11 -4.61 53.52
CA MET H 74 51.64 -3.23 53.47
C MET H 74 50.26 -3.09 54.06
N SER H 75 49.28 -3.74 53.44
CA SER H 75 47.91 -3.72 53.94
C SER H 75 47.53 -2.32 54.40
N GLN H 76 48.12 -1.31 53.76
CA GLN H 76 47.87 0.09 54.11
C GLN H 76 46.43 0.49 53.79
N THR H 77 45.48 -0.11 54.50
CA THR H 77 44.06 0.12 54.24
C THR H 77 43.81 0.07 52.74
N ILE H 78 43.54 -1.13 52.25
CA ILE H 78 43.50 -1.38 50.81
C ILE H 78 42.18 -1.00 50.15
N HIS H 79 42.20 -0.95 48.82
CA HIS H 79 40.98 -0.77 48.04
C HIS H 79 40.95 -1.71 46.85
N TYR H 80 39.94 -1.58 46.01
CA TYR H 80 39.74 -2.55 44.94
C TYR H 80 40.67 -2.37 43.78
N THR H 81 40.60 -3.33 42.85
CA THR H 81 41.08 -3.05 41.50
C THR H 81 40.02 -2.28 40.73
N PRO H 82 40.42 -1.44 39.76
CA PRO H 82 39.34 -0.80 39.01
C PRO H 82 38.58 -1.87 38.27
N ARG H 83 39.23 -2.96 37.89
CA ARG H 83 38.54 -4.04 37.18
C ARG H 83 37.44 -4.60 38.05
N ALA H 84 37.85 -5.12 39.19
CA ALA H 84 36.88 -5.66 40.12
C ALA H 84 35.78 -4.68 40.50
N LYS H 85 36.05 -3.37 40.53
CA LYS H 85 35.00 -2.41 40.82
C LYS H 85 34.01 -2.44 39.68
N LYS H 86 34.52 -2.72 38.48
CA LYS H 86 33.63 -2.87 37.35
C LYS H 86 32.86 -4.14 37.61
N VAL H 87 33.54 -5.19 38.00
CA VAL H 87 32.88 -6.51 38.21
C VAL H 87 31.70 -6.46 39.20
N ILE H 88 31.77 -5.59 40.18
CA ILE H 88 30.71 -5.41 41.13
C ILE H 88 29.61 -4.60 40.49
N GLU H 89 29.98 -3.53 39.81
CA GLU H 89 28.98 -2.74 39.13
C GLU H 89 28.18 -3.70 38.26
N LEU H 90 28.82 -4.77 37.79
CA LEU H 90 28.20 -5.69 36.83
C LEU H 90 27.20 -6.65 37.44
N SER H 91 27.60 -7.32 38.51
CA SER H 91 26.69 -8.23 39.16
C SER H 91 25.36 -7.50 39.42
N MET H 92 25.41 -6.21 39.77
CA MET H 92 24.17 -5.45 39.97
C MET H 92 23.27 -5.59 38.73
N ASP H 93 23.88 -5.61 37.56
CA ASP H 93 23.17 -5.62 36.30
C ASP H 93 22.84 -7.04 35.96
N GLU H 94 23.73 -7.98 36.31
CA GLU H 94 23.47 -9.39 36.02
C GLU H 94 22.33 -9.89 36.92
N ALA H 95 21.76 -8.96 37.69
CA ALA H 95 20.57 -9.26 38.49
C ALA H 95 19.33 -8.39 38.16
N ARG H 96 19.52 -7.14 37.75
CA ARG H 96 18.43 -6.46 37.08
C ARG H 96 17.95 -7.51 36.09
N LYS H 97 18.91 -8.13 35.38
CA LYS H 97 18.64 -9.11 34.35
C LYS H 97 18.24 -10.46 34.93
N LEU H 98 17.28 -10.45 35.83
CA LEU H 98 16.82 -11.67 36.47
C LEU H 98 15.71 -11.41 37.48
N GLY H 99 15.25 -10.16 37.54
CA GLY H 99 14.18 -9.79 38.44
C GLY H 99 14.57 -10.00 39.90
N HIS H 100 15.77 -10.50 40.12
CA HIS H 100 16.28 -10.67 41.47
C HIS H 100 16.42 -9.29 42.11
N SER H 101 15.53 -8.98 43.04
CA SER H 101 15.51 -7.65 43.65
C SER H 101 16.80 -7.32 44.41
N TYR H 102 17.63 -8.32 44.66
CA TYR H 102 18.83 -8.09 45.42
C TYR H 102 19.96 -9.01 45.00
N VAL H 103 21.16 -8.49 44.89
CA VAL H 103 22.32 -9.25 44.44
C VAL H 103 22.79 -10.25 45.46
N GLY H 104 23.51 -11.26 45.00
CA GLY H 104 23.95 -12.32 45.88
C GLY H 104 25.06 -13.11 45.22
N THR H 105 25.44 -14.24 45.82
CA THR H 105 26.63 -14.99 45.40
C THR H 105 26.69 -15.29 43.93
N GLU H 106 25.56 -15.70 43.37
CA GLU H 106 25.55 -16.04 41.96
C GLU H 106 25.93 -14.84 41.10
N HIS H 107 25.18 -13.76 41.26
CA HIS H 107 25.29 -12.58 40.40
C HIS H 107 26.71 -12.03 40.28
N ILE H 108 27.47 -12.15 41.36
CA ILE H 108 28.85 -11.73 41.39
C ILE H 108 29.71 -12.69 40.55
N LEU H 109 29.39 -13.97 40.60
CA LEU H 109 30.01 -14.94 39.69
C LEU H 109 29.55 -14.68 38.28
N LEU H 110 28.30 -14.28 38.12
CA LEU H 110 27.81 -13.91 36.79
C LEU H 110 28.54 -12.72 36.24
N GLY H 111 28.61 -11.67 37.08
CA GLY H 111 29.32 -10.42 36.81
C GLY H 111 30.81 -10.51 36.48
N LEU H 112 31.52 -11.47 37.06
CA LEU H 112 32.90 -11.78 36.69
C LEU H 112 33.08 -12.25 35.23
N ILE H 113 32.32 -13.25 34.81
CA ILE H 113 32.36 -13.75 33.43
C ILE H 113 32.14 -12.65 32.43
N ARG H 114 31.13 -11.84 32.69
CA ARG H 114 30.78 -10.77 31.77
C ARG H 114 32.00 -9.87 31.48
N GLU H 115 32.69 -9.39 32.51
CA GLU H 115 33.89 -8.57 32.32
C GLU H 115 35.18 -9.43 32.31
N GLY H 116 35.20 -10.45 31.47
CA GLY H 116 36.28 -11.43 31.46
C GLY H 116 37.73 -10.99 31.38
N GLU H 117 37.97 -9.74 31.07
CA GLU H 117 39.34 -9.30 31.01
C GLU H 117 39.84 -9.12 32.44
N GLY H 118 40.75 -9.97 32.88
CA GLY H 118 41.20 -9.90 34.26
C GLY H 118 41.76 -11.19 34.80
N VAL H 119 42.24 -11.16 36.03
CA VAL H 119 42.91 -12.33 36.60
C VAL H 119 42.04 -13.57 36.86
N ALA H 120 40.84 -13.37 37.35
CA ALA H 120 39.97 -14.51 37.55
C ALA H 120 39.92 -15.27 36.25
N ALA H 121 39.35 -14.60 35.26
CA ALA H 121 39.19 -15.19 33.95
C ALA H 121 40.36 -16.05 33.51
N ARG H 122 41.59 -15.61 33.78
CA ARG H 122 42.79 -16.38 33.36
C ARG H 122 43.00 -17.63 34.23
N VAL H 123 42.67 -17.53 35.51
CA VAL H 123 42.80 -18.68 36.36
C VAL H 123 42.10 -19.83 35.66
N LEU H 124 40.96 -19.54 35.08
CA LEU H 124 40.13 -20.60 34.52
C LEU H 124 40.47 -20.99 33.08
N ASN H 125 40.73 -20.01 32.23
CA ASN H 125 41.17 -20.29 30.86
C ASN H 125 42.52 -20.98 30.97
N ASN H 126 43.03 -21.04 32.20
CA ASN H 126 44.24 -21.75 32.53
C ASN H 126 43.89 -23.11 33.15
N LEU H 127 42.83 -23.12 33.95
CA LEU H 127 42.30 -24.36 34.48
C LEU H 127 41.34 -24.99 33.50
N GLY H 128 41.61 -24.84 32.21
CA GLY H 128 40.86 -25.52 31.17
C GLY H 128 39.36 -25.48 31.40
N VAL H 129 38.82 -24.28 31.52
CA VAL H 129 37.41 -24.11 31.80
C VAL H 129 36.92 -22.87 31.09
N SER H 130 36.71 -22.99 29.78
CA SER H 130 36.31 -21.85 28.96
C SER H 130 35.27 -21.03 29.69
N LEU H 131 35.08 -19.78 29.28
CA LEU H 131 34.22 -18.86 30.00
C LEU H 131 32.73 -19.17 29.92
N ASN H 132 32.28 -19.84 28.87
CA ASN H 132 30.86 -20.10 28.75
C ASN H 132 30.37 -21.35 29.46
N LYS H 133 31.25 -22.36 29.55
CA LYS H 133 30.94 -23.58 30.28
C LYS H 133 30.63 -23.18 31.69
N ALA H 134 31.21 -22.07 32.10
CA ALA H 134 31.01 -21.55 33.43
C ALA H 134 29.70 -20.76 33.63
N ARG H 135 29.36 -19.83 32.75
CA ARG H 135 28.12 -19.09 33.00
C ARG H 135 26.98 -20.09 33.01
N GLN H 136 27.17 -21.17 32.28
CA GLN H 136 26.17 -22.21 32.19
C GLN H 136 25.91 -22.75 33.57
N GLN H 137 26.91 -23.38 34.17
CA GLN H 137 26.76 -24.01 35.48
C GLN H 137 25.95 -23.18 36.48
N VAL H 138 26.18 -21.87 36.53
CA VAL H 138 25.41 -21.02 37.44
C VAL H 138 23.96 -21.01 37.03
N LEU H 139 23.72 -20.86 35.73
CA LEU H 139 22.34 -20.85 35.21
C LEU H 139 21.50 -22.08 35.58
N GLN H 140 22.05 -23.26 35.33
CA GLN H 140 21.33 -24.50 35.54
C GLN H 140 21.05 -24.72 37.03
N LEU H 141 21.22 -23.66 37.81
CA LEU H 141 20.90 -23.65 39.25
C LEU H 141 20.01 -22.46 39.63
N LEU H 142 19.17 -22.01 38.69
CA LEU H 142 18.16 -20.97 38.96
C LEU H 142 17.01 -21.13 37.94
N SER H 156 -5.92 -22.93 32.16
CA SER H 156 -7.05 -22.92 31.23
C SER H 156 -6.68 -22.39 29.84
N ASN H 157 -7.18 -23.07 28.81
CA ASN H 157 -6.72 -22.84 27.44
C ASN H 157 -6.92 -21.42 26.88
N ALA H 158 -8.17 -21.02 26.67
CA ALA H 158 -8.47 -19.76 26.00
C ALA H 158 -7.68 -18.56 26.56
N ASN H 159 -7.34 -18.63 27.84
CA ASN H 159 -6.63 -17.54 28.51
C ASN H 159 -5.40 -17.12 27.72
N THR H 160 -4.91 -18.04 26.89
CA THR H 160 -3.68 -17.82 26.12
C THR H 160 -3.68 -16.52 25.33
N PRO H 161 -4.42 -16.51 24.22
CA PRO H 161 -4.46 -15.32 23.37
C PRO H 161 -4.73 -14.10 24.23
N THR H 162 -5.72 -14.24 25.11
CA THR H 162 -6.16 -13.19 26.02
C THR H 162 -5.08 -12.74 27.01
N LEU H 163 -4.94 -13.50 28.09
CA LEU H 163 -3.99 -13.18 29.17
C LEU H 163 -2.66 -12.75 28.60
N ASP H 164 -2.48 -13.03 27.32
CA ASP H 164 -1.26 -12.66 26.61
C ASP H 164 -1.08 -11.15 26.50
N SER H 165 -1.96 -10.50 25.74
CA SER H 165 -1.69 -9.15 25.20
C SER H 165 -0.62 -8.28 25.90
N LEU H 166 -0.90 -7.56 27.00
CA LEU H 166 -2.18 -7.37 27.67
C LEU H 166 -2.92 -8.64 28.14
N ALA H 167 -3.71 -8.54 29.21
CA ALA H 167 -3.93 -7.26 29.94
C ALA H 167 -4.29 -7.39 31.44
N ARG H 168 -3.32 -7.77 32.25
CA ARG H 168 -3.49 -7.70 33.70
C ARG H 168 -4.79 -8.37 34.14
N ASP H 169 -4.69 -9.66 34.49
CA ASP H 169 -5.83 -10.50 34.85
C ASP H 169 -6.27 -10.29 36.30
N LEU H 170 -7.21 -9.37 36.53
CA LEU H 170 -7.59 -9.00 37.91
C LEU H 170 -8.01 -10.17 38.80
N THR H 171 -8.70 -11.15 38.22
CA THR H 171 -9.05 -12.36 38.96
C THR H 171 -7.75 -12.96 39.49
N ALA H 172 -6.71 -12.92 38.66
CA ALA H 172 -5.42 -13.46 39.03
C ALA H 172 -4.86 -12.76 40.25
N ILE H 173 -4.69 -11.44 40.15
CA ILE H 173 -4.14 -10.66 41.25
C ILE H 173 -5.00 -10.81 42.51
N ALA H 174 -6.20 -11.34 42.33
CA ALA H 174 -7.10 -11.55 43.44
C ALA H 174 -7.14 -13.02 43.87
N LYS H 175 -6.42 -13.86 43.14
CA LYS H 175 -6.34 -15.28 43.47
C LYS H 175 -5.30 -15.54 44.58
N GLU H 176 -4.04 -15.20 44.34
CA GLU H 176 -3.00 -15.38 45.34
C GLU H 176 -3.20 -14.39 46.49
N ASP H 177 -4.34 -13.70 46.48
CA ASP H 177 -4.69 -12.73 47.51
C ASP H 177 -3.65 -11.64 47.58
N SER H 178 -2.79 -11.58 46.57
CA SER H 178 -1.78 -10.54 46.46
C SER H 178 -2.45 -9.23 46.06
N LEU H 179 -3.63 -8.97 46.64
CA LEU H 179 -4.44 -7.81 46.27
C LEU H 179 -4.82 -6.93 47.48
N ASP H 180 -4.69 -5.61 47.32
CA ASP H 180 -5.04 -4.62 48.34
C ASP H 180 -6.49 -4.84 48.78
N PRO H 181 -6.94 -4.13 49.83
CA PRO H 181 -8.31 -4.33 50.31
C PRO H 181 -9.35 -4.46 49.17
N VAL H 182 -9.89 -3.40 48.56
CA VAL H 182 -9.79 -2.01 48.98
C VAL H 182 -11.18 -1.62 49.54
N ILE H 183 -11.22 -0.53 50.31
CA ILE H 183 -12.40 -0.11 51.07
C ILE H 183 -13.73 -0.09 50.33
N GLY H 184 -14.22 1.12 50.07
CA GLY H 184 -15.50 1.30 49.41
C GLY H 184 -16.30 2.45 49.97
N ARG H 185 -17.37 2.84 49.27
CA ARG H 185 -17.77 2.20 48.01
C ARG H 185 -17.88 0.68 48.10
N SER H 186 -18.45 0.21 49.21
CA SER H 186 -18.79 -1.21 49.38
C SER H 186 -20.20 -1.50 48.84
N LYS H 187 -21.13 -0.61 49.14
CA LYS H 187 -22.44 -0.65 48.50
C LYS H 187 -22.33 -0.23 47.02
N GLU H 188 -21.24 0.42 46.66
CA GLU H 188 -20.98 0.70 45.24
C GLU H 188 -20.63 -0.59 44.44
N ILE H 189 -19.84 -1.49 45.02
CA ILE H 189 -19.42 -2.74 44.34
C ILE H 189 -20.63 -3.61 44.05
N GLN H 190 -21.59 -3.62 44.98
CA GLN H 190 -22.80 -4.40 44.81
C GLN H 190 -23.60 -3.94 43.59
N ARG H 191 -23.79 -2.63 43.44
CA ARG H 191 -24.63 -2.06 42.37
C ARG H 191 -24.12 -2.46 40.99
N VAL H 192 -22.89 -2.95 40.96
CA VAL H 192 -22.31 -3.40 39.71
C VAL H 192 -22.83 -4.77 39.32
N ILE H 193 -23.01 -5.60 40.34
CA ILE H 193 -23.40 -6.99 40.09
C ILE H 193 -24.88 -7.15 39.68
N GLU H 194 -25.75 -6.19 40.05
CA GLU H 194 -27.12 -6.17 39.51
C GLU H 194 -26.99 -5.94 38.02
N VAL H 195 -26.38 -4.81 37.68
CA VAL H 195 -26.14 -4.40 36.31
C VAL H 195 -25.37 -5.45 35.52
N LEU H 196 -24.98 -6.53 36.18
CA LEU H 196 -24.07 -7.48 35.57
C LEU H 196 -24.67 -8.86 35.60
N SER H 197 -25.72 -9.01 36.40
CA SER H 197 -26.39 -10.30 36.55
C SER H 197 -27.62 -10.32 35.64
N ARG H 198 -27.75 -9.24 34.86
CA ARG H 198 -28.94 -9.02 34.04
C ARG H 198 -29.00 -9.81 32.74
N ARG H 199 -29.86 -9.31 31.86
CA ARG H 199 -29.92 -9.72 30.47
C ARG H 199 -30.27 -8.44 29.66
N THR H 200 -30.94 -7.48 30.31
CA THR H 200 -31.24 -6.18 29.68
C THR H 200 -29.99 -5.30 29.56
N LYS H 201 -29.76 -4.47 30.56
CA LYS H 201 -28.56 -3.66 30.61
C LYS H 201 -27.42 -4.56 31.07
N ASN H 202 -26.95 -5.43 30.20
CA ASN H 202 -25.92 -6.42 30.54
C ASN H 202 -24.66 -5.84 31.18
N ASN H 203 -24.18 -4.70 30.67
CA ASN H 203 -22.85 -4.15 30.98
C ASN H 203 -22.80 -2.78 31.66
N PRO H 204 -22.18 -2.68 32.85
CA PRO H 204 -22.07 -1.48 33.72
C PRO H 204 -21.00 -0.42 33.34
N VAL H 205 -21.21 0.81 33.80
CA VAL H 205 -20.36 1.95 33.44
C VAL H 205 -20.34 3.01 34.54
N LEU H 206 -19.17 3.24 35.11
CA LEU H 206 -19.06 4.12 36.27
C LEU H 206 -18.65 5.55 35.92
N ILE H 207 -19.43 6.49 36.39
CA ILE H 207 -19.18 7.89 36.08
C ILE H 207 -19.05 8.71 37.35
N GLY H 208 -17.95 9.43 37.45
CA GLY H 208 -17.68 10.32 38.55
C GLY H 208 -16.35 10.94 38.24
N GLU H 209 -15.91 11.90 39.04
CA GLU H 209 -14.56 12.42 38.85
C GLU H 209 -13.61 11.21 38.90
N PRO H 210 -12.59 11.20 38.03
CA PRO H 210 -11.96 9.98 37.52
C PRO H 210 -10.93 9.17 38.33
N GLY H 211 -10.19 9.71 39.31
CA GLY H 211 -10.57 10.78 40.20
C GLY H 211 -10.70 10.03 41.51
N VAL H 212 -11.87 9.42 41.67
CA VAL H 212 -12.12 8.54 42.79
C VAL H 212 -11.52 7.18 42.50
N GLY H 213 -10.39 7.22 41.77
CA GLY H 213 -9.75 6.00 41.32
C GLY H 213 -10.84 4.99 41.08
N LYS H 214 -11.74 5.30 40.14
CA LYS H 214 -12.87 4.44 39.87
C LYS H 214 -12.34 3.04 39.77
N THR H 215 -11.20 2.94 39.09
CA THR H 215 -10.56 1.67 38.78
C THR H 215 -10.50 0.78 40.00
N ALA H 216 -10.62 1.39 41.18
CA ALA H 216 -10.51 0.71 42.48
C ALA H 216 -11.67 -0.28 42.74
N ILE H 217 -12.88 0.15 42.38
CA ILE H 217 -14.10 -0.64 42.57
C ILE H 217 -14.06 -1.98 41.83
N ALA H 218 -13.47 -1.97 40.63
CA ALA H 218 -13.31 -3.17 39.80
C ALA H 218 -12.55 -4.30 40.48
N GLU H 219 -11.45 -3.99 41.15
CA GLU H 219 -10.70 -5.00 41.87
C GLU H 219 -11.67 -5.63 42.88
N GLY H 220 -12.74 -4.90 43.21
CA GLY H 220 -13.78 -5.37 44.10
C GLY H 220 -14.38 -6.70 43.69
N LEU H 221 -14.83 -6.79 42.44
CA LEU H 221 -15.35 -8.05 41.94
C LEU H 221 -14.35 -9.20 42.11
N ALA H 222 -13.16 -9.03 41.55
CA ALA H 222 -12.17 -10.08 41.62
C ALA H 222 -12.31 -10.81 42.95
N GLN H 223 -12.23 -10.06 44.04
CA GLN H 223 -12.26 -10.64 45.38
C GLN H 223 -13.58 -11.34 45.73
N GLN H 224 -14.70 -10.74 45.37
CA GLN H 224 -16.00 -11.32 45.72
C GLN H 224 -16.48 -12.45 44.80
N ILE H 225 -16.09 -12.41 43.53
CA ILE H 225 -16.49 -13.46 42.60
C ILE H 225 -15.77 -14.74 43.00
N ILE H 226 -14.57 -14.57 43.50
CA ILE H 226 -13.81 -15.69 44.05
C ILE H 226 -14.45 -16.26 45.31
N ASN H 227 -14.24 -15.61 46.45
CA ASN H 227 -14.74 -16.14 47.71
C ASN H 227 -15.70 -15.22 48.45
N ASN H 228 -16.99 -15.28 48.10
CA ASN H 228 -17.52 -16.01 46.97
C ASN H 228 -18.93 -15.52 46.76
N GLU H 229 -19.31 -14.56 47.60
CA GLU H 229 -20.64 -14.01 47.63
C GLU H 229 -20.98 -13.38 46.28
N VAL H 230 -21.53 -14.19 45.38
CA VAL H 230 -22.07 -13.74 44.09
C VAL H 230 -22.85 -14.85 43.41
N PRO H 231 -23.89 -14.50 42.62
CA PRO H 231 -24.77 -15.51 42.02
C PRO H 231 -24.03 -16.65 41.33
N GLU H 232 -24.57 -17.85 41.42
CA GLU H 232 -24.03 -18.98 40.68
C GLU H 232 -24.16 -18.64 39.20
N ILE H 233 -24.72 -17.46 38.95
CA ILE H 233 -24.91 -16.92 37.62
C ILE H 233 -23.64 -16.26 37.10
N LEU H 234 -22.58 -16.24 37.92
CA LEU H 234 -21.35 -15.50 37.59
C LEU H 234 -20.09 -16.16 38.09
N ARG H 235 -20.22 -17.14 38.98
CA ARG H 235 -19.06 -17.87 39.46
C ARG H 235 -18.29 -18.30 38.23
N ASP H 236 -17.00 -18.56 38.39
CA ASP H 236 -16.20 -19.01 37.26
C ASP H 236 -16.19 -17.97 36.13
N LYS H 237 -15.62 -16.81 36.40
CA LYS H 237 -15.39 -15.79 35.37
C LYS H 237 -14.15 -14.96 35.70
N ARG H 238 -13.84 -13.95 34.90
CA ARG H 238 -12.56 -13.23 35.03
C ARG H 238 -12.61 -11.71 34.75
N VAL H 239 -11.97 -10.91 35.59
CA VAL H 239 -11.87 -9.48 35.36
C VAL H 239 -10.55 -9.12 34.70
N MET H 240 -10.58 -8.23 33.72
CA MET H 240 -9.36 -7.82 33.01
C MET H 240 -9.42 -6.37 32.51
N THR H 241 -8.28 -5.82 32.06
CA THR H 241 -8.18 -4.37 31.84
C THR H 241 -7.46 -3.89 30.56
N LEU H 242 -7.38 -2.56 30.40
CA LEU H 242 -6.51 -1.92 29.40
C LEU H 242 -6.67 -0.40 29.39
N GLU H 253 -1.54 -2.02 17.55
CA GLU H 253 -2.90 -1.99 17.02
C GLU H 253 -3.14 -3.15 16.05
N ASP H 254 -2.07 -3.61 15.42
CA ASP H 254 -2.16 -4.67 14.41
C ASP H 254 -2.69 -5.98 14.99
N ARG H 255 -2.68 -6.08 16.31
CA ARG H 255 -3.14 -7.28 17.02
C ARG H 255 -4.67 -7.38 17.01
N LEU H 256 -5.27 -6.80 15.96
CA LEU H 256 -6.71 -6.57 15.80
C LEU H 256 -7.72 -7.62 16.35
N LYS H 257 -8.67 -7.97 15.50
CA LYS H 257 -9.75 -8.92 15.85
C LYS H 257 -9.16 -10.26 16.28
N LYS H 258 -7.84 -10.37 16.13
CA LYS H 258 -7.13 -11.62 16.41
C LYS H 258 -7.47 -12.18 17.78
N VAL H 259 -7.02 -11.51 18.83
CA VAL H 259 -7.23 -12.05 20.16
C VAL H 259 -8.70 -11.92 20.58
N MET H 260 -9.40 -10.91 20.07
CA MET H 260 -10.83 -10.76 20.36
C MET H 260 -11.64 -11.92 19.80
N ASP H 261 -11.16 -12.52 18.71
CA ASP H 261 -11.80 -13.74 18.23
C ASP H 261 -11.46 -14.84 19.23
N GLU H 262 -10.23 -14.82 19.73
CA GLU H 262 -9.77 -15.77 20.73
C GLU H 262 -10.34 -15.47 22.13
N ILE H 263 -11.54 -14.92 22.17
CA ILE H 263 -12.24 -14.68 23.43
C ILE H 263 -13.75 -14.89 23.33
N ARG H 264 -14.39 -14.31 22.32
CA ARG H 264 -15.81 -14.61 22.10
C ARG H 264 -15.92 -16.11 22.20
N GLN H 265 -14.87 -16.77 21.74
CA GLN H 265 -14.71 -18.21 21.86
C GLN H 265 -14.24 -18.59 23.27
N ALA H 266 -14.94 -18.07 24.27
CA ALA H 266 -14.65 -18.31 25.69
C ALA H 266 -15.46 -17.33 26.52
N GLY H 267 -16.64 -17.76 26.95
CA GLY H 267 -17.63 -16.86 27.54
C GLY H 267 -17.30 -16.29 28.91
N ASN H 268 -16.38 -16.93 29.61
CA ASN H 268 -16.09 -16.55 31.00
C ASN H 268 -15.31 -15.25 31.16
N ILE H 269 -15.75 -14.18 30.50
CA ILE H 269 -14.96 -12.94 30.51
C ILE H 269 -15.72 -11.61 30.65
N ILE H 270 -15.20 -10.78 31.54
CA ILE H 270 -15.73 -9.46 31.82
C ILE H 270 -14.55 -8.51 31.66
N LEU H 271 -14.82 -7.27 31.25
CA LEU H 271 -13.74 -6.38 30.79
C LEU H 271 -13.83 -4.95 31.31
N PHE H 272 -12.70 -4.25 31.28
CA PHE H 272 -12.58 -2.92 31.86
C PHE H 272 -12.00 -1.89 30.92
N ILE H 273 -12.59 -0.71 30.90
CA ILE H 273 -12.22 0.29 29.92
C ILE H 273 -12.21 1.70 30.52
N ASP H 274 -11.55 2.60 29.80
CA ASP H 274 -11.47 4.00 30.19
C ASP H 274 -10.98 4.78 28.98
N ALA H 275 -11.84 4.86 27.97
CA ALA H 275 -11.49 5.46 26.69
C ALA H 275 -12.67 5.39 25.72
N LYS H 284 -14.21 1.58 18.92
CA LYS H 284 -14.06 0.42 19.79
C LYS H 284 -15.19 -0.60 19.69
N PRO H 285 -16.45 -0.13 19.75
CA PRO H 285 -17.59 -0.99 20.13
C PRO H 285 -18.08 -2.04 19.14
N SER H 286 -17.71 -3.30 19.36
CA SER H 286 -18.35 -4.44 18.71
C SER H 286 -19.45 -4.95 19.65
N LEU H 287 -20.04 -3.99 20.37
CA LEU H 287 -20.89 -4.23 21.53
C LEU H 287 -21.93 -5.35 21.41
N ALA H 288 -22.26 -5.93 22.56
CA ALA H 288 -23.32 -6.93 22.67
C ALA H 288 -23.10 -8.16 21.79
N ARG H 289 -22.34 -7.99 20.70
CA ARG H 289 -22.15 -9.07 19.72
C ARG H 289 -21.89 -10.39 20.42
N GLY H 290 -20.63 -10.66 20.78
CA GLY H 290 -20.30 -11.84 21.55
C GLY H 290 -20.69 -11.66 23.02
N GLU H 291 -20.16 -12.53 23.86
CA GLU H 291 -20.32 -12.39 25.31
C GLU H 291 -19.43 -11.24 25.79
N LEU H 292 -18.87 -10.53 24.84
CA LEU H 292 -18.01 -9.36 25.08
C LEU H 292 -18.56 -8.40 26.14
N GLN H 293 -18.36 -8.69 27.41
CA GLN H 293 -19.04 -7.96 28.49
C GLN H 293 -18.12 -6.97 29.23
N CYS H 294 -18.52 -5.69 29.27
CA CYS H 294 -17.65 -4.62 29.79
C CYS H 294 -17.99 -4.07 31.19
N ILE H 295 -17.04 -3.34 31.75
CA ILE H 295 -17.28 -2.37 32.82
C ILE H 295 -16.52 -1.07 32.49
N GLY H 296 -17.24 0.05 32.50
CA GLY H 296 -16.70 1.26 31.94
C GLY H 296 -16.46 2.36 32.93
N ALA H 297 -15.31 2.99 32.80
CA ALA H 297 -14.97 4.12 33.63
C ALA H 297 -14.73 5.32 32.74
N THR H 298 -15.65 6.27 32.77
CA THR H 298 -15.51 7.46 31.95
C THR H 298 -16.24 8.67 32.54
N THR H 299 -15.64 9.84 32.29
CA THR H 299 -15.97 11.07 32.99
C THR H 299 -17.48 11.32 33.17
N LEU H 300 -17.79 12.24 34.09
CA LEU H 300 -19.15 12.75 34.27
C LEU H 300 -19.85 12.96 32.93
N ASP H 301 -19.14 13.57 31.99
CA ASP H 301 -19.71 13.99 30.74
C ASP H 301 -19.40 13.04 29.58
N GLU H 302 -18.15 12.59 29.48
CA GLU H 302 -17.73 11.76 28.34
C GLU H 302 -18.80 10.75 28.00
N TYR H 303 -19.46 10.23 29.02
CA TYR H 303 -20.57 9.30 28.80
C TYR H 303 -21.71 9.99 28.07
N ARG H 304 -22.06 11.19 28.50
CA ARG H 304 -23.02 12.01 27.76
C ARG H 304 -22.67 11.87 26.28
N LYS H 305 -21.37 11.85 25.99
CA LYS H 305 -20.85 11.67 24.62
C LYS H 305 -20.61 10.22 24.23
N TYR H 306 -21.58 9.35 24.51
CA TYR H 306 -21.53 7.94 24.10
C TYR H 306 -22.95 7.31 24.04
N ILE H 307 -23.78 7.56 25.05
CA ILE H 307 -25.20 7.27 24.88
C ILE H 307 -25.76 8.29 23.90
N GLU H 308 -25.04 9.39 23.74
CA GLU H 308 -25.34 10.38 22.71
C GLU H 308 -25.11 9.72 21.35
N LYS H 309 -24.11 8.84 21.30
CA LYS H 309 -23.97 7.95 20.15
C LYS H 309 -25.28 7.18 20.01
N ASP H 310 -25.59 6.36 21.01
CA ASP H 310 -26.86 5.63 21.08
C ASP H 310 -27.02 4.70 19.89
N ALA H 311 -27.96 3.76 19.99
CA ALA H 311 -28.72 3.49 21.20
C ALA H 311 -28.42 2.08 21.65
N ALA H 312 -27.36 1.51 21.07
CA ALA H 312 -26.78 0.28 21.59
C ALA H 312 -26.11 0.65 22.91
N LEU H 313 -25.74 1.93 23.02
CA LEU H 313 -25.28 2.51 24.28
C LEU H 313 -26.36 2.40 25.37
N GLU H 314 -27.33 3.32 25.37
CA GLU H 314 -28.42 3.32 26.36
C GLU H 314 -28.90 1.90 26.64
N ARG H 315 -28.66 1.02 25.67
CA ARG H 315 -28.99 -0.39 25.76
C ARG H 315 -27.96 -1.23 26.53
N ARG H 316 -27.03 -1.85 25.81
CA ARG H 316 -26.07 -2.78 26.40
C ARG H 316 -25.50 -2.22 27.71
N PHE H 317 -24.43 -1.42 27.60
CA PHE H 317 -23.79 -0.74 28.74
C PHE H 317 -24.82 0.05 29.60
N GLN H 318 -24.47 0.37 30.85
CA GLN H 318 -25.41 1.06 31.77
C GLN H 318 -24.77 1.45 33.14
N PRO H 319 -25.08 2.67 33.62
CA PRO H 319 -24.24 3.42 34.57
C PRO H 319 -24.61 3.39 36.05
N ILE H 320 -23.64 3.82 36.85
CA ILE H 320 -23.81 3.98 38.29
C ILE H 320 -22.89 5.11 38.81
N GLN H 321 -23.36 5.83 39.83
CA GLN H 321 -22.67 7.03 40.31
C GLN H 321 -21.60 6.71 41.34
N VAL H 322 -20.36 6.97 40.96
CA VAL H 322 -19.23 6.79 41.85
C VAL H 322 -19.04 7.99 42.79
N ASP H 323 -19.01 7.71 44.09
CA ASP H 323 -18.94 8.78 45.07
C ASP H 323 -17.52 9.17 45.43
N GLN H 324 -17.29 10.48 45.63
CA GLN H 324 -16.07 10.97 46.25
C GLN H 324 -16.10 10.52 47.70
N PRO H 325 -15.25 9.53 48.05
CA PRO H 325 -15.37 8.74 49.30
C PRO H 325 -15.70 9.60 50.53
N SER H 326 -16.38 8.99 51.49
CA SER H 326 -16.61 9.67 52.76
C SER H 326 -15.25 10.02 53.30
N VAL H 327 -15.05 11.28 53.69
CA VAL H 327 -13.73 11.77 54.12
C VAL H 327 -12.90 10.80 55.01
N ASP H 328 -13.55 10.19 56.01
CA ASP H 328 -12.90 9.21 56.90
C ASP H 328 -12.45 8.00 56.10
N GLU H 329 -13.32 7.55 55.21
CA GLU H 329 -13.02 6.41 54.36
C GLU H 329 -11.68 6.68 53.70
N SER H 330 -11.52 7.91 53.22
CA SER H 330 -10.28 8.32 52.59
C SER H 330 -9.12 7.89 53.48
N ILE H 331 -9.07 8.42 54.70
CA ILE H 331 -8.00 8.08 55.62
C ILE H 331 -7.61 6.59 55.59
N GLN H 332 -8.62 5.72 55.61
CA GLN H 332 -8.37 4.29 55.74
C GLN H 332 -7.68 3.74 54.51
N ILE H 333 -8.03 4.30 53.36
CA ILE H 333 -7.45 3.84 52.11
C ILE H 333 -5.96 4.08 52.19
N LEU H 334 -5.63 5.28 52.62
CA LEU H 334 -4.24 5.70 52.75
C LEU H 334 -3.46 4.66 53.54
N GLN H 335 -3.89 4.40 54.76
CA GLN H 335 -3.15 3.50 55.63
C GLN H 335 -2.94 2.11 54.99
N GLY H 336 -3.97 1.58 54.33
CA GLY H 336 -3.91 0.26 53.74
C GLY H 336 -2.77 0.16 52.75
N LEU H 337 -2.49 1.30 52.12
CA LEU H 337 -1.34 1.41 51.22
C LEU H 337 -0.25 2.31 51.81
N ARG H 338 -0.40 2.65 53.09
CA ARG H 338 0.68 3.32 53.84
C ARG H 338 1.92 2.42 53.87
N ASP H 339 1.74 1.23 54.43
CA ASP H 339 2.81 0.23 54.55
C ASP H 339 3.49 -0.01 53.22
N ARG H 340 2.82 0.40 52.15
CA ARG H 340 3.30 0.18 50.79
C ARG H 340 3.99 1.42 50.19
N TYR H 341 3.78 2.60 50.78
CA TYR H 341 4.54 3.80 50.43
C TYR H 341 5.75 3.95 51.35
N GLU H 342 6.05 2.89 52.10
CA GLU H 342 7.29 2.88 52.88
C GLU H 342 8.44 2.76 51.90
N ALA H 343 8.08 2.52 50.63
CA ALA H 343 9.02 2.40 49.52
C ALA H 343 9.92 3.62 49.36
N HIS H 344 9.37 4.80 49.64
CA HIS H 344 10.11 6.05 49.48
C HIS H 344 10.73 6.58 50.79
N HIS H 345 10.72 5.71 51.81
CA HIS H 345 11.57 5.83 52.99
C HIS H 345 11.18 6.94 54.01
N ARG H 346 10.13 6.68 54.82
CA ARG H 346 9.66 7.62 55.88
C ARG H 346 8.33 7.18 56.52
N VAL H 347 7.54 6.41 55.79
CA VAL H 347 6.31 5.81 56.29
C VAL H 347 6.66 4.36 56.67
N SER H 348 5.82 3.64 57.44
CA SER H 348 4.47 4.04 57.85
C SER H 348 4.36 5.31 58.68
N ILE H 349 3.12 5.71 58.95
CA ILE H 349 2.82 6.86 59.81
C ILE H 349 3.34 8.20 59.22
N THR H 350 3.03 9.35 59.84
CA THR H 350 2.17 9.42 61.03
C THR H 350 0.68 9.60 60.69
N ASP H 351 -0.18 8.87 61.42
CA ASP H 351 -1.62 9.02 61.28
C ASP H 351 -1.99 10.49 61.31
N ASP H 352 -1.59 11.17 62.39
CA ASP H 352 -1.90 12.58 62.60
C ASP H 352 -1.60 13.39 61.35
N ALA H 353 -0.63 12.94 60.56
CA ALA H 353 -0.26 13.58 59.30
C ALA H 353 -1.22 13.25 58.16
N ILE H 354 -1.56 11.97 58.02
CA ILE H 354 -2.53 11.52 57.01
C ILE H 354 -3.80 12.38 57.10
N GLU H 355 -4.47 12.33 58.25
CA GLU H 355 -5.71 13.09 58.47
C GLU H 355 -5.65 14.48 57.81
N ALA H 356 -4.48 15.12 57.87
CA ALA H 356 -4.29 16.42 57.23
C ALA H 356 -4.30 16.29 55.71
N ALA H 357 -3.44 15.41 55.17
CA ALA H 357 -3.43 15.16 53.75
C ALA H 357 -4.87 15.16 53.25
N VAL H 358 -5.66 14.22 53.74
CA VAL H 358 -7.10 14.16 53.48
C VAL H 358 -7.83 15.46 53.79
N LYS H 359 -8.09 15.71 55.07
CA LYS H 359 -8.98 16.78 55.52
C LYS H 359 -8.86 18.14 54.82
N LEU H 360 -7.62 18.59 54.61
CA LEU H 360 -7.39 19.91 54.03
C LEU H 360 -7.94 19.97 52.62
N SER H 361 -7.85 18.85 51.93
CA SER H 361 -8.24 18.75 50.52
C SER H 361 -9.76 18.88 50.30
N ASP H 362 -10.56 18.27 51.18
CA ASP H 362 -12.01 18.30 51.01
C ASP H 362 -12.53 19.73 51.06
N ARG H 363 -12.01 20.50 52.00
CA ARG H 363 -12.41 21.89 52.16
C ARG H 363 -11.46 22.87 51.46
N TYR H 364 -10.16 22.66 51.62
CA TYR H 364 -9.17 23.56 51.02
C TYR H 364 -8.68 23.01 49.70
N ILE H 365 -8.94 23.75 48.62
CA ILE H 365 -8.52 23.38 47.27
C ILE H 365 -8.38 21.86 47.14
N SER H 366 -9.44 21.13 46.76
CA SER H 366 -10.74 21.63 46.25
C SER H 366 -10.77 21.72 44.72
N ASP H 367 -10.27 20.66 44.08
CA ASP H 367 -10.17 20.57 42.62
C ASP H 367 -9.95 19.14 42.14
N ARG H 368 -10.33 18.14 42.94
CA ARG H 368 -10.24 16.73 42.55
C ARG H 368 -11.30 15.81 43.19
N PHE H 369 -10.88 14.58 43.45
CA PHE H 369 -11.69 13.64 44.21
C PHE H 369 -11.01 13.52 45.56
N LEU H 370 -11.79 13.23 46.59
CA LEU H 370 -11.23 13.21 47.94
C LEU H 370 -10.22 12.10 48.30
N PRO H 371 -9.99 11.10 47.39
CA PRO H 371 -8.89 10.15 47.60
C PRO H 371 -7.61 10.38 46.73
N ASP H 372 -7.77 10.87 45.51
CA ASP H 372 -6.58 11.23 44.72
C ASP H 372 -5.84 12.35 45.43
N LYS H 373 -6.55 13.45 45.73
CA LYS H 373 -5.97 14.63 46.38
C LYS H 373 -4.97 14.24 47.47
N ALA H 374 -5.52 13.58 48.51
CA ALA H 374 -4.77 13.06 49.63
C ALA H 374 -3.42 12.48 49.20
N ILE H 375 -3.43 11.26 48.69
CA ILE H 375 -2.22 10.64 48.15
C ILE H 375 -1.23 11.57 47.39
N ASP H 376 -1.74 12.62 46.74
CA ASP H 376 -0.85 13.51 46.02
C ASP H 376 -0.05 14.37 47.00
N LEU H 377 -0.73 14.83 48.05
CA LEU H 377 -0.08 15.54 49.18
C LEU H 377 1.01 14.72 49.83
N ILE H 378 0.61 13.51 50.24
CA ILE H 378 1.53 12.50 50.68
C ILE H 378 2.75 12.32 49.75
N ASP H 379 2.54 12.09 48.44
CA ASP H 379 3.69 11.92 47.57
C ASP H 379 4.52 13.19 47.37
N GLU H 380 3.88 14.35 47.21
CA GLU H 380 4.64 15.60 47.21
C GLU H 380 5.67 15.52 48.33
N ALA H 381 5.21 15.28 49.55
CA ALA H 381 6.10 15.05 50.68
C ALA H 381 6.84 13.65 50.69
N GLY H 382 6.30 12.68 49.94
CA GLY H 382 6.77 11.29 49.89
C GLY H 382 8.04 11.02 49.11
N SER H 383 8.88 12.06 49.06
CA SER H 383 10.21 12.05 48.48
C SER H 383 10.86 13.30 49.03
N LYS H 384 10.09 14.41 48.96
CA LYS H 384 10.50 15.72 49.48
C LYS H 384 11.35 15.69 50.74
N VAL H 385 10.93 14.93 51.73
CA VAL H 385 11.70 14.89 52.95
C VAL H 385 12.88 13.91 52.86
N ARG H 386 12.67 12.77 52.17
CA ARG H 386 13.78 11.88 51.83
C ARG H 386 14.83 12.68 51.08
N LEU H 387 14.43 13.88 50.66
CA LEU H 387 15.30 14.77 49.91
C LEU H 387 16.06 15.77 50.79
N ARG H 388 15.34 16.50 51.63
CA ARG H 388 15.96 17.42 52.59
C ARG H 388 17.09 16.70 53.32
N SER H 389 17.05 15.37 53.23
CA SER H 389 18.12 14.50 53.69
C SER H 389 19.37 14.68 52.82
N PHE H 390 19.17 14.65 51.51
CA PHE H 390 20.27 14.58 50.56
C PHE H 390 20.94 15.92 50.19
N THR H 391 20.40 17.03 50.69
CA THR H 391 20.93 18.35 50.37
C THR H 391 22.42 18.44 50.61
N THR H 392 23.08 19.36 49.91
CA THR H 392 24.49 19.61 50.12
C THR H 392 24.71 20.15 51.53
N PRO H 393 25.65 19.54 52.27
CA PRO H 393 26.17 19.89 53.60
C PRO H 393 26.32 21.41 53.81
N PRO H 394 26.96 21.85 54.93
CA PRO H 394 27.12 23.28 55.17
C PRO H 394 27.66 24.01 53.96
N ASN H 395 28.05 25.28 54.11
CA ASN H 395 28.64 25.99 52.97
C ASN H 395 29.90 25.29 52.52
N LEU H 396 30.10 24.09 53.05
CA LEU H 396 31.15 23.18 52.59
C LEU H 396 30.91 22.77 51.13
N LYS H 397 30.03 23.51 50.44
CA LYS H 397 30.04 23.48 48.98
C LYS H 397 31.42 23.97 48.55
N GLU H 398 32.03 24.80 49.41
CA GLU H 398 33.32 25.43 49.11
C GLU H 398 34.52 24.47 49.10
N LEU H 399 34.54 23.50 50.02
CA LEU H 399 35.64 22.54 50.06
C LEU H 399 35.87 21.92 48.70
N GLU H 400 34.89 21.16 48.22
CA GLU H 400 35.00 20.54 46.92
C GLU H 400 35.53 21.53 45.90
N GLN H 401 35.02 22.76 45.95
CA GLN H 401 35.49 23.82 45.07
C GLN H 401 37.00 23.90 45.18
N LYS H 402 37.49 23.90 46.41
CA LYS H 402 38.93 23.94 46.68
C LYS H 402 39.62 22.73 46.08
N LEU H 403 39.21 21.56 46.55
CA LEU H 403 39.88 20.31 46.19
C LEU H 403 40.15 20.25 44.70
N ASP H 404 39.29 20.89 43.92
CA ASP H 404 39.46 20.90 42.49
C ASP H 404 40.80 21.52 42.11
N GLU H 405 40.94 22.82 42.35
CA GLU H 405 42.17 23.54 42.02
C GLU H 405 43.38 22.65 42.25
N VAL H 406 43.28 21.82 43.28
CA VAL H 406 44.36 20.90 43.60
C VAL H 406 44.60 19.88 42.51
N ARG H 407 43.68 18.93 42.33
CA ARG H 407 43.92 17.89 41.33
C ARG H 407 44.75 18.51 40.23
N LYS H 408 44.21 19.54 39.60
CA LYS H 408 44.92 20.25 38.54
C LYS H 408 46.40 20.37 38.87
N GLU H 409 46.73 21.24 39.83
CA GLU H 409 48.12 21.40 40.22
C GLU H 409 48.77 20.02 40.27
N LYS H 410 48.23 19.13 41.10
CA LYS H 410 48.72 17.76 41.13
C LYS H 410 48.85 17.23 39.72
N ASP H 411 47.70 17.13 39.05
CA ASP H 411 47.61 16.53 37.71
C ASP H 411 48.56 17.23 36.75
N ALA H 412 48.20 18.45 36.34
CA ALA H 412 48.98 19.19 35.36
C ALA H 412 50.46 19.16 35.73
N ALA H 413 50.74 19.24 37.03
CA ALA H 413 52.11 19.14 37.50
C ALA H 413 52.64 17.78 37.10
N VAL H 414 51.85 16.75 37.30
CA VAL H 414 52.32 15.40 37.02
C VAL H 414 52.73 15.25 35.56
N GLN H 415 52.11 16.05 34.70
CA GLN H 415 52.38 16.03 33.27
C GLN H 415 53.71 16.72 32.99
N SER H 416 54.10 17.57 33.94
CA SER H 416 55.36 18.31 33.86
C SER H 416 56.42 17.64 34.71
N GLN H 417 56.04 17.23 35.92
CA GLN H 417 56.91 16.47 36.83
C GLN H 417 58.23 17.15 37.19
N GLU H 418 58.29 17.85 38.34
CA GLU H 418 57.19 18.08 39.28
C GLU H 418 56.65 16.83 39.99
N PHE H 419 57.44 15.76 40.02
CA PHE H 419 57.04 14.51 40.68
C PHE H 419 56.81 14.64 42.17
N GLU H 420 57.89 14.76 42.93
CA GLU H 420 57.74 14.93 44.37
C GLU H 420 56.95 16.20 44.62
N LYS H 421 56.89 17.06 43.62
CA LYS H 421 56.06 18.25 43.69
C LYS H 421 54.60 17.86 43.60
N ALA H 422 54.36 16.56 43.45
CA ALA H 422 53.02 15.99 43.45
C ALA H 422 52.83 15.09 44.65
N ALA H 423 53.74 14.14 44.83
CA ALA H 423 53.71 13.28 46.00
C ALA H 423 53.05 14.00 47.15
N SER H 424 53.61 15.14 47.54
CA SER H 424 53.02 15.94 48.60
C SER H 424 51.75 16.62 48.12
N LEU H 425 51.67 16.88 46.82
CA LEU H 425 50.46 17.45 46.21
C LEU H 425 49.28 16.48 46.26
N ARG H 426 49.54 15.23 45.91
CA ARG H 426 48.55 14.19 46.06
C ARG H 426 48.13 14.14 47.52
N ASP H 427 49.11 13.90 48.37
CA ASP H 427 48.88 13.85 49.79
C ASP H 427 48.10 15.10 50.24
N THR H 428 48.46 16.30 49.78
CA THR H 428 47.68 17.49 50.11
C THR H 428 46.23 17.29 49.68
N GLU H 429 46.04 16.64 48.54
CA GLU H 429 44.70 16.29 48.05
C GLU H 429 43.87 15.42 49.02
N GLN H 430 44.26 14.17 49.21
CA GLN H 430 43.51 13.28 50.10
C GLN H 430 43.35 13.84 51.51
N ARG H 431 44.29 14.66 51.95
CA ARG H 431 44.09 15.38 53.20
C ARG H 431 42.69 15.96 53.09
N LEU H 432 42.50 16.75 52.04
CA LEU H 432 41.21 17.38 51.75
C LEU H 432 40.08 16.36 51.68
N ARG H 433 40.18 15.42 50.75
CA ARG H 433 39.08 14.52 50.43
C ARG H 433 38.42 13.90 51.65
N GLU H 434 39.19 13.14 52.41
CA GLU H 434 38.67 12.53 53.63
C GLU H 434 37.96 13.56 54.51
N GLN H 435 38.50 14.78 54.56
CA GLN H 435 37.85 15.89 55.25
C GLN H 435 36.47 16.14 54.65
N VAL H 436 36.43 16.22 53.32
CA VAL H 436 35.18 16.36 52.61
C VAL H 436 34.22 15.23 52.98
N GLU H 437 34.57 14.01 52.58
CA GLU H 437 33.71 12.87 52.79
C GLU H 437 33.28 12.72 54.24
N ASP H 438 34.14 13.13 55.16
CA ASP H 438 33.80 13.09 56.58
C ASP H 438 32.66 14.05 56.94
N THR H 439 32.62 15.22 56.30
CA THR H 439 31.53 16.18 56.51
C THR H 439 30.41 16.02 55.48
N LYS H 440 30.65 15.19 54.47
CA LYS H 440 29.64 14.88 53.46
C LYS H 440 28.78 13.75 54.01
N LYS H 441 29.38 12.98 54.91
CA LYS H 441 28.66 11.92 55.61
C LYS H 441 28.35 12.37 57.03
N SER H 442 28.70 13.62 57.33
CA SER H 442 28.23 14.26 58.56
C SER H 442 26.76 14.59 58.37
N TRP H 443 26.34 14.60 57.10
CA TRP H 443 24.94 14.76 56.74
C TRP H 443 24.17 13.44 56.60
N LYS H 444 24.49 12.53 57.51
CA LYS H 444 23.60 11.46 57.89
C LYS H 444 22.82 11.99 59.09
N GLU H 445 23.28 13.13 59.62
CA GLU H 445 22.62 13.82 60.72
C GLU H 445 21.43 14.61 60.22
N LYS H 446 21.56 15.19 59.05
CA LYS H 446 20.42 15.82 58.38
C LYS H 446 19.40 14.74 58.06
N GLN H 447 19.82 13.49 58.23
CA GLN H 447 18.93 12.34 58.02
C GLN H 447 18.19 11.96 59.30
N GLY H 448 18.92 11.77 60.39
CA GLY H 448 18.32 11.45 61.68
C GLY H 448 17.43 12.57 62.18
N GLN H 449 17.62 13.76 61.62
CA GLN H 449 16.75 14.90 61.91
C GLN H 449 15.46 14.82 61.14
N GLU H 450 15.58 14.63 59.82
CA GLU H 450 14.43 14.63 58.92
C GLU H 450 13.98 13.24 58.45
N ASN H 451 14.92 12.44 57.94
CA ASN H 451 14.57 11.14 57.39
C ASN H 451 13.60 10.44 58.32
N SER H 452 12.61 9.76 57.73
CA SER H 452 11.57 9.09 58.49
C SER H 452 10.71 10.05 59.34
N GLU H 453 10.87 11.37 59.15
CA GLU H 453 9.93 12.33 59.74
C GLU H 453 8.55 12.18 59.07
N VAL H 454 7.70 13.21 59.14
CA VAL H 454 6.34 13.16 58.52
C VAL H 454 5.41 14.30 58.96
N THR H 455 5.37 14.54 60.28
CA THR H 455 4.27 15.27 60.90
C THR H 455 3.80 16.49 60.10
N VAL H 456 2.51 16.47 59.78
CA VAL H 456 1.71 17.64 59.45
C VAL H 456 2.50 18.83 58.88
N ASP H 457 3.30 19.47 59.70
CA ASP H 457 4.01 20.66 59.25
C ASP H 457 4.58 20.46 57.85
N ASP H 458 5.07 19.25 57.56
CA ASP H 458 5.53 18.90 56.21
C ASP H 458 4.44 19.14 55.20
N ILE H 459 3.27 18.57 55.47
CA ILE H 459 2.11 18.74 54.62
C ILE H 459 1.68 20.19 54.48
N ALA H 460 1.27 20.82 55.58
CA ALA H 460 0.76 22.20 55.54
C ALA H 460 1.66 23.08 54.68
N MET H 461 2.96 22.78 54.67
CA MET H 461 3.86 23.38 53.70
C MET H 461 3.32 23.10 52.31
N VAL H 462 3.43 21.85 51.89
CA VAL H 462 2.88 21.38 50.61
C VAL H 462 1.60 22.11 50.22
N VAL H 463 0.69 22.27 51.18
CA VAL H 463 -0.57 22.96 50.93
C VAL H 463 -0.43 24.43 50.58
N SER H 464 0.28 25.19 51.43
CA SER H 464 0.47 26.62 51.21
C SER H 464 1.25 26.86 49.93
N SER H 465 2.06 25.88 49.55
CA SER H 465 2.78 25.90 48.28
C SER H 465 1.90 25.34 47.16
N TRP H 466 0.60 25.47 47.33
CA TRP H 466 -0.38 25.10 46.30
C TRP H 466 -1.39 26.24 46.15
N THR H 467 -1.21 27.29 46.94
CA THR H 467 -2.07 28.48 46.87
C THR H 467 -1.30 29.74 47.27
N GLU I 4 19.16 -43.03 33.26
CA GLU I 4 19.36 -42.20 34.44
C GLU I 4 18.21 -41.23 34.66
N GLN I 5 17.08 -41.76 35.13
CA GLN I 5 15.91 -40.97 35.51
C GLN I 5 16.13 -40.33 36.87
N LYS I 6 15.63 -39.10 37.05
CA LYS I 6 15.88 -38.34 38.26
C LYS I 6 15.12 -38.86 39.47
N LEU I 7 15.74 -38.70 40.64
CA LEU I 7 15.23 -39.28 41.87
C LEU I 7 15.16 -38.26 42.99
N GLN I 8 14.97 -36.98 42.66
CA GLN I 8 14.76 -35.94 43.65
C GLN I 8 13.87 -34.81 43.10
N PHE I 9 12.80 -34.46 43.83
CA PHE I 9 11.78 -33.49 43.36
C PHE I 9 11.37 -32.40 44.36
N VAL I 10 10.88 -31.29 43.82
CA VAL I 10 10.48 -30.13 44.60
C VAL I 10 9.05 -29.77 44.34
N LEU I 11 8.19 -29.90 45.35
CA LEU I 11 6.77 -29.64 45.16
C LEU I 11 6.24 -28.47 46.00
N ARG I 12 5.23 -27.79 45.47
CA ARG I 12 4.64 -26.61 46.10
C ARG I 12 3.21 -26.87 46.52
N PHE I 13 2.87 -26.50 47.73
CA PHE I 13 1.53 -26.72 48.24
C PHE I 13 0.91 -25.36 48.33
N GLY I 14 -0.38 -25.28 48.05
CA GLY I 14 -1.05 -24.00 48.00
C GLY I 14 -1.23 -23.45 49.40
N ASP I 15 -1.70 -24.30 50.28
CA ASP I 15 -1.87 -23.95 51.68
C ASP I 15 -1.18 -25.00 52.53
N PHE I 16 -0.78 -24.62 53.73
CA PHE I 16 -0.01 -25.54 54.55
C PHE I 16 -0.78 -26.80 54.90
N GLU I 17 -2.05 -26.66 55.18
CA GLU I 17 -2.80 -27.81 55.61
C GLU I 17 -2.67 -28.93 54.60
N ASP I 18 -2.45 -28.60 53.34
CA ASP I 18 -2.25 -29.62 52.32
C ASP I 18 -1.06 -30.49 52.75
N VAL I 19 -0.08 -29.90 53.41
CA VAL I 19 1.12 -30.65 53.78
C VAL I 19 0.83 -31.59 54.94
N ILE I 20 0.11 -31.10 55.95
CA ILE I 20 -0.33 -31.92 57.06
C ILE I 20 -0.92 -33.18 56.50
N SER I 21 -1.91 -33.01 55.63
CA SER I 21 -2.62 -34.12 55.00
C SER I 21 -1.67 -35.14 54.40
N LEU I 22 -0.76 -34.72 53.54
CA LEU I 22 0.26 -35.59 52.99
C LEU I 22 1.00 -36.36 54.09
N SER I 23 1.22 -35.72 55.24
CA SER I 23 2.01 -36.30 56.33
C SER I 23 1.34 -37.56 56.87
N LYS I 24 0.01 -37.51 56.93
CA LYS I 24 -0.80 -38.56 57.53
C LYS I 24 -0.71 -39.94 56.82
N LEU I 25 0.35 -40.17 56.04
CA LEU I 25 0.50 -41.41 55.29
C LEU I 25 1.83 -42.10 55.56
N ASN I 26 2.43 -42.67 54.51
CA ASN I 26 3.72 -43.34 54.64
C ASN I 26 4.78 -42.71 53.73
N VAL I 27 5.79 -42.11 54.34
CA VAL I 27 6.88 -41.50 53.57
C VAL I 27 7.68 -42.58 52.84
N ASN I 28 8.25 -43.50 53.62
CA ASN I 28 8.83 -44.73 53.10
C ASN I 28 10.09 -44.59 52.25
N GLY I 29 11.23 -44.89 52.88
CA GLY I 29 12.52 -44.85 52.20
C GLY I 29 12.74 -43.51 51.56
N SER I 30 12.07 -42.50 52.09
CA SER I 30 12.05 -41.20 51.45
C SER I 30 12.53 -40.12 52.38
N LYS I 31 13.73 -39.64 52.13
CA LYS I 31 14.24 -38.49 52.85
C LYS I 31 13.44 -37.32 52.30
N THR I 32 13.15 -36.33 53.13
CA THR I 32 12.31 -35.21 52.72
C THR I 32 12.53 -33.94 53.58
N THR I 33 12.50 -32.78 52.92
CA THR I 33 12.82 -31.50 53.59
C THR I 33 11.87 -30.37 53.15
N LEU I 34 11.51 -29.47 54.06
CA LEU I 34 10.39 -28.56 53.80
C LEU I 34 10.70 -27.09 54.02
N TYR I 35 10.55 -26.32 52.96
CA TYR I 35 10.87 -24.90 52.96
C TYR I 35 9.64 -24.01 52.92
N SER I 36 9.80 -22.74 53.24
CA SER I 36 8.74 -21.75 53.16
C SER I 36 9.27 -20.63 52.28
N PHE I 37 8.51 -20.23 51.27
CA PHE I 37 8.99 -19.34 50.23
C PHE I 37 7.84 -18.71 49.40
N GLU I 38 7.86 -17.39 49.21
CA GLU I 38 6.72 -16.71 48.58
C GLU I 38 5.40 -17.04 49.27
N ASN I 39 5.43 -17.15 50.58
CA ASN I 39 4.25 -17.49 51.36
C ASN I 39 3.72 -18.92 51.15
N ARG I 40 3.98 -19.49 49.98
CA ARG I 40 3.62 -20.87 49.71
C ARG I 40 4.70 -21.84 50.20
N TYR I 41 4.33 -23.04 50.64
CA TYR I 41 5.34 -24.00 51.13
C TYR I 41 5.78 -25.00 50.07
N TYR I 42 7.06 -25.06 49.80
CA TYR I 42 7.62 -26.06 48.89
C TYR I 42 8.08 -27.27 49.74
N LEU I 43 8.09 -28.47 49.18
CA LEU I 43 8.63 -29.62 49.90
C LEU I 43 9.56 -30.44 49.01
N TYR I 44 10.73 -30.82 49.54
CA TYR I 44 11.78 -31.43 48.73
C TYR I 44 12.06 -32.90 49.09
N VAL I 45 11.73 -33.77 48.14
CA VAL I 45 11.73 -35.21 48.33
C VAL I 45 12.94 -35.85 47.68
N ASP I 46 13.49 -36.86 48.35
CA ASP I 46 14.72 -37.48 47.87
C ASP I 46 14.67 -39.00 48.04
N PHE I 47 14.44 -39.71 46.94
CA PHE I 47 14.38 -41.15 46.98
C PHE I 47 15.77 -41.70 46.80
N CYS I 48 16.19 -42.49 47.77
CA CYS I 48 17.41 -43.25 47.63
C CYS I 48 17.04 -44.56 46.98
N ASN I 49 17.74 -44.90 45.90
CA ASN I 49 17.56 -46.18 45.24
C ASN I 49 16.14 -46.68 45.21
N MET I 50 15.49 -46.50 44.07
CA MET I 50 14.21 -47.13 43.83
C MET I 50 14.12 -47.35 42.34
N THR I 51 13.36 -48.34 41.93
CA THR I 51 13.19 -48.57 40.50
C THR I 51 12.45 -47.38 39.93
N ASP I 52 12.72 -47.05 38.67
CA ASP I 52 12.02 -45.95 38.01
C ASP I 52 10.52 -46.20 38.13
N GLU I 53 10.08 -47.42 37.83
CA GLU I 53 8.67 -47.77 37.98
C GLU I 53 8.21 -47.45 39.40
N GLU I 54 9.08 -47.75 40.38
CA GLU I 54 8.73 -47.56 41.78
C GLU I 54 8.60 -46.10 42.16
N VAL I 55 9.36 -45.24 41.49
CA VAL I 55 9.31 -43.83 41.80
C VAL I 55 8.21 -43.08 41.04
N GLU I 56 8.13 -43.27 39.71
CA GLU I 56 7.03 -42.66 38.95
C GLU I 56 5.74 -43.01 39.68
N ASN I 57 5.68 -44.24 40.19
CA ASN I 57 4.59 -44.64 41.08
C ASN I 57 4.45 -43.67 42.25
N GLN I 58 5.28 -43.84 43.27
CA GLN I 58 5.17 -43.06 44.47
C GLN I 58 4.83 -41.60 44.17
N LEU I 59 5.60 -40.95 43.30
CA LEU I 59 5.41 -39.53 43.01
C LEU I 59 3.97 -39.20 42.64
N SER I 60 3.28 -40.17 42.05
CA SER I 60 1.87 -40.00 41.73
C SER I 60 1.15 -39.51 42.96
N ILE I 61 1.17 -40.31 44.02
CA ILE I 61 0.51 -39.95 45.26
C ILE I 61 0.77 -38.51 45.66
N LEU I 62 2.05 -38.16 45.78
CA LEU I 62 2.42 -36.83 46.25
C LEU I 62 1.63 -35.75 45.53
N LEU I 63 1.51 -35.86 44.21
CA LEU I 63 0.84 -34.79 43.50
C LEU I 63 -0.68 -34.85 43.51
N GLU I 64 -1.23 -35.74 44.35
CA GLU I 64 -2.64 -35.62 44.73
C GLU I 64 -2.73 -34.44 45.71
N TYR I 65 -1.62 -34.20 46.42
CA TYR I 65 -1.55 -33.20 47.49
C TYR I 65 -0.71 -31.93 47.10
N ALA I 66 0.14 -32.06 46.09
CA ALA I 66 0.85 -30.89 45.58
C ALA I 66 0.83 -30.76 44.04
N THR I 67 1.65 -29.85 43.55
CA THR I 67 2.02 -29.80 42.14
C THR I 67 3.54 -29.78 42.16
N GLU I 68 4.18 -29.92 40.99
CA GLU I 68 5.64 -30.02 40.87
C GLU I 68 6.27 -28.70 40.40
N SER I 69 7.01 -28.00 41.25
CA SER I 69 7.41 -26.65 40.85
C SER I 69 8.70 -26.66 40.06
N SER I 70 8.72 -25.78 39.07
CA SER I 70 9.82 -25.63 38.15
C SER I 70 11.04 -25.08 38.88
N ILE I 71 10.86 -24.80 40.17
CA ILE I 71 11.85 -24.08 40.97
C ILE I 71 13.19 -24.76 41.15
N SER I 72 14.23 -24.06 40.73
CA SER I 72 15.58 -24.55 40.95
C SER I 72 15.75 -24.87 42.43
N ILE I 73 16.08 -26.12 42.73
CA ILE I 73 16.17 -26.48 44.13
C ILE I 73 17.20 -25.67 44.94
N HIS I 74 18.26 -25.18 44.29
CA HIS I 74 19.32 -24.44 44.99
C HIS I 74 18.89 -23.04 45.33
N ARG I 75 17.85 -22.55 44.65
CA ARG I 75 17.28 -21.27 44.99
C ARG I 75 16.77 -21.38 46.41
N LEU I 76 16.06 -22.46 46.70
CA LEU I 76 15.63 -22.70 48.07
C LEU I 76 16.81 -22.85 49.07
N GLU I 77 17.73 -23.77 48.81
CA GLU I 77 18.83 -24.01 49.73
C GLU I 77 19.51 -22.70 50.13
N GLU I 78 19.61 -21.76 49.20
CA GLU I 78 20.10 -20.43 49.53
C GLU I 78 18.97 -19.55 50.06
N TYR I 79 18.21 -18.96 49.15
CA TYR I 79 17.23 -17.92 49.49
C TYR I 79 15.85 -18.37 50.09
N GLY I 80 15.72 -19.59 50.56
CA GLY I 80 14.43 -20.00 51.09
C GLY I 80 14.26 -19.69 52.56
N LYS I 81 13.48 -20.54 53.24
CA LYS I 81 13.36 -20.56 54.70
C LYS I 81 13.13 -21.98 55.16
N LEU I 82 14.15 -22.59 55.73
CA LEU I 82 14.06 -23.97 56.18
C LEU I 82 13.04 -24.08 57.29
N ILE I 83 12.34 -25.21 57.34
CA ILE I 83 11.40 -25.45 58.41
C ILE I 83 11.62 -26.82 59.03
N ILE I 84 11.84 -27.84 58.20
CA ILE I 84 12.14 -29.19 58.72
C ILE I 84 13.07 -29.94 57.77
N SER I 85 14.11 -30.59 58.32
CA SER I 85 15.13 -31.24 57.51
C SER I 85 14.93 -32.74 57.41
N GLU I 86 15.34 -33.29 56.28
CA GLU I 86 15.47 -34.72 56.09
C GLU I 86 14.21 -35.54 56.38
N HIS I 87 13.62 -35.33 57.56
CA HIS I 87 12.42 -36.06 57.98
C HIS I 87 11.24 -35.10 58.07
N ALA I 88 11.03 -34.32 57.00
CA ALA I 88 10.06 -33.25 56.99
C ALA I 88 8.62 -33.74 57.14
N LEU I 89 8.30 -34.81 56.44
CA LEU I 89 6.95 -35.32 56.57
C LEU I 89 6.77 -35.80 57.98
N GLU I 90 7.60 -36.74 58.36
CA GLU I 90 7.51 -37.41 59.64
C GLU I 90 7.17 -36.44 60.79
N THR I 91 7.80 -35.28 60.80
CA THR I 91 7.65 -34.34 61.91
C THR I 91 6.26 -33.73 61.99
N ILE I 92 5.67 -33.41 60.84
CA ILE I 92 4.37 -32.79 60.87
C ILE I 92 3.33 -33.78 61.34
N LYS I 93 3.55 -35.05 61.06
CA LYS I 93 2.63 -36.09 61.49
C LYS I 93 2.60 -36.14 63.01
N LYS I 94 3.76 -35.97 63.64
CA LYS I 94 3.86 -35.91 65.09
C LYS I 94 2.94 -34.84 65.69
N HIS I 95 3.20 -33.56 65.38
CA HIS I 95 2.49 -32.45 66.02
C HIS I 95 1.10 -32.11 65.45
N PHE I 96 0.54 -32.92 64.56
CA PHE I 96 -0.69 -32.52 63.87
C PHE I 96 -1.78 -33.57 63.64
N ALA I 97 -1.42 -34.80 63.31
CA ALA I 97 -2.41 -35.86 63.22
C ALA I 97 -2.92 -36.25 64.60
N SER I 98 -4.04 -35.64 65.01
CA SER I 98 -4.59 -35.87 66.34
C SER I 98 -3.62 -35.44 67.44
N PHE J 3 -19.52 -29.45 43.59
CA PHE J 3 -19.14 -28.06 43.36
C PHE J 3 -20.15 -27.38 42.45
N GLY J 4 -21.31 -28.00 42.30
CA GLY J 4 -22.37 -27.46 41.45
C GLY J 4 -23.50 -28.47 41.28
N ARG J 5 -23.88 -28.71 40.03
CA ARG J 5 -24.89 -29.72 39.70
C ARG J 5 -24.61 -30.50 38.40
N PHE J 6 -24.68 -31.81 38.55
CA PHE J 6 -24.38 -32.71 37.45
C PHE J 6 -25.58 -33.63 37.30
N THR J 7 -25.40 -34.70 36.52
CA THR J 7 -26.46 -35.70 36.40
C THR J 7 -26.61 -36.39 37.72
N GLU J 8 -27.65 -37.19 37.86
CA GLU J 8 -27.65 -38.19 38.91
C GLU J 8 -26.31 -38.89 38.73
N ARG J 9 -26.15 -39.52 37.56
CA ARG J 9 -24.98 -40.33 37.20
C ARG J 9 -23.68 -39.70 37.65
N ALA J 10 -23.51 -38.43 37.31
CA ALA J 10 -22.42 -37.68 37.89
C ALA J 10 -22.54 -37.76 39.44
N GLN J 11 -23.47 -37.01 40.03
CA GLN J 11 -23.61 -36.96 41.49
C GLN J 11 -23.47 -38.32 42.18
N LYS J 12 -24.08 -39.36 41.58
CA LYS J 12 -23.96 -40.71 42.14
C LYS J 12 -22.51 -41.18 42.06
N VAL J 13 -21.91 -41.07 40.89
CA VAL J 13 -20.51 -41.46 40.75
C VAL J 13 -19.57 -40.70 41.72
N LEU J 14 -19.88 -39.44 42.02
CA LEU J 14 -19.05 -38.64 42.92
C LEU J 14 -19.13 -39.10 44.37
N ALA J 15 -20.36 -39.22 44.87
CA ALA J 15 -20.60 -39.74 46.21
C ALA J 15 -20.05 -41.17 46.29
N LEU J 16 -20.18 -41.90 45.19
CA LEU J 16 -19.63 -43.25 45.04
C LEU J 16 -18.09 -43.31 45.19
N ALA J 17 -17.39 -42.25 44.80
CA ALA J 17 -15.99 -42.14 45.18
C ALA J 17 -15.87 -42.29 46.71
N GLN J 18 -16.64 -41.51 47.46
CA GLN J 18 -16.62 -41.59 48.91
C GLN J 18 -16.91 -42.97 49.43
N GLU J 19 -17.93 -43.60 48.85
CA GLU J 19 -18.26 -44.96 49.23
C GLU J 19 -16.96 -45.73 49.23
N GLU J 20 -16.20 -45.51 48.16
CA GLU J 20 -14.89 -46.13 48.06
C GLU J 20 -13.84 -45.48 48.98
N ALA J 21 -14.00 -44.18 49.25
CA ALA J 21 -13.08 -43.51 50.16
C ALA J 21 -12.87 -44.43 51.33
N LEU J 22 -13.98 -44.81 51.92
CA LEU J 22 -13.96 -45.53 53.18
C LEU J 22 -13.77 -47.04 53.03
N ARG J 23 -14.39 -47.65 52.02
CA ARG J 23 -14.29 -49.09 51.81
C ARG J 23 -12.83 -49.58 51.89
N LEU J 24 -11.88 -48.65 51.82
CA LEU J 24 -10.46 -48.97 51.95
C LEU J 24 -9.84 -48.28 53.16
N GLY J 25 -10.59 -47.35 53.74
CA GLY J 25 -10.22 -46.75 55.00
C GLY J 25 -9.40 -45.48 54.89
N HIS J 26 -9.04 -45.10 53.67
CA HIS J 26 -8.24 -43.89 53.46
C HIS J 26 -9.01 -42.67 53.98
N ASN J 27 -8.37 -41.51 53.95
CA ASN J 27 -8.92 -40.35 54.65
C ASN J 27 -9.18 -39.19 53.71
N ASN J 28 -8.50 -39.18 52.57
CA ASN J 28 -8.80 -38.21 51.54
C ASN J 28 -9.18 -38.94 50.25
N ILE J 29 -10.24 -38.50 49.59
CA ILE J 29 -10.60 -39.07 48.29
C ILE J 29 -9.90 -38.34 47.16
N GLY J 30 -8.98 -39.06 46.52
CA GLY J 30 -8.13 -38.50 45.49
C GLY J 30 -8.69 -38.82 44.13
N THR J 31 -7.89 -38.55 43.10
CA THR J 31 -8.34 -38.88 41.77
C THR J 31 -8.54 -40.39 41.63
N GLU J 32 -7.84 -41.20 42.45
CA GLU J 32 -7.99 -42.67 42.35
C GLU J 32 -9.39 -43.16 42.74
N HIS J 33 -10.08 -42.38 43.58
CA HIS J 33 -11.38 -42.80 44.07
C HIS J 33 -12.46 -42.36 43.13
N ILE J 34 -12.25 -41.18 42.55
CA ILE J 34 -13.16 -40.70 41.52
C ILE J 34 -13.19 -41.73 40.38
N LEU J 35 -12.03 -42.29 40.07
CA LEU J 35 -11.94 -43.31 39.03
C LEU J 35 -12.70 -44.58 39.41
N LEU J 36 -12.53 -45.04 40.64
CA LEU J 36 -13.31 -46.17 41.17
C LEU J 36 -14.79 -45.84 41.14
N GLY J 37 -15.13 -44.61 41.51
CA GLY J 37 -16.49 -44.11 41.39
C GLY J 37 -17.12 -44.32 40.01
N LEU J 38 -16.36 -44.03 38.97
CA LEU J 38 -16.87 -44.14 37.61
C LEU J 38 -17.12 -45.59 37.16
N VAL J 39 -16.12 -46.46 37.31
CA VAL J 39 -16.27 -47.85 36.85
C VAL J 39 -17.22 -48.67 37.73
N ARG J 40 -17.59 -48.11 38.87
CA ARG J 40 -18.40 -48.80 39.87
C ARG J 40 -19.88 -48.40 39.85
N GLU J 41 -20.20 -47.33 39.15
CA GLU J 41 -21.60 -47.06 38.85
C GLU J 41 -21.92 -47.71 37.49
N GLY J 42 -20.89 -48.35 36.91
CA GLY J 42 -21.01 -49.28 35.79
C GLY J 42 -21.96 -49.01 34.65
N GLU J 43 -22.65 -47.86 34.67
CA GLU J 43 -23.69 -47.56 33.69
C GLU J 43 -23.57 -46.18 33.01
N GLY J 44 -22.79 -45.29 33.61
CA GLY J 44 -22.53 -44.00 32.98
C GLY J 44 -21.72 -44.16 31.69
N ILE J 45 -21.64 -43.10 30.88
CA ILE J 45 -20.89 -43.19 29.62
C ILE J 45 -19.45 -43.38 29.97
N ALA J 46 -19.10 -42.76 31.10
CA ALA J 46 -17.80 -42.91 31.70
C ALA J 46 -17.60 -44.38 32.07
N ALA J 47 -18.56 -44.92 32.79
CA ALA J 47 -18.51 -46.33 33.17
C ALA J 47 -18.37 -47.20 31.93
N LYS J 48 -19.20 -46.92 30.93
CA LYS J 48 -19.20 -47.69 29.70
C LYS J 48 -17.82 -47.72 29.05
N ALA J 49 -17.22 -46.55 28.89
CA ALA J 49 -15.95 -46.46 28.21
C ALA J 49 -14.90 -47.38 28.86
N LEU J 50 -14.74 -47.28 30.17
CA LEU J 50 -13.73 -48.05 30.88
C LEU J 50 -13.88 -49.52 30.56
N GLN J 51 -15.14 -49.95 30.42
CA GLN J 51 -15.43 -51.34 30.06
C GLN J 51 -14.81 -51.66 28.72
N ALA J 52 -14.50 -50.60 27.96
CA ALA J 52 -13.91 -50.76 26.64
C ALA J 52 -12.40 -51.02 26.70
N LEU J 53 -11.67 -50.14 27.37
CA LEU J 53 -10.22 -50.24 27.43
C LEU J 53 -9.74 -51.55 28.03
N GLY J 54 -10.65 -52.27 28.67
CA GLY J 54 -10.33 -53.53 29.32
C GLY J 54 -10.13 -53.30 30.81
N LEU J 55 -10.92 -52.39 31.35
CA LEU J 55 -10.74 -51.95 32.72
C LEU J 55 -11.96 -52.10 33.60
N GLY J 56 -12.30 -53.34 33.96
CA GLY J 56 -13.36 -53.58 34.93
C GLY J 56 -12.93 -53.10 36.31
N SER J 57 -13.88 -53.00 37.24
CA SER J 57 -13.55 -52.71 38.63
C SER J 57 -12.50 -53.70 39.20
N GLU J 58 -12.58 -54.97 38.77
CA GLU J 58 -11.64 -56.01 39.20
C GLU J 58 -10.19 -55.58 38.97
N LYS J 59 -9.85 -55.30 37.71
CA LYS J 59 -8.47 -54.96 37.32
C LYS J 59 -7.94 -53.73 38.04
N ILE J 60 -8.81 -52.72 38.19
CA ILE J 60 -8.42 -51.41 38.73
C ILE J 60 -8.13 -51.48 40.20
N GLN J 61 -9.12 -51.89 40.97
CA GLN J 61 -9.00 -51.82 42.41
C GLN J 61 -7.78 -52.61 42.86
N LYS J 62 -7.37 -53.61 42.07
CA LYS J 62 -6.16 -54.37 42.39
C LYS J 62 -4.89 -53.55 42.26
N GLU J 63 -4.78 -52.78 41.19
CA GLU J 63 -3.68 -51.84 41.10
C GLU J 63 -3.74 -50.86 42.26
N VAL J 64 -4.92 -50.26 42.48
CA VAL J 64 -5.07 -49.26 43.55
C VAL J 64 -4.66 -49.81 44.95
N GLU J 65 -5.30 -50.86 45.43
CA GLU J 65 -4.85 -51.44 46.69
C GLU J 65 -3.36 -51.82 46.67
N SER J 66 -2.83 -52.06 45.48
CA SER J 66 -1.43 -52.43 45.34
C SER J 66 -0.55 -51.19 45.44
N LEU J 67 -1.17 -50.06 45.76
CA LEU J 67 -0.44 -48.80 45.89
C LEU J 67 -0.87 -47.94 47.09
N ILE J 68 -1.76 -48.46 47.93
CA ILE J 68 -2.21 -47.69 49.09
C ILE J 68 -2.67 -48.57 50.26
N GLY J 69 -3.63 -49.44 50.02
CA GLY J 69 -4.11 -50.36 51.05
C GLY J 69 -4.66 -49.67 52.29
N ARG J 70 -5.05 -50.47 53.27
CA ARG J 70 -5.62 -49.97 54.51
C ARG J 70 -4.77 -48.87 55.12
N GLY J 71 -5.41 -48.02 55.93
CA GLY J 71 -6.83 -48.15 56.19
C GLY J 71 -7.21 -47.57 57.53
N GLN J 72 -6.59 -46.45 57.90
CA GLN J 72 -6.93 -45.76 59.13
C GLN J 72 -8.41 -45.40 59.07
N GLU J 73 -9.24 -46.19 59.73
CA GLU J 73 -10.69 -46.00 59.70
C GLU J 73 -11.07 -44.59 60.13
N MET J 74 -10.05 -43.79 60.44
CA MET J 74 -10.22 -42.40 60.84
C MET J 74 -11.55 -41.86 60.34
N SER J 75 -11.71 -41.80 59.02
CA SER J 75 -12.96 -41.33 58.43
C SER J 75 -13.47 -40.09 59.16
N GLN J 76 -12.55 -39.31 59.70
CA GLN J 76 -12.91 -38.11 60.47
C GLN J 76 -13.53 -37.05 59.57
N THR J 77 -14.72 -37.36 59.05
CA THR J 77 -15.39 -36.47 58.10
C THR J 77 -14.38 -35.99 57.08
N ILE J 78 -14.20 -36.75 56.02
CA ILE J 78 -13.13 -36.53 55.05
C ILE J 78 -13.42 -35.44 54.02
N HIS J 79 -12.37 -35.01 53.33
CA HIS J 79 -12.52 -34.09 52.20
C HIS J 79 -11.68 -34.57 51.00
N TYR J 80 -11.68 -33.79 49.93
CA TYR J 80 -11.01 -34.18 48.69
C TYR J 80 -9.50 -34.09 48.71
N THR J 81 -8.89 -34.56 47.63
CA THR J 81 -7.51 -34.18 47.36
C THR J 81 -7.52 -32.83 46.64
N PRO J 82 -6.47 -32.04 46.83
CA PRO J 82 -6.52 -30.81 46.03
C PRO J 82 -6.51 -31.16 44.55
N ARG J 83 -5.85 -32.27 44.20
CA ARG J 83 -5.76 -32.67 42.79
C ARG J 83 -7.15 -32.91 42.31
N ALA J 84 -7.80 -33.86 42.95
CA ALA J 84 -9.16 -34.19 42.60
C ALA J 84 -10.11 -32.95 42.55
N LYS J 85 -9.89 -31.98 43.44
CA LYS J 85 -10.75 -30.80 43.43
C LYS J 85 -10.48 -30.08 42.13
N LYS J 86 -9.24 -30.16 41.67
CA LYS J 86 -8.91 -29.64 40.36
C LYS J 86 -9.67 -30.44 39.30
N VAL J 87 -9.60 -31.78 39.40
CA VAL J 87 -10.26 -32.70 38.44
C VAL J 87 -11.77 -32.43 38.27
N ILE J 88 -12.42 -32.02 39.35
CA ILE J 88 -13.81 -31.61 39.31
C ILE J 88 -13.98 -30.25 38.63
N GLU J 89 -13.14 -29.30 39.03
CA GLU J 89 -13.18 -28.00 38.39
C GLU J 89 -13.07 -28.23 36.89
N LEU J 90 -12.36 -29.28 36.48
CA LEU J 90 -12.04 -29.54 35.05
C LEU J 90 -13.18 -30.11 34.24
N SER J 91 -13.80 -31.16 34.75
CA SER J 91 -14.97 -31.71 34.09
C SER J 91 -15.99 -30.60 33.75
N MET J 92 -16.18 -29.64 34.65
CA MET J 92 -17.04 -28.48 34.36
C MET J 92 -16.65 -27.80 33.00
N ASP J 93 -15.34 -27.75 32.75
CA ASP J 93 -14.79 -27.09 31.57
C ASP J 93 -14.79 -28.08 30.40
N GLU J 94 -14.56 -29.36 30.68
CA GLU J 94 -14.58 -30.37 29.64
C GLU J 94 -16.01 -30.51 29.10
N ALA J 95 -16.90 -29.66 29.62
CA ALA J 95 -18.31 -29.65 29.22
C ALA J 95 -18.77 -28.31 28.66
N ARG J 96 -18.29 -27.21 29.21
CA ARG J 96 -18.41 -25.97 28.49
C ARG J 96 -17.99 -26.37 27.06
N LYS J 97 -16.89 -27.13 26.99
CA LYS J 97 -16.28 -27.55 25.72
C LYS J 97 -17.04 -28.71 25.08
N LEU J 98 -18.35 -28.55 24.94
CA LEU J 98 -19.22 -29.60 24.38
C LEU J 98 -20.68 -29.17 24.33
N GLY J 99 -20.95 -27.92 24.73
CA GLY J 99 -22.31 -27.41 24.74
C GLY J 99 -23.20 -28.15 25.71
N HIS J 100 -22.64 -29.17 26.37
CA HIS J 100 -23.37 -29.93 27.36
C HIS J 100 -23.71 -29.01 28.53
N SER J 101 -24.98 -28.62 28.61
CA SER J 101 -25.42 -27.66 29.61
C SER J 101 -25.20 -28.14 31.05
N TYR J 102 -24.94 -29.44 31.20
CA TYR J 102 -24.73 -30.01 32.52
C TYR J 102 -23.70 -31.15 32.54
N VAL J 103 -22.89 -31.20 33.59
CA VAL J 103 -21.82 -32.20 33.71
C VAL J 103 -22.39 -33.55 34.04
N GLY J 104 -21.66 -34.59 33.65
CA GLY J 104 -22.11 -35.96 33.80
C GLY J 104 -20.93 -36.90 33.82
N THR J 105 -21.24 -38.20 33.87
CA THR J 105 -20.21 -39.23 34.06
C THR J 105 -19.02 -39.09 33.11
N GLU J 106 -19.31 -38.82 31.85
CA GLU J 106 -18.25 -38.71 30.86
C GLU J 106 -17.30 -37.60 31.23
N HIS J 107 -17.82 -36.37 31.40
CA HIS J 107 -17.02 -35.13 31.62
C HIS J 107 -16.01 -35.23 32.78
N ILE J 108 -16.41 -35.97 33.82
CA ILE J 108 -15.54 -36.24 34.95
C ILE J 108 -14.38 -37.16 34.53
N LEU J 109 -14.67 -38.18 33.73
CA LEU J 109 -13.64 -38.99 33.09
C LEU J 109 -12.78 -38.13 32.16
N LEU J 110 -13.42 -37.23 31.43
CA LEU J 110 -12.70 -36.33 30.55
C LEU J 110 -11.77 -35.52 31.40
N GLY J 111 -12.33 -34.93 32.46
CA GLY J 111 -11.65 -34.06 33.42
C GLY J 111 -10.44 -34.69 34.11
N LEU J 112 -10.49 -36.00 34.35
CA LEU J 112 -9.36 -36.74 34.87
C LEU J 112 -8.14 -36.78 33.96
N ILE J 113 -8.34 -37.19 32.71
CA ILE J 113 -7.24 -37.21 31.72
C ILE J 113 -6.51 -35.88 31.61
N ARG J 114 -7.30 -34.81 31.51
CA ARG J 114 -6.78 -33.48 31.32
C ARG J 114 -5.75 -33.13 32.42
N GLU J 115 -6.10 -33.34 33.70
CA GLU J 115 -5.14 -33.11 34.79
C GLU J 115 -4.39 -34.41 35.14
N GLY J 116 -3.81 -35.06 34.13
CA GLY J 116 -3.18 -36.36 34.31
C GLY J 116 -2.19 -36.58 35.44
N GLU J 117 -1.72 -35.52 36.09
CA GLU J 117 -0.77 -35.69 37.20
C GLU J 117 -1.51 -36.16 38.46
N GLY J 118 -1.25 -37.40 38.89
CA GLY J 118 -2.10 -37.99 39.93
C GLY J 118 -2.28 -39.51 39.87
N VAL J 119 -2.99 -40.05 40.85
CA VAL J 119 -3.05 -41.49 41.04
C VAL J 119 -3.86 -42.26 39.99
N ALA J 120 -5.01 -41.75 39.61
CA ALA J 120 -5.77 -42.44 38.57
C ALA J 120 -4.81 -42.64 37.40
N ALA J 121 -4.33 -41.53 36.83
CA ALA J 121 -3.43 -41.55 35.66
C ALA J 121 -2.39 -42.64 35.71
N ARG J 122 -1.79 -42.83 36.88
CA ARG J 122 -0.78 -43.89 37.02
C ARG J 122 -1.39 -45.31 37.02
N VAL J 123 -2.58 -45.47 37.58
CA VAL J 123 -3.23 -46.78 37.54
C VAL J 123 -3.19 -47.30 36.10
N LEU J 124 -3.41 -46.38 35.16
CA LEU J 124 -3.56 -46.76 33.77
C LEU J 124 -2.25 -46.82 33.00
N ASN J 125 -1.38 -45.82 33.19
CA ASN J 125 -0.06 -45.85 32.57
C ASN J 125 0.65 -47.05 33.14
N ASN J 126 0.01 -47.67 34.13
CA ASN J 126 0.48 -48.92 34.73
C ASN J 126 -0.31 -50.10 34.17
N LEU J 127 -1.59 -49.86 33.93
CA LEU J 127 -2.40 -50.84 33.24
C LEU J 127 -2.27 -50.69 31.74
N GLY J 128 -1.07 -50.32 31.27
CA GLY J 128 -0.78 -50.26 29.86
C GLY J 128 -1.89 -49.65 29.04
N VAL J 129 -2.26 -48.43 29.39
CA VAL J 129 -3.35 -47.73 28.74
C VAL J 129 -3.03 -46.25 28.63
N SER J 130 -2.15 -45.91 27.72
CA SER J 130 -1.71 -44.53 27.59
C SER J 130 -2.91 -43.60 27.80
N LEU J 131 -2.64 -42.34 28.09
CA LEU J 131 -3.71 -41.36 28.37
C LEU J 131 -4.62 -40.96 27.18
N ASN J 132 -4.11 -41.03 25.96
CA ASN J 132 -4.91 -40.59 24.83
C ASN J 132 -5.82 -41.66 24.28
N LYS J 133 -5.38 -42.92 24.34
CA LYS J 133 -6.21 -44.04 23.93
C LYS J 133 -7.49 -44.00 24.73
N ALA J 134 -7.38 -43.42 25.92
CA ALA J 134 -8.51 -43.27 26.83
C ALA J 134 -9.45 -42.10 26.52
N ARG J 135 -8.93 -40.90 26.29
CA ARG J 135 -9.85 -39.81 25.99
C ARG J 135 -10.61 -40.12 24.69
N GLN J 136 -9.97 -40.91 23.83
CA GLN J 136 -10.60 -41.37 22.60
C GLN J 136 -11.88 -42.15 22.89
N GLN J 137 -11.74 -43.30 23.55
CA GLN J 137 -12.88 -44.14 23.89
C GLN J 137 -14.14 -43.37 24.37
N VAL J 138 -13.98 -42.38 25.25
CA VAL J 138 -15.12 -41.55 25.67
C VAL J 138 -15.73 -40.77 24.49
N LEU J 139 -14.85 -40.14 23.69
CA LEU J 139 -15.29 -39.40 22.51
C LEU J 139 -16.14 -40.22 21.54
N GLN J 140 -15.64 -41.38 21.11
CA GLN J 140 -16.36 -42.21 20.13
C GLN J 140 -17.70 -42.72 20.67
N LEU J 141 -18.15 -42.13 21.78
CA LEU J 141 -19.48 -42.39 22.35
C LEU J 141 -20.24 -41.10 22.63
N LEU J 142 -20.01 -40.07 21.80
CA LEU J 142 -20.76 -38.80 21.81
C LEU J 142 -20.72 -38.14 20.42
N SER J 156 -29.44 -28.44 1.20
CA SER J 156 -29.45 -27.65 -0.02
C SER J 156 -28.12 -26.90 -0.26
N ASN J 157 -27.65 -26.92 -1.50
CA ASN J 157 -26.30 -26.47 -1.84
C ASN J 157 -25.97 -25.01 -1.51
N ALA J 158 -26.59 -24.07 -2.22
CA ALA J 158 -26.22 -22.66 -2.10
C ALA J 158 -26.13 -22.17 -0.65
N ASN J 159 -26.91 -22.78 0.23
CA ASN J 159 -26.95 -22.37 1.63
C ASN J 159 -25.55 -22.30 2.22
N THR J 160 -24.61 -23.01 1.60
CA THR J 160 -23.24 -23.09 2.08
C THR J 160 -22.61 -21.73 2.35
N PRO J 161 -22.21 -21.05 1.28
CA PRO J 161 -21.56 -19.75 1.43
C PRO J 161 -22.37 -18.89 2.39
N THR J 162 -23.68 -18.88 2.16
CA THR J 162 -24.64 -18.08 2.94
C THR J 162 -24.70 -18.49 4.40
N LEU J 163 -25.47 -19.55 4.67
CA LEU J 163 -25.71 -20.02 6.02
C LEU J 163 -24.41 -20.04 6.80
N ASP J 164 -23.32 -19.94 6.06
CA ASP J 164 -21.99 -19.91 6.65
C ASP J 164 -21.75 -18.70 7.52
N SER J 165 -21.73 -17.52 6.89
CA SER J 165 -21.12 -16.33 7.47
C SER J 165 -20.95 -16.26 9.02
N LEU J 166 -21.96 -15.91 9.82
CA LEU J 166 -23.29 -15.41 9.46
C LEU J 166 -24.13 -16.33 8.56
N ALA J 167 -25.46 -16.26 8.70
CA ALA J 167 -26.13 -15.32 9.63
C ALA J 167 -27.50 -15.77 10.15
N ARG J 168 -27.52 -16.78 11.03
CA ARG J 168 -28.74 -17.11 11.74
C ARG J 168 -29.92 -17.25 10.79
N ASP J 169 -30.15 -18.49 10.35
CA ASP J 169 -31.17 -18.84 9.36
C ASP J 169 -32.57 -18.94 9.97
N LEU J 170 -33.34 -17.84 9.96
CA LEU J 170 -34.64 -17.82 10.66
C LEU J 170 -35.63 -18.93 10.26
N THR J 171 -35.64 -19.28 8.99
CA THR J 171 -36.47 -20.40 8.55
C THR J 171 -36.07 -21.65 9.34
N ALA J 172 -34.77 -21.77 9.59
CA ALA J 172 -34.22 -22.89 10.34
C ALA J 172 -34.79 -22.94 11.75
N ILE J 173 -34.57 -21.87 12.51
CA ILE J 173 -35.05 -21.80 13.89
C ILE J 173 -36.58 -21.99 13.94
N ALA J 174 -37.22 -21.87 12.78
CA ALA J 174 -38.66 -22.04 12.69
C ALA J 174 -39.03 -23.39 12.12
N LYS J 175 -38.04 -24.17 11.71
CA LYS J 175 -38.27 -25.52 11.22
C LYS J 175 -38.48 -26.53 12.35
N GLU J 176 -37.48 -26.70 13.20
CA GLU J 176 -37.59 -27.62 14.34
C GLU J 176 -38.58 -27.07 15.36
N ASP J 177 -39.27 -26.01 14.99
CA ASP J 177 -40.26 -25.38 15.85
C ASP J 177 -39.63 -24.92 17.15
N SER J 178 -38.30 -24.91 17.18
CA SER J 178 -37.56 -24.41 18.33
C SER J 178 -37.65 -22.89 18.39
N LEU J 179 -38.83 -22.36 18.10
CA LEU J 179 -39.03 -20.91 18.00
C LEU J 179 -40.18 -20.41 18.88
N ASP J 180 -39.94 -19.29 19.57
CA ASP J 180 -40.94 -18.66 20.42
C ASP J 180 -42.21 -18.35 19.61
N PRO J 181 -43.29 -17.92 20.28
CA PRO J 181 -44.54 -17.68 19.54
C PRO J 181 -44.33 -16.96 18.18
N VAL J 182 -44.17 -15.63 18.08
CA VAL J 182 -44.41 -14.64 19.12
C VAL J 182 -45.69 -13.90 18.73
N ILE J 183 -46.27 -13.18 19.69
CA ILE J 183 -47.61 -12.57 19.58
C ILE J 183 -47.90 -11.75 18.32
N GLY J 184 -48.03 -10.45 18.50
CA GLY J 184 -48.34 -9.56 17.40
C GLY J 184 -49.23 -8.41 17.82
N ARG J 185 -49.34 -7.39 16.96
CA ARG J 185 -48.65 -7.34 15.67
C ARG J 185 -48.81 -8.63 14.83
N SER J 186 -50.03 -9.16 14.83
CA SER J 186 -50.42 -10.27 13.95
C SER J 186 -50.87 -9.71 12.60
N LYS J 187 -51.72 -8.69 12.64
CA LYS J 187 -52.06 -7.96 11.42
C LYS J 187 -50.85 -7.19 10.91
N GLU J 188 -49.86 -7.01 11.77
CA GLU J 188 -48.62 -6.41 11.32
C GLU J 188 -47.87 -7.39 10.39
N ILE J 189 -47.81 -8.67 10.78
CA ILE J 189 -47.04 -9.67 10.01
C ILE J 189 -47.56 -9.77 8.60
N GLN J 190 -48.87 -9.69 8.45
CA GLN J 190 -49.54 -9.77 7.14
C GLN J 190 -49.17 -8.63 6.17
N ARG J 191 -49.18 -7.39 6.66
CA ARG J 191 -48.85 -6.23 5.84
C ARG J 191 -47.45 -6.35 5.21
N VAL J 192 -46.62 -7.25 5.76
CA VAL J 192 -45.28 -7.47 5.22
C VAL J 192 -45.36 -8.27 3.94
N ILE J 193 -46.32 -9.19 3.89
CA ILE J 193 -46.40 -10.14 2.78
C ILE J 193 -47.00 -9.53 1.53
N GLU J 194 -47.80 -8.48 1.68
CA GLU J 194 -48.24 -7.71 0.52
C GLU J 194 -47.01 -7.08 -0.08
N VAL J 195 -46.33 -6.28 0.73
CA VAL J 195 -45.14 -5.53 0.35
C VAL J 195 -44.05 -6.47 -0.16
N LEU J 196 -44.33 -7.76 -0.13
CA LEU J 196 -43.30 -8.74 -0.39
C LEU J 196 -43.73 -9.65 -1.52
N SER J 197 -45.03 -9.65 -1.80
CA SER J 197 -45.59 -10.50 -2.83
C SER J 197 -45.68 -9.70 -4.11
N ARG J 198 -45.14 -8.49 -4.07
CA ARG J 198 -45.31 -7.55 -5.16
C ARG J 198 -44.33 -7.75 -6.30
N ARG J 199 -44.20 -6.68 -7.09
CA ARG J 199 -43.16 -6.49 -8.12
C ARG J 199 -42.73 -5.00 -8.12
N THR J 200 -43.61 -4.12 -7.66
CA THR J 200 -43.27 -2.69 -7.51
C THR J 200 -42.36 -2.44 -6.31
N LYS J 201 -42.98 -2.16 -5.16
CA LYS J 201 -42.25 -2.02 -3.92
C LYS J 201 -41.89 -3.42 -3.39
N ASN J 202 -40.93 -4.06 -4.04
CA ASN J 202 -40.57 -5.44 -3.71
C ASN J 202 -40.28 -5.68 -2.22
N ASN J 203 -39.53 -4.76 -1.60
CA ASN J 203 -38.89 -4.97 -0.29
C ASN J 203 -39.37 -4.04 0.84
N PRO J 204 -39.92 -4.61 1.95
CA PRO J 204 -40.52 -3.92 3.10
C PRO J 204 -39.53 -3.41 4.16
N VAL J 205 -39.98 -2.42 4.94
CA VAL J 205 -39.12 -1.70 5.89
C VAL J 205 -39.95 -1.19 7.08
N LEU J 206 -39.64 -1.70 8.27
CA LEU J 206 -40.43 -1.40 9.46
C LEU J 206 -39.84 -0.28 10.32
N ILE J 207 -40.68 0.72 10.57
CA ILE J 207 -40.26 1.89 11.30
C ILE J 207 -41.11 2.11 12.52
N GLY J 208 -40.46 2.23 13.67
CA GLY J 208 -41.13 2.50 14.92
C GLY J 208 -40.04 2.56 15.95
N GLU J 209 -40.35 2.94 17.19
CA GLU J 209 -39.33 2.90 18.20
C GLU J 209 -38.81 1.48 18.18
N PRO J 210 -37.50 1.30 18.41
CA PRO J 210 -36.73 0.18 17.86
C PRO J 210 -36.71 -1.22 18.53
N GLY J 211 -36.97 -1.39 19.82
CA GLY J 211 -37.88 -0.62 20.63
C GLY J 211 -39.00 -1.62 20.87
N VAL J 212 -39.88 -1.73 19.88
CA VAL J 212 -40.92 -2.72 19.87
C VAL J 212 -40.32 -4.02 19.39
N GLY J 213 -39.06 -4.22 19.71
CA GLY J 213 -38.31 -5.36 19.23
C GLY J 213 -38.84 -5.68 17.85
N LYS J 214 -38.68 -4.74 16.92
CA LYS J 214 -39.20 -4.90 15.57
C LYS J 214 -38.81 -6.28 15.11
N THR J 215 -37.57 -6.63 15.43
CA THR J 215 -36.98 -7.87 14.97
C THR J 215 -37.89 -9.05 15.24
N ALA J 216 -38.87 -8.85 16.12
CA ALA J 216 -39.83 -9.90 16.50
C ALA J 216 -40.79 -10.30 15.35
N ILE J 217 -41.26 -9.30 14.62
CA ILE J 217 -42.21 -9.52 13.52
C ILE J 217 -41.65 -10.42 12.39
N ALA J 218 -40.34 -10.31 12.16
CA ALA J 218 -39.62 -11.13 11.17
C ALA J 218 -39.64 -12.63 11.43
N GLU J 219 -39.46 -13.02 12.69
CA GLU J 219 -39.56 -14.43 13.01
C GLU J 219 -40.95 -14.88 12.58
N GLY J 220 -41.85 -13.90 12.44
CA GLY J 220 -43.23 -14.13 12.02
C GLY J 220 -43.34 -14.87 10.71
N LEU J 221 -42.66 -14.39 9.70
CA LEU J 221 -42.66 -15.08 8.42
C LEU J 221 -42.16 -16.52 8.55
N ALA J 222 -40.97 -16.69 9.09
CA ALA J 222 -40.41 -18.03 9.23
C ALA J 222 -41.56 -19.01 9.47
N GLN J 223 -42.33 -18.79 10.52
CA GLN J 223 -43.41 -19.69 10.93
C GLN J 223 -44.54 -19.85 9.91
N GLN J 224 -44.96 -18.75 9.29
CA GLN J 224 -46.07 -18.79 8.33
C GLN J 224 -45.69 -19.21 6.91
N ILE J 225 -44.46 -18.93 6.49
CA ILE J 225 -44.04 -19.38 5.16
C ILE J 225 -43.90 -20.88 5.17
N ILE J 226 -43.50 -21.42 6.32
CA ILE J 226 -43.44 -22.86 6.48
C ILE J 226 -44.85 -23.48 6.45
N ASN J 227 -45.58 -23.39 7.56
CA ASN J 227 -46.88 -24.05 7.65
C ASN J 227 -48.04 -23.11 7.93
N ASN J 228 -48.61 -22.51 6.88
CA ASN J 228 -48.09 -22.53 5.51
C ASN J 228 -48.84 -21.45 4.75
N GLU J 229 -49.73 -20.77 5.48
CA GLU J 229 -50.56 -19.72 4.93
C GLU J 229 -49.71 -18.60 4.32
N VAL J 230 -49.39 -18.75 3.04
CA VAL J 230 -48.74 -17.71 2.25
C VAL J 230 -48.76 -18.11 0.77
N PRO J 231 -48.80 -17.12 -0.13
CA PRO J 231 -48.92 -17.39 -1.57
C PRO J 231 -47.94 -18.45 -2.08
N GLU J 232 -48.37 -19.27 -3.03
CA GLU J 232 -47.47 -20.20 -3.69
C GLU J 232 -46.40 -19.37 -4.40
N ILE J 233 -46.55 -18.05 -4.27
CA ILE J 233 -45.62 -17.09 -4.84
C ILE J 233 -44.39 -16.89 -3.99
N LEU J 234 -44.34 -17.57 -2.84
CA LEU J 234 -43.31 -17.38 -1.80
C LEU J 234 -42.90 -18.66 -1.07
N ARG J 235 -43.69 -19.72 -1.20
CA ARG J 235 -43.33 -20.98 -0.59
C ARG J 235 -41.90 -21.26 -0.99
N ASP J 236 -41.19 -22.07 -0.21
CA ASP J 236 -39.82 -22.41 -0.54
C ASP J 236 -38.93 -21.16 -0.60
N LYS J 237 -38.75 -20.52 0.55
CA LYS J 237 -37.80 -19.42 0.69
C LYS J 237 -37.24 -19.38 2.11
N ARG J 238 -36.40 -18.39 2.42
CA ARG J 238 -35.66 -18.38 3.69
C ARG J 238 -35.43 -16.97 4.31
N VAL J 239 -35.67 -16.83 5.61
CA VAL J 239 -35.40 -15.57 6.28
C VAL J 239 -34.04 -15.61 6.94
N MET J 240 -33.29 -14.53 6.85
CA MET J 240 -31.96 -14.48 7.48
C MET J 240 -31.59 -13.08 7.98
N THR J 241 -30.49 -12.95 8.74
CA THR J 241 -30.22 -11.70 9.45
C THR J 241 -28.77 -11.18 9.48
N LEU J 242 -28.57 -10.05 10.16
CA LEU J 242 -27.23 -9.56 10.53
C LEU J 242 -27.31 -8.20 11.24
N GLU J 253 -14.91 -7.82 7.21
CA GLU J 253 -15.39 -7.06 6.07
C GLU J 253 -14.83 -7.62 4.76
N ASP J 254 -13.67 -8.26 4.86
CA ASP J 254 -12.97 -8.78 3.69
C ASP J 254 -13.78 -9.85 2.96
N ARG J 255 -14.80 -10.37 3.64
CA ARG J 255 -15.66 -11.41 3.08
C ARG J 255 -16.63 -10.85 2.03
N LEU J 256 -16.20 -9.77 1.39
CA LEU J 256 -16.98 -8.92 0.48
C LEU J 256 -18.07 -9.55 -0.42
N LYS J 257 -18.03 -9.18 -1.71
CA LYS J 257 -19.00 -9.62 -2.71
C LYS J 257 -18.99 -11.15 -2.81
N LYS J 258 -18.05 -11.76 -2.10
CA LYS J 258 -17.84 -13.21 -2.15
C LYS J 258 -19.13 -14.00 -1.93
N VAL J 259 -19.63 -13.97 -0.70
CA VAL J 259 -20.81 -14.76 -0.39
C VAL J 259 -22.06 -14.16 -1.04
N MET J 260 -22.09 -12.85 -1.23
CA MET J 260 -23.22 -12.23 -1.91
C MET J 260 -23.33 -12.68 -3.36
N ASP J 261 -22.20 -13.01 -3.98
CA ASP J 261 -22.25 -13.62 -5.29
C ASP J 261 -22.84 -15.00 -5.11
N GLU J 262 -22.44 -15.68 -4.04
CA GLU J 262 -22.95 -17.00 -3.71
C GLU J 262 -24.38 -16.98 -3.17
N ILE J 263 -25.15 -16.00 -3.61
CA ILE J 263 -26.57 -15.91 -3.24
C ILE J 263 -27.46 -15.41 -4.37
N ARG J 264 -27.09 -14.32 -5.03
CA ARG J 264 -27.83 -13.91 -6.20
C ARG J 264 -28.00 -15.17 -7.02
N GLN J 265 -26.99 -16.01 -6.95
CA GLN J 265 -27.01 -17.33 -7.56
C GLN J 265 -27.80 -18.32 -6.69
N ALA J 266 -29.02 -17.91 -6.33
CA ALA J 266 -29.92 -18.70 -5.52
C ALA J 266 -31.06 -17.80 -5.07
N GLY J 267 -32.16 -17.82 -5.81
CA GLY J 267 -33.20 -16.82 -5.62
C GLY J 267 -34.00 -16.91 -4.35
N ASN J 268 -33.96 -18.07 -3.71
CA ASN J 268 -34.85 -18.33 -2.58
C ASN J 268 -34.45 -17.62 -1.30
N ILE J 269 -34.21 -16.31 -1.38
CA ILE J 269 -33.70 -15.61 -0.21
C ILE J 269 -34.27 -14.21 0.09
N ILE J 270 -34.61 -14.01 1.35
CA ILE J 270 -35.14 -12.75 1.87
C ILE J 270 -34.22 -12.39 3.02
N LEU J 271 -34.05 -11.10 3.29
CA LEU J 271 -33.01 -10.67 4.23
C LEU J 271 -33.45 -9.60 5.24
N PHE J 272 -32.70 -9.48 6.32
CA PHE J 272 -33.07 -8.60 7.42
C PHE J 272 -31.94 -7.65 7.80
N ILE J 273 -32.28 -6.39 8.02
CA ILE J 273 -31.26 -5.39 8.31
C ILE J 273 -31.66 -4.41 9.42
N ASP J 274 -30.67 -3.69 9.93
CA ASP J 274 -30.89 -2.69 10.94
C ASP J 274 -29.64 -1.82 11.01
N ALA J 275 -29.40 -1.08 9.93
CA ALA J 275 -28.18 -0.30 9.79
C ALA J 275 -28.17 0.45 8.45
N LYS J 284 -24.00 0.15 1.72
CA LYS J 284 -24.61 -1.17 1.67
C LYS J 284 -25.29 -1.53 0.34
N PRO J 285 -26.13 -0.63 -0.17
CA PRO J 285 -27.17 -0.99 -1.15
C PRO J 285 -26.74 -1.36 -2.58
N SER J 286 -26.71 -2.65 -2.89
CA SER J 286 -26.63 -3.13 -4.27
C SER J 286 -28.04 -3.38 -4.76
N LEU J 287 -28.96 -2.58 -4.23
CA LEU J 287 -30.40 -2.80 -4.27
C LEU J 287 -31.00 -3.26 -5.60
N ALA J 288 -32.11 -3.99 -5.50
CA ALA J 288 -32.89 -4.42 -6.65
C ALA J 288 -32.10 -5.26 -7.65
N ARG J 289 -30.78 -5.09 -7.66
CA ARG J 289 -29.93 -5.76 -8.64
C ARG J 289 -30.33 -7.23 -8.78
N GLY J 290 -29.80 -8.09 -7.93
CA GLY J 290 -30.20 -9.48 -7.91
C GLY J 290 -31.56 -9.65 -7.26
N GLU J 291 -31.90 -10.89 -6.93
CA GLU J 291 -33.11 -11.18 -6.18
C GLU J 291 -32.90 -10.75 -4.74
N LEU J 292 -31.79 -10.04 -4.51
CA LEU J 292 -31.41 -9.52 -3.22
C LEU J 292 -32.53 -8.79 -2.48
N GLN J 293 -33.40 -9.55 -1.80
CA GLN J 293 -34.64 -8.98 -1.25
C GLN J 293 -34.62 -8.79 0.28
N CYS J 294 -34.91 -7.57 0.71
CA CYS J 294 -34.72 -7.19 2.12
C CYS J 294 -35.99 -7.02 2.96
N ILE J 295 -35.82 -7.04 4.28
CA ILE J 295 -36.77 -6.46 5.22
C ILE J 295 -35.99 -5.59 6.18
N GLY J 296 -36.42 -4.34 6.33
CA GLY J 296 -35.64 -3.36 7.06
C GLY J 296 -36.23 -2.87 8.38
N ALA J 297 -35.39 -2.76 9.39
CA ALA J 297 -35.80 -2.22 10.67
C ALA J 297 -34.91 -1.02 10.97
N THR J 298 -35.49 0.16 10.92
CA THR J 298 -34.72 1.37 11.18
C THR J 298 -35.60 2.49 11.69
N THR J 299 -35.01 3.33 12.54
CA THR J 299 -35.75 4.28 13.36
C THR J 299 -36.86 5.06 12.64
N LEU J 300 -37.73 5.67 13.44
CA LEU J 300 -38.73 6.59 12.94
C LEU J 300 -38.15 7.50 11.85
N ASP J 301 -36.95 8.03 12.11
CA ASP J 301 -36.33 9.05 11.28
C ASP J 301 -35.27 8.49 10.33
N GLU J 302 -34.40 7.62 10.85
CA GLU J 302 -33.28 7.13 10.06
C GLU J 302 -33.72 6.83 8.64
N TYR J 303 -34.94 6.35 8.49
CA TYR J 303 -35.49 6.08 7.18
C TYR J 303 -35.63 7.40 6.41
N ARG J 304 -36.16 8.42 7.09
CA ARG J 304 -36.18 9.75 6.49
C ARG J 304 -34.82 9.96 5.82
N LYS J 305 -33.76 9.49 6.49
CA LYS J 305 -32.39 9.59 5.98
C LYS J 305 -31.95 8.38 5.14
N TYR J 306 -32.80 7.98 4.18
CA TYR J 306 -32.49 6.92 3.23
C TYR J 306 -33.37 7.01 1.96
N ILE J 307 -34.68 7.24 2.11
CA ILE J 307 -35.47 7.63 0.96
C ILE J 307 -35.05 9.06 0.60
N GLU J 308 -34.43 9.73 1.57
CA GLU J 308 -33.83 11.02 1.34
C GLU J 308 -32.65 10.81 0.40
N LYS J 309 -31.98 9.67 0.54
CA LYS J 309 -31.02 9.23 -0.47
C LYS J 309 -31.76 9.18 -1.81
N ASP J 310 -32.76 8.29 -1.89
CA ASP J 310 -33.62 8.20 -3.08
C ASP J 310 -32.84 7.86 -4.33
N ALA J 311 -33.54 7.43 -5.39
CA ALA J 311 -34.95 7.13 -5.34
C ALA J 311 -35.15 5.66 -5.67
N ALA J 312 -34.05 4.91 -5.61
CA ALA J 312 -34.11 3.46 -5.60
C ALA J 312 -34.70 3.07 -4.25
N LEU J 313 -34.52 3.95 -3.28
CA LEU J 313 -35.17 3.80 -1.99
C LEU J 313 -36.70 3.81 -2.16
N GLU J 314 -37.29 5.00 -2.27
CA GLU J 314 -38.74 5.13 -2.39
C GLU J 314 -39.27 4.05 -3.30
N ARG J 315 -38.38 3.53 -4.15
CA ARG J 315 -38.72 2.47 -5.10
C ARG J 315 -38.69 1.08 -4.47
N ARG J 316 -37.55 0.40 -4.60
CA ARG J 316 -37.42 -0.99 -4.15
C ARG J 316 -38.03 -1.20 -2.76
N PHE J 317 -37.27 -0.93 -1.71
CA PHE J 317 -37.69 -0.99 -0.31
C PHE J 317 -39.00 -0.16 -0.04
N GLN J 318 -39.77 -0.49 1.01
CA GLN J 318 -41.04 0.21 1.28
C GLN J 318 -41.68 -0.17 2.64
N PRO J 319 -42.25 0.82 3.34
CA PRO J 319 -42.39 0.78 4.80
C PRO J 319 -43.78 0.44 5.36
N ILE J 320 -43.79 0.08 6.64
CA ILE J 320 -45.01 -0.15 7.43
C ILE J 320 -44.82 0.19 8.93
N GLN J 321 -45.88 0.68 9.55
CA GLN J 321 -45.76 1.27 10.89
C GLN J 321 -45.86 0.22 11.96
N VAL J 322 -44.78 0.03 12.69
CA VAL J 322 -44.76 -0.89 13.82
C VAL J 322 -45.32 -0.27 15.10
N ASP J 323 -46.29 -0.94 15.71
CA ASP J 323 -46.97 -0.38 16.86
C ASP J 323 -46.31 -0.77 18.19
N GLN J 324 -46.27 0.17 19.12
CA GLN J 324 -45.99 -0.13 20.52
C GLN J 324 -47.15 -0.99 21.02
N PRO J 325 -46.92 -2.29 21.20
CA PRO J 325 -47.95 -3.30 21.43
C PRO J 325 -49.08 -2.86 22.35
N SER J 326 -50.29 -3.37 22.13
CA SER J 326 -51.42 -3.11 23.03
C SER J 326 -50.98 -3.56 24.41
N VAL J 327 -51.16 -2.71 25.41
CA VAL J 327 -50.64 -2.98 26.74
C VAL J 327 -50.82 -4.43 27.26
N ASP J 328 -52.01 -5.01 27.04
CA ASP J 328 -52.27 -6.40 27.45
C ASP J 328 -51.38 -7.35 26.64
N GLU J 329 -51.23 -7.06 25.35
CA GLU J 329 -50.42 -7.88 24.45
C GLU J 329 -49.05 -8.01 25.08
N SER J 330 -48.56 -6.89 25.60
CA SER J 330 -47.27 -6.88 26.28
C SER J 330 -47.22 -8.01 27.28
N ILE J 331 -48.12 -7.99 28.26
CA ILE J 331 -48.17 -9.07 29.26
C ILE J 331 -47.96 -10.47 28.69
N GLN J 332 -48.66 -10.79 27.61
CA GLN J 332 -48.61 -12.14 27.09
C GLN J 332 -47.22 -12.48 26.57
N ILE J 333 -46.53 -11.47 26.03
CA ILE J 333 -45.23 -11.69 25.43
C ILE J 333 -44.31 -12.13 26.52
N LEU J 334 -44.41 -11.44 27.65
CA LEU J 334 -43.62 -11.72 28.85
C LEU J 334 -43.74 -13.18 29.29
N GLN J 335 -44.97 -13.63 29.54
CA GLN J 335 -45.19 -14.99 29.98
C GLN J 335 -44.59 -16.04 29.01
N GLY J 336 -44.76 -15.84 27.71
CA GLY J 336 -44.29 -16.80 26.72
C GLY J 336 -42.79 -17.05 26.88
N LEU J 337 -42.10 -16.02 27.33
CA LEU J 337 -40.68 -16.11 27.59
C LEU J 337 -40.45 -15.96 29.08
N ARG J 338 -41.52 -16.02 29.87
CA ARG J 338 -41.36 -16.15 31.32
C ARG J 338 -40.63 -17.44 31.66
N ASP J 339 -41.18 -18.57 31.22
CA ASP J 339 -40.61 -19.90 31.45
C ASP J 339 -39.14 -19.94 31.05
N ARG J 340 -38.72 -18.96 30.25
CA ARG J 340 -37.36 -18.93 29.71
C ARG J 340 -36.43 -18.00 30.46
N TYR J 341 -37.01 -17.13 31.29
CA TYR J 341 -36.24 -16.30 32.23
C TYR J 341 -36.24 -17.00 33.56
N GLU J 342 -36.62 -18.27 33.59
CA GLU J 342 -36.44 -19.02 34.82
C GLU J 342 -34.94 -19.24 34.96
N ALA J 343 -34.21 -18.90 33.91
CA ALA J 343 -32.76 -19.03 33.86
C ALA J 343 -32.05 -18.33 35.02
N HIS J 344 -32.58 -17.19 35.44
CA HIS J 344 -31.93 -16.40 36.49
C HIS J 344 -32.51 -16.64 37.90
N HIS J 345 -33.33 -17.69 38.01
CA HIS J 345 -33.74 -18.33 39.28
C HIS J 345 -34.73 -17.53 40.16
N ARG J 346 -36.03 -17.59 39.79
CA ARG J 346 -37.12 -16.92 40.52
C ARG J 346 -38.49 -16.95 39.82
N VAL J 347 -38.45 -17.07 38.49
CA VAL J 347 -39.64 -17.24 37.65
C VAL J 347 -39.73 -18.73 37.30
N SER J 348 -40.86 -19.22 36.80
CA SER J 348 -42.04 -18.47 36.37
C SER J 348 -42.71 -17.59 37.44
N ILE J 349 -43.70 -16.80 37.00
CA ILE J 349 -44.53 -15.97 37.90
C ILE J 349 -43.72 -14.84 38.63
N THR J 350 -44.41 -13.96 39.37
CA THR J 350 -45.86 -13.96 39.52
C THR J 350 -46.52 -13.07 38.50
N ASP J 351 -47.61 -13.57 37.93
CA ASP J 351 -48.42 -12.80 37.02
C ASP J 351 -48.63 -11.42 37.62
N ASP J 352 -49.21 -11.37 38.82
CA ASP J 352 -49.54 -10.10 39.46
C ASP J 352 -48.35 -9.14 39.39
N ALA J 353 -47.15 -9.69 39.31
CA ALA J 353 -45.94 -8.88 39.22
C ALA J 353 -45.70 -8.38 37.81
N ILE J 354 -45.78 -9.27 36.84
CA ILE J 354 -45.67 -8.86 35.44
C ILE J 354 -46.53 -7.64 35.13
N GLU J 355 -47.84 -7.79 35.29
CA GLU J 355 -48.77 -6.71 35.02
C GLU J 355 -48.18 -5.38 35.43
N ALA J 356 -47.47 -5.35 36.56
CA ALA J 356 -46.85 -4.10 37.01
C ALA J 356 -45.68 -3.72 36.11
N ALA J 357 -44.78 -4.65 35.86
CA ALA J 357 -43.65 -4.40 34.97
C ALA J 357 -44.18 -3.61 33.78
N VAL J 358 -45.08 -4.24 33.05
CA VAL J 358 -45.78 -3.59 31.96
C VAL J 358 -46.47 -2.29 32.36
N LYS J 359 -47.62 -2.39 33.02
CA LYS J 359 -48.52 -1.25 33.23
C LYS J 359 -47.86 0.05 33.67
N LEU J 360 -46.92 -0.03 34.60
CA LEU J 360 -46.30 1.18 35.12
C LEU J 360 -45.57 1.93 34.01
N SER J 361 -45.02 1.16 33.07
CA SER J 361 -44.21 1.73 32.00
C SER J 361 -45.00 2.54 30.99
N ASP J 362 -46.19 2.08 30.63
CA ASP J 362 -46.97 2.79 29.63
C ASP J 362 -47.32 4.19 30.09
N ARG J 363 -47.68 4.32 31.37
CA ARG J 363 -48.04 5.62 31.91
C ARG J 363 -46.89 6.27 32.66
N TYR J 364 -46.19 5.50 33.47
CA TYR J 364 -45.07 6.03 34.26
C TYR J 364 -43.73 5.80 33.56
N ILE J 365 -43.04 6.88 33.21
CA ILE J 365 -41.74 6.81 32.55
C ILE J 365 -41.56 5.50 31.76
N SER J 366 -41.95 5.47 30.49
CA SER J 366 -42.39 6.59 29.64
C SER J 366 -41.25 7.20 28.80
N ASP J 367 -40.46 6.31 28.21
CA ASP J 367 -39.29 6.71 27.42
C ASP J 367 -38.81 5.58 26.52
N ARG J 368 -39.68 4.62 26.21
CA ARG J 368 -39.36 3.50 25.31
C ARG J 368 -40.53 2.91 24.47
N PHE J 369 -40.50 1.60 24.27
CA PHE J 369 -41.60 0.93 23.61
C PHE J 369 -42.20 0.11 24.68
N LEU J 370 -43.50 -0.17 24.60
CA LEU J 370 -44.19 -0.81 25.71
C LEU J 370 -43.88 -2.28 25.95
N PRO J 371 -43.04 -2.94 25.11
CA PRO J 371 -42.53 -4.28 25.43
C PRO J 371 -41.04 -4.33 25.88
N ASP J 372 -40.17 -3.45 25.38
CA ASP J 372 -38.82 -3.40 25.92
C ASP J 372 -38.88 -3.00 27.40
N LYS J 373 -39.53 -1.88 27.71
CA LYS J 373 -39.64 -1.35 29.07
C LYS J 373 -39.84 -2.46 30.09
N ALA J 374 -40.97 -3.13 29.95
CA ALA J 374 -41.36 -4.22 30.83
C ALA J 374 -40.19 -5.14 31.14
N ILE J 375 -39.84 -6.00 30.20
CA ILE J 375 -38.68 -6.88 30.36
C ILE J 375 -37.44 -6.26 31.03
N ASP J 376 -37.24 -4.96 30.88
CA ASP J 376 -36.10 -4.34 31.56
C ASP J 376 -36.33 -4.27 33.07
N LEU J 377 -37.56 -3.94 33.49
CA LEU J 377 -37.97 -3.96 34.89
C LEU J 377 -37.79 -5.34 35.48
N ILE J 378 -38.32 -6.32 34.78
CA ILE J 378 -38.19 -7.71 35.13
C ILE J 378 -36.72 -8.08 35.29
N ASP J 379 -35.87 -7.76 34.32
CA ASP J 379 -34.45 -8.09 34.49
C ASP J 379 -33.75 -7.30 35.60
N GLU J 380 -34.00 -6.00 35.69
CA GLU J 380 -33.49 -5.28 36.84
C GLU J 380 -33.69 -6.16 38.07
N ALA J 381 -34.93 -6.60 38.28
CA ALA J 381 -35.25 -7.55 39.35
C ALA J 381 -34.85 -9.03 39.09
N GLY J 382 -34.58 -9.37 37.83
CA GLY J 382 -34.25 -10.73 37.37
C GLY J 382 -32.84 -11.21 37.64
N SER J 383 -32.30 -10.65 38.70
CA SER J 383 -31.01 -11.04 39.23
C SER J 383 -30.98 -10.41 40.60
N LYS J 384 -31.37 -9.13 40.66
CA LYS J 384 -31.47 -8.39 41.93
C LYS J 384 -31.92 -9.19 43.15
N VAL J 385 -32.95 -9.99 43.01
CA VAL J 385 -33.43 -10.75 44.15
C VAL J 385 -32.63 -12.03 44.33
N ARG J 386 -32.25 -12.66 43.23
CA ARG J 386 -31.31 -13.79 43.28
C ARG J 386 -30.06 -13.29 43.97
N LEU J 387 -29.97 -11.97 44.15
CA LEU J 387 -28.81 -11.34 44.76
C LEU J 387 -28.97 -11.10 46.26
N ARG J 388 -30.07 -10.47 46.65
CA ARG J 388 -30.37 -10.28 48.06
C ARG J 388 -30.22 -11.61 48.80
N SER J 389 -30.20 -12.68 48.02
CA SER J 389 -29.89 -14.01 48.49
C SER J 389 -28.44 -14.09 48.92
N PHE J 390 -27.55 -13.59 48.06
CA PHE J 390 -26.10 -13.80 48.20
C PHE J 390 -25.37 -12.84 49.15
N THR J 391 -26.10 -11.85 49.68
CA THR J 391 -25.47 -10.86 50.54
C THR J 391 -24.70 -11.51 51.68
N THR J 392 -23.74 -10.76 52.23
CA THR J 392 -23.00 -11.24 53.38
C THR J 392 -23.92 -11.34 54.58
N PRO J 393 -23.92 -12.50 55.25
CA PRO J 393 -24.60 -12.85 56.51
C PRO J 393 -24.62 -11.70 57.52
N PRO J 394 -25.05 -11.96 58.78
CA PRO J 394 -25.13 -10.90 59.77
C PRO J 394 -23.84 -10.11 59.85
N ASN J 395 -23.68 -9.27 60.85
CA ASN J 395 -22.41 -8.56 61.00
C ASN J 395 -21.26 -9.54 61.20
N LEU J 396 -21.58 -10.80 60.97
CA LEU J 396 -20.57 -11.85 60.94
C LEU J 396 -19.58 -11.59 59.78
N LYS J 397 -19.61 -10.39 59.23
CA LYS J 397 -18.50 -9.95 58.40
C LYS J 397 -17.28 -9.97 59.30
N GLU J 398 -17.54 -9.84 60.61
CA GLU J 398 -16.47 -9.74 61.59
C GLU J 398 -15.72 -11.05 61.85
N LEU J 399 -16.42 -12.17 61.85
CA LEU J 399 -15.77 -13.47 62.09
C LEU J 399 -14.59 -13.64 61.16
N GLU J 400 -14.86 -13.72 59.87
CA GLU J 400 -13.82 -13.85 58.87
C GLU J 400 -12.66 -12.90 59.20
N GLN J 401 -13.01 -11.66 59.56
CA GLN J 401 -12.01 -10.68 59.95
C GLN J 401 -11.13 -11.29 61.03
N LYS J 402 -11.77 -11.92 62.01
CA LYS J 402 -11.04 -12.57 63.10
C LYS J 402 -10.18 -13.70 62.59
N LEU J 403 -10.82 -14.67 61.96
CA LEU J 403 -10.12 -15.87 61.53
C LEU J 403 -8.80 -15.54 60.87
N ASP J 404 -8.74 -14.38 60.24
CA ASP J 404 -7.53 -14.00 59.52
C ASP J 404 -6.39 -13.92 60.50
N GLU J 405 -6.46 -12.96 61.42
CA GLU J 405 -5.41 -12.75 62.42
C GLU J 405 -4.84 -14.09 62.83
N VAL J 406 -5.72 -15.09 62.87
CA VAL J 406 -5.27 -16.41 63.25
C VAL J 406 -4.29 -17.03 62.26
N ARG J 407 -4.77 -17.39 61.08
CA ARG J 407 -3.88 -18.05 60.14
C ARG J 407 -2.48 -17.52 60.44
N LYS J 408 -2.32 -16.21 60.31
CA LYS J 408 -1.03 -15.56 60.56
C LYS J 408 -0.33 -16.19 61.75
N GLU J 409 -0.84 -15.93 62.94
CA GLU J 409 -0.25 -16.51 64.13
C GLU J 409 0.10 -17.97 63.84
N LYS J 410 -0.89 -18.76 63.45
CA LYS J 410 -0.63 -20.14 63.06
C LYS J 410 0.51 -20.17 62.09
N ASP J 411 0.28 -19.58 60.92
CA ASP J 411 1.24 -19.59 59.83
C ASP J 411 2.60 -19.08 60.27
N ALA J 412 2.70 -17.77 60.48
CA ALA J 412 3.96 -17.14 60.86
C ALA J 412 4.63 -17.90 62.00
N ALA J 413 3.82 -18.36 62.94
CA ALA J 413 4.31 -19.21 64.01
C ALA J 413 4.93 -20.45 63.40
N VAL J 414 4.24 -21.07 62.47
CA VAL J 414 4.75 -22.31 61.89
C VAL J 414 6.12 -22.12 61.26
N GLN J 415 6.41 -20.90 60.83
CA GLN J 415 7.69 -20.56 60.19
C GLN J 415 8.74 -20.42 61.28
N SER J 416 8.27 -20.20 62.49
CA SER J 416 9.15 -20.08 63.63
C SER J 416 9.17 -21.39 64.42
N GLN J 417 7.98 -21.97 64.63
CA GLN J 417 7.83 -23.28 65.27
C GLN J 417 8.40 -23.39 66.70
N GLU J 418 7.58 -23.20 67.74
CA GLU J 418 6.16 -22.83 67.68
C GLU J 418 5.24 -23.90 67.06
N PHE J 419 5.72 -25.15 67.02
CA PHE J 419 4.93 -26.23 66.44
C PHE J 419 3.64 -26.52 67.18
N GLU J 420 3.74 -27.13 68.35
CA GLU J 420 2.54 -27.39 69.11
C GLU J 420 1.85 -26.07 69.42
N LYS J 421 2.60 -24.97 69.27
CA LYS J 421 2.04 -23.64 69.43
C LYS J 421 1.18 -23.33 68.23
N ALA J 422 1.13 -24.27 67.30
CA ALA J 422 0.24 -24.18 66.14
C ALA J 422 -0.83 -25.25 66.24
N ALA J 423 -0.40 -26.49 66.40
CA ALA J 423 -1.33 -27.59 66.57
C ALA J 423 -2.62 -27.07 67.16
N SER J 424 -2.53 -26.49 68.34
CA SER J 424 -3.70 -25.90 68.98
C SER J 424 -4.13 -24.63 68.22
N LEU J 425 -3.17 -23.97 67.60
CA LEU J 425 -3.48 -22.78 66.82
C LEU J 425 -4.30 -23.13 65.58
N ARG J 426 -3.88 -24.17 64.87
CA ARG J 426 -4.66 -24.68 63.75
C ARG J 426 -6.03 -24.99 64.27
N ASP J 427 -6.07 -25.92 65.21
CA ASP J 427 -7.31 -26.31 65.82
C ASP J 427 -8.13 -25.07 66.22
N THR J 428 -7.50 -24.07 66.83
CA THR J 428 -8.25 -22.85 67.16
C THR J 428 -8.84 -22.26 65.89
N GLU J 429 -8.10 -22.36 64.79
CA GLU J 429 -8.57 -21.91 63.49
C GLU J 429 -9.88 -22.60 63.04
N GLN J 430 -9.81 -23.89 62.76
CA GLN J 430 -10.98 -24.61 62.27
C GLN J 430 -12.15 -24.54 63.23
N ARG J 431 -11.88 -24.37 64.50
CA ARG J 431 -12.97 -24.10 65.42
C ARG J 431 -13.76 -22.98 64.76
N LEU J 432 -13.06 -21.89 64.48
CA LEU J 432 -13.66 -20.73 63.84
C LEU J 432 -14.34 -21.09 62.53
N ARG J 433 -13.56 -21.61 61.58
CA ARG J 433 -14.03 -21.82 60.22
C ARG J 433 -15.42 -22.46 60.15
N GLU J 434 -15.55 -23.67 60.66
CA GLU J 434 -16.83 -24.37 60.66
C GLU J 434 -17.93 -23.47 61.23
N GLN J 435 -17.58 -22.68 62.24
CA GLN J 435 -18.53 -21.71 62.79
C GLN J 435 -18.93 -20.72 61.70
N VAL J 436 -17.94 -20.19 61.00
CA VAL J 436 -18.18 -19.29 59.88
C VAL J 436 -19.10 -19.97 58.88
N GLU J 437 -18.58 -21.01 58.23
CA GLU J 437 -19.31 -21.70 57.18
C GLU J 437 -20.72 -22.11 57.62
N ASP J 438 -20.87 -22.42 58.91
CA ASP J 438 -22.19 -22.79 59.43
C ASP J 438 -23.16 -21.61 59.41
N THR J 439 -22.66 -20.40 59.66
CA THR J 439 -23.50 -19.19 59.57
C THR J 439 -23.43 -18.51 58.19
N LYS J 440 -22.50 -18.96 57.36
CA LYS J 440 -22.39 -18.48 55.98
C LYS J 440 -23.38 -19.25 55.11
N LYS J 441 -23.74 -20.45 55.58
CA LYS J 441 -24.75 -21.30 54.94
C LYS J 441 -26.03 -21.25 55.76
N SER J 442 -26.01 -20.42 56.80
CA SER J 442 -27.23 -20.10 57.51
C SER J 442 -28.00 -19.14 56.65
N TRP J 443 -27.30 -18.53 55.70
CA TRP J 443 -27.93 -17.68 54.72
C TRP J 443 -28.34 -18.43 53.44
N LYS J 444 -28.86 -19.63 53.67
CA LYS J 444 -29.71 -20.29 52.71
C LYS J 444 -31.10 -19.90 53.13
N GLU J 445 -31.18 -19.29 54.32
CA GLU J 445 -32.44 -18.82 54.87
C GLU J 445 -32.80 -17.48 54.25
N LYS J 446 -31.79 -16.67 54.00
CA LYS J 446 -32.00 -15.44 53.25
C LYS J 446 -32.41 -15.82 51.83
N GLN J 447 -32.34 -17.11 51.55
CA GLN J 447 -32.76 -17.62 50.24
C GLN J 447 -34.23 -18.04 50.26
N GLY J 448 -34.61 -18.88 51.23
CA GLY J 448 -35.98 -19.31 51.39
C GLY J 448 -36.92 -18.16 51.71
N GLN J 449 -36.35 -17.03 52.14
CA GLN J 449 -37.09 -15.80 52.35
C GLN J 449 -37.30 -15.07 51.02
N GLU J 450 -36.22 -14.85 50.28
CA GLU J 450 -36.27 -14.08 49.04
C GLU J 450 -36.24 -14.91 47.76
N ASN J 451 -35.25 -15.79 47.65
CA ASN J 451 -35.09 -16.57 46.42
C ASN J 451 -36.45 -17.06 45.93
N SER J 452 -36.63 -17.00 44.62
CA SER J 452 -37.89 -17.38 44.01
C SER J 452 -39.07 -16.49 44.41
N GLU J 453 -38.81 -15.38 45.11
CA GLU J 453 -39.85 -14.38 45.34
C GLU J 453 -40.19 -13.70 44.00
N VAL J 454 -40.76 -12.50 44.04
CA VAL J 454 -41.15 -11.76 42.83
C VAL J 454 -42.08 -10.56 43.09
N THR J 455 -43.12 -10.78 43.88
CA THR J 455 -44.28 -9.89 43.88
C THR J 455 -43.94 -8.40 43.82
N VAL J 456 -44.57 -7.76 42.84
CA VAL J 456 -44.75 -6.33 42.75
C VAL J 456 -43.77 -5.49 43.55
N ASP J 457 -43.88 -5.54 44.88
CA ASP J 457 -43.05 -4.68 45.71
C ASP J 457 -41.62 -4.65 45.18
N ASP J 458 -41.12 -5.79 44.70
CA ASP J 458 -39.79 -5.83 44.11
C ASP J 458 -39.72 -4.83 43.00
N ILE J 459 -40.69 -4.91 42.11
CA ILE J 459 -40.73 -4.00 40.99
C ILE J 459 -40.88 -2.54 41.40
N ALA J 460 -41.98 -2.19 42.06
CA ALA J 460 -42.22 -0.80 42.39
C ALA J 460 -40.97 -0.17 42.98
N MET J 461 -40.15 -0.97 43.64
CA MET J 461 -38.82 -0.50 44.05
C MET J 461 -38.11 -0.05 42.79
N VAL J 462 -37.75 -1.02 41.96
CA VAL J 462 -37.10 -0.76 40.69
C VAL J 462 -37.61 0.52 40.06
N VAL J 463 -38.91 0.72 40.08
CA VAL J 463 -39.49 1.92 39.47
C VAL J 463 -39.09 3.21 40.17
N SER J 464 -39.29 3.27 41.49
CA SER J 464 -38.98 4.48 42.25
C SER J 464 -37.50 4.78 42.17
N SER J 465 -36.71 3.73 41.95
CA SER J 465 -35.28 3.88 41.74
C SER J 465 -34.99 4.15 40.27
N TRP J 466 -35.96 4.72 39.57
CA TRP J 466 -35.78 5.17 38.19
C TRP J 466 -36.30 6.61 38.06
N THR J 467 -36.77 7.17 39.17
CA THR J 467 -37.22 8.56 39.21
C THR J 467 -37.01 9.17 40.59
N GLN K 5 -18.88 -54.58 7.99
CA GLN K 5 -19.89 -53.54 7.84
C GLN K 5 -20.82 -53.52 9.05
N LYS K 6 -21.21 -52.32 9.47
CA LYS K 6 -22.00 -52.16 10.70
C LYS K 6 -23.45 -52.62 10.51
N LEU K 7 -24.03 -53.12 11.59
CA LEU K 7 -25.34 -53.73 11.53
C LEU K 7 -26.26 -53.19 12.63
N GLN K 8 -26.05 -51.93 13.02
CA GLN K 8 -26.91 -51.24 14.00
C GLN K 8 -26.96 -49.73 13.75
N PHE K 9 -28.17 -49.18 13.65
CA PHE K 9 -28.37 -47.77 13.27
C PHE K 9 -29.39 -46.97 14.09
N VAL K 10 -29.20 -45.64 14.11
CA VAL K 10 -30.04 -44.74 14.90
C VAL K 10 -30.65 -43.72 13.99
N LEU K 11 -31.96 -43.67 13.94
CA LEU K 11 -32.59 -42.75 13.00
C LEU K 11 -33.50 -41.77 13.70
N ARG K 12 -33.65 -40.59 13.12
CA ARG K 12 -34.50 -39.56 13.68
C ARG K 12 -35.70 -39.23 12.82
N PHE K 13 -36.87 -39.17 13.44
CA PHE K 13 -38.10 -38.87 12.74
C PHE K 13 -38.50 -37.46 13.08
N GLY K 14 -39.03 -36.73 12.12
CA GLY K 14 -39.37 -35.35 12.36
C GLY K 14 -40.58 -35.23 13.24
N ASP K 15 -41.64 -35.92 12.85
CA ASP K 15 -42.83 -36.01 13.67
C ASP K 15 -43.13 -37.48 13.99
N PHE K 16 -43.80 -37.71 15.14
CA PHE K 16 -44.05 -39.07 15.60
C PHE K 16 -44.83 -39.89 14.59
N GLU K 17 -45.82 -39.27 13.97
CA GLU K 17 -46.64 -40.04 13.07
C GLU K 17 -45.77 -40.72 12.02
N ASP K 18 -44.61 -40.17 11.73
CA ASP K 18 -43.73 -40.80 10.75
C ASP K 18 -43.37 -42.19 11.26
N VAL K 19 -43.33 -42.34 12.58
CA VAL K 19 -42.97 -43.64 13.17
C VAL K 19 -44.12 -44.62 13.04
N ILE K 20 -45.33 -44.20 13.38
CA ILE K 20 -46.50 -45.05 13.20
C ILE K 20 -46.45 -45.65 11.81
N SER K 21 -46.36 -44.80 10.80
CA SER K 21 -46.29 -45.21 9.40
C SER K 21 -45.28 -46.33 9.15
N LEU K 22 -44.03 -46.13 9.57
CA LEU K 22 -43.02 -47.16 9.46
C LEU K 22 -43.50 -48.48 10.09
N SER K 23 -44.29 -48.36 11.16
CA SER K 23 -44.68 -49.54 11.93
C SER K 23 -45.53 -50.44 11.07
N LYS K 24 -46.36 -49.81 10.24
CA LYS K 24 -47.37 -50.49 9.46
C LYS K 24 -46.80 -51.44 8.40
N LEU K 25 -45.54 -51.87 8.57
CA LEU K 25 -44.89 -52.78 7.62
C LEU K 25 -44.37 -54.08 8.25
N ASN K 26 -43.20 -54.51 7.80
CA ASN K 26 -42.56 -55.71 8.36
C ASN K 26 -41.17 -55.37 8.91
N VAL K 27 -41.01 -55.50 10.23
CA VAL K 27 -39.74 -55.26 10.89
C VAL K 27 -38.71 -56.31 10.45
N ASN K 28 -39.04 -57.57 10.70
CA ASN K 28 -38.32 -58.71 10.15
C ASN K 28 -36.88 -58.93 10.62
N GLY K 29 -36.72 -59.89 11.53
CA GLY K 29 -35.43 -60.27 12.06
C GLY K 29 -34.73 -59.06 12.61
N SER K 30 -35.53 -58.07 12.97
CA SER K 30 -34.99 -56.78 13.34
C SER K 30 -35.41 -56.40 14.74
N LYS K 31 -34.47 -56.48 15.68
CA LYS K 31 -34.69 -55.93 17.00
C LYS K 31 -34.67 -54.40 16.82
N THR K 32 -35.49 -53.70 17.59
CA THR K 32 -35.58 -52.24 17.46
C THR K 32 -36.06 -51.55 18.75
N THR K 33 -35.50 -50.37 19.03
CA THR K 33 -35.80 -49.66 20.27
C THR K 33 -35.96 -48.14 20.07
N LEU K 34 -36.95 -47.54 20.73
CA LEU K 34 -37.38 -46.17 20.43
C LEU K 34 -37.31 -45.14 21.54
N TYR K 35 -36.48 -44.12 21.34
CA TYR K 35 -36.26 -43.08 22.33
C TYR K 35 -36.94 -41.75 21.95
N SER K 36 -37.09 -40.87 22.93
CA SER K 36 -37.59 -39.50 22.72
C SER K 36 -36.53 -38.54 23.23
N PHE K 37 -36.18 -37.55 22.42
CA PHE K 37 -35.02 -36.69 22.71
C PHE K 37 -35.03 -35.40 21.85
N GLU K 38 -34.84 -34.26 22.50
CA GLU K 38 -34.95 -32.97 21.80
C GLU K 38 -36.29 -32.85 21.09
N ASN K 39 -37.34 -33.38 21.72
CA ASN K 39 -38.69 -33.34 21.17
C ASN K 39 -38.87 -34.22 19.95
N ARG K 40 -37.79 -34.49 19.23
CA ARG K 40 -37.81 -35.40 18.09
C ARG K 40 -37.60 -36.87 18.54
N TYR K 41 -38.21 -37.83 17.84
CA TYR K 41 -38.05 -39.23 18.22
C TYR K 41 -37.00 -39.94 17.40
N TYR K 42 -36.02 -40.50 18.09
CA TYR K 42 -34.98 -41.30 17.45
C TYR K 42 -35.43 -42.76 17.53
N LEU K 43 -35.00 -43.60 16.58
CA LEU K 43 -35.32 -45.03 16.61
C LEU K 43 -34.08 -45.90 16.33
N TYR K 44 -33.79 -46.86 17.23
CA TYR K 44 -32.55 -47.65 17.18
C TYR K 44 -32.72 -49.11 16.73
N VAL K 45 -32.21 -49.40 15.53
CA VAL K 45 -32.40 -50.66 14.81
C VAL K 45 -31.19 -51.56 14.91
N ASP K 46 -31.42 -52.86 15.10
CA ASP K 46 -30.32 -53.77 15.31
C ASP K 46 -30.55 -55.06 14.54
N PHE K 47 -29.85 -55.22 13.43
CA PHE K 47 -29.97 -56.42 12.62
C PHE K 47 -29.03 -57.49 13.14
N CYS K 48 -29.60 -58.63 13.50
CA CYS K 48 -28.78 -59.78 13.82
C CYS K 48 -28.52 -60.51 12.51
N ASN K 49 -27.25 -60.77 12.23
CA ASN K 49 -26.89 -61.60 11.08
C ASN K 49 -27.72 -61.34 9.85
N MET K 50 -27.18 -60.55 8.93
CA MET K 50 -27.76 -60.42 7.62
C MET K 50 -26.62 -60.10 6.70
N THR K 51 -26.74 -60.50 5.44
CA THR K 51 -25.73 -60.18 4.47
C THR K 51 -25.67 -58.68 4.34
N ASP K 52 -24.49 -58.14 4.04
CA ASP K 52 -24.37 -56.70 3.83
C ASP K 52 -25.35 -56.23 2.76
N GLU K 53 -25.44 -56.98 1.65
CA GLU K 53 -26.41 -56.64 0.61
C GLU K 53 -27.82 -56.59 1.21
N GLU K 54 -28.12 -57.54 2.10
CA GLU K 54 -29.43 -57.64 2.72
C GLU K 54 -29.75 -56.51 3.68
N VAL K 55 -28.72 -55.92 4.27
CA VAL K 55 -28.95 -54.79 5.17
C VAL K 55 -28.95 -53.43 4.46
N GLU K 56 -27.96 -53.16 3.60
CA GLU K 56 -27.98 -51.93 2.82
C GLU K 56 -29.34 -51.85 2.15
N ASN K 57 -29.82 -52.99 1.69
CA ASN K 57 -31.20 -53.09 1.21
C ASN K 57 -32.19 -52.57 2.26
N GLN K 58 -32.48 -53.38 3.27
CA GLN K 58 -33.50 -53.06 4.27
C GLN K 58 -33.45 -51.61 4.70
N LEU K 59 -32.26 -51.13 5.10
CA LEU K 59 -32.09 -49.76 5.59
C LEU K 59 -32.62 -48.70 4.62
N SER K 60 -32.55 -49.00 3.33
CA SER K 60 -33.16 -48.14 2.33
C SER K 60 -34.57 -47.78 2.77
N ILE K 61 -35.45 -48.79 2.87
CA ILE K 61 -36.85 -48.58 3.28
C ILE K 61 -36.96 -47.62 4.46
N LEU K 62 -36.28 -47.96 5.55
CA LEU K 62 -36.33 -47.13 6.75
C LEU K 62 -36.21 -45.64 6.44
N LEU K 63 -35.24 -45.30 5.60
CA LEU K 63 -35.02 -43.89 5.37
C LEU K 63 -35.97 -43.23 4.35
N GLU K 64 -37.00 -43.97 3.93
CA GLU K 64 -38.15 -43.32 3.27
C GLU K 64 -38.94 -42.58 4.36
N TYR K 65 -38.85 -43.12 5.58
CA TYR K 65 -39.61 -42.65 6.74
C TYR K 65 -38.76 -41.85 7.79
N ALA K 66 -37.44 -41.99 7.71
CA ALA K 66 -36.54 -41.21 8.58
C ALA K 66 -35.36 -40.63 7.85
N THR K 67 -34.44 -40.09 8.64
CA THR K 67 -33.07 -39.81 8.22
C THR K 67 -32.13 -40.46 9.26
N GLU K 68 -30.83 -40.53 8.97
CA GLU K 68 -29.89 -41.25 9.82
C GLU K 68 -29.10 -40.27 10.68
N SER K 69 -29.34 -40.27 11.99
CA SER K 69 -28.67 -39.28 12.86
C SER K 69 -27.27 -39.65 13.33
N SER K 70 -26.44 -38.63 13.21
CA SER K 70 -25.05 -38.72 13.54
C SER K 70 -24.93 -39.06 15.00
N ILE K 71 -26.08 -39.20 15.68
CA ILE K 71 -26.11 -39.27 17.15
C ILE K 71 -25.44 -40.48 17.79
N SER K 72 -24.47 -40.22 18.67
CA SER K 72 -23.83 -41.30 19.39
C SER K 72 -24.94 -42.09 20.08
N ILE K 73 -25.05 -43.37 19.78
CA ILE K 73 -26.11 -44.17 20.38
C ILE K 73 -26.10 -44.21 21.93
N HIS K 74 -24.92 -44.10 22.57
CA HIS K 74 -24.81 -44.15 24.04
C HIS K 74 -25.25 -42.87 24.72
N ARG K 75 -25.29 -41.78 23.95
CA ARG K 75 -25.92 -40.54 24.42
C ARG K 75 -27.38 -40.83 24.76
N LEU K 76 -28.09 -41.48 23.84
CA LEU K 76 -29.46 -41.94 24.12
C LEU K 76 -29.52 -42.89 25.35
N GLU K 77 -28.80 -44.00 25.29
CA GLU K 77 -28.88 -44.99 26.37
C GLU K 77 -28.74 -44.32 27.74
N GLU K 78 -27.90 -43.29 27.81
CA GLU K 78 -27.81 -42.49 29.03
C GLU K 78 -28.88 -41.39 29.05
N TYR K 79 -28.60 -40.27 28.39
CA TYR K 79 -29.44 -39.06 28.50
C TYR K 79 -30.75 -38.97 27.64
N GLY K 80 -31.25 -40.09 27.13
CA GLY K 80 -32.46 -40.01 26.32
C GLY K 80 -33.74 -40.11 27.14
N LYS K 81 -34.78 -40.68 26.52
CA LYS K 81 -36.02 -41.08 27.18
C LYS K 81 -36.56 -42.30 26.48
N LEU K 82 -36.44 -43.45 27.14
CA LEU K 82 -36.92 -44.71 26.58
C LEU K 82 -38.45 -44.66 26.43
N ILE K 83 -38.95 -45.30 25.38
CA ILE K 83 -40.39 -45.41 25.16
C ILE K 83 -40.81 -46.86 24.89
N ILE K 84 -40.07 -47.54 24.01
CA ILE K 84 -40.33 -48.97 23.75
C ILE K 84 -39.04 -49.75 23.48
N SER K 85 -38.85 -50.88 24.15
CA SER K 85 -37.63 -51.66 24.01
C SER K 85 -37.72 -52.77 22.99
N GLU K 86 -36.60 -53.06 22.34
CA GLU K 86 -36.43 -54.31 21.57
C GLU K 86 -37.45 -54.53 20.42
N HIS K 87 -38.74 -54.45 20.74
CA HIS K 87 -39.82 -54.62 19.79
C HIS K 87 -40.55 -53.29 19.58
N ALA K 88 -39.79 -52.22 19.31
CA ALA K 88 -40.31 -50.85 19.25
C ALA K 88 -41.30 -50.67 18.13
N LEU K 89 -40.98 -51.19 16.95
CA LEU K 89 -41.91 -51.07 15.85
C LEU K 89 -43.16 -51.80 16.20
N GLU K 90 -43.00 -53.10 16.44
CA GLU K 90 -44.09 -54.03 16.71
C GLU K 90 -45.18 -53.46 17.62
N THR K 91 -44.78 -52.76 18.68
CA THR K 91 -45.74 -52.23 19.63
C THR K 91 -46.59 -51.07 19.08
N ILE K 92 -46.01 -50.19 18.26
CA ILE K 92 -46.76 -49.06 17.74
C ILE K 92 -47.81 -49.51 16.76
N LYS K 93 -47.49 -50.57 16.01
CA LYS K 93 -48.45 -51.19 15.10
C LYS K 93 -49.69 -51.69 15.86
N LYS K 94 -49.48 -52.28 17.04
CA LYS K 94 -50.59 -52.71 17.87
C LYS K 94 -51.56 -51.55 18.16
N HIS K 95 -51.10 -50.53 18.88
CA HIS K 95 -51.99 -49.47 19.34
C HIS K 95 -52.36 -48.38 18.34
N PHE K 96 -52.01 -48.54 17.06
CA PHE K 96 -52.18 -47.42 16.12
C PHE K 96 -52.74 -47.75 14.71
N ALA K 97 -52.30 -48.85 14.10
CA ALA K 97 -52.83 -49.25 12.81
C ALA K 97 -54.26 -49.73 12.99
N SER K 98 -55.23 -48.85 12.78
CA SER K 98 -56.64 -49.18 12.97
C SER K 98 -56.92 -49.59 14.42
N PHE L 3 -46.96 -29.84 -5.00
CA PHE L 3 -46.46 -28.78 -4.13
C PHE L 3 -46.26 -27.48 -4.91
N GLY L 4 -46.85 -27.42 -6.10
CA GLY L 4 -46.74 -26.26 -6.96
C GLY L 4 -47.36 -26.51 -8.33
N ARG L 5 -46.61 -26.20 -9.39
CA ARG L 5 -47.05 -26.51 -10.74
C ARG L 5 -45.89 -26.97 -11.62
N PHE L 6 -46.13 -28.08 -12.30
CA PHE L 6 -45.13 -28.67 -13.19
C PHE L 6 -45.75 -28.83 -14.59
N THR L 7 -45.08 -29.59 -15.47
CA THR L 7 -45.67 -29.92 -16.77
C THR L 7 -46.88 -30.82 -16.53
N GLU L 8 -47.68 -31.01 -17.58
CA GLU L 8 -48.59 -32.11 -17.55
C GLU L 8 -47.69 -33.28 -17.14
N ARG L 9 -46.67 -33.51 -17.97
CA ARG L 9 -45.80 -34.68 -17.83
C ARG L 9 -45.37 -34.91 -16.39
N ALA L 10 -44.95 -33.82 -15.76
CA ALA L 10 -44.70 -33.85 -14.34
C ALA L 10 -45.99 -34.28 -13.65
N GLN L 11 -46.95 -33.36 -13.53
CA GLN L 11 -48.21 -33.68 -12.85
C GLN L 11 -48.77 -35.10 -13.10
N LYS L 12 -48.75 -35.54 -14.38
CA LYS L 12 -49.20 -36.88 -14.71
C LYS L 12 -48.32 -37.93 -14.05
N VAL L 13 -47.01 -37.80 -14.19
CA VAL L 13 -46.12 -38.76 -13.57
C VAL L 13 -46.30 -38.81 -12.05
N LEU L 14 -46.66 -37.69 -11.44
CA LEU L 14 -46.82 -37.63 -9.98
C LEU L 14 -48.06 -38.37 -9.54
N ALA L 15 -49.18 -38.00 -10.12
CA ALA L 15 -50.43 -38.71 -9.82
C ALA L 15 -50.26 -40.18 -10.16
N LEU L 16 -49.41 -40.44 -11.15
CA LEU L 16 -49.11 -41.79 -11.64
C LEU L 16 -48.35 -42.60 -10.62
N ALA L 17 -47.59 -41.92 -9.76
CA ALA L 17 -47.03 -42.58 -8.58
C ALA L 17 -48.17 -43.21 -7.76
N GLN L 18 -49.19 -42.40 -7.46
CA GLN L 18 -50.38 -42.87 -6.73
C GLN L 18 -51.11 -44.03 -7.40
N GLU L 19 -51.27 -43.94 -8.71
CA GLU L 19 -51.86 -45.03 -9.46
C GLU L 19 -51.12 -46.27 -9.01
N GLU L 20 -49.79 -46.15 -8.97
CA GLU L 20 -48.93 -47.24 -8.48
C GLU L 20 -49.00 -47.46 -6.95
N ALA L 21 -49.25 -46.37 -6.20
CA ALA L 21 -49.41 -46.47 -4.75
C ALA L 21 -50.29 -47.66 -4.49
N LEU L 22 -51.47 -47.61 -5.09
CA LEU L 22 -52.51 -48.58 -4.80
C LEU L 22 -52.37 -49.89 -5.58
N ARG L 23 -51.95 -49.83 -6.85
CA ARG L 23 -51.81 -51.03 -7.67
C ARG L 23 -51.08 -52.17 -6.95
N LEU L 24 -50.39 -51.81 -5.86
CA LEU L 24 -49.69 -52.77 -5.04
C LEU L 24 -50.24 -52.77 -3.63
N GLY L 25 -51.08 -51.79 -3.31
CA GLY L 25 -51.84 -51.78 -2.08
C GLY L 25 -51.18 -51.08 -0.91
N HIS L 26 -49.95 -50.63 -1.13
CA HIS L 26 -49.24 -49.91 -0.08
C HIS L 26 -50.03 -48.67 0.34
N ASN L 27 -49.55 -47.98 1.36
CA ASN L 27 -50.32 -46.93 2.00
C ASN L 27 -49.64 -45.58 1.98
N ASN L 28 -48.32 -45.60 1.85
CA ASN L 28 -47.58 -44.36 1.62
C ASN L 28 -46.81 -44.47 0.31
N ILE L 29 -46.88 -43.42 -0.52
CA ILE L 29 -46.10 -43.38 -1.76
C ILE L 29 -44.72 -42.78 -1.56
N GLY L 30 -43.73 -43.66 -1.63
CA GLY L 30 -42.38 -43.31 -1.27
C GLY L 30 -41.66 -42.97 -2.52
N THR L 31 -40.34 -42.84 -2.41
CA THR L 31 -39.57 -42.54 -3.60
C THR L 31 -39.67 -43.69 -4.63
N GLU L 32 -39.97 -44.91 -4.18
CA GLU L 32 -40.08 -46.03 -5.13
C GLU L 32 -41.24 -45.88 -6.14
N HIS L 33 -42.29 -45.18 -5.74
CA HIS L 33 -43.48 -45.05 -6.56
C HIS L 33 -43.34 -43.91 -7.52
N ILE L 34 -42.68 -42.86 -7.07
CA ILE L 34 -42.37 -41.76 -7.93
C ILE L 34 -41.55 -42.33 -9.09
N LEU L 35 -40.64 -43.26 -8.79
CA LEU L 35 -39.81 -43.88 -9.83
C LEU L 35 -40.63 -44.70 -10.81
N LEU L 36 -41.55 -45.51 -10.30
CA LEU L 36 -42.50 -46.23 -11.14
C LEU L 36 -43.32 -45.24 -11.99
N GLY L 37 -43.66 -44.11 -11.38
CA GLY L 37 -44.39 -43.04 -12.05
C GLY L 37 -43.69 -42.55 -13.29
N LEU L 38 -42.38 -42.35 -13.20
CA LEU L 38 -41.62 -41.83 -14.32
C LEU L 38 -41.50 -42.81 -15.48
N VAL L 39 -41.08 -44.04 -15.21
CA VAL L 39 -40.91 -45.04 -16.28
C VAL L 39 -42.24 -45.54 -16.86
N ARG L 40 -43.33 -45.26 -16.14
CA ARG L 40 -44.66 -45.69 -16.55
C ARG L 40 -45.44 -44.61 -17.30
N GLU L 41 -44.96 -43.37 -17.35
CA GLU L 41 -45.55 -42.43 -18.27
C GLU L 41 -44.71 -42.49 -19.56
N GLY L 42 -43.68 -43.33 -19.53
CA GLY L 42 -42.92 -43.76 -20.71
C GLY L 42 -42.57 -42.77 -21.82
N GLU L 43 -42.96 -41.51 -21.66
CA GLU L 43 -42.75 -40.52 -22.69
C GLU L 43 -42.04 -39.24 -22.19
N GLY L 44 -41.95 -39.05 -20.88
CA GLY L 44 -41.23 -37.92 -20.32
C GLY L 44 -39.74 -38.04 -20.57
N ILE L 45 -38.97 -36.93 -20.48
CA ILE L 45 -37.52 -37.02 -20.68
C ILE L 45 -36.94 -37.93 -19.65
N ALA L 46 -37.59 -37.90 -18.48
CA ALA L 46 -37.32 -38.80 -17.37
C ALA L 46 -37.59 -40.23 -17.78
N ALA L 47 -38.78 -40.44 -18.35
CA ALA L 47 -39.19 -41.73 -18.89
C ALA L 47 -38.19 -42.22 -19.91
N LYS L 48 -37.89 -41.37 -20.87
CA LYS L 48 -36.91 -41.68 -21.92
C LYS L 48 -35.54 -42.15 -21.36
N ALA L 49 -34.97 -41.37 -20.43
CA ALA L 49 -33.67 -41.70 -19.86
C ALA L 49 -33.63 -43.12 -19.30
N LEU L 50 -34.60 -43.46 -18.46
CA LEU L 50 -34.65 -44.81 -17.87
C LEU L 50 -34.59 -45.89 -18.95
N GLN L 51 -35.24 -45.62 -20.08
CA GLN L 51 -35.22 -46.54 -21.21
C GLN L 51 -33.78 -46.75 -21.68
N ALA L 52 -32.90 -45.82 -21.32
CA ALA L 52 -31.50 -45.89 -21.72
C ALA L 52 -30.68 -46.84 -20.84
N LEU L 53 -30.73 -46.63 -19.53
CA LEU L 53 -29.91 -47.40 -18.61
C LEU L 53 -30.21 -48.88 -18.69
N GLY L 54 -31.34 -49.21 -19.31
CA GLY L 54 -31.79 -50.59 -19.40
C GLY L 54 -32.82 -50.90 -18.33
N LEU L 55 -33.69 -49.93 -18.09
CA LEU L 55 -34.64 -50.02 -16.99
C LEU L 55 -36.08 -49.80 -17.41
N GLY L 56 -36.66 -50.78 -18.10
CA GLY L 56 -38.08 -50.70 -18.41
C GLY L 56 -38.87 -50.86 -17.13
N SER L 57 -40.17 -50.57 -17.20
CA SER L 57 -41.09 -50.89 -16.10
C SER L 57 -41.00 -52.37 -15.64
N GLU L 58 -40.78 -53.29 -16.60
CA GLU L 58 -40.65 -54.71 -16.31
C GLU L 58 -39.58 -54.97 -15.24
N LYS L 59 -38.34 -54.56 -15.54
CA LYS L 59 -37.19 -54.80 -14.66
C LYS L 59 -37.35 -54.19 -13.27
N ILE L 60 -37.86 -52.96 -13.23
CA ILE L 60 -38.01 -52.21 -11.99
C ILE L 60 -39.04 -52.79 -11.04
N GLN L 61 -40.30 -52.83 -11.49
CA GLN L 61 -41.38 -53.26 -10.62
C GLN L 61 -41.08 -54.64 -10.01
N LYS L 62 -40.29 -55.46 -10.71
CA LYS L 62 -39.90 -56.76 -10.17
C LYS L 62 -38.99 -56.61 -8.96
N GLU L 63 -38.01 -55.73 -9.04
CA GLU L 63 -37.20 -55.46 -7.86
C GLU L 63 -38.11 -54.95 -6.75
N VAL L 64 -38.96 -53.98 -7.07
CA VAL L 64 -39.76 -53.31 -6.04
C VAL L 64 -40.71 -54.29 -5.33
N GLU L 65 -41.54 -55.02 -6.06
CA GLU L 65 -42.35 -56.05 -5.43
C GLU L 65 -41.48 -57.07 -4.68
N SER L 66 -40.22 -57.20 -5.08
CA SER L 66 -39.30 -58.12 -4.43
C SER L 66 -38.77 -57.52 -3.15
N LEU L 67 -39.29 -56.34 -2.79
CA LEU L 67 -38.90 -55.65 -1.55
C LEU L 67 -40.06 -55.03 -0.74
N ILE L 68 -41.30 -55.28 -1.16
CA ILE L 68 -42.45 -54.74 -0.44
C ILE L 68 -43.73 -55.55 -0.59
N GLY L 69 -44.16 -55.76 -1.83
CA GLY L 69 -45.32 -56.59 -2.10
C GLY L 69 -46.59 -56.10 -1.43
N ARG L 70 -47.66 -56.88 -1.59
CA ARG L 70 -48.97 -56.53 -1.04
C ARG L 70 -48.88 -56.16 0.44
N GLY L 71 -49.83 -55.37 0.91
CA GLY L 71 -50.91 -54.90 0.05
C GLY L 71 -52.17 -54.60 0.82
N GLN L 72 -52.01 -54.05 2.01
CA GLN L 72 -53.16 -53.63 2.82
C GLN L 72 -53.94 -52.62 2.01
N GLU L 73 -55.03 -53.08 1.39
CA GLU L 73 -55.84 -52.24 0.52
C GLU L 73 -56.31 -50.99 1.24
N MET L 74 -55.91 -50.88 2.50
CA MET L 74 -56.23 -49.73 3.33
C MET L 74 -56.57 -48.52 2.50
N SER L 75 -55.61 -48.04 1.72
CA SER L 75 -55.82 -46.90 0.84
C SER L 75 -56.62 -45.82 1.54
N GLN L 76 -56.46 -45.72 2.86
CA GLN L 76 -57.19 -44.76 3.67
C GLN L 76 -56.77 -43.34 3.35
N THR L 77 -57.08 -42.89 2.13
CA THR L 77 -56.65 -41.59 1.66
C THR L 77 -55.20 -41.37 2.06
N ILE L 78 -54.30 -41.81 1.18
CA ILE L 78 -52.87 -41.86 1.49
C ILE L 78 -52.12 -40.53 1.32
N HIS L 79 -50.92 -40.48 1.85
CA HIS L 79 -50.05 -39.33 1.65
C HIS L 79 -48.64 -39.82 1.35
N TYR L 80 -47.71 -38.88 1.27
CA TYR L 80 -46.37 -39.20 0.83
C TYR L 80 -45.50 -39.85 1.87
N THR L 81 -44.31 -40.26 1.44
CA THR L 81 -43.20 -40.46 2.38
C THR L 81 -42.53 -39.13 2.72
N PRO L 82 -42.00 -39.01 3.93
CA PRO L 82 -41.37 -37.72 4.13
C PRO L 82 -40.19 -37.67 3.17
N ARG L 83 -39.62 -38.84 2.82
CA ARG L 83 -38.47 -38.85 1.92
C ARG L 83 -38.88 -38.23 0.60
N ALA L 84 -39.84 -38.89 -0.02
CA ALA L 84 -40.35 -38.42 -1.29
C ALA L 84 -40.83 -36.95 -1.25
N LYS L 85 -41.37 -36.48 -0.12
CA LYS L 85 -41.73 -35.05 -0.04
C LYS L 85 -40.46 -34.19 -0.13
N LYS L 86 -39.36 -34.71 0.40
CA LYS L 86 -38.07 -34.08 0.19
C LYS L 86 -37.72 -34.13 -1.30
N VAL L 87 -37.85 -35.30 -1.93
CA VAL L 87 -37.51 -35.48 -3.36
C VAL L 87 -38.21 -34.47 -4.29
N ILE L 88 -39.45 -34.13 -3.92
CA ILE L 88 -40.24 -33.16 -4.66
C ILE L 88 -39.74 -31.75 -4.45
N GLU L 89 -39.54 -31.41 -3.18
CA GLU L 89 -38.93 -30.16 -2.81
C GLU L 89 -37.65 -30.00 -3.66
N LEU L 90 -36.99 -31.12 -3.96
CA LEU L 90 -35.70 -31.13 -4.65
C LEU L 90 -35.77 -30.83 -6.14
N SER L 91 -36.62 -31.58 -6.84
CA SER L 91 -36.81 -31.31 -8.24
C SER L 91 -37.02 -29.78 -8.48
N MET L 92 -37.76 -29.12 -7.60
CA MET L 92 -37.98 -27.68 -7.76
C MET L 92 -36.63 -26.95 -7.85
N ASP L 93 -35.64 -27.47 -7.11
CA ASP L 93 -34.31 -26.84 -7.02
C ASP L 93 -33.44 -27.36 -8.16
N GLU L 94 -33.60 -28.64 -8.49
CA GLU L 94 -32.88 -29.19 -9.65
C GLU L 94 -33.29 -28.49 -10.96
N ALA L 95 -34.16 -27.48 -10.84
CA ALA L 95 -34.65 -26.72 -11.99
C ALA L 95 -34.41 -25.24 -11.85
N ARG L 96 -34.48 -24.72 -10.64
CA ARG L 96 -33.89 -23.41 -10.43
C ARG L 96 -32.54 -23.55 -11.10
N LYS L 97 -31.90 -24.70 -10.85
CA LYS L 97 -30.56 -25.01 -11.37
C LYS L 97 -30.54 -25.43 -12.84
N LEU L 98 -31.19 -24.64 -13.69
CA LEU L 98 -31.32 -24.95 -15.12
C LEU L 98 -32.14 -23.90 -15.86
N GLY L 99 -32.51 -22.83 -15.17
CA GLY L 99 -33.29 -21.76 -15.78
C GLY L 99 -34.65 -22.22 -16.25
N HIS L 100 -34.92 -23.52 -16.10
CA HIS L 100 -36.22 -24.09 -16.43
C HIS L 100 -37.29 -23.47 -15.56
N SER L 101 -38.06 -22.54 -16.12
CA SER L 101 -39.06 -21.81 -15.36
C SER L 101 -40.12 -22.73 -14.74
N TYR L 102 -40.18 -23.98 -15.18
CA TYR L 102 -41.15 -24.93 -14.62
C TYR L 102 -40.63 -26.34 -14.55
N VAL L 103 -40.97 -27.02 -13.46
CA VAL L 103 -40.55 -28.39 -13.27
C VAL L 103 -41.27 -29.36 -14.19
N GLY L 104 -40.66 -30.54 -14.39
CA GLY L 104 -41.16 -31.49 -15.35
C GLY L 104 -40.48 -32.80 -15.11
N THR L 105 -40.75 -33.78 -15.98
CA THR L 105 -40.39 -35.19 -15.77
C THR L 105 -38.93 -35.40 -15.42
N GLU L 106 -38.06 -34.66 -16.11
CA GLU L 106 -36.63 -34.80 -15.89
C GLU L 106 -36.30 -34.42 -14.44
N HIS L 107 -36.65 -33.17 -14.06
CA HIS L 107 -36.27 -32.58 -12.77
C HIS L 107 -36.62 -33.47 -11.55
N ILE L 108 -37.73 -34.16 -11.66
CA ILE L 108 -38.14 -35.09 -10.64
C ILE L 108 -37.20 -36.31 -10.60
N LEU L 109 -36.79 -36.81 -11.77
CA LEU L 109 -35.73 -37.81 -11.83
C LEU L 109 -34.39 -37.23 -11.32
N LEU L 110 -34.10 -35.97 -11.64
CA LEU L 110 -32.92 -35.30 -11.12
C LEU L 110 -32.97 -35.24 -9.60
N GLY L 111 -34.09 -34.74 -9.08
CA GLY L 111 -34.38 -34.63 -7.65
C GLY L 111 -34.29 -35.93 -6.82
N LEU L 112 -34.63 -37.08 -7.43
CA LEU L 112 -34.45 -38.38 -6.79
C LEU L 112 -32.99 -38.76 -6.51
N ILE L 113 -32.15 -38.67 -7.54
CA ILE L 113 -30.70 -38.92 -7.36
C ILE L 113 -30.09 -38.11 -6.24
N ARG L 114 -30.41 -36.82 -6.25
CA ARG L 114 -29.85 -35.88 -5.29
C ARG L 114 -30.11 -36.37 -3.87
N GLU L 115 -31.35 -36.78 -3.55
CA GLU L 115 -31.66 -37.28 -2.20
C GLU L 115 -31.56 -38.79 -2.18
N GLY L 116 -30.45 -39.35 -2.69
CA GLY L 116 -30.30 -40.80 -2.85
C GLY L 116 -30.65 -41.79 -1.73
N GLU L 117 -30.83 -41.30 -0.51
CA GLU L 117 -31.21 -42.18 0.59
C GLU L 117 -32.69 -42.54 0.47
N GLY L 118 -32.98 -43.79 0.14
CA GLY L 118 -34.36 -44.17 -0.06
C GLY L 118 -34.51 -45.34 -1.00
N VAL L 119 -35.76 -45.73 -1.23
CA VAL L 119 -36.04 -46.99 -1.92
C VAL L 119 -35.73 -46.98 -3.40
N ALA L 120 -36.07 -45.90 -4.11
CA ALA L 120 -35.69 -45.81 -5.52
C ALA L 120 -34.21 -46.14 -5.67
N ALA L 121 -33.37 -45.29 -5.07
CA ALA L 121 -31.91 -45.42 -5.09
C ALA L 121 -31.41 -46.85 -4.97
N ARG L 122 -32.00 -47.63 -4.06
CA ARG L 122 -31.60 -49.04 -3.87
C ARG L 122 -32.07 -49.92 -5.04
N VAL L 123 -33.24 -49.65 -5.61
CA VAL L 123 -33.69 -50.42 -6.76
C VAL L 123 -32.54 -50.47 -7.78
N LEU L 124 -31.86 -49.35 -7.92
CA LEU L 124 -30.85 -49.21 -8.96
C LEU L 124 -29.45 -49.66 -8.55
N ASN L 125 -29.04 -49.31 -7.34
CA ASN L 125 -27.77 -49.80 -6.81
C ASN L 125 -27.87 -51.31 -6.67
N ASN L 126 -29.08 -51.81 -6.90
CA ASN L 126 -29.38 -53.23 -6.94
C ASN L 126 -29.45 -53.70 -8.39
N LEU L 127 -30.04 -52.86 -9.25
CA LEU L 127 -30.03 -53.12 -10.68
C LEU L 127 -28.72 -52.63 -11.31
N GLY L 128 -27.62 -52.75 -10.57
CA GLY L 128 -26.31 -52.45 -11.09
C GLY L 128 -26.26 -51.20 -11.93
N VAL L 129 -26.67 -50.10 -11.34
CA VAL L 129 -26.75 -48.82 -12.04
C VAL L 129 -26.39 -47.71 -11.07
N SER L 130 -25.09 -47.56 -10.80
CA SER L 130 -24.64 -46.57 -9.84
C SER L 130 -25.41 -45.28 -10.04
N LEU L 131 -25.43 -44.44 -9.01
CA LEU L 131 -26.22 -43.21 -9.05
C LEU L 131 -25.78 -42.15 -10.08
N ASN L 132 -24.49 -42.07 -10.38
CA ASN L 132 -24.01 -41.02 -11.28
C ASN L 132 -24.17 -41.34 -12.77
N LYS L 133 -24.07 -42.62 -13.12
CA LYS L 133 -24.30 -43.08 -14.49
C LYS L 133 -25.69 -42.64 -14.89
N ALA L 134 -26.54 -42.55 -13.87
CA ALA L 134 -27.93 -42.14 -14.06
C ALA L 134 -28.14 -40.63 -14.24
N ARG L 135 -27.56 -39.79 -13.37
CA ARG L 135 -27.78 -38.35 -13.53
C ARG L 135 -27.23 -37.94 -14.87
N GLN L 136 -26.23 -38.68 -15.34
CA GLN L 136 -25.65 -38.45 -16.66
C GLN L 136 -26.69 -38.58 -17.77
N GLN L 137 -27.25 -39.77 -17.92
CA GLN L 137 -28.24 -40.03 -18.96
C GLN L 137 -29.29 -38.94 -19.13
N VAL L 138 -29.85 -38.43 -18.03
CA VAL L 138 -30.79 -37.32 -18.13
C VAL L 138 -30.13 -36.06 -18.73
N LEU L 139 -28.94 -35.72 -18.24
CA LEU L 139 -28.21 -34.56 -18.74
C LEU L 139 -27.98 -34.57 -20.25
N GLN L 140 -27.47 -35.69 -20.77
CA GLN L 140 -27.13 -35.78 -22.18
C GLN L 140 -28.38 -35.72 -23.06
N LEU L 141 -29.50 -35.30 -22.45
CA LEU L 141 -30.75 -35.06 -23.17
C LEU L 141 -31.36 -33.67 -22.87
N LEU L 142 -30.49 -32.66 -22.69
CA LEU L 142 -30.88 -31.26 -22.46
C LEU L 142 -29.63 -30.44 -22.77
N GLY L 143 -29.74 -29.18 -23.22
CA GLY L 143 -28.53 -28.35 -23.42
C GLY L 143 -28.72 -26.91 -23.85
N SER L 144 -27.72 -26.12 -23.51
CA SER L 144 -27.63 -24.67 -23.81
C SER L 144 -28.88 -23.92 -24.30
N ASN L 145 -28.65 -23.04 -25.28
CA ASN L 145 -29.70 -22.28 -25.93
C ASN L 145 -29.15 -21.58 -27.18
N SER L 156 -18.49 -11.19 -31.85
CA SER L 156 -17.53 -10.11 -32.00
C SER L 156 -16.58 -9.99 -30.80
N ASN L 157 -15.31 -9.81 -31.09
CA ASN L 157 -14.24 -9.90 -30.08
C ASN L 157 -14.34 -8.95 -28.88
N ALA L 158 -14.15 -7.66 -29.12
CA ALA L 158 -14.06 -6.68 -28.03
C ALA L 158 -15.19 -6.80 -27.00
N ASN L 159 -16.35 -7.27 -27.44
CA ASN L 159 -17.52 -7.41 -26.58
C ASN L 159 -17.19 -8.16 -25.31
N THR L 160 -16.12 -8.95 -25.37
CA THR L 160 -15.71 -9.79 -24.25
C THR L 160 -15.57 -9.01 -22.94
N PRO L 161 -14.49 -8.25 -22.81
CA PRO L 161 -14.24 -7.50 -21.58
C PRO L 161 -15.50 -6.74 -21.20
N THR L 162 -16.09 -6.11 -22.20
CA THR L 162 -17.30 -5.30 -22.04
C THR L 162 -18.52 -6.11 -21.59
N LEU L 163 -19.17 -6.75 -22.56
CA LEU L 163 -20.40 -7.51 -22.33
C LEU L 163 -20.28 -8.36 -21.08
N ASP L 164 -19.04 -8.51 -20.63
CA ASP L 164 -18.74 -9.27 -19.44
C ASP L 164 -19.32 -8.64 -18.18
N SER L 165 -18.82 -7.45 -17.81
CA SER L 165 -18.94 -6.93 -16.43
C SER L 165 -20.11 -7.47 -15.55
N LEU L 166 -21.35 -7.00 -15.65
CA LEU L 166 -21.86 -5.88 -16.47
C LEU L 166 -21.60 -5.96 -18.00
N ALA L 167 -22.50 -5.36 -18.79
CA ALA L 167 -23.66 -4.63 -18.27
C ALA L 167 -24.86 -4.57 -19.21
N ARG L 168 -25.56 -5.68 -19.35
CA ARG L 168 -26.86 -5.67 -20.02
C ARG L 168 -26.77 -4.95 -21.37
N ASP L 169 -26.53 -5.74 -22.42
CA ASP L 169 -26.32 -5.26 -23.78
C ASP L 169 -27.66 -4.93 -24.49
N LEU L 170 -28.13 -3.68 -24.40
CA LEU L 170 -29.46 -3.29 -24.95
C LEU L 170 -29.70 -3.63 -26.43
N THR L 171 -28.67 -3.50 -27.25
CA THR L 171 -28.76 -3.92 -28.63
C THR L 171 -29.13 -5.40 -28.67
N ALA L 172 -28.55 -6.16 -27.74
CA ALA L 172 -28.82 -7.59 -27.63
C ALA L 172 -30.30 -7.88 -27.36
N ILE L 173 -30.80 -7.34 -26.25
CA ILE L 173 -32.20 -7.55 -25.88
C ILE L 173 -33.13 -7.04 -26.99
N ALA L 174 -32.57 -6.26 -27.93
CA ALA L 174 -33.33 -5.73 -29.05
C ALA L 174 -33.08 -6.49 -30.35
N LYS L 175 -32.15 -7.43 -30.30
CA LYS L 175 -31.85 -8.28 -31.44
C LYS L 175 -32.87 -9.42 -31.61
N GLU L 176 -32.97 -10.30 -30.62
CA GLU L 176 -33.94 -11.40 -30.66
C GLU L 176 -35.36 -10.87 -30.54
N ASP L 177 -35.50 -9.55 -30.60
CA ASP L 177 -36.80 -8.89 -30.51
C ASP L 177 -37.50 -9.23 -29.18
N SER L 178 -36.73 -9.81 -28.25
CA SER L 178 -37.23 -10.11 -26.91
C SER L 178 -37.36 -8.81 -26.10
N LEU L 179 -37.84 -7.76 -26.75
CA LEU L 179 -37.91 -6.42 -26.14
C LEU L 179 -39.30 -5.81 -26.22
N ASP L 180 -39.75 -5.23 -25.10
CA ASP L 180 -41.04 -4.55 -25.02
C ASP L 180 -41.13 -3.46 -26.10
N PRO L 181 -42.31 -2.84 -26.27
CA PRO L 181 -42.45 -1.83 -27.34
C PRO L 181 -41.24 -0.87 -27.46
N VAL L 182 -41.09 0.20 -26.66
CA VAL L 182 -42.08 0.79 -25.77
C VAL L 182 -42.54 2.11 -26.40
N ILE L 183 -43.69 2.61 -25.96
CA ILE L 183 -44.39 3.76 -26.58
C ILE L 183 -43.54 4.98 -26.91
N GLY L 184 -43.74 6.04 -26.12
CA GLY L 184 -43.06 7.29 -26.34
C GLY L 184 -43.96 8.51 -26.17
N ARG L 185 -43.36 9.71 -26.14
CA ARG L 185 -41.91 9.89 -26.25
C ARG L 185 -41.28 9.21 -27.48
N SER L 186 -41.99 9.26 -28.59
CA SER L 186 -41.49 8.80 -29.88
C SER L 186 -40.69 9.93 -30.54
N LYS L 187 -41.23 11.14 -30.48
CA LYS L 187 -40.48 12.32 -30.90
C LYS L 187 -39.38 12.61 -29.89
N GLU L 188 -39.52 12.05 -28.69
CA GLU L 188 -38.40 12.09 -27.74
C GLU L 188 -37.17 11.23 -28.18
N ILE L 189 -37.41 10.00 -28.63
CA ILE L 189 -36.32 9.13 -29.08
C ILE L 189 -35.50 9.81 -30.21
N GLN L 190 -36.18 10.51 -31.11
CA GLN L 190 -35.53 11.15 -32.23
C GLN L 190 -34.55 12.22 -31.77
N ARG L 191 -34.97 13.06 -30.82
CA ARG L 191 -34.13 14.16 -30.33
C ARG L 191 -32.79 13.71 -29.76
N VAL L 192 -32.71 12.44 -29.42
CA VAL L 192 -31.48 11.84 -28.95
C VAL L 192 -30.48 11.64 -30.08
N ILE L 193 -30.98 11.27 -31.25
CA ILE L 193 -30.13 10.91 -32.38
C ILE L 193 -29.48 12.12 -33.06
N GLU L 194 -30.08 13.29 -32.91
CA GLU L 194 -29.44 14.54 -33.33
C GLU L 194 -28.21 14.75 -32.47
N VAL L 195 -28.49 14.83 -31.18
CA VAL L 195 -27.48 15.05 -30.15
C VAL L 195 -26.42 13.97 -30.19
N LEU L 196 -26.61 12.98 -31.07
CA LEU L 196 -25.79 11.79 -31.06
C LEU L 196 -25.13 11.59 -32.39
N SER L 197 -25.63 12.30 -33.41
CA SER L 197 -25.12 12.21 -34.77
C SER L 197 -24.15 13.35 -35.00
N ARG L 198 -23.92 14.11 -33.94
CA ARG L 198 -23.12 15.31 -34.02
C ARG L 198 -21.62 15.09 -34.02
N ARG L 199 -20.92 16.19 -33.68
CA ARG L 199 -19.49 16.24 -33.41
C ARG L 199 -19.29 17.24 -32.24
N THR L 200 -20.16 18.25 -32.18
CA THR L 200 -20.10 19.24 -31.10
C THR L 200 -20.55 18.62 -29.81
N LYS L 201 -21.84 18.73 -29.52
CA LYS L 201 -22.43 18.11 -28.33
C LYS L 201 -22.62 16.61 -28.61
N ASN L 202 -21.51 15.88 -28.62
CA ASN L 202 -21.53 14.46 -28.98
C ASN L 202 -22.56 13.62 -28.20
N ASN L 203 -22.65 13.84 -26.88
CA ASN L 203 -23.34 12.96 -25.92
C ASN L 203 -24.57 13.52 -25.17
N PRO L 204 -25.73 12.91 -25.36
CA PRO L 204 -27.04 13.35 -24.82
C PRO L 204 -27.27 13.04 -23.32
N VAL L 205 -28.18 13.81 -22.70
CA VAL L 205 -28.52 13.68 -21.28
C VAL L 205 -29.97 14.07 -20.96
N LEU L 206 -30.74 13.08 -20.47
CA LEU L 206 -32.18 13.22 -20.23
C LEU L 206 -32.51 13.66 -18.82
N ILE L 207 -33.19 14.79 -18.73
CA ILE L 207 -33.60 15.35 -17.46
C ILE L 207 -35.12 15.51 -17.36
N GLY L 208 -35.68 14.94 -16.29
CA GLY L 208 -37.09 15.04 -15.98
C GLY L 208 -37.27 14.26 -14.70
N GLU L 209 -38.46 14.27 -14.13
CA GLU L 209 -38.69 13.41 -12.98
C GLU L 209 -38.32 11.98 -13.44
N PRO L 210 -37.61 11.23 -12.56
CA PRO L 210 -36.70 10.10 -12.88
C PRO L 210 -37.38 8.82 -13.36
N GLY L 211 -38.40 8.46 -12.59
CA GLY L 211 -39.79 8.84 -12.81
C GLY L 211 -40.57 8.50 -14.05
N VAL L 212 -40.31 9.23 -15.12
CA VAL L 212 -40.86 8.89 -16.41
C VAL L 212 -40.09 7.68 -16.95
N GLY L 213 -39.62 6.83 -16.04
CA GLY L 213 -38.78 5.70 -16.40
C GLY L 213 -37.96 6.13 -17.60
N LYS L 214 -37.14 7.17 -17.41
CA LYS L 214 -36.35 7.72 -18.51
C LYS L 214 -35.72 6.55 -19.24
N THR L 215 -35.22 5.63 -18.43
CA THR L 215 -34.49 4.50 -18.94
C THR L 215 -35.22 3.84 -20.10
N ALA L 216 -36.51 4.14 -20.22
CA ALA L 216 -37.37 3.57 -21.26
C ALA L 216 -36.97 4.03 -22.67
N ILE L 217 -36.69 5.34 -22.80
CA ILE L 217 -36.37 5.94 -24.09
C ILE L 217 -35.13 5.31 -24.73
N ALA L 218 -34.15 5.00 -23.88
CA ALA L 218 -32.92 4.32 -24.30
C ALA L 218 -33.12 3.01 -25.08
N GLU L 219 -34.02 2.14 -24.59
CA GLU L 219 -34.34 0.91 -25.28
C GLU L 219 -34.80 1.28 -26.69
N GLY L 220 -35.28 2.52 -26.84
CA GLY L 220 -35.67 3.08 -28.12
C GLY L 220 -34.65 2.98 -29.25
N LEU L 221 -33.45 3.47 -29.01
CA LEU L 221 -32.40 3.31 -30.01
C LEU L 221 -32.18 1.85 -30.40
N ALA L 222 -31.93 0.99 -29.42
CA ALA L 222 -31.66 -0.42 -29.69
C ALA L 222 -32.50 -0.85 -30.89
N GLN L 223 -33.81 -0.67 -30.78
CA GLN L 223 -34.75 -1.09 -31.83
C GLN L 223 -34.58 -0.36 -33.18
N GLN L 224 -34.36 0.95 -33.14
CA GLN L 224 -34.24 1.72 -34.38
C GLN L 224 -32.85 1.68 -35.04
N ILE L 225 -31.79 1.57 -34.26
CA ILE L 225 -30.48 1.46 -34.85
C ILE L 225 -30.37 0.13 -35.60
N ILE L 226 -31.08 -0.88 -35.09
CA ILE L 226 -31.14 -2.18 -35.74
C ILE L 226 -31.92 -2.08 -37.05
N ASN L 227 -33.25 -2.05 -36.97
CA ASN L 227 -34.08 -2.06 -38.18
C ASN L 227 -35.01 -0.85 -38.31
N ASN L 228 -34.51 0.27 -38.84
CA ASN L 228 -33.10 0.48 -39.18
C ASN L 228 -32.94 1.97 -39.47
N GLU L 229 -34.05 2.69 -39.35
CA GLU L 229 -34.11 4.12 -39.61
C GLU L 229 -33.15 4.90 -38.72
N VAL L 230 -31.93 5.08 -39.20
CA VAL L 230 -30.92 5.91 -38.53
C VAL L 230 -29.74 6.11 -39.48
N PRO L 231 -29.04 7.25 -39.36
CA PRO L 231 -27.92 7.55 -40.28
C PRO L 231 -26.92 6.39 -40.42
N GLU L 232 -26.38 6.21 -41.62
CA GLU L 232 -25.30 5.25 -41.84
C GLU L 232 -24.12 5.72 -41.01
N ILE L 233 -24.33 6.84 -40.33
CA ILE L 233 -23.36 7.43 -39.43
C ILE L 233 -23.39 6.77 -38.05
N LEU L 234 -24.29 5.78 -37.87
CA LEU L 234 -24.52 5.14 -36.56
C LEU L 234 -24.83 3.65 -36.63
N ARG L 235 -25.16 3.16 -37.81
CA ARG L 235 -25.38 1.73 -37.98
C ARG L 235 -24.18 1.01 -37.37
N ASP L 236 -24.38 -0.24 -36.97
CA ASP L 236 -23.29 -1.02 -36.40
C ASP L 236 -22.75 -0.37 -35.12
N LYS L 237 -23.59 -0.31 -34.09
CA LYS L 237 -23.18 0.16 -32.77
C LYS L 237 -24.00 -0.54 -31.69
N ARG L 238 -23.79 -0.18 -30.42
CA ARG L 238 -24.39 -0.92 -29.31
C ARG L 238 -24.79 -0.05 -28.11
N VAL L 239 -25.96 -0.33 -27.53
CA VAL L 239 -26.40 0.36 -26.32
C VAL L 239 -26.15 -0.51 -25.09
N MET L 240 -25.68 0.11 -24.01
CA MET L 240 -25.42 -0.66 -22.79
C MET L 240 -25.61 0.20 -21.53
N THR L 241 -25.57 -0.44 -20.34
CA THR L 241 -26.03 0.24 -19.12
C THR L 241 -25.18 0.04 -17.84
N LEU L 242 -25.63 0.66 -16.74
CA LEU L 242 -25.15 0.36 -15.38
C LEU L 242 -25.79 1.28 -14.34
N GLU L 253 -15.29 -2.52 -7.69
CA GLU L 253 -14.65 -1.28 -8.13
C GLU L 253 -13.25 -1.55 -8.67
N ASP L 254 -12.64 -2.64 -8.18
CA ASP L 254 -11.27 -2.97 -8.55
C ASP L 254 -11.13 -3.26 -10.05
N ARG L 255 -12.27 -3.48 -10.71
CA ARG L 255 -12.31 -3.78 -12.14
C ARG L 255 -12.04 -2.52 -12.99
N LEU L 256 -11.27 -1.59 -12.40
CA LEU L 256 -11.02 -0.23 -12.90
C LEU L 256 -10.89 0.03 -14.41
N LYS L 257 -9.85 0.76 -14.78
CA LYS L 257 -9.60 1.14 -16.18
C LYS L 257 -9.48 -0.09 -17.07
N LYS L 258 -9.47 -1.26 -16.43
CA LYS L 258 -9.27 -2.53 -17.12
C LYS L 258 -10.20 -2.70 -18.31
N VAL L 259 -11.48 -2.87 -18.06
CA VAL L 259 -12.42 -3.10 -19.14
C VAL L 259 -12.65 -1.84 -19.97
N MET L 260 -12.54 -0.67 -19.34
CA MET L 260 -12.66 0.59 -20.10
C MET L 260 -11.53 0.75 -21.11
N ASP L 261 -10.36 0.19 -20.82
CA ASP L 261 -9.33 0.15 -21.83
C ASP L 261 -9.79 -0.82 -22.91
N GLU L 262 -10.41 -1.91 -22.49
CA GLU L 262 -10.95 -2.90 -23.40
C GLU L 262 -12.23 -2.44 -24.11
N ILE L 263 -12.35 -1.13 -24.31
CA ILE L 263 -13.48 -0.56 -25.06
C ILE L 263 -13.10 0.64 -25.94
N ARG L 264 -12.37 1.60 -25.38
CA ARG L 264 -11.86 2.68 -26.22
C ARG L 264 -11.28 1.99 -27.44
N GLN L 265 -10.73 0.81 -27.18
CA GLN L 265 -10.21 -0.07 -28.21
C GLN L 265 -11.36 -0.83 -28.88
N ALA L 266 -12.37 -0.07 -29.30
CA ALA L 266 -13.54 -0.61 -29.98
C ALA L 266 -14.59 0.50 -30.01
N GLY L 267 -14.63 1.23 -31.12
CA GLY L 267 -15.44 2.44 -31.21
C GLY L 267 -16.96 2.29 -31.24
N ASN L 268 -17.44 1.10 -31.57
CA ASN L 268 -18.87 0.88 -31.76
C ASN L 268 -19.68 0.85 -30.48
N ILE L 269 -19.55 1.87 -29.65
CA ILE L 269 -20.21 1.81 -28.35
C ILE L 269 -20.79 3.13 -27.83
N ILE L 270 -22.02 3.00 -27.34
CA ILE L 270 -22.74 4.08 -26.69
C ILE L 270 -23.15 3.59 -25.29
N LEU L 271 -23.29 4.51 -24.34
CA LEU L 271 -23.43 4.10 -22.95
C LEU L 271 -24.53 4.82 -22.18
N PHE L 272 -24.96 4.20 -21.08
CA PHE L 272 -26.08 4.70 -20.29
C PHE L 272 -25.74 4.85 -18.80
N ILE L 273 -26.16 5.98 -18.24
CA ILE L 273 -25.80 6.32 -16.87
C ILE L 273 -26.96 6.95 -16.09
N ASP L 274 -26.83 6.91 -14.77
CA ASP L 274 -27.79 7.50 -13.85
C ASP L 274 -27.11 7.65 -12.49
N ALA L 275 -26.11 8.54 -12.43
CA ALA L 275 -25.29 8.69 -11.22
C ALA L 275 -24.23 9.78 -11.42
N LEU L 283 -18.05 12.02 -9.46
CA LEU L 283 -17.02 11.08 -9.92
C LEU L 283 -17.27 10.68 -11.38
N LYS L 284 -16.34 9.89 -11.94
CA LYS L 284 -16.59 9.13 -13.17
C LYS L 284 -15.89 9.58 -14.47
N PRO L 285 -15.99 10.89 -14.82
CA PRO L 285 -15.81 11.38 -16.19
C PRO L 285 -14.39 11.38 -16.77
N SER L 286 -14.09 10.39 -17.59
CA SER L 286 -12.91 10.44 -18.47
C SER L 286 -13.36 11.01 -19.82
N LEU L 287 -14.34 11.91 -19.72
CA LEU L 287 -15.15 12.37 -20.85
C LEU L 287 -14.41 12.72 -22.14
N ALA L 288 -15.12 12.56 -23.25
CA ALA L 288 -14.63 12.94 -24.57
C ALA L 288 -13.35 12.22 -24.99
N ARG L 289 -12.57 11.78 -24.01
CA ARG L 289 -11.27 11.17 -24.26
C ARG L 289 -11.36 10.19 -25.43
N GLY L 290 -11.73 8.96 -25.14
CA GLY L 290 -11.94 7.97 -26.19
C GLY L 290 -13.27 8.22 -26.89
N GLU L 291 -13.72 7.22 -27.65
CA GLU L 291 -15.04 7.25 -28.27
C GLU L 291 -16.11 7.03 -27.21
N LEU L 292 -15.64 7.05 -25.97
CA LEU L 292 -16.47 6.88 -24.78
C LEU L 292 -17.75 7.72 -24.82
N GLN L 293 -18.78 7.22 -25.51
CA GLN L 293 -19.99 8.03 -25.78
C GLN L 293 -21.22 7.67 -24.94
N CYS L 294 -21.76 8.65 -24.21
CA CYS L 294 -22.80 8.40 -23.19
C CYS L 294 -24.24 8.76 -23.56
N ILE L 295 -25.18 8.24 -22.77
CA ILE L 295 -26.52 8.84 -22.64
C ILE L 295 -26.90 8.93 -21.17
N GLY L 296 -27.22 10.15 -20.72
CA GLY L 296 -27.36 10.40 -19.31
C GLY L 296 -28.78 10.59 -18.81
N ALA L 297 -29.12 9.92 -17.71
CA ALA L 297 -30.39 10.12 -17.03
C ALA L 297 -30.14 10.59 -15.61
N THR L 298 -30.52 11.84 -15.34
CA THR L 298 -30.28 12.44 -14.02
C THR L 298 -31.22 13.61 -13.74
N THR L 299 -31.56 13.76 -12.47
CA THR L 299 -32.68 14.61 -12.07
C THR L 299 -32.76 16.01 -12.71
N LEU L 300 -33.94 16.61 -12.60
CA LEU L 300 -34.15 18.00 -13.01
C LEU L 300 -32.97 18.88 -12.61
N ASP L 301 -32.49 18.68 -11.39
CA ASP L 301 -31.47 19.54 -10.80
C ASP L 301 -30.06 18.93 -10.84
N GLU L 302 -29.94 17.65 -10.51
CA GLU L 302 -28.63 17.01 -10.41
C GLU L 302 -27.73 17.44 -11.55
N TYR L 303 -28.30 17.60 -12.73
CA TYR L 303 -27.53 18.09 -13.87
C TYR L 303 -27.04 19.51 -13.61
N ARG L 304 -27.92 20.36 -13.08
CA ARG L 304 -27.50 21.69 -12.65
C ARG L 304 -26.16 21.49 -11.93
N LYS L 305 -26.09 20.41 -11.16
CA LYS L 305 -24.87 20.03 -10.43
C LYS L 305 -23.91 19.13 -11.21
N TYR L 306 -23.64 19.50 -12.47
CA TYR L 306 -22.65 18.80 -13.29
C TYR L 306 -22.15 19.68 -14.44
N ILE L 307 -23.04 20.40 -15.13
CA ILE L 307 -22.57 21.49 -15.99
C ILE L 307 -22.07 22.60 -15.09
N GLU L 308 -22.50 22.57 -13.83
CA GLU L 308 -21.98 23.46 -12.81
C GLU L 308 -20.52 23.08 -12.58
N LYS L 309 -20.22 21.79 -12.70
CA LYS L 309 -18.84 21.34 -12.76
C LYS L 309 -18.19 22.09 -13.92
N ASP L 310 -18.66 21.81 -15.14
CA ASP L 310 -18.23 22.52 -16.35
C ASP L 310 -16.74 22.32 -16.60
N ALA L 311 -16.28 22.62 -17.81
CA ALA L 311 -17.14 22.98 -18.94
C ALA L 311 -16.98 21.94 -20.04
N ALA L 312 -16.36 20.81 -19.69
CA ALA L 312 -16.38 19.63 -20.54
C ALA L 312 -17.81 19.12 -20.53
N LEU L 313 -18.50 19.45 -19.44
CA LEU L 313 -19.94 19.19 -19.33
C LEU L 313 -20.69 19.91 -20.43
N GLU L 314 -20.98 21.19 -20.22
CA GLU L 314 -21.73 21.99 -21.20
C GLU L 314 -21.27 21.65 -22.64
N ARG L 315 -20.06 21.10 -22.73
CA ARG L 315 -19.47 20.68 -24.00
C ARG L 315 -19.94 19.30 -24.43
N ARG L 316 -19.14 18.28 -24.08
CA ARG L 316 -19.40 16.93 -24.54
C ARG L 316 -20.88 16.58 -24.41
N PHE L 317 -21.29 16.10 -23.23
CA PHE L 317 -22.68 15.74 -22.91
C PHE L 317 -23.67 16.90 -23.23
N GLN L 318 -24.98 16.62 -23.35
CA GLN L 318 -25.94 17.67 -23.69
C GLN L 318 -27.36 17.14 -23.66
N PRO L 319 -28.29 17.93 -23.10
CA PRO L 319 -29.60 17.50 -22.57
C PRO L 319 -30.85 17.67 -23.46
N ILE L 320 -31.89 16.97 -23.03
CA ILE L 320 -33.23 17.02 -23.65
C ILE L 320 -34.32 16.74 -22.58
N GLN L 321 -35.46 17.41 -22.75
CA GLN L 321 -36.52 17.37 -21.73
C GLN L 321 -37.44 16.17 -21.87
N VAL L 322 -37.37 15.28 -20.88
CA VAL L 322 -38.23 14.09 -20.83
C VAL L 322 -39.63 14.45 -20.30
N ASP L 323 -40.67 14.17 -21.08
CA ASP L 323 -42.03 14.54 -20.69
C ASP L 323 -42.72 13.47 -19.85
N GLN L 324 -43.50 13.94 -18.86
CA GLN L 324 -44.47 13.10 -18.15
C GLN L 324 -45.55 12.71 -19.16
N PRO L 325 -45.54 11.46 -19.64
CA PRO L 325 -46.29 11.01 -20.84
C PRO L 325 -47.70 11.58 -20.90
N SER L 326 -48.22 11.74 -22.11
CA SER L 326 -49.61 12.12 -22.27
C SER L 326 -50.46 11.08 -21.55
N VAL L 327 -51.37 11.52 -20.70
CA VAL L 327 -52.14 10.60 -19.84
C VAL L 327 -52.60 9.30 -20.54
N ASP L 328 -53.12 9.43 -21.76
CA ASP L 328 -53.57 8.26 -22.53
C ASP L 328 -52.40 7.34 -22.87
N GLU L 329 -51.27 7.93 -23.22
CA GLU L 329 -50.07 7.17 -23.56
C GLU L 329 -49.79 6.25 -22.38
N SER L 330 -49.90 6.81 -21.17
CA SER L 330 -49.69 6.05 -19.97
C SER L 330 -50.44 4.73 -20.11
N ILE L 331 -51.76 4.80 -20.24
CA ILE L 331 -52.59 3.60 -20.35
C ILE L 331 -52.01 2.51 -21.27
N GLN L 332 -51.50 2.93 -22.43
CA GLN L 332 -51.04 1.98 -23.42
C GLN L 332 -49.81 1.26 -22.91
N ILE L 333 -48.98 1.98 -22.14
CA ILE L 333 -47.74 1.41 -21.63
C ILE L 333 -48.10 0.26 -20.73
N LEU L 334 -49.05 0.52 -19.85
CA LEU L 334 -49.55 -0.47 -18.90
C LEU L 334 -49.94 -1.76 -19.60
N GLN L 335 -50.81 -1.68 -20.61
CA GLN L 335 -51.29 -2.87 -21.30
C GLN L 335 -50.16 -3.68 -21.95
N GLY L 336 -49.19 -2.99 -22.56
CA GLY L 336 -48.09 -3.66 -23.24
C GLY L 336 -47.34 -4.57 -22.29
N LEU L 337 -47.30 -4.16 -21.04
CA LEU L 337 -46.70 -4.96 -19.98
C LEU L 337 -47.79 -5.49 -19.04
N ARG L 338 -49.05 -5.31 -19.43
CA ARG L 338 -50.13 -5.98 -18.72
C ARG L 338 -49.88 -7.48 -18.78
N ASP L 339 -49.89 -8.02 -20.00
CA ASP L 339 -49.71 -9.46 -20.23
C ASP L 339 -48.52 -9.99 -19.45
N ARG L 340 -47.67 -9.09 -19.01
CA ARG L 340 -46.44 -9.46 -18.33
C ARG L 340 -46.54 -9.36 -16.82
N TYR L 341 -47.55 -8.64 -16.31
CA TYR L 341 -47.86 -8.65 -14.88
C TYR L 341 -48.92 -9.68 -14.57
N GLU L 342 -49.18 -10.58 -15.51
CA GLU L 342 -50.04 -11.72 -15.25
C GLU L 342 -49.25 -12.64 -14.33
N ALA L 343 -47.97 -12.32 -14.14
CA ALA L 343 -47.08 -13.05 -13.24
C ALA L 343 -47.63 -13.19 -11.81
N HIS L 344 -48.31 -12.16 -11.33
CA HIS L 344 -48.81 -12.15 -9.95
C HIS L 344 -50.27 -12.58 -9.82
N HIS L 345 -50.82 -13.10 -10.92
CA HIS L 345 -52.06 -13.90 -10.95
C HIS L 345 -53.44 -13.20 -10.85
N ARG L 346 -53.86 -12.47 -11.90
CA ARG L 346 -55.12 -11.68 -11.90
C ARG L 346 -55.33 -10.83 -13.20
N VAL L 347 -54.22 -10.48 -13.83
CA VAL L 347 -54.23 -9.78 -15.11
C VAL L 347 -53.96 -10.86 -16.15
N SER L 348 -54.21 -10.61 -17.44
CA SER L 348 -54.57 -9.32 -18.03
C SER L 348 -55.84 -8.67 -17.49
N ILE L 349 -56.10 -7.45 -17.95
CA ILE L 349 -57.33 -6.69 -17.63
C ILE L 349 -57.45 -6.39 -16.12
N THR L 350 -58.46 -5.60 -15.72
CA THR L 350 -59.43 -4.98 -16.63
C THR L 350 -59.02 -3.61 -17.09
N ASP L 351 -59.25 -3.34 -18.37
CA ASP L 351 -58.99 -2.03 -18.93
C ASP L 351 -59.61 -0.98 -18.02
N ASP L 352 -60.92 -1.09 -17.83
CA ASP L 352 -61.66 -0.12 -17.03
C ASP L 352 -60.92 0.21 -15.72
N ALA L 353 -60.17 -0.77 -15.21
CA ALA L 353 -59.39 -0.60 -13.99
C ALA L 353 -58.11 0.18 -14.24
N ILE L 354 -57.39 -0.18 -15.29
CA ILE L 354 -56.18 0.53 -15.65
C ILE L 354 -56.41 2.04 -15.67
N GLU L 355 -57.36 2.45 -16.52
CA GLU L 355 -57.69 3.87 -16.70
C GLU L 355 -57.69 4.60 -15.37
N ALA L 356 -58.22 3.96 -14.33
CA ALA L 356 -58.23 4.55 -13.00
C ALA L 356 -56.82 4.68 -12.42
N ALA L 357 -56.07 3.57 -12.45
CA ALA L 357 -54.69 3.57 -11.97
C ALA L 357 -54.04 4.85 -12.46
N VAL L 358 -53.97 4.97 -13.78
CA VAL L 358 -53.50 6.17 -14.42
C VAL L 358 -54.24 7.44 -13.95
N LYS L 359 -55.45 7.63 -14.47
CA LYS L 359 -56.18 8.91 -14.36
C LYS L 359 -56.17 9.57 -12.96
N LEU L 360 -56.37 8.77 -11.92
CA LEU L 360 -56.47 9.33 -10.59
C LEU L 360 -55.16 9.99 -10.19
N SER L 361 -54.06 9.44 -10.69
CA SER L 361 -52.73 9.88 -10.31
C SER L 361 -52.37 11.25 -10.89
N ASP L 362 -52.78 11.51 -12.13
CA ASP L 362 -52.44 12.79 -12.76
C ASP L 362 -53.03 13.96 -11.98
N ARG L 363 -54.27 13.80 -11.55
CA ARG L 363 -54.96 14.84 -10.79
C ARG L 363 -54.91 14.62 -9.28
N TYR L 364 -55.15 13.38 -8.85
CA TYR L 364 -55.14 13.05 -7.42
C TYR L 364 -53.80 12.49 -6.99
N ILE L 365 -53.12 13.21 -6.11
CA ILE L 365 -51.82 12.78 -5.59
C ILE L 365 -51.02 11.88 -6.59
N SER L 366 -50.24 12.50 -7.49
CA SER L 366 -49.85 13.94 -7.58
C SER L 366 -48.53 14.21 -6.87
N ASP L 367 -47.57 13.31 -7.09
CA ASP L 367 -46.26 13.38 -6.44
C ASP L 367 -45.24 12.53 -7.17
N ARG L 368 -45.47 12.26 -8.44
CA ARG L 368 -44.52 11.50 -9.25
C ARG L 368 -44.54 11.83 -10.75
N PHE L 369 -44.27 10.82 -11.56
CA PHE L 369 -44.42 10.93 -13.01
C PHE L 369 -45.66 10.13 -13.36
N LEU L 370 -46.32 10.50 -14.44
CA LEU L 370 -47.61 9.88 -14.76
C LEU L 370 -47.57 8.39 -15.23
N PRO L 371 -46.37 7.81 -15.45
CA PRO L 371 -46.30 6.35 -15.71
C PRO L 371 -45.82 5.47 -14.52
N ASP L 372 -44.91 5.99 -13.68
CA ASP L 372 -44.54 5.26 -12.47
C ASP L 372 -45.77 5.14 -11.55
N LYS L 373 -46.42 6.28 -11.25
CA LYS L 373 -47.59 6.32 -10.37
C LYS L 373 -48.49 5.14 -10.62
N ALA L 374 -49.03 5.11 -11.84
CA ALA L 374 -49.94 4.09 -12.31
C ALA L 374 -49.50 2.70 -11.90
N ILE L 375 -48.55 2.14 -12.64
CA ILE L 375 -47.97 0.85 -12.22
C ILE L 375 -47.80 0.60 -10.69
N ASP L 376 -47.59 1.64 -9.90
CA ASP L 376 -47.48 1.43 -8.47
C ASP L 376 -48.85 1.07 -7.86
N LEU L 377 -49.91 1.73 -8.34
CA LEU L 377 -51.31 1.42 -7.94
C LEU L 377 -51.66 0.00 -8.27
N ILE L 378 -51.37 -0.34 -9.51
CA ILE L 378 -51.51 -1.68 -10.03
C ILE L 378 -50.78 -2.70 -9.16
N ASP L 379 -49.50 -2.50 -8.88
CA ASP L 379 -48.84 -3.49 -8.03
C ASP L 379 -49.35 -3.50 -6.58
N GLU L 380 -49.56 -2.34 -5.96
CA GLU L 380 -50.20 -2.31 -4.63
C GLU L 380 -51.30 -3.37 -4.67
N ALA L 381 -52.16 -3.27 -5.67
CA ALA L 381 -53.19 -4.28 -5.90
C ALA L 381 -52.68 -5.59 -6.56
N GLY L 382 -51.51 -5.53 -7.18
CA GLY L 382 -50.94 -6.64 -7.94
C GLY L 382 -50.36 -7.78 -7.13
N SER L 383 -50.90 -7.91 -5.93
CA SER L 383 -50.56 -8.99 -5.05
C SER L 383 -51.68 -8.96 -4.04
N LYS L 384 -52.00 -7.75 -3.58
CA LYS L 384 -53.06 -7.51 -2.61
C LYS L 384 -54.29 -8.39 -2.77
N VAL L 385 -54.73 -8.59 -4.01
CA VAL L 385 -55.93 -9.39 -4.22
C VAL L 385 -55.62 -10.87 -4.30
N ARG L 386 -54.53 -11.22 -4.98
CA ARG L 386 -53.99 -12.56 -4.89
C ARG L 386 -53.82 -12.93 -3.41
N LEU L 387 -53.90 -11.92 -2.54
CA LEU L 387 -53.72 -12.13 -1.11
C LEU L 387 -55.05 -12.36 -0.38
N ARG L 388 -56.03 -11.48 -0.61
CA ARG L 388 -57.36 -11.64 -0.02
C ARG L 388 -57.84 -13.05 -0.32
N SER L 389 -57.17 -13.69 -1.26
CA SER L 389 -57.33 -15.10 -1.54
C SER L 389 -56.81 -15.97 -0.41
N PHE L 390 -55.62 -15.67 0.07
CA PHE L 390 -54.91 -16.55 1.02
C PHE L 390 -55.28 -16.39 2.49
N THR L 391 -56.11 -15.41 2.81
CA THR L 391 -56.45 -15.15 4.21
C THR L 391 -56.93 -16.40 4.93
N THR L 392 -56.81 -16.40 6.25
CA THR L 392 -57.29 -17.51 7.06
C THR L 392 -58.81 -17.59 6.95
N PRO L 393 -59.34 -18.78 6.64
CA PRO L 393 -60.74 -19.20 6.58
C PRO L 393 -61.62 -18.57 7.67
N PRO L 394 -62.88 -19.04 7.84
CA PRO L 394 -63.76 -18.45 8.86
C PRO L 394 -63.08 -18.40 10.22
N ASN L 395 -63.82 -18.11 11.29
CA ASN L 395 -63.21 -18.11 12.62
C ASN L 395 -62.67 -19.50 12.94
N LEU L 396 -62.64 -20.35 11.93
CA LEU L 396 -61.97 -21.65 11.99
C LEU L 396 -60.45 -21.48 12.21
N LYS L 397 -60.04 -20.29 12.63
CA LYS L 397 -58.73 -20.14 13.25
C LYS L 397 -58.76 -20.98 14.51
N GLU L 398 -59.95 -21.19 15.05
CA GLU L 398 -60.14 -21.93 16.30
C GLU L 398 -59.89 -23.43 16.21
N LEU L 399 -60.31 -24.06 15.11
CA LEU L 399 -60.08 -25.49 14.93
C LEU L 399 -58.62 -25.84 15.20
N GLU L 400 -57.74 -25.35 14.34
CA GLU L 400 -56.32 -25.59 14.49
C GLU L 400 -55.92 -25.42 15.96
N GLN L 401 -56.44 -24.35 16.57
CA GLN L 401 -56.19 -24.11 17.99
C GLN L 401 -56.52 -25.36 18.75
N LYS L 402 -57.70 -25.92 18.45
CA LYS L 402 -58.14 -27.13 19.09
C LYS L 402 -57.17 -28.26 18.79
N LEU L 403 -57.01 -28.56 17.50
CA LEU L 403 -56.25 -29.72 17.08
C LEU L 403 -54.94 -29.82 17.84
N ASP L 404 -54.40 -28.67 18.24
CA ASP L 404 -53.16 -28.66 18.99
C ASP L 404 -53.26 -29.45 20.30
N GLU L 405 -54.06 -28.93 21.23
CA GLU L 405 -54.26 -29.57 22.52
C GLU L 405 -54.24 -31.08 22.35
N VAL L 406 -54.80 -31.55 21.24
CA VAL L 406 -54.82 -32.97 20.95
C VAL L 406 -53.42 -33.56 20.80
N ARG L 407 -52.73 -33.24 19.71
CA ARG L 407 -51.43 -33.87 19.52
C ARG L 407 -50.85 -34.13 20.89
N LYS L 408 -50.66 -33.06 21.68
CA LYS L 408 -50.13 -33.21 23.03
C LYS L 408 -50.66 -34.45 23.76
N GLU L 409 -51.94 -34.41 24.13
CA GLU L 409 -52.55 -35.55 24.78
C GLU L 409 -52.07 -36.80 24.05
N LYS L 410 -52.36 -36.90 22.76
CA LYS L 410 -51.85 -38.01 21.96
C LYS L 410 -50.38 -38.21 22.27
N ASP L 411 -49.59 -37.22 21.91
CA ASP L 411 -48.13 -37.30 22.01
C ASP L 411 -47.70 -37.62 23.44
N ALA L 412 -47.85 -36.65 24.32
CA ALA L 412 -47.41 -36.79 25.70
C ALA L 412 -47.93 -38.09 26.25
N ALA L 413 -49.16 -38.43 25.90
CA ALA L 413 -49.71 -39.71 26.29
C ALA L 413 -48.82 -40.80 25.72
N VAL L 414 -48.38 -40.64 24.48
CA VAL L 414 -47.61 -41.68 23.79
C VAL L 414 -46.30 -41.96 24.54
N GLN L 415 -45.81 -40.91 25.18
CA GLN L 415 -44.61 -41.01 25.97
C GLN L 415 -44.89 -41.77 27.26
N SER L 416 -46.14 -41.77 27.67
CA SER L 416 -46.57 -42.46 28.88
C SER L 416 -47.18 -43.80 28.55
N GLN L 417 -48.03 -43.83 27.51
CA GLN L 417 -48.61 -45.07 26.99
C GLN L 417 -49.43 -45.89 28.00
N GLU L 418 -50.75 -45.73 28.05
CA GLU L 418 -51.55 -44.77 27.25
C GLU L 418 -51.54 -45.02 25.74
N PHE L 419 -51.20 -46.24 25.34
CA PHE L 419 -51.17 -46.62 23.94
C PHE L 419 -52.54 -46.57 23.26
N GLU L 420 -53.42 -47.53 23.55
CA GLU L 420 -54.77 -47.50 22.97
C GLU L 420 -55.45 -46.20 23.41
N LYS L 421 -54.91 -45.58 24.45
CA LYS L 421 -55.34 -44.25 24.89
C LYS L 421 -54.87 -43.17 23.91
N ALA L 422 -54.13 -43.61 22.90
CA ALA L 422 -53.72 -42.76 21.79
C ALA L 422 -54.41 -43.21 20.50
N ALA L 423 -54.29 -44.50 20.17
CA ALA L 423 -54.96 -45.08 19.01
C ALA L 423 -56.21 -44.28 18.69
N SER L 424 -57.15 -44.25 19.63
CA SER L 424 -58.35 -43.45 19.48
C SER L 424 -58.03 -41.97 19.55
N LEU L 425 -56.97 -41.62 20.26
CA LEU L 425 -56.49 -40.24 20.34
C LEU L 425 -55.93 -39.69 19.02
N ARG L 426 -55.10 -40.50 18.37
CA ARG L 426 -54.63 -40.19 17.01
C ARG L 426 -55.87 -40.06 16.13
N ASP L 427 -56.63 -41.14 16.06
CA ASP L 427 -57.87 -41.14 15.31
C ASP L 427 -58.71 -39.89 15.63
N THR L 428 -58.87 -39.55 16.91
CA THR L 428 -59.59 -38.32 17.25
C THR L 428 -58.91 -37.13 16.56
N GLU L 429 -57.60 -37.17 16.50
CA GLU L 429 -56.83 -36.16 15.78
C GLU L 429 -57.21 -36.00 14.29
N GLN L 430 -56.91 -37.01 13.47
CA GLN L 430 -57.17 -36.90 12.03
C GLN L 430 -58.64 -36.66 11.72
N ARG L 431 -59.51 -37.08 12.62
CA ARG L 431 -60.91 -36.69 12.49
C ARG L 431 -60.86 -35.19 12.25
N LEU L 432 -60.25 -34.48 13.21
CA LEU L 432 -60.10 -33.04 13.13
C LEU L 432 -59.44 -32.58 11.85
N ARG L 433 -58.22 -33.06 11.63
CA ARG L 433 -57.38 -32.56 10.55
C ARG L 433 -58.13 -32.46 9.23
N GLU L 434 -58.61 -33.59 8.70
CA GLU L 434 -59.34 -33.61 7.44
C GLU L 434 -60.46 -32.59 7.47
N GLN L 435 -61.08 -32.41 8.63
CA GLN L 435 -62.09 -31.37 8.78
C GLN L 435 -61.48 -30.00 8.56
N VAL L 436 -60.34 -29.77 9.19
CA VAL L 436 -59.59 -28.54 8.98
C VAL L 436 -59.29 -28.34 7.50
N GLU L 437 -58.42 -29.19 6.95
CA GLU L 437 -58.00 -29.07 5.56
C GLU L 437 -59.17 -28.98 4.60
N ASP L 438 -60.29 -29.60 4.93
CA ASP L 438 -61.49 -29.52 4.10
C ASP L 438 -62.08 -28.11 4.09
N THR L 439 -62.01 -27.40 5.21
CA THR L 439 -62.47 -26.01 5.27
C THR L 439 -61.32 -25.02 5.06
N LYS L 440 -60.08 -25.53 5.03
CA LYS L 440 -58.90 -24.71 4.71
C LYS L 440 -58.75 -24.61 3.19
N LYS L 441 -59.32 -25.60 2.50
CA LYS L 441 -59.40 -25.63 1.03
C LYS L 441 -60.82 -25.28 0.57
N SER L 442 -61.70 -24.99 1.52
CA SER L 442 -63.00 -24.41 1.22
C SER L 442 -62.75 -22.97 0.82
N TRP L 443 -61.58 -22.46 1.17
CA TRP L 443 -61.16 -21.13 0.75
C TRP L 443 -60.36 -21.15 -0.55
N LYS L 444 -60.81 -22.00 -1.46
CA LYS L 444 -60.54 -21.84 -2.87
C LYS L 444 -61.71 -21.03 -3.40
N GLU L 445 -62.73 -20.91 -2.56
CA GLU L 445 -63.92 -20.13 -2.89
C GLU L 445 -63.65 -18.66 -2.69
N LYS L 446 -62.86 -18.34 -1.67
CA LYS L 446 -62.41 -16.97 -1.49
C LYS L 446 -61.49 -16.63 -2.64
N GLN L 447 -61.18 -17.63 -3.46
CA GLN L 447 -60.36 -17.42 -4.64
C GLN L 447 -61.24 -17.12 -5.87
N GLY L 448 -62.21 -17.98 -6.13
CA GLY L 448 -63.14 -17.81 -7.23
C GLY L 448 -63.95 -16.54 -7.07
N GLN L 449 -64.01 -16.02 -5.85
CA GLN L 449 -64.64 -14.73 -5.58
C GLN L 449 -63.71 -13.60 -5.95
N GLU L 450 -62.48 -13.64 -5.45
CA GLU L 450 -61.53 -12.55 -5.64
C GLU L 450 -60.47 -12.84 -6.68
N ASN L 451 -59.80 -13.97 -6.56
CA ASN L 451 -58.68 -14.26 -7.45
C ASN L 451 -59.06 -13.89 -8.89
N SER L 452 -58.11 -13.31 -9.60
CA SER L 452 -58.33 -12.86 -10.97
C SER L 452 -59.37 -11.74 -11.09
N GLU L 453 -59.82 -11.19 -9.96
CA GLU L 453 -60.63 -9.97 -10.00
C GLU L 453 -59.78 -8.79 -10.53
N VAL L 454 -60.20 -7.55 -10.24
CA VAL L 454 -59.45 -6.34 -10.66
C VAL L 454 -60.21 -5.02 -10.52
N THR L 455 -61.48 -5.02 -10.90
CA THR L 455 -62.17 -3.77 -11.19
C THR L 455 -61.95 -2.66 -10.19
N VAL L 456 -61.52 -1.54 -10.75
CA VAL L 456 -61.57 -0.24 -10.09
C VAL L 456 -61.67 -0.22 -8.56
N ASP L 457 -62.80 -0.69 -8.03
CA ASP L 457 -63.02 -0.60 -6.60
C ASP L 457 -61.76 -1.02 -5.82
N ASP L 458 -61.06 -2.02 -6.35
CA ASP L 458 -59.77 -2.43 -5.78
C ASP L 458 -58.83 -1.25 -5.73
N ILE L 459 -58.67 -0.61 -6.86
CA ILE L 459 -57.83 0.57 -6.92
C ILE L 459 -58.28 1.69 -5.99
N ALA L 460 -59.47 2.24 -6.23
CA ALA L 460 -59.95 3.38 -5.45
C ALA L 460 -59.67 3.17 -3.97
N MET L 461 -59.71 1.91 -3.54
CA MET L 461 -59.24 1.55 -2.21
C MET L 461 -57.82 2.06 -2.08
N VAL L 462 -56.91 1.37 -2.77
CA VAL L 462 -55.51 1.75 -2.78
C VAL L 462 -55.34 3.26 -2.69
N VAL L 463 -56.15 3.99 -3.45
CA VAL L 463 -56.03 5.43 -3.47
C VAL L 463 -56.36 6.11 -2.14
N SER L 464 -57.54 5.81 -1.62
CA SER L 464 -57.98 6.42 -0.37
C SER L 464 -57.05 6.03 0.75
N SER L 465 -56.40 4.88 0.58
CA SER L 465 -55.41 4.44 1.54
C SER L 465 -54.05 5.03 1.18
N TRP L 466 -54.08 6.17 0.51
CA TRP L 466 -52.87 6.92 0.22
C TRP L 466 -53.08 8.38 0.63
N THR L 467 -54.27 8.68 1.14
CA THR L 467 -54.59 10.02 1.62
C THR L 467 -55.60 9.96 2.75
#